data_8SB2
#
_entry.id   8SB2
#
_cell.length_a   1.00
_cell.length_b   1.00
_cell.length_c   1.00
_cell.angle_alpha   90.00
_cell.angle_beta   90.00
_cell.angle_gamma   90.00
#
_symmetry.space_group_name_H-M   'P 1'
#
loop_
_entity.id
_entity.type
_entity.pdbx_description
1 polymer 'CH848.10.17.SOSIP gp120'
2 polymer 'CH848.10.17.SOSIP gp41'
3 polymer 'DH270.I2.6 variable heavy chain'
4 polymer 'DH270.I2.6 variable light chain'
5 branched beta-D-mannopyranose-(1-4)-2-acetamido-2-deoxy-beta-D-glucopyranose-(1-4)-2-acetamido-2-deoxy-beta-D-glucopyranose
6 branched alpha-D-mannopyranose-(1-2)-alpha-D-mannopyranose-(1-3)-beta-D-mannopyranose-(1-4)-2-acetamido-2-deoxy-beta-D-glucopyranose-(1-4)-2-acetamido-2-deoxy-beta-D-glucopyranose
7 branched alpha-D-mannopyranose-(1-2)-alpha-D-mannopyranose-(1-2)-alpha-D-mannopyranose-(1-3)-[alpha-D-mannopyranose-(1-2)-alpha-D-mannopyranose-(1-3)-[alpha-D-mannopyranose-(1-2)-alpha-D-mannopyranose-(1-6)]alpha-D-mannopyranose-(1-6)]beta-D-mannopyranose-(1-4)-2-acetamido-2-deoxy-beta-D-glucopyranose-(1-4)-2-acetamido-2-deoxy-beta-D-glucopyranose
8 branched alpha-D-mannopyranose-(1-3)-[alpha-D-mannopyranose-(1-6)]alpha-D-mannopyranose-(1-6)-beta-D-mannopyranose-(1-4)-2-acetamido-2-deoxy-beta-D-glucopyranose-(1-4)-2-acetamido-2-deoxy-beta-D-glucopyranose
9 branched alpha-D-mannopyranose-(1-3)-beta-D-mannopyranose-(1-4)-2-acetamido-2-deoxy-beta-D-glucopyranose-(1-4)-2-acetamido-2-deoxy-beta-D-glucopyranose
10 branched 2-acetamido-2-deoxy-beta-D-glucopyranose-(1-4)-2-acetamido-2-deoxy-beta-D-glucopyranose
11 branched alpha-D-mannopyranose-(1-6)-alpha-D-mannopyranose-(1-6)-beta-D-mannopyranose-(1-4)-2-acetamido-2-deoxy-beta-D-glucopyranose-(1-4)-2-acetamido-2-deoxy-beta-D-glucopyranose
#
loop_
_entity_poly.entity_id
_entity_poly.type
_entity_poly.pdbx_seq_one_letter_code
_entity_poly.pdbx_strand_id
1 'polypeptide(L)'
;AENLWVTVYYGVPVWKEAKTTLFCASDARAYEKEVHNVWATHACVPTDPSPQELVLGNVTENFNMWKNDMVDQMHEDIIS
LWDQSLKPCVKLTPLCVTLICSNATVKNGTVEEMKNCSFNTTTEIRDKEKKEYALFYKPDIVPLSETNNTSEYRLINCNT
SACTQACPKVTFEPIPIHYCAPAGYAILKCNDETFNGTGPCSNVSTVQCTHGIRPVVSTQLLLNGSLAEKEIVIRSENLT
NNAKIIIVHLHTPVEIVCTRPNNNTRKSVRIGPGQTFYATGDIIGDIKQAHCNISEEKWNDTLQKVGIELQKHFPNKTIK
YNQSAGGDMEITTHSFNCGGEFFYCNTSNLFNGTYNGTYISTNSSANSTSTITLQCRIKQIINMWQGVGRCMYAPPIAGN
ITCRSNITGLLLTRDGGTNSNETETFRPAGGDMRDNWRSELYKYKVVKIEPLGVAPTRCKRRVVGRRRRRR
;
A,F,K
2 'polypeptide(L)'
;AVGIGAVFLGFLGAAGSTMGAASMTLTVQARNLLSGTVWGIKQLQARVLAVERYLRDQQLLGIWGCSGKLICCTNVPWNS
SWSNRNLSEIWDNMTWLQWDKEISNYTQIIYGLLEESQNQQEKNEQDLLALD
;
B,G,L
3 'polypeptide(L)'
;QVQLVQSGAEMKNPGASVKVSCAASGYTFTDFYIHWVRQAPGQGLQWMGWMNPKTGRTNTAQNFQGRVTMTRDTSIGTAY
MELRSLTSDDTAVYYCATGGWISLYYDSSYYPNFDHWGQGTLVTVSS
;
C,H,M
4 'polypeptide(L)'
;QSALTQPASVSGSPGQSITISCTGTSYDVGSYDLVSWYQQHPGKAPKYMIYEVNKRPSGVSNRFSGSKSGNTASLTISGL
QAEDEADYYCCSFGGSATVVCGGGTKVTVL
;
D,I,N
#
loop_
_chem_comp.id
_chem_comp.type
_chem_comp.name
_chem_comp.formula
BMA D-saccharide, beta linking beta-D-mannopyranose 'C6 H12 O6'
MAN D-saccharide, alpha linking alpha-D-mannopyranose 'C6 H12 O6'
NAG D-saccharide, beta linking 2-acetamido-2-deoxy-beta-D-glucopyranose 'C8 H15 N O6'
#
# COMPACT_ATOMS: atom_id res chain seq x y z
N LEU A 4 -16.88 -61.75 1.46
CA LEU A 4 -16.11 -60.64 2.03
C LEU A 4 -16.66 -59.31 1.52
N TRP A 5 -16.63 -58.32 2.41
CA TRP A 5 -17.30 -57.04 2.21
C TRP A 5 -16.29 -55.91 2.29
N VAL A 6 -16.69 -54.76 1.71
CA VAL A 6 -15.86 -53.56 1.72
C VAL A 6 -15.93 -52.92 3.10
N THR A 7 -14.82 -52.28 3.51
CA THR A 7 -14.65 -51.72 4.84
C THR A 7 -13.67 -50.56 4.78
N VAL A 8 -14.06 -49.43 5.36
CA VAL A 8 -13.28 -48.21 5.26
C VAL A 8 -12.51 -47.97 6.56
N TYR A 9 -11.38 -47.29 6.45
CA TYR A 9 -10.46 -47.07 7.56
C TYR A 9 -10.00 -45.62 7.56
N TYR A 10 -9.97 -45.01 8.73
CA TYR A 10 -9.56 -43.61 8.88
C TYR A 10 -8.31 -43.54 9.72
N GLY A 11 -7.34 -42.75 9.26
CA GLY A 11 -6.02 -42.73 9.85
C GLY A 11 -5.00 -43.52 9.07
N VAL A 12 -5.14 -43.61 7.76
CA VAL A 12 -4.34 -44.53 6.95
C VAL A 12 -3.12 -43.79 6.39
N PRO A 13 -1.90 -44.30 6.58
CA PRO A 13 -0.71 -43.63 6.02
C PRO A 13 -0.54 -43.80 4.51
N VAL A 14 -1.22 -42.96 3.72
CA VAL A 14 -1.10 -42.97 2.26
C VAL A 14 -0.79 -41.56 1.77
N TRP A 15 0.18 -41.47 0.86
CA TRP A 15 0.81 -40.22 0.45
C TRP A 15 0.50 -39.94 -1.01
N LYS A 16 0.39 -38.65 -1.33
CA LYS A 16 0.44 -38.17 -2.71
C LYS A 16 1.25 -36.88 -2.75
N GLU A 17 2.24 -36.81 -3.63
CA GLU A 17 3.04 -35.59 -3.71
C GLU A 17 2.24 -34.46 -4.36
N ALA A 18 2.23 -33.31 -3.71
CA ALA A 18 1.33 -32.23 -4.11
C ALA A 18 1.91 -30.90 -3.67
N LYS A 19 1.33 -29.83 -4.23
CA LYS A 19 1.78 -28.47 -3.93
C LYS A 19 1.03 -27.90 -2.74
N THR A 20 1.73 -27.09 -1.95
CA THR A 20 1.13 -26.42 -0.79
C THR A 20 1.95 -25.18 -0.47
N THR A 21 1.49 -24.44 0.54
CA THR A 21 2.20 -23.24 1.00
C THR A 21 2.94 -23.56 2.29
N LEU A 22 4.25 -23.76 2.18
CA LEU A 22 5.08 -24.04 3.34
C LEU A 22 5.48 -22.75 4.03
N PHE A 23 5.46 -22.75 5.36
CA PHE A 23 5.67 -21.53 6.12
C PHE A 23 7.00 -21.59 6.86
N CYS A 24 7.32 -20.48 7.54
CA CYS A 24 8.66 -20.23 8.05
C CYS A 24 8.74 -20.43 9.55
N ALA A 25 9.86 -20.99 10.00
CA ALA A 25 10.18 -21.16 11.41
C ALA A 25 11.62 -20.73 11.66
N SER A 26 11.83 -19.99 12.73
CA SER A 26 13.16 -19.50 13.09
C SER A 26 13.42 -19.79 14.55
N ASP A 27 14.70 -19.83 14.91
CA ASP A 27 15.11 -20.20 16.26
C ASP A 27 14.80 -19.07 17.25
N ALA A 28 14.82 -19.42 18.53
CA ALA A 28 14.20 -18.56 19.55
C ALA A 28 15.02 -17.31 19.85
N ARG A 29 16.36 -17.41 19.76
CA ARG A 29 17.23 -16.34 20.25
C ARG A 29 17.13 -15.08 19.39
N ALA A 30 16.75 -15.24 18.12
CA ALA A 30 16.55 -14.08 17.25
C ALA A 30 15.35 -13.25 17.70
N TYR A 31 14.41 -13.86 18.42
CA TYR A 31 13.30 -13.12 18.99
C TYR A 31 13.72 -12.26 20.17
N GLU A 32 14.93 -12.44 20.70
CA GLU A 32 15.43 -11.51 21.70
C GLU A 32 15.88 -10.19 21.10
N LYS A 33 16.10 -10.15 19.79
CA LYS A 33 16.49 -8.91 19.12
C LYS A 33 15.25 -8.06 18.83
N GLU A 34 15.50 -6.87 18.29
CA GLU A 34 14.42 -5.96 17.97
C GLU A 34 13.72 -6.38 16.68
N VAL A 35 12.56 -5.77 16.43
CA VAL A 35 11.81 -6.10 15.22
C VAL A 35 12.49 -5.48 14.00
N HIS A 36 12.22 -6.07 12.84
CA HIS A 36 12.65 -5.62 11.51
C HIS A 36 14.16 -5.58 11.32
N ASN A 37 14.94 -6.21 12.20
CA ASN A 37 16.37 -6.33 11.94
C ASN A 37 16.64 -7.36 10.84
N VAL A 38 16.15 -8.58 11.02
CA VAL A 38 16.09 -9.57 9.95
C VAL A 38 14.63 -9.93 9.80
N TRP A 39 14.24 -10.37 8.60
CA TRP A 39 12.84 -10.73 8.33
C TRP A 39 12.39 -11.97 9.09
N ALA A 40 13.35 -12.80 9.54
CA ALA A 40 13.00 -14.04 10.21
C ALA A 40 12.43 -13.79 11.61
N THR A 41 13.01 -12.83 12.35
CA THR A 41 12.59 -12.63 13.72
C THR A 41 11.30 -11.82 13.80
N HIS A 42 10.90 -11.19 12.69
CA HIS A 42 9.74 -10.32 12.72
C HIS A 42 8.44 -11.11 12.82
N ALA A 43 8.28 -12.16 12.02
CA ALA A 43 6.97 -12.79 11.92
C ALA A 43 6.98 -14.33 11.91
N CYS A 44 8.14 -14.95 11.69
CA CYS A 44 8.19 -16.41 11.59
C CYS A 44 7.90 -17.06 12.95
N VAL A 45 7.53 -18.33 12.90
CA VAL A 45 7.05 -18.97 14.13
C VAL A 45 8.24 -19.46 14.94
N PRO A 46 8.12 -19.59 16.26
CA PRO A 46 9.25 -20.15 17.04
C PRO A 46 9.33 -21.66 16.86
N THR A 47 10.48 -22.12 16.36
CA THR A 47 10.69 -23.54 16.19
C THR A 47 11.09 -24.19 17.51
N ASP A 48 11.08 -25.52 17.53
CA ASP A 48 11.39 -26.29 18.72
C ASP A 48 11.90 -27.66 18.26
N PRO A 49 12.79 -28.29 19.03
CA PRO A 49 13.22 -29.65 18.67
C PRO A 49 12.22 -30.74 19.02
N SER A 50 11.02 -30.40 19.49
CA SER A 50 10.00 -31.41 19.78
C SER A 50 9.52 -32.18 18.54
N PRO A 51 9.26 -31.57 17.35
CA PRO A 51 9.03 -32.42 16.17
C PRO A 51 10.31 -33.09 15.69
N GLN A 52 10.68 -34.20 16.34
CA GLN A 52 11.94 -34.85 16.06
C GLN A 52 11.90 -35.62 14.74
N GLU A 53 13.08 -35.92 14.22
CA GLU A 53 13.20 -36.76 13.04
C GLU A 53 12.84 -38.21 13.39
N LEU A 54 11.90 -38.78 12.65
CA LEU A 54 11.40 -40.12 12.92
C LEU A 54 11.66 -41.01 11.71
N VAL A 55 12.51 -42.01 11.90
CA VAL A 55 12.84 -42.94 10.82
C VAL A 55 11.70 -43.93 10.64
N LEU A 56 11.37 -44.23 9.38
CA LEU A 56 10.22 -45.07 9.07
C LEU A 56 10.64 -46.53 8.97
N GLY A 57 9.71 -47.37 8.51
CA GLY A 57 9.96 -48.78 8.37
C GLY A 57 10.59 -49.14 7.04
N ASN A 58 10.02 -50.12 6.35
CA ASN A 58 10.54 -50.55 5.06
C ASN A 58 10.00 -49.65 3.96
N VAL A 59 10.45 -48.39 3.93
CA VAL A 59 9.88 -47.42 3.01
C VAL A 59 10.87 -47.15 1.86
N THR A 60 10.33 -46.89 0.68
CA THR A 60 11.12 -46.56 -0.51
C THR A 60 10.37 -45.48 -1.26
N GLU A 61 11.01 -44.33 -1.45
CA GLU A 61 10.28 -43.17 -1.97
C GLU A 61 11.14 -42.46 -3.01
N ASN A 62 10.52 -42.06 -4.11
CA ASN A 62 11.22 -41.36 -5.18
C ASN A 62 11.37 -39.89 -4.84
N PHE A 63 12.57 -39.36 -5.04
CA PHE A 63 12.88 -37.96 -4.82
C PHE A 63 13.47 -37.36 -6.09
N ASN A 64 13.35 -36.04 -6.22
CA ASN A 64 13.90 -35.32 -7.37
C ASN A 64 14.12 -33.87 -7.00
N MET A 65 15.24 -33.30 -7.45
CA MET A 65 15.53 -31.90 -7.16
C MET A 65 14.97 -30.97 -8.24
N TRP A 66 15.17 -31.33 -9.51
CA TRP A 66 15.13 -30.35 -10.59
C TRP A 66 13.70 -29.98 -11.01
N LYS A 67 12.68 -30.67 -10.51
CA LYS A 67 11.30 -30.20 -10.61
C LYS A 67 10.62 -30.14 -9.25
N ASN A 68 11.36 -29.74 -8.21
CA ASN A 68 10.75 -29.50 -6.91
C ASN A 68 9.99 -28.19 -6.92
N ASP A 69 9.02 -28.07 -6.02
CA ASP A 69 8.28 -26.82 -5.89
C ASP A 69 8.76 -26.03 -4.68
N MET A 70 9.49 -26.67 -3.77
CA MET A 70 10.00 -26.00 -2.58
C MET A 70 11.02 -24.93 -2.93
N VAL A 71 11.86 -25.18 -3.94
CA VAL A 71 12.90 -24.22 -4.31
C VAL A 71 12.31 -23.01 -5.00
N ASP A 72 11.28 -23.20 -5.84
CA ASP A 72 10.63 -22.07 -6.50
C ASP A 72 9.82 -21.24 -5.52
N GLN A 73 9.15 -21.88 -4.58
CA GLN A 73 8.44 -21.17 -3.53
C GLN A 73 9.38 -20.42 -2.61
N MET A 74 10.55 -20.99 -2.30
CA MET A 74 11.55 -20.29 -1.50
C MET A 74 12.12 -19.09 -2.27
N HIS A 75 12.33 -19.24 -3.58
CA HIS A 75 12.80 -18.13 -4.39
C HIS A 75 11.79 -16.99 -4.43
N GLU A 76 10.50 -17.33 -4.60
CA GLU A 76 9.45 -16.32 -4.57
C GLU A 76 9.32 -15.65 -3.21
N ASP A 77 9.45 -16.41 -2.12
CA ASP A 77 9.38 -15.85 -0.78
C ASP A 77 10.54 -14.91 -0.51
N ILE A 78 11.75 -15.28 -0.94
CA ILE A 78 12.91 -14.42 -0.70
C ILE A 78 12.82 -13.16 -1.54
N ILE A 79 12.31 -13.27 -2.78
CA ILE A 79 12.09 -12.09 -3.63
C ILE A 79 11.09 -11.14 -2.99
N SER A 80 9.93 -11.67 -2.57
CA SER A 80 8.88 -10.83 -2.02
C SER A 80 9.24 -10.26 -0.66
N LEU A 81 9.96 -11.02 0.17
CA LEU A 81 10.36 -10.54 1.49
C LEU A 81 11.46 -9.50 1.39
N TRP A 82 12.39 -9.66 0.44
CA TRP A 82 13.43 -8.69 0.20
C TRP A 82 12.86 -7.41 -0.40
N ASP A 83 11.81 -7.53 -1.21
CA ASP A 83 11.06 -6.37 -1.70
C ASP A 83 10.34 -5.66 -0.56
N GLN A 84 9.74 -6.44 0.35
CA GLN A 84 8.98 -5.88 1.47
C GLN A 84 9.88 -5.14 2.45
N SER A 85 11.13 -5.59 2.61
CA SER A 85 12.04 -4.92 3.52
C SER A 85 12.51 -3.56 3.01
N LEU A 86 12.37 -3.27 1.72
CA LEU A 86 12.83 -2.01 1.16
C LEU A 86 11.73 -0.96 1.01
N LYS A 87 10.50 -1.27 1.42
CA LYS A 87 9.40 -0.31 1.30
C LYS A 87 9.53 0.96 2.16
N PRO A 88 9.83 0.93 3.47
CA PRO A 88 9.87 2.20 4.20
C PRO A 88 11.14 3.01 4.01
N CYS A 89 12.15 2.47 3.33
CA CYS A 89 13.44 3.14 3.19
C CYS A 89 13.36 4.27 2.17
N VAL A 90 14.37 5.15 2.21
CA VAL A 90 14.44 6.32 1.34
C VAL A 90 14.66 5.88 -0.11
N LYS A 91 13.99 6.56 -1.04
CA LYS A 91 13.93 6.12 -2.43
C LYS A 91 14.97 6.88 -3.26
N LEU A 92 15.88 7.57 -2.56
CA LEU A 92 16.70 8.65 -3.12
C LEU A 92 15.80 9.60 -3.89
N THR A 93 16.09 9.79 -5.22
CA THR A 93 15.48 10.48 -6.37
C THR A 93 16.10 11.87 -6.64
N PRO A 94 16.38 12.76 -5.62
CA PRO A 94 17.19 13.95 -5.97
C PRO A 94 18.67 13.68 -6.18
N LEU A 95 19.09 12.42 -6.25
CA LEU A 95 20.47 12.07 -6.58
C LEU A 95 20.69 11.81 -8.05
N CYS A 96 19.70 12.02 -8.92
CA CYS A 96 19.87 11.95 -10.36
C CYS A 96 20.41 13.25 -10.96
N VAL A 97 21.01 14.14 -10.17
CA VAL A 97 21.56 15.37 -10.71
C VAL A 97 22.87 15.09 -11.45
N THR A 98 23.34 16.10 -12.17
CA THR A 98 24.68 16.01 -12.76
C THR A 98 25.73 16.02 -11.67
N LEU A 99 26.62 15.04 -11.72
CA LEU A 99 27.72 14.92 -10.79
C LEU A 99 28.99 15.39 -11.48
N ILE A 100 29.67 16.36 -10.89
CA ILE A 100 30.95 16.81 -11.39
C ILE A 100 32.02 16.06 -10.59
N CYS A 101 32.68 15.11 -11.25
CA CYS A 101 33.56 14.17 -10.56
C CYS A 101 35.00 14.47 -10.96
N SER A 102 35.75 15.02 -10.01
CA SER A 102 37.19 15.13 -10.19
C SER A 102 37.88 13.90 -9.61
N ASN A 103 39.20 13.87 -9.80
CA ASN A 103 40.04 12.81 -9.25
C ASN A 103 39.99 12.84 -7.73
N ALA A 104 39.80 11.66 -7.14
CA ALA A 104 39.80 11.54 -5.68
C ALA A 104 41.24 11.38 -5.20
N THR A 105 41.97 12.48 -5.23
CA THR A 105 43.37 12.51 -4.80
C THR A 105 43.39 12.43 -3.27
N VAL A 106 43.41 11.20 -2.77
CA VAL A 106 43.44 10.96 -1.33
C VAL A 106 44.81 11.32 -0.81
N LYS A 107 44.89 12.44 -0.08
CA LYS A 107 46.10 13.07 0.48
C LYS A 107 47.30 13.05 -0.46
N ASN A 108 47.07 13.56 -1.68
CA ASN A 108 48.12 13.70 -2.71
C ASN A 108 48.71 12.34 -3.08
N GLY A 109 47.80 11.43 -3.37
CA GLY A 109 48.01 10.35 -4.31
C GLY A 109 46.65 9.84 -4.72
N THR A 110 46.47 9.63 -6.02
CA THR A 110 45.14 9.34 -6.51
C THR A 110 44.73 7.90 -6.25
N VAL A 111 43.45 7.69 -5.98
CA VAL A 111 42.87 6.36 -5.84
C VAL A 111 42.19 6.00 -7.17
N GLU A 112 42.43 4.78 -7.65
CA GLU A 112 42.06 4.44 -9.01
C GLU A 112 40.61 4.00 -9.13
N GLU A 113 40.00 3.60 -8.00
CA GLU A 113 38.64 3.08 -8.03
C GLU A 113 37.58 4.13 -7.70
N MET A 114 37.94 5.20 -7.01
CA MET A 114 36.95 6.09 -6.42
C MET A 114 37.05 7.46 -7.08
N LYS A 115 35.91 8.10 -7.31
CA LYS A 115 35.83 9.44 -7.89
C LYS A 115 35.22 10.40 -6.89
N ASN A 116 35.78 11.61 -6.81
CA ASN A 116 35.31 12.58 -5.82
C ASN A 116 34.25 13.46 -6.48
N CYS A 117 33.01 12.99 -6.41
CA CYS A 117 31.92 13.60 -7.16
C CYS A 117 31.21 14.63 -6.29
N SER A 118 31.09 15.84 -6.80
CA SER A 118 30.38 16.92 -6.13
C SER A 118 29.09 17.21 -6.89
N PHE A 119 28.03 17.54 -6.14
CA PHE A 119 26.72 17.74 -6.71
C PHE A 119 25.91 18.70 -5.84
N ASN A 120 24.94 19.37 -6.46
CA ASN A 120 24.09 20.33 -5.78
C ASN A 120 22.84 19.63 -5.26
N THR A 121 22.75 19.47 -3.94
CA THR A 121 21.59 18.85 -3.31
C THR A 121 20.54 19.89 -2.99
N THR A 122 19.29 19.57 -3.30
CA THR A 122 18.20 20.29 -2.67
C THR A 122 18.15 19.93 -1.20
N THR A 123 18.08 20.93 -0.34
CA THR A 123 18.02 20.65 1.09
C THR A 123 16.57 20.42 1.49
N GLU A 124 16.32 20.43 2.80
CA GLU A 124 14.96 20.27 3.29
C GLU A 124 14.08 21.47 2.97
N ILE A 125 14.68 22.62 2.69
CA ILE A 125 13.99 23.81 2.20
C ILE A 125 14.09 23.82 0.69
N ARG A 126 12.98 23.53 0.01
CA ARG A 126 13.05 23.07 -1.37
C ARG A 126 13.42 24.16 -2.36
N ASP A 127 13.31 25.44 -1.97
CA ASP A 127 13.75 26.49 -2.87
C ASP A 127 15.25 26.77 -2.73
N LYS A 128 15.90 26.21 -1.72
CA LYS A 128 17.31 26.45 -1.44
C LYS A 128 18.11 25.19 -1.72
N GLU A 129 19.33 25.36 -2.21
CA GLU A 129 20.21 24.25 -2.53
C GLU A 129 21.59 24.48 -1.94
N LYS A 130 22.28 23.39 -1.63
CA LYS A 130 23.64 23.45 -1.11
C LYS A 130 24.53 22.46 -1.85
N LYS A 131 25.80 22.81 -2.00
CA LYS A 131 26.74 21.92 -2.67
C LYS A 131 27.30 20.91 -1.69
N GLU A 132 27.27 19.64 -2.09
CA GLU A 132 27.82 18.55 -1.30
C GLU A 132 28.80 17.75 -2.16
N TYR A 133 29.57 16.90 -1.51
CA TYR A 133 30.51 16.03 -2.19
C TYR A 133 30.45 14.65 -1.57
N ALA A 134 30.85 13.65 -2.35
CA ALA A 134 30.89 12.27 -1.88
C ALA A 134 31.86 11.51 -2.77
N LEU A 135 32.42 10.44 -2.22
CA LEU A 135 33.33 9.58 -2.98
C LEU A 135 32.55 8.37 -3.47
N PHE A 136 32.50 8.19 -4.79
CA PHE A 136 31.72 7.12 -5.41
C PHE A 136 32.64 6.11 -6.08
N TYR A 137 32.26 4.84 -6.01
CA TYR A 137 32.99 3.81 -6.75
C TYR A 137 32.69 3.95 -8.24
N LYS A 138 33.72 3.71 -9.06
CA LYS A 138 33.62 3.81 -10.51
C LYS A 138 32.65 2.84 -11.21
N PRO A 139 32.36 1.63 -10.71
CA PRO A 139 31.21 0.89 -11.29
C PRO A 139 29.86 1.55 -11.11
N ASP A 140 29.72 2.48 -10.16
CA ASP A 140 28.45 3.16 -9.94
C ASP A 140 28.29 4.42 -10.77
N ILE A 141 29.32 4.80 -11.52
CA ILE A 141 29.40 6.12 -12.16
C ILE A 141 29.59 5.93 -13.67
N VAL A 142 28.73 6.57 -14.45
CA VAL A 142 28.76 6.52 -15.91
C VAL A 142 28.89 7.94 -16.41
N PRO A 143 29.72 8.22 -17.43
CA PRO A 143 29.76 9.57 -18.00
C PRO A 143 28.43 9.97 -18.64
N LEU A 144 28.15 11.28 -18.61
CA LEU A 144 26.78 11.75 -18.78
C LEU A 144 26.31 11.64 -20.22
N SER A 145 27.03 12.24 -21.15
CA SER A 145 26.62 12.24 -22.56
C SER A 145 27.86 12.45 -23.42
N GLU A 146 27.61 12.72 -24.70
CA GLU A 146 28.66 12.98 -25.69
C GLU A 146 29.03 14.46 -25.78
N THR A 147 28.56 15.28 -24.86
CA THR A 147 28.83 16.72 -24.90
C THR A 147 30.29 17.02 -24.58
N ASN A 148 30.67 18.28 -24.79
CA ASN A 148 32.05 18.70 -24.66
C ASN A 148 32.43 19.00 -23.21
N ASN A 149 32.32 17.99 -22.35
CA ASN A 149 32.74 18.11 -20.95
C ASN A 149 33.03 16.70 -20.44
N THR A 150 34.29 16.41 -20.18
CA THR A 150 34.69 15.09 -19.68
C THR A 150 34.60 14.99 -18.17
N SER A 151 34.30 16.08 -17.46
CA SER A 151 34.28 16.09 -16.01
C SER A 151 32.87 16.02 -15.44
N GLU A 152 31.85 15.75 -16.25
CA GLU A 152 30.48 15.68 -15.79
C GLU A 152 29.98 14.25 -15.93
N TYR A 153 29.47 13.69 -14.84
CA TYR A 153 29.13 12.28 -14.77
C TYR A 153 27.71 12.11 -14.27
N ARG A 154 27.37 10.85 -13.97
CA ARG A 154 26.00 10.46 -13.66
C ARG A 154 26.05 9.14 -12.89
N LEU A 155 25.01 8.87 -12.12
CA LEU A 155 24.85 7.54 -11.54
C LEU A 155 24.52 6.54 -12.64
N ILE A 156 24.80 5.26 -12.36
CA ILE A 156 24.52 4.22 -13.35
C ILE A 156 23.02 3.99 -13.48
N ASN A 157 22.23 4.40 -12.48
CA ASN A 157 20.79 4.47 -12.60
C ASN A 157 20.34 5.70 -13.35
N CYS A 158 19.03 6.00 -13.22
CA CYS A 158 18.24 7.09 -13.77
C CYS A 158 17.99 6.86 -15.27
N ASN A 159 18.68 5.88 -15.86
CA ASN A 159 18.39 5.50 -17.24
C ASN A 159 17.34 4.41 -17.29
N THR A 160 17.27 3.59 -16.24
CA THR A 160 16.31 2.48 -16.18
C THR A 160 15.41 2.49 -14.94
N SER A 161 15.89 2.89 -13.78
CA SER A 161 15.08 2.83 -12.56
C SER A 161 15.64 3.81 -11.54
N ALA A 162 14.94 3.94 -10.42
CA ALA A 162 15.35 4.78 -9.31
C ALA A 162 15.59 3.88 -8.10
N CYS A 163 16.78 3.96 -7.53
CA CYS A 163 17.17 3.02 -6.49
C CYS A 163 16.79 3.52 -5.10
N THR A 164 16.31 2.59 -4.29
CA THR A 164 16.06 2.84 -2.88
C THR A 164 17.30 2.46 -2.09
N GLN A 165 17.75 3.37 -1.22
CA GLN A 165 18.88 3.06 -0.36
C GLN A 165 18.47 2.03 0.68
N ALA A 166 19.29 1.00 0.86
CA ALA A 166 19.05 0.02 1.91
C ALA A 166 19.17 0.67 3.27
N CYS A 167 18.23 0.39 4.16
CA CYS A 167 18.19 1.01 5.48
C CYS A 167 19.37 0.54 6.31
N PRO A 168 20.07 1.44 7.02
CA PRO A 168 21.23 1.01 7.81
C PRO A 168 20.88 0.21 9.06
N LYS A 169 19.61 0.21 9.48
CA LYS A 169 19.23 -0.52 10.69
C LYS A 169 18.82 -1.96 10.41
N VAL A 170 18.59 -2.34 9.15
CA VAL A 170 18.31 -3.72 8.79
C VAL A 170 19.63 -4.37 8.40
N THR A 171 19.73 -5.68 8.56
CA THR A 171 20.97 -6.38 8.29
C THR A 171 20.79 -7.39 7.17
N PHE A 172 21.88 -7.70 6.48
CA PHE A 172 21.90 -8.72 5.44
C PHE A 172 22.40 -10.06 5.96
N GLU A 173 22.33 -10.29 7.26
CA GLU A 173 22.85 -11.52 7.82
C GLU A 173 21.92 -12.70 7.51
N PRO A 174 22.42 -13.79 6.96
CA PRO A 174 21.56 -14.95 6.64
C PRO A 174 21.20 -15.80 7.86
N ILE A 175 20.15 -15.39 8.56
CA ILE A 175 19.57 -16.18 9.64
C ILE A 175 18.91 -17.43 9.02
N PRO A 176 19.15 -18.62 9.56
CA PRO A 176 18.59 -19.84 8.94
C PRO A 176 17.08 -19.92 9.02
N ILE A 177 16.48 -20.52 7.98
CA ILE A 177 15.03 -20.58 7.80
C ILE A 177 14.63 -22.04 7.75
N HIS A 178 13.64 -22.42 8.57
CA HIS A 178 13.07 -23.76 8.56
C HIS A 178 11.75 -23.72 7.81
N TYR A 179 11.64 -24.51 6.75
CA TYR A 179 10.39 -24.57 5.98
C TYR A 179 9.53 -25.71 6.50
N CYS A 180 8.31 -25.40 6.93
CA CYS A 180 7.41 -26.36 7.52
C CYS A 180 6.16 -26.52 6.66
N ALA A 181 5.66 -27.74 6.58
CA ALA A 181 4.42 -28.06 5.90
C ALA A 181 3.23 -27.80 6.82
N PRO A 182 2.07 -27.44 6.27
CA PRO A 182 0.89 -27.24 7.13
C PRO A 182 0.34 -28.57 7.63
N ALA A 183 -0.64 -28.48 8.53
CA ALA A 183 -1.27 -29.66 9.09
C ALA A 183 -2.05 -30.41 8.03
N GLY A 184 -1.88 -31.73 8.00
CA GLY A 184 -2.37 -32.55 6.92
C GLY A 184 -1.35 -32.87 5.86
N TYR A 185 -0.13 -32.33 5.98
CA TYR A 185 0.99 -32.62 5.11
C TYR A 185 2.19 -33.03 5.94
N ALA A 186 3.17 -33.64 5.28
CA ALA A 186 4.40 -34.07 5.96
C ALA A 186 5.59 -33.77 5.06
N ILE A 187 6.80 -33.77 5.63
CA ILE A 187 8.01 -33.55 4.86
C ILE A 187 8.86 -34.81 4.94
N LEU A 188 9.14 -35.41 3.80
CA LEU A 188 9.98 -36.60 3.73
C LEU A 188 11.42 -36.19 3.46
N LYS A 189 12.33 -36.71 4.26
CA LYS A 189 13.75 -36.42 4.18
C LYS A 189 14.48 -37.70 3.79
N CYS A 190 15.21 -37.65 2.68
CA CYS A 190 15.98 -38.80 2.22
C CYS A 190 17.33 -38.83 2.94
N ASN A 191 17.59 -39.92 3.66
CA ASN A 191 18.76 -40.02 4.52
C ASN A 191 19.90 -40.80 3.88
N ASP A 192 19.84 -41.09 2.58
CA ASP A 192 20.93 -41.79 1.91
C ASP A 192 22.13 -40.87 1.76
N GLU A 193 23.30 -41.33 2.20
CA GLU A 193 24.51 -40.53 2.10
C GLU A 193 25.08 -40.50 0.69
N THR A 194 24.81 -41.52 -0.11
CA THR A 194 25.26 -41.58 -1.50
C THR A 194 24.21 -41.06 -2.47
N PHE A 195 23.31 -40.22 -2.01
CA PHE A 195 22.16 -39.82 -2.83
C PHE A 195 22.57 -38.79 -3.88
N ASN A 196 22.27 -39.09 -5.14
CA ASN A 196 22.60 -38.17 -6.22
C ASN A 196 21.65 -36.98 -6.27
N GLY A 197 20.39 -37.18 -5.86
CA GLY A 197 19.38 -36.14 -5.94
C GLY A 197 18.21 -36.49 -6.83
N THR A 198 18.30 -37.54 -7.63
CA THR A 198 17.23 -37.97 -8.51
C THR A 198 17.11 -39.48 -8.45
N GLY A 199 15.92 -39.97 -8.12
CA GLY A 199 15.66 -41.39 -8.13
C GLY A 199 15.13 -41.91 -6.81
N PRO A 200 15.17 -43.22 -6.61
CA PRO A 200 14.63 -43.81 -5.39
C PRO A 200 15.56 -43.61 -4.20
N CYS A 201 14.96 -43.41 -3.03
CA CYS A 201 15.66 -43.36 -1.76
C CYS A 201 15.08 -44.45 -0.86
N SER A 202 15.95 -45.29 -0.32
CA SER A 202 15.54 -46.45 0.46
C SER A 202 15.64 -46.21 1.97
N ASN A 203 15.98 -44.99 2.39
CA ASN A 203 16.05 -44.65 3.81
C ASN A 203 15.43 -43.27 3.97
N VAL A 204 14.11 -43.23 4.19
CA VAL A 204 13.33 -42.01 4.20
C VAL A 204 12.75 -41.82 5.60
N SER A 205 12.80 -40.58 6.09
CA SER A 205 12.20 -40.24 7.38
C SER A 205 11.15 -39.15 7.16
N THR A 206 10.35 -38.90 8.20
CA THR A 206 9.34 -37.85 8.14
C THR A 206 9.60 -36.80 9.23
N VAL A 207 9.52 -35.54 8.82
CA VAL A 207 9.83 -34.39 9.66
C VAL A 207 8.73 -33.35 9.40
N GLN A 208 8.48 -32.48 10.38
CA GLN A 208 7.57 -31.36 10.19
C GLN A 208 8.27 -30.12 9.62
N CYS A 209 9.43 -29.75 10.15
CA CYS A 209 10.13 -28.54 9.74
C CYS A 209 11.54 -28.85 9.30
N THR A 210 11.92 -28.33 8.13
CA THR A 210 13.23 -28.65 7.54
C THR A 210 14.37 -28.06 8.34
N HIS A 211 15.58 -28.52 8.05
CA HIS A 211 16.77 -28.01 8.71
C HIS A 211 17.03 -26.57 8.28
N GLY A 212 17.76 -25.83 9.10
CA GLY A 212 17.99 -24.42 8.86
C GLY A 212 18.76 -24.10 7.60
N ILE A 213 18.05 -23.58 6.60
CA ILE A 213 18.67 -23.23 5.33
C ILE A 213 19.21 -21.81 5.41
N ARG A 214 20.49 -21.64 5.14
CA ARG A 214 21.08 -20.31 5.07
C ARG A 214 20.71 -19.67 3.75
N PRO A 215 20.03 -18.53 3.73
CA PRO A 215 19.74 -17.82 2.47
C PRO A 215 20.93 -17.04 1.91
N VAL A 216 21.99 -17.76 1.58
CA VAL A 216 23.23 -17.13 1.12
C VAL A 216 23.13 -16.85 -0.37
N VAL A 217 23.35 -15.59 -0.75
CA VAL A 217 23.30 -15.14 -2.13
C VAL A 217 24.74 -15.06 -2.63
N SER A 218 25.09 -15.93 -3.58
CA SER A 218 26.46 -16.02 -4.08
C SER A 218 26.52 -16.69 -5.44
N THR A 219 27.42 -16.24 -6.31
CA THR A 219 27.61 -16.88 -7.60
C THR A 219 29.00 -17.53 -7.66
N GLN A 220 29.08 -18.59 -8.45
CA GLN A 220 30.30 -19.34 -8.82
C GLN A 220 30.91 -20.16 -7.69
N LEU A 221 30.42 -19.99 -6.47
CA LEU A 221 30.79 -20.77 -5.30
C LEU A 221 29.61 -20.79 -4.35
N LEU A 222 29.60 -21.78 -3.45
CA LEU A 222 28.54 -21.90 -2.46
C LEU A 222 29.16 -21.74 -1.08
N LEU A 223 28.63 -20.80 -0.31
CA LEU A 223 29.23 -20.38 0.96
C LEU A 223 28.32 -20.77 2.12
N ASN A 224 28.95 -21.29 3.18
CA ASN A 224 28.31 -21.63 4.46
C ASN A 224 27.16 -22.61 4.32
N GLY A 225 27.23 -23.52 3.35
CA GLY A 225 26.20 -24.52 3.16
C GLY A 225 26.43 -25.76 4.01
N SER A 226 25.57 -26.74 3.81
CA SER A 226 25.72 -28.02 4.47
C SER A 226 26.75 -28.88 3.73
N LEU A 227 27.31 -29.84 4.45
CA LEU A 227 28.38 -30.68 3.93
C LEU A 227 27.87 -32.10 3.74
N ALA A 228 28.34 -32.75 2.67
CA ALA A 228 27.98 -34.13 2.42
C ALA A 228 28.63 -35.04 3.47
N GLU A 229 27.99 -36.17 3.72
CA GLU A 229 28.36 -37.00 4.86
C GLU A 229 29.66 -37.79 4.65
N LYS A 230 29.86 -38.37 3.47
CA LYS A 230 31.03 -39.23 3.28
C LYS A 230 31.83 -38.99 2.01
N GLU A 231 31.27 -38.40 0.96
CA GLU A 231 32.03 -38.21 -0.27
C GLU A 231 31.48 -37.00 -1.01
N ILE A 232 32.28 -36.50 -1.95
CA ILE A 232 31.87 -35.38 -2.77
C ILE A 232 30.83 -35.85 -3.77
N VAL A 233 29.68 -35.18 -3.79
CA VAL A 233 28.54 -35.59 -4.59
C VAL A 233 28.36 -34.62 -5.74
N ILE A 234 28.30 -35.13 -6.96
CA ILE A 234 28.19 -34.30 -8.15
C ILE A 234 26.79 -34.47 -8.71
N ARG A 235 26.04 -33.37 -8.78
CA ARG A 235 24.64 -33.38 -9.14
C ARG A 235 24.42 -32.62 -10.44
N SER A 236 23.68 -33.21 -11.35
CA SER A 236 23.20 -32.53 -12.54
C SER A 236 21.87 -33.15 -12.93
N GLU A 237 21.05 -32.38 -13.64
CA GLU A 237 19.83 -32.93 -14.20
C GLU A 237 20.15 -34.00 -15.24
N ASN A 238 21.09 -33.68 -16.14
CA ASN A 238 21.73 -34.65 -17.01
C ASN A 238 23.13 -34.15 -17.39
N LEU A 239 24.12 -35.04 -17.30
CA LEU A 239 25.50 -34.64 -17.55
C LEU A 239 25.82 -34.54 -19.03
N THR A 240 24.99 -35.13 -19.90
CA THR A 240 25.22 -35.09 -21.33
C THR A 240 25.03 -33.69 -21.91
N ASN A 241 24.00 -32.98 -21.48
CA ASN A 241 23.70 -31.64 -21.98
C ASN A 241 24.70 -30.64 -21.40
N ASN A 242 25.14 -29.70 -22.24
CA ASN A 242 26.15 -28.74 -21.82
C ASN A 242 25.57 -27.63 -20.94
N ALA A 243 24.30 -27.29 -21.15
CA ALA A 243 23.70 -26.10 -20.54
C ALA A 243 23.10 -26.34 -19.17
N LYS A 244 23.51 -27.40 -18.47
CA LYS A 244 23.04 -27.66 -17.11
C LYS A 244 24.14 -27.31 -16.12
N ILE A 245 23.77 -26.59 -15.06
CA ILE A 245 24.74 -26.15 -14.07
C ILE A 245 25.07 -27.33 -13.17
N ILE A 246 26.32 -27.79 -13.24
CA ILE A 246 26.79 -28.93 -12.48
C ILE A 246 27.08 -28.51 -11.05
N ILE A 247 26.26 -28.96 -10.11
CA ILE A 247 26.44 -28.59 -8.70
C ILE A 247 27.33 -29.60 -8.02
N VAL A 248 28.52 -29.18 -7.63
CA VAL A 248 29.44 -30.05 -6.90
C VAL A 248 29.30 -29.77 -5.41
N HIS A 249 29.07 -30.81 -4.63
CA HIS A 249 28.85 -30.70 -3.20
C HIS A 249 30.05 -31.32 -2.50
N LEU A 250 30.74 -30.52 -1.69
CA LEU A 250 32.00 -30.91 -1.09
C LEU A 250 31.79 -31.56 0.27
N HIS A 251 32.58 -32.60 0.53
CA HIS A 251 32.55 -33.26 1.83
C HIS A 251 33.24 -32.41 2.90
N THR A 252 34.34 -31.75 2.54
CA THR A 252 35.07 -30.90 3.45
C THR A 252 35.13 -29.48 2.90
N PRO A 253 34.90 -28.47 3.73
CA PRO A 253 34.88 -27.09 3.23
C PRO A 253 36.29 -26.54 3.06
N VAL A 254 36.38 -25.46 2.30
CA VAL A 254 37.64 -24.73 2.12
C VAL A 254 37.43 -23.32 2.65
N GLU A 255 38.23 -22.91 3.62
CA GLU A 255 38.00 -21.63 4.28
C GLU A 255 38.55 -20.49 3.44
N ILE A 256 37.69 -19.52 3.14
CA ILE A 256 38.05 -18.32 2.38
C ILE A 256 37.88 -17.11 3.28
N VAL A 257 38.88 -16.23 3.31
CA VAL A 257 38.83 -15.04 4.14
C VAL A 257 38.94 -13.80 3.26
N CYS A 258 37.99 -12.89 3.39
CA CYS A 258 37.89 -11.74 2.51
C CYS A 258 37.90 -10.45 3.31
N THR A 259 38.49 -9.41 2.74
CA THR A 259 38.71 -8.19 3.49
C THR A 259 38.74 -6.98 2.57
N ARG A 260 38.32 -5.84 3.12
CA ARG A 260 38.54 -4.51 2.59
C ARG A 260 39.41 -3.76 3.58
N PRO A 261 40.66 -3.41 3.22
CA PRO A 261 41.59 -2.86 4.21
C PRO A 261 41.52 -1.37 4.41
N ASN A 262 41.11 -0.59 3.41
CA ASN A 262 41.18 0.86 3.51
C ASN A 262 40.09 1.40 4.41
N ASN A 263 40.46 2.37 5.23
CA ASN A 263 39.63 2.86 6.32
C ASN A 263 38.65 3.91 5.80
N ASN A 264 37.53 3.43 5.27
CA ASN A 264 36.47 4.32 4.83
C ASN A 264 35.75 4.94 6.02
N THR A 265 34.96 5.96 5.74
CA THR A 265 34.10 6.59 6.73
C THR A 265 32.73 6.84 6.13
N ARG A 266 31.76 7.11 6.99
CA ARG A 266 30.38 7.33 6.59
C ARG A 266 30.02 8.79 6.82
N LYS A 267 29.48 9.44 5.79
CA LYS A 267 29.09 10.84 5.84
C LYS A 267 27.64 10.96 5.39
N SER A 268 26.85 11.71 6.16
CA SER A 268 25.41 11.81 5.95
C SER A 268 25.08 13.12 5.26
N VAL A 269 24.24 13.04 4.21
CA VAL A 269 23.75 14.21 3.50
C VAL A 269 22.23 14.24 3.67
N ARG A 270 21.72 15.33 4.22
CA ARG A 270 20.28 15.43 4.43
C ARG A 270 19.60 15.83 3.14
N ILE A 271 18.88 14.89 2.54
CA ILE A 271 18.16 15.10 1.29
C ILE A 271 16.68 15.19 1.62
N GLY A 272 16.09 16.37 1.45
CA GLY A 272 14.69 16.54 1.71
C GLY A 272 14.34 16.53 3.18
N PRO A 273 13.04 16.44 3.50
CA PRO A 273 12.60 16.54 4.90
C PRO A 273 12.82 15.26 5.69
N GLY A 274 13.81 15.29 6.58
CA GLY A 274 13.95 14.26 7.59
C GLY A 274 14.44 12.91 7.13
N GLN A 275 15.07 12.82 5.96
CA GLN A 275 15.65 11.57 5.51
C GLN A 275 17.04 11.85 4.94
N THR A 276 17.93 10.89 5.12
CA THR A 276 19.35 11.09 4.86
C THR A 276 19.87 10.12 3.82
N PHE A 277 21.00 10.48 3.22
CA PHE A 277 21.71 9.66 2.25
C PHE A 277 23.13 9.47 2.75
N TYR A 278 23.52 8.22 2.95
CA TYR A 278 24.82 7.90 3.55
C TYR A 278 25.80 7.55 2.45
N ALA A 279 26.94 8.25 2.43
CA ALA A 279 27.93 8.07 1.38
C ALA A 279 29.31 8.00 2.00
N THR A 280 30.30 7.76 1.16
CA THR A 280 31.68 7.65 1.63
C THR A 280 32.31 9.04 1.69
N GLY A 281 32.94 9.35 2.82
CA GLY A 281 33.72 10.55 2.95
C GLY A 281 35.18 10.29 2.61
N ASP A 282 36.07 10.73 3.50
CA ASP A 282 37.49 10.53 3.30
C ASP A 282 37.87 9.06 3.53
N ILE A 283 39.05 8.69 3.04
CA ILE A 283 39.66 7.41 3.37
C ILE A 283 40.79 7.70 4.35
N ILE A 284 40.59 7.35 5.62
CA ILE A 284 41.47 7.79 6.69
C ILE A 284 42.64 6.84 6.85
N GLY A 285 43.69 7.04 6.05
CA GLY A 285 44.83 6.15 6.09
C GLY A 285 45.55 6.06 4.75
N ASP A 286 45.70 4.84 4.25
CA ASP A 286 46.38 4.60 2.98
C ASP A 286 45.49 3.71 2.12
N ILE A 287 45.73 3.74 0.82
CA ILE A 287 44.93 2.99 -0.15
C ILE A 287 45.51 1.60 -0.30
N LYS A 288 44.68 0.57 -0.05
CA LYS A 288 45.11 -0.81 -0.19
C LYS A 288 44.06 -1.58 -1.00
N GLN A 289 44.36 -2.84 -1.29
CA GLN A 289 43.55 -3.64 -2.20
C GLN A 289 42.60 -4.55 -1.42
N ALA A 290 41.31 -4.49 -1.75
CA ALA A 290 40.34 -5.44 -1.22
C ALA A 290 40.54 -6.80 -1.87
N HIS A 291 40.59 -7.85 -1.06
CA HIS A 291 41.02 -9.14 -1.60
C HIS A 291 40.43 -10.29 -0.78
N CYS A 292 40.44 -11.47 -1.39
CA CYS A 292 40.09 -12.72 -0.73
C CYS A 292 41.27 -13.68 -0.78
N ASN A 293 41.36 -14.53 0.22
CA ASN A 293 42.44 -15.49 0.35
C ASN A 293 41.87 -16.89 0.53
N ILE A 294 42.39 -17.82 -0.27
CA ILE A 294 42.08 -19.25 -0.20
C ILE A 294 43.40 -19.98 -0.04
N SER A 295 43.42 -21.02 0.79
CA SER A 295 44.64 -21.83 0.92
C SER A 295 44.90 -22.59 -0.36
N GLU A 296 46.15 -22.56 -0.84
CA GLU A 296 46.48 -23.12 -2.15
C GLU A 296 46.50 -24.64 -2.15
N GLU A 297 47.10 -25.26 -1.11
CA GLU A 297 47.22 -26.70 -1.06
C GLU A 297 45.85 -27.38 -0.93
N LYS A 298 45.00 -26.83 -0.07
CA LYS A 298 43.67 -27.38 0.13
C LYS A 298 42.79 -27.19 -1.10
N TRP A 299 42.94 -26.06 -1.80
CA TRP A 299 42.16 -25.86 -3.02
C TRP A 299 42.63 -26.77 -4.15
N ASN A 300 43.95 -27.02 -4.23
CA ASN A 300 44.47 -27.95 -5.23
C ASN A 300 44.01 -29.37 -4.94
N ASP A 301 44.00 -29.76 -3.66
CA ASP A 301 43.49 -31.06 -3.25
C ASP A 301 42.00 -31.21 -3.54
N THR A 302 41.24 -30.14 -3.29
CA THR A 302 39.80 -30.14 -3.56
C THR A 302 39.53 -30.25 -5.06
N LEU A 303 40.32 -29.57 -5.89
CA LEU A 303 40.16 -29.70 -7.33
C LEU A 303 40.58 -31.07 -7.86
N GLN A 304 41.58 -31.71 -7.24
CA GLN A 304 41.91 -33.09 -7.63
C GLN A 304 40.80 -34.06 -7.24
N LYS A 305 40.17 -33.85 -6.08
CA LYS A 305 39.06 -34.71 -5.68
C LYS A 305 37.83 -34.50 -6.55
N VAL A 306 37.54 -33.24 -6.90
CA VAL A 306 36.47 -32.97 -7.87
C VAL A 306 36.84 -33.57 -9.22
N GLY A 307 38.13 -33.66 -9.53
CA GLY A 307 38.58 -34.39 -10.70
C GLY A 307 38.25 -35.87 -10.67
N ILE A 308 38.45 -36.53 -9.52
CA ILE A 308 38.23 -37.98 -9.51
C ILE A 308 36.73 -38.31 -9.52
N GLU A 309 35.90 -37.56 -8.76
CA GLU A 309 34.46 -37.82 -8.92
C GLU A 309 33.85 -37.19 -10.17
N LEU A 310 34.61 -36.40 -10.94
CA LEU A 310 34.18 -36.11 -12.31
C LEU A 310 34.61 -37.23 -13.25
N GLN A 311 35.73 -37.88 -12.95
CA GLN A 311 36.24 -38.95 -13.80
C GLN A 311 35.46 -40.24 -13.61
N LYS A 312 34.67 -40.33 -12.52
CA LYS A 312 33.73 -41.43 -12.38
C LYS A 312 32.72 -41.48 -13.52
N HIS A 313 32.27 -40.33 -14.01
CA HIS A 313 31.35 -40.27 -15.13
C HIS A 313 32.05 -40.22 -16.48
N PHE A 314 33.32 -39.83 -16.52
CA PHE A 314 34.08 -39.74 -17.76
C PHE A 314 35.38 -40.52 -17.57
N PRO A 315 35.38 -41.81 -17.89
CA PRO A 315 36.45 -42.68 -17.39
C PRO A 315 37.77 -42.56 -18.13
N ASN A 316 37.76 -42.20 -19.42
CA ASN A 316 39.00 -42.16 -20.18
C ASN A 316 39.61 -40.76 -20.26
N LYS A 317 38.85 -39.74 -19.91
CA LYS A 317 39.27 -38.36 -20.16
C LYS A 317 39.90 -37.74 -18.92
N THR A 318 40.81 -36.79 -19.15
CA THR A 318 41.31 -35.93 -18.10
C THR A 318 40.28 -34.84 -17.79
N ILE A 319 40.59 -33.99 -16.81
CA ILE A 319 39.66 -32.97 -16.35
C ILE A 319 40.39 -31.63 -16.34
N LYS A 320 39.89 -30.66 -17.09
CA LYS A 320 40.49 -29.34 -17.17
C LYS A 320 39.55 -28.32 -16.55
N TYR A 321 40.10 -27.35 -15.83
CA TYR A 321 39.34 -26.20 -15.37
C TYR A 321 39.82 -24.95 -16.09
N ASN A 322 38.87 -24.18 -16.61
CA ASN A 322 39.20 -22.93 -17.30
C ASN A 322 38.52 -21.79 -16.56
N GLN A 323 38.92 -20.56 -16.89
CA GLN A 323 38.32 -19.38 -16.30
C GLN A 323 36.91 -19.16 -16.87
N SER A 324 36.20 -18.20 -16.26
CA SER A 324 34.81 -17.94 -16.62
C SER A 324 34.68 -17.34 -18.02
N ALA A 325 33.47 -17.39 -18.58
CA ALA A 325 33.24 -17.05 -19.98
C ALA A 325 33.38 -15.56 -20.27
N GLY A 326 33.32 -14.71 -19.26
CA GLY A 326 33.45 -13.28 -19.47
C GLY A 326 32.11 -12.61 -19.76
N GLY A 327 32.13 -11.29 -19.73
CA GLY A 327 30.95 -10.48 -19.93
C GLY A 327 30.92 -9.35 -18.93
N ASP A 328 29.72 -9.06 -18.43
CA ASP A 328 29.56 -8.07 -17.37
C ASP A 328 30.15 -8.58 -16.08
N MET A 329 30.54 -7.64 -15.20
CA MET A 329 31.23 -8.00 -13.96
C MET A 329 30.31 -8.72 -12.99
N GLU A 330 29.00 -8.46 -13.06
CA GLU A 330 28.06 -9.15 -12.20
C GLU A 330 27.83 -10.61 -12.60
N ILE A 331 28.34 -11.04 -13.75
CA ILE A 331 28.17 -12.41 -14.23
C ILE A 331 29.44 -13.23 -14.07
N THR A 332 30.60 -12.66 -14.44
CA THR A 332 31.84 -13.41 -14.53
C THR A 332 32.68 -13.35 -13.25
N THR A 333 32.13 -12.80 -12.16
CA THR A 333 32.88 -12.67 -10.93
C THR A 333 32.12 -13.32 -9.78
N HIS A 334 32.87 -13.80 -8.79
CA HIS A 334 32.31 -14.34 -7.56
C HIS A 334 31.71 -13.19 -6.77
N SER A 335 30.40 -13.06 -6.82
CA SER A 335 29.69 -11.93 -6.22
C SER A 335 29.07 -12.38 -4.91
N PHE A 336 29.36 -11.65 -3.83
CA PHE A 336 28.81 -12.00 -2.53
C PHE A 336 28.78 -10.76 -1.64
N ASN A 337 28.36 -10.96 -0.40
CA ASN A 337 28.14 -9.89 0.57
C ASN A 337 29.01 -10.15 1.79
N CYS A 338 30.09 -9.38 1.92
CA CYS A 338 31.02 -9.55 3.03
C CYS A 338 30.65 -8.64 4.19
N GLY A 339 29.52 -8.95 4.80
CA GLY A 339 29.03 -8.21 5.96
C GLY A 339 28.61 -6.79 5.69
N GLY A 340 27.94 -6.54 4.57
CA GLY A 340 27.44 -5.22 4.26
C GLY A 340 27.86 -4.68 2.91
N GLU A 341 29.09 -5.00 2.49
CA GLU A 341 29.64 -4.49 1.25
C GLU A 341 29.68 -5.60 0.21
N PHE A 342 29.27 -5.27 -1.02
CA PHE A 342 29.08 -6.26 -2.07
C PHE A 342 30.38 -6.42 -2.86
N PHE A 343 31.03 -7.57 -2.66
CA PHE A 343 32.29 -7.89 -3.30
C PHE A 343 32.05 -8.66 -4.60
N TYR A 344 32.92 -8.43 -5.58
CA TYR A 344 32.85 -9.04 -6.92
C TYR A 344 34.27 -9.48 -7.28
N CYS A 345 34.63 -10.70 -6.91
CA CYS A 345 36.01 -11.15 -6.96
C CYS A 345 36.35 -11.89 -8.24
N ASN A 346 37.58 -11.71 -8.70
CA ASN A 346 38.08 -12.32 -9.93
C ASN A 346 38.58 -13.73 -9.64
N THR A 347 38.05 -14.72 -10.35
CA THR A 347 38.30 -16.12 -10.05
C THR A 347 39.23 -16.82 -11.03
N SER A 348 39.98 -16.09 -11.85
CA SER A 348 40.86 -16.73 -12.83
C SER A 348 42.08 -17.38 -12.21
N ASN A 349 42.40 -17.06 -10.95
CA ASN A 349 43.50 -17.74 -10.26
C ASN A 349 43.08 -19.09 -9.69
N LEU A 350 41.79 -19.27 -9.37
CA LEU A 350 41.33 -20.53 -8.80
C LEU A 350 41.19 -21.61 -9.86
N PHE A 351 40.42 -21.32 -10.91
CA PHE A 351 40.07 -22.31 -11.91
C PHE A 351 41.05 -22.23 -13.08
N ASN A 352 42.26 -22.70 -12.80
CA ASN A 352 43.35 -22.76 -13.77
C ASN A 352 44.20 -23.98 -13.42
N GLY A 353 43.89 -25.10 -14.05
CA GLY A 353 44.62 -26.33 -13.78
C GLY A 353 43.97 -27.50 -14.48
N THR A 354 44.60 -28.67 -14.30
CA THR A 354 44.11 -29.89 -14.91
C THR A 354 44.51 -31.08 -14.06
N TYR A 355 43.76 -32.17 -14.22
CA TYR A 355 43.97 -33.41 -13.51
C TYR A 355 43.96 -34.55 -14.54
N ASN A 356 45.03 -35.34 -14.54
CA ASN A 356 45.25 -36.35 -15.58
C ASN A 356 44.74 -37.73 -15.17
N GLY A 357 44.67 -38.00 -13.88
CA GLY A 357 44.24 -39.32 -13.43
C GLY A 357 45.00 -39.81 -12.20
N THR A 358 46.18 -39.27 -11.96
CA THR A 358 46.97 -39.66 -10.80
C THR A 358 46.88 -38.60 -9.70
N TYR A 359 46.57 -39.06 -8.49
CA TYR A 359 46.45 -38.16 -7.36
C TYR A 359 47.82 -37.76 -6.83
N ILE A 360 47.98 -36.47 -6.54
CA ILE A 360 49.21 -35.92 -5.98
C ILE A 360 48.90 -35.46 -4.57
N SER A 361 49.64 -35.98 -3.60
CA SER A 361 49.40 -35.64 -2.20
C SER A 361 49.88 -34.21 -1.91
N THR A 362 49.32 -33.62 -0.85
CA THR A 362 49.68 -32.27 -0.46
C THR A 362 51.01 -32.19 0.28
N ASN A 363 51.61 -33.33 0.61
CA ASN A 363 52.90 -33.33 1.29
C ASN A 363 54.01 -32.94 0.32
N SER A 364 55.19 -32.66 0.90
CA SER A 364 56.36 -32.12 0.19
C SER A 364 56.03 -30.83 -0.55
N SER A 365 55.25 -29.96 0.10
CA SER A 365 54.89 -28.69 -0.49
C SER A 365 56.06 -27.72 -0.43
N ALA A 366 56.02 -26.71 -1.31
CA ALA A 366 57.00 -25.63 -1.25
C ALA A 366 56.83 -24.81 0.03
N ASN A 367 55.60 -24.52 0.41
CA ASN A 367 55.30 -23.86 1.67
C ASN A 367 53.89 -24.25 2.08
N SER A 368 53.70 -24.58 3.35
CA SER A 368 52.38 -25.00 3.82
C SER A 368 51.44 -23.82 4.02
N THR A 369 51.97 -22.59 4.01
CA THR A 369 51.16 -21.39 4.19
C THR A 369 50.96 -20.60 2.90
N SER A 370 51.17 -21.23 1.74
CA SER A 370 50.94 -20.55 0.47
C SER A 370 49.45 -20.32 0.24
N THR A 371 49.11 -19.14 -0.27
CA THR A 371 47.72 -18.73 -0.42
C THR A 371 47.48 -18.16 -1.82
N ILE A 372 46.33 -18.49 -2.39
CA ILE A 372 45.85 -17.85 -3.61
C ILE A 372 45.04 -16.63 -3.23
N THR A 373 45.39 -15.48 -3.79
CA THR A 373 44.76 -14.21 -3.48
C THR A 373 43.98 -13.72 -4.70
N LEU A 374 42.68 -13.51 -4.51
CA LEU A 374 41.79 -12.97 -5.53
C LEU A 374 41.57 -11.49 -5.26
N GLN A 375 41.57 -10.69 -6.32
CA GLN A 375 41.40 -9.25 -6.22
C GLN A 375 39.97 -8.88 -6.57
N CYS A 376 39.30 -8.19 -5.66
CA CYS A 376 37.86 -7.96 -5.74
C CYS A 376 37.57 -6.48 -5.93
N ARG A 377 36.52 -6.19 -6.69
CA ARG A 377 35.93 -4.87 -6.74
C ARG A 377 34.70 -4.81 -5.84
N ILE A 378 34.31 -3.60 -5.45
CA ILE A 378 33.20 -3.41 -4.52
C ILE A 378 32.17 -2.50 -5.18
N LYS A 379 30.90 -2.88 -5.05
CA LYS A 379 29.83 -2.06 -5.61
C LYS A 379 28.94 -1.51 -4.50
N GLN A 380 28.11 -0.53 -4.88
CA GLN A 380 27.05 -0.04 -4.01
C GLN A 380 25.67 -0.04 -4.67
N ILE A 381 25.57 0.32 -5.95
CA ILE A 381 24.30 0.25 -6.67
C ILE A 381 24.14 -1.19 -7.15
N ILE A 382 23.22 -1.92 -6.54
CA ILE A 382 23.10 -3.36 -6.77
C ILE A 382 21.87 -3.62 -7.61
N ASN A 383 22.07 -3.89 -8.89
CA ASN A 383 21.01 -4.44 -9.75
C ASN A 383 20.83 -5.91 -9.42
N MET A 384 19.92 -6.13 -8.47
CA MET A 384 19.96 -7.33 -7.64
C MET A 384 19.12 -8.47 -8.19
N TRP A 385 17.92 -8.18 -8.71
CA TRP A 385 17.00 -9.20 -9.19
C TRP A 385 16.01 -8.53 -10.14
N GLN A 386 14.92 -9.23 -10.42
CA GLN A 386 13.86 -8.71 -11.28
C GLN A 386 12.50 -8.91 -10.63
N GLY A 387 11.61 -7.95 -10.85
CA GLY A 387 10.31 -7.95 -10.23
C GLY A 387 10.34 -7.78 -8.73
N VAL A 388 11.31 -7.03 -8.21
CA VAL A 388 11.59 -6.99 -6.78
C VAL A 388 11.73 -5.51 -6.38
N GLY A 389 11.51 -4.60 -7.32
CA GLY A 389 12.03 -3.27 -7.11
C GLY A 389 13.51 -3.31 -7.38
N ARG A 390 13.84 -3.46 -8.68
CA ARG A 390 15.01 -4.16 -9.19
C ARG A 390 16.37 -3.58 -8.81
N CYS A 391 16.47 -2.51 -8.03
CA CYS A 391 17.80 -2.10 -7.61
C CYS A 391 17.77 -1.60 -6.17
N MET A 392 18.97 -1.45 -5.61
CA MET A 392 19.16 -1.08 -4.22
C MET A 392 20.54 -0.48 -4.06
N TYR A 393 20.63 0.62 -3.30
CA TYR A 393 21.90 1.25 -2.96
C TYR A 393 22.31 0.78 -1.57
N ALA A 394 23.46 0.11 -1.48
CA ALA A 394 23.95 -0.36 -0.19
C ALA A 394 24.78 0.75 0.44
N PRO A 395 24.40 1.27 1.60
CA PRO A 395 25.17 2.36 2.20
C PRO A 395 26.51 1.85 2.70
N PRO A 396 27.53 2.72 2.71
CA PRO A 396 28.85 2.27 3.14
C PRO A 396 28.91 2.09 4.64
N ILE A 397 29.86 1.27 5.08
CA ILE A 397 30.08 0.98 6.48
C ILE A 397 31.50 1.41 6.86
N ALA A 398 31.64 1.99 8.04
CA ALA A 398 32.90 2.62 8.42
C ALA A 398 33.93 1.59 8.85
N GLY A 399 35.20 1.97 8.72
CA GLY A 399 36.29 1.10 9.11
C GLY A 399 36.64 0.05 8.07
N ASN A 400 37.74 -0.67 8.28
CA ASN A 400 38.00 -1.86 7.50
C ASN A 400 36.95 -2.95 7.77
N ILE A 401 36.84 -3.90 6.83
CA ILE A 401 35.95 -5.03 7.07
C ILE A 401 36.66 -6.33 6.72
N THR A 402 36.20 -7.41 7.34
CA THR A 402 36.75 -8.74 7.14
C THR A 402 35.68 -9.77 7.48
N CYS A 403 35.40 -10.65 6.52
CA CYS A 403 34.53 -11.79 6.75
C CYS A 403 35.31 -13.06 6.46
N ARG A 404 34.87 -14.17 7.03
CA ARG A 404 35.60 -15.43 6.95
C ARG A 404 34.59 -16.56 6.90
N SER A 405 34.60 -17.33 5.82
CA SER A 405 33.52 -18.27 5.59
C SER A 405 34.08 -19.56 4.98
N ASN A 406 33.19 -20.51 4.76
CA ASN A 406 33.55 -21.83 4.26
C ASN A 406 32.93 -22.05 2.89
N ILE A 407 33.72 -22.52 1.94
CA ILE A 407 33.21 -22.98 0.65
C ILE A 407 32.80 -24.43 0.79
N THR A 408 31.53 -24.72 0.53
CA THR A 408 31.01 -26.07 0.59
C THR A 408 30.48 -26.59 -0.73
N GLY A 409 30.50 -25.78 -1.79
CA GLY A 409 29.97 -26.22 -3.06
C GLY A 409 30.54 -25.40 -4.19
N LEU A 410 30.34 -25.91 -5.41
CA LEU A 410 30.79 -25.27 -6.63
C LEU A 410 29.68 -25.35 -7.66
N LEU A 411 29.64 -24.39 -8.58
CA LEU A 411 28.66 -24.38 -9.68
C LEU A 411 29.40 -24.34 -11.00
N LEU A 412 29.73 -25.52 -11.52
CA LEU A 412 30.52 -25.61 -12.74
C LEU A 412 29.61 -25.71 -13.97
N THR A 413 30.23 -25.62 -15.14
CA THR A 413 29.54 -25.70 -16.43
C THR A 413 30.56 -26.08 -17.50
N ARG A 414 30.27 -27.14 -18.23
CA ARG A 414 31.20 -27.70 -19.21
C ARG A 414 31.10 -26.85 -20.48
N ASP A 415 32.22 -26.70 -21.19
CA ASP A 415 32.23 -25.98 -22.46
C ASP A 415 31.55 -26.79 -23.57
N GLY A 416 31.50 -26.19 -24.76
CA GLY A 416 30.89 -26.87 -25.89
C GLY A 416 31.74 -28.04 -26.37
N GLY A 417 31.05 -29.08 -26.82
CA GLY A 417 31.72 -30.29 -27.27
C GLY A 417 32.32 -30.16 -28.65
N THR A 418 33.64 -30.23 -28.73
CA THR A 418 34.33 -30.07 -30.01
C THR A 418 35.67 -30.79 -29.94
N ASN A 419 36.25 -31.02 -31.13
CA ASN A 419 37.62 -31.48 -31.37
C ASN A 419 37.89 -32.90 -30.88
N SER A 420 36.84 -33.65 -30.50
CA SER A 420 36.95 -34.94 -29.78
C SER A 420 37.87 -34.80 -28.57
N ASN A 421 37.53 -33.88 -27.69
CA ASN A 421 38.49 -33.34 -26.74
C ASN A 421 38.79 -34.31 -25.61
N GLU A 422 40.07 -34.41 -25.26
CA GLU A 422 40.56 -35.26 -24.19
C GLU A 422 40.29 -34.69 -22.81
N THR A 423 40.00 -33.39 -22.71
CA THR A 423 39.91 -32.74 -21.40
C THR A 423 38.50 -32.37 -20.95
N GLU A 424 37.61 -31.92 -21.85
CA GLU A 424 36.23 -31.52 -21.56
C GLU A 424 36.15 -30.47 -20.46
N THR A 425 36.64 -29.26 -20.74
CA THR A 425 36.96 -28.30 -19.70
C THR A 425 35.71 -27.74 -19.02
N PHE A 426 35.89 -27.24 -17.79
CA PHE A 426 34.80 -26.71 -16.97
C PHE A 426 35.11 -25.29 -16.57
N ARG A 427 34.06 -24.47 -16.47
CA ARG A 427 34.10 -23.06 -16.11
C ARG A 427 33.12 -22.79 -14.97
N PRO A 428 33.34 -21.77 -14.16
CA PRO A 428 32.33 -21.38 -13.17
C PRO A 428 31.12 -20.75 -13.84
N ALA A 429 30.00 -20.77 -13.13
CA ALA A 429 28.77 -20.21 -13.66
C ALA A 429 27.87 -19.73 -12.54
N GLY A 430 26.94 -18.86 -12.89
CA GLY A 430 25.98 -18.32 -11.95
C GLY A 430 25.10 -17.27 -12.61
N GLY A 431 24.00 -16.91 -11.95
CA GLY A 431 23.11 -15.91 -12.50
C GLY A 431 21.64 -16.20 -12.24
N ASP A 432 21.33 -17.47 -11.99
CA ASP A 432 20.01 -17.87 -11.52
C ASP A 432 20.17 -18.34 -10.08
N MET A 433 19.42 -17.71 -9.18
CA MET A 433 19.72 -17.85 -7.76
C MET A 433 19.13 -19.13 -7.16
N ARG A 434 18.20 -19.77 -7.88
CA ARG A 434 17.53 -20.97 -7.41
C ARG A 434 18.52 -22.11 -7.16
N ASP A 435 19.58 -22.18 -7.98
CA ASP A 435 20.61 -23.19 -7.84
C ASP A 435 21.40 -23.05 -6.55
N ASN A 436 21.37 -21.88 -5.90
CA ASN A 436 21.98 -21.77 -4.58
C ASN A 436 21.13 -22.44 -3.52
N TRP A 437 19.81 -22.41 -3.70
CA TRP A 437 18.90 -23.00 -2.73
C TRP A 437 18.43 -24.38 -3.14
N ARG A 438 18.64 -24.76 -4.40
CA ARG A 438 18.37 -26.11 -4.85
C ARG A 438 19.41 -27.08 -4.30
N SER A 439 20.64 -26.60 -4.09
CA SER A 439 21.69 -27.42 -3.50
C SER A 439 21.51 -27.66 -2.01
N GLU A 440 20.57 -26.96 -1.36
CA GLU A 440 20.27 -27.17 0.06
C GLU A 440 18.98 -27.92 0.29
N LEU A 441 17.97 -27.72 -0.56
CA LEU A 441 16.73 -28.48 -0.50
C LEU A 441 16.77 -29.72 -1.38
N TYR A 442 17.79 -30.56 -1.20
CA TYR A 442 17.93 -31.76 -2.03
C TYR A 442 17.41 -33.00 -1.31
N LYS A 443 17.32 -32.96 0.02
CA LYS A 443 16.86 -34.11 0.78
C LYS A 443 15.35 -34.13 0.96
N TYR A 444 14.67 -33.01 0.75
CA TYR A 444 13.31 -32.84 1.24
C TYR A 444 12.28 -32.92 0.12
N LYS A 445 11.08 -33.40 0.49
CA LYS A 445 9.91 -33.35 -0.36
C LYS A 445 8.68 -33.19 0.53
N VAL A 446 7.59 -32.68 -0.03
CA VAL A 446 6.36 -32.43 0.71
C VAL A 446 5.29 -33.40 0.20
N VAL A 447 4.59 -34.05 1.13
CA VAL A 447 3.60 -35.07 0.79
C VAL A 447 2.26 -34.74 1.43
N LYS A 448 1.19 -35.05 0.68
CA LYS A 448 -0.20 -34.86 1.01
C LYS A 448 -0.73 -36.15 1.62
N ILE A 449 -1.19 -36.08 2.88
CA ILE A 449 -1.67 -37.27 3.56
C ILE A 449 -3.07 -37.60 3.07
N GLU A 450 -3.30 -38.87 2.71
CA GLU A 450 -4.61 -39.38 2.32
C GLU A 450 -5.07 -40.36 3.40
N PRO A 451 -5.73 -39.86 4.45
CA PRO A 451 -5.92 -40.69 5.65
C PRO A 451 -7.05 -41.68 5.57
N LEU A 452 -7.83 -41.72 4.49
CA LEU A 452 -9.03 -42.55 4.41
C LEU A 452 -8.81 -43.60 3.33
N GLY A 453 -9.02 -44.86 3.69
CA GLY A 453 -8.69 -45.96 2.81
C GLY A 453 -9.77 -47.02 2.80
N VAL A 454 -9.69 -47.92 1.83
CA VAL A 454 -10.70 -48.93 1.55
C VAL A 454 -10.03 -50.30 1.48
N ALA A 455 -10.55 -51.26 2.23
CA ALA A 455 -9.99 -52.61 2.26
C ALA A 455 -11.12 -53.61 2.42
N PRO A 456 -10.96 -54.83 1.90
CA PRO A 456 -11.97 -55.86 2.12
C PRO A 456 -11.67 -56.73 3.34
N THR A 457 -12.73 -57.10 4.04
CA THR A 457 -12.60 -58.00 5.18
C THR A 457 -13.93 -58.74 5.36
N ARG A 458 -13.95 -59.66 6.32
CA ARG A 458 -15.13 -60.48 6.54
C ARG A 458 -16.19 -59.80 7.40
N CYS A 459 -15.96 -58.55 7.82
CA CYS A 459 -16.94 -57.85 8.64
C CYS A 459 -18.15 -57.44 7.81
N LYS A 460 -19.34 -57.63 8.37
CA LYS A 460 -20.58 -57.15 7.78
C LYS A 460 -21.31 -56.36 8.86
N ARG A 461 -21.97 -55.28 8.47
CA ARG A 461 -22.66 -54.43 9.43
C ARG A 461 -23.88 -55.14 10.00
N ALA B 1 -15.36 -47.93 22.82
CA ALA B 1 -15.52 -49.14 23.62
C ALA B 1 -14.51 -49.15 24.78
N VAL B 2 -13.74 -48.07 24.87
CA VAL B 2 -12.70 -47.88 25.89
C VAL B 2 -12.40 -46.38 25.89
N GLY B 3 -11.80 -45.87 26.96
CA GLY B 3 -11.47 -44.47 27.03
C GLY B 3 -10.17 -44.05 26.37
N ILE B 4 -9.26 -45.00 26.11
CA ILE B 4 -7.88 -44.67 25.77
C ILE B 4 -7.72 -44.13 24.35
N GLY B 5 -6.52 -43.71 23.99
CA GLY B 5 -6.28 -42.95 22.77
C GLY B 5 -5.24 -43.46 21.79
N ALA B 6 -4.19 -42.66 21.56
CA ALA B 6 -3.19 -42.89 20.52
C ALA B 6 -1.89 -43.42 21.10
N VAL B 7 -1.08 -44.07 20.27
CA VAL B 7 0.13 -44.73 20.74
C VAL B 7 1.33 -43.82 20.45
N PHE B 8 2.49 -44.18 21.01
CA PHE B 8 3.69 -43.34 20.97
C PHE B 8 4.52 -43.52 19.70
N LEU B 9 4.01 -44.19 18.66
CA LEU B 9 4.85 -44.56 17.52
C LEU B 9 5.13 -43.39 16.58
N GLY B 10 4.53 -42.22 16.77
CA GLY B 10 4.81 -41.10 15.89
C GLY B 10 3.96 -41.09 14.64
N PHE B 11 4.04 -40.00 13.88
CA PHE B 11 3.02 -39.65 12.88
C PHE B 11 2.92 -40.66 11.76
N LEU B 12 4.03 -41.15 11.23
CA LEU B 12 3.98 -42.08 10.11
C LEU B 12 4.83 -43.33 10.36
N GLY B 13 4.99 -43.73 11.63
CA GLY B 13 5.87 -44.84 11.93
C GLY B 13 5.32 -46.19 11.52
N ALA B 14 4.00 -46.27 11.30
CA ALA B 14 3.40 -47.52 10.85
C ALA B 14 3.46 -47.69 9.34
N ALA B 15 3.95 -46.68 8.61
CA ALA B 15 4.11 -46.81 7.16
C ALA B 15 5.25 -47.77 6.85
N GLY B 16 5.02 -48.66 5.90
CA GLY B 16 5.97 -49.72 5.59
C GLY B 16 5.72 -51.02 6.33
N SER B 17 4.81 -51.04 7.29
CA SER B 17 4.47 -52.26 8.01
C SER B 17 3.34 -52.99 7.26
N THR B 18 2.76 -53.99 7.92
CA THR B 18 1.69 -54.74 7.28
C THR B 18 0.37 -53.98 7.35
N MET B 19 -0.64 -54.54 6.68
CA MET B 19 -1.98 -53.98 6.75
C MET B 19 -2.59 -54.18 8.14
N GLY B 20 -2.25 -55.29 8.79
CA GLY B 20 -2.72 -55.51 10.15
C GLY B 20 -2.03 -54.62 11.16
N ALA B 21 -0.73 -54.38 10.96
CA ALA B 21 0.01 -53.50 11.87
C ALA B 21 -0.37 -52.04 11.66
N ALA B 22 -0.77 -51.67 10.45
CA ALA B 22 -1.28 -50.33 10.19
C ALA B 22 -2.79 -50.25 10.40
N SER B 23 -3.46 -51.36 10.71
CA SER B 23 -4.80 -51.28 11.27
C SER B 23 -4.76 -50.83 12.72
N MET B 24 -3.65 -51.08 13.40
CA MET B 24 -3.32 -50.34 14.62
C MET B 24 -2.70 -49.00 14.23
N THR B 25 -2.51 -48.13 15.23
CA THR B 25 -1.81 -46.85 15.14
C THR B 25 -2.57 -45.88 14.21
N LEU B 26 -3.85 -46.16 13.95
CA LEU B 26 -4.69 -45.29 13.12
C LEU B 26 -4.97 -43.98 13.86
N THR B 27 -5.01 -44.09 15.19
CA THR B 27 -5.34 -42.96 16.05
C THR B 27 -4.28 -41.86 15.97
N VAL B 28 -3.03 -42.23 15.67
CA VAL B 28 -1.96 -41.23 15.62
C VAL B 28 -2.08 -40.39 14.35
N GLN B 29 -2.35 -41.03 13.21
CA GLN B 29 -2.59 -40.28 11.98
C GLN B 29 -3.89 -39.49 12.07
N ALA B 30 -4.85 -39.98 12.85
CA ALA B 30 -6.08 -39.22 13.07
C ALA B 30 -5.85 -38.01 13.97
N ARG B 31 -4.89 -38.09 14.89
CA ARG B 31 -4.65 -37.03 15.86
C ARG B 31 -3.98 -35.80 15.25
N ASN B 32 -3.04 -35.99 14.34
CA ASN B 32 -2.14 -34.93 13.90
C ASN B 32 -2.63 -34.19 12.66
N LEU B 33 -3.94 -34.02 12.49
CA LEU B 33 -4.46 -33.33 11.33
C LEU B 33 -4.89 -31.89 11.62
N LEU B 34 -4.58 -31.36 12.80
CA LEU B 34 -4.94 -29.98 13.16
C LEU B 34 -3.83 -29.34 13.99
N SER B 35 -3.49 -28.09 13.65
CA SER B 35 -2.54 -27.28 14.39
C SER B 35 -2.76 -25.83 14.02
N GLY B 36 -2.06 -24.93 14.74
CA GLY B 36 -2.21 -23.51 14.47
C GLY B 36 -1.16 -22.59 15.06
N THR B 37 -0.64 -21.67 14.24
CA THR B 37 0.30 -20.63 14.63
C THR B 37 0.20 -19.52 13.58
N VAL B 38 1.14 -18.56 13.56
CA VAL B 38 1.01 -17.35 12.73
C VAL B 38 2.30 -17.02 12.00
N TRP B 39 2.24 -16.94 10.66
CA TRP B 39 3.21 -16.22 9.82
C TRP B 39 2.47 -15.42 8.73
N GLY B 40 1.42 -14.69 9.11
CA GLY B 40 0.78 -13.77 8.19
C GLY B 40 -0.04 -14.43 7.08
N ILE B 41 -0.17 -13.69 5.99
CA ILE B 41 -1.12 -14.02 4.91
C ILE B 41 -0.70 -15.27 4.15
N LYS B 42 0.60 -15.56 4.09
CA LYS B 42 1.01 -16.85 3.53
C LYS B 42 0.64 -18.01 4.44
N GLN B 43 0.69 -17.83 5.75
CA GLN B 43 0.41 -18.89 6.69
C GLN B 43 -1.05 -18.96 7.13
N LEU B 44 -1.80 -17.86 7.02
CA LEU B 44 -3.22 -17.86 7.36
C LEU B 44 -4.00 -18.84 6.50
N GLN B 45 -3.67 -18.91 5.21
CA GLN B 45 -4.21 -19.95 4.34
C GLN B 45 -3.81 -21.33 4.82
N ALA B 46 -2.57 -21.50 5.28
CA ALA B 46 -2.13 -22.75 5.89
C ALA B 46 -2.86 -23.07 7.19
N ARG B 47 -3.54 -22.09 7.79
CA ARG B 47 -4.50 -22.41 8.84
C ARG B 47 -5.75 -23.03 8.25
N VAL B 48 -6.39 -22.35 7.29
CA VAL B 48 -7.73 -22.77 6.87
C VAL B 48 -7.66 -23.99 5.99
N LEU B 49 -6.51 -24.23 5.35
CA LEU B 49 -6.32 -25.45 4.58
C LEU B 49 -6.24 -26.67 5.50
N ALA B 50 -5.94 -26.46 6.79
CA ALA B 50 -6.02 -27.56 7.74
C ALA B 50 -7.48 -27.91 8.06
N VAL B 51 -8.40 -26.97 7.85
CA VAL B 51 -9.80 -27.22 8.21
C VAL B 51 -10.58 -27.75 7.02
N GLU B 52 -10.40 -27.12 5.84
CA GLU B 52 -11.14 -27.48 4.62
C GLU B 52 -10.92 -28.93 4.25
N ARG B 53 -9.70 -29.42 4.46
CA ARG B 53 -9.40 -30.84 4.28
C ARG B 53 -10.12 -31.69 5.32
N TYR B 54 -9.98 -31.33 6.61
CA TYR B 54 -10.28 -32.25 7.70
C TYR B 54 -11.77 -32.55 7.79
N LEU B 55 -12.59 -31.49 7.71
CA LEU B 55 -14.04 -31.65 7.70
C LEU B 55 -14.54 -32.43 6.50
N ARG B 56 -13.79 -32.41 5.38
CA ARG B 56 -14.14 -33.26 4.25
C ARG B 56 -14.06 -34.73 4.62
N ASP B 57 -13.02 -35.11 5.38
CA ASP B 57 -12.95 -36.47 5.89
C ASP B 57 -13.96 -36.70 7.00
N GLN B 58 -14.47 -35.63 7.61
CA GLN B 58 -15.59 -35.79 8.53
C GLN B 58 -16.92 -35.74 7.80
N GLN B 59 -16.91 -35.39 6.51
CA GLN B 59 -18.14 -35.49 5.73
C GLN B 59 -18.45 -36.94 5.41
N LEU B 60 -17.53 -37.60 4.71
CA LEU B 60 -17.80 -38.90 4.08
C LEU B 60 -18.06 -39.99 5.13
N LEU B 61 -17.28 -39.99 6.20
CA LEU B 61 -17.51 -40.95 7.28
C LEU B 61 -18.80 -40.65 8.04
N GLY B 62 -19.27 -39.39 7.98
CA GLY B 62 -20.60 -39.10 8.49
C GLY B 62 -21.68 -39.52 7.51
N ILE B 63 -21.35 -39.57 6.21
CA ILE B 63 -22.31 -40.02 5.21
C ILE B 63 -22.55 -41.52 5.34
N TRP B 64 -21.48 -42.28 5.51
CA TRP B 64 -21.51 -43.73 5.46
C TRP B 64 -21.95 -44.37 6.77
N GLY B 65 -22.29 -43.57 7.79
CA GLY B 65 -22.67 -44.10 9.08
C GLY B 65 -21.51 -44.40 10.00
N CYS B 66 -20.28 -44.10 9.59
CA CYS B 66 -19.11 -44.43 10.40
C CYS B 66 -18.96 -43.46 11.57
N SER B 67 -18.99 -42.15 11.27
CA SER B 67 -19.13 -41.08 12.26
C SER B 67 -18.00 -41.06 13.29
N GLY B 68 -16.77 -41.15 12.80
CA GLY B 68 -15.63 -41.07 13.70
C GLY B 68 -14.34 -41.44 13.02
N LYS B 69 -13.36 -41.77 13.85
CA LYS B 69 -12.00 -42.11 13.43
C LYS B 69 -11.70 -43.53 13.90
N LEU B 70 -12.12 -44.52 13.10
CA LEU B 70 -12.30 -45.88 13.60
C LEU B 70 -12.37 -46.86 12.43
N ILE B 71 -12.49 -48.15 12.77
CA ILE B 71 -12.85 -49.16 11.79
C ILE B 71 -14.35 -49.11 11.55
N CYS B 72 -14.75 -49.01 10.29
CA CYS B 72 -16.14 -48.98 9.89
C CYS B 72 -16.37 -50.02 8.81
N CYS B 73 -16.98 -51.14 9.17
CA CYS B 73 -17.27 -52.19 8.21
C CYS B 73 -18.72 -52.06 7.74
N THR B 74 -18.89 -52.19 6.44
CA THR B 74 -20.16 -52.00 5.78
C THR B 74 -20.66 -53.32 5.22
N ASN B 75 -21.76 -53.26 4.48
CA ASN B 75 -22.34 -54.44 3.83
C ASN B 75 -22.62 -54.20 2.35
N VAL B 76 -21.80 -53.39 1.68
CA VAL B 76 -21.79 -53.28 0.23
C VAL B 76 -20.96 -54.45 -0.28
N PRO B 77 -21.44 -55.24 -1.25
CA PRO B 77 -20.68 -56.41 -1.70
C PRO B 77 -19.43 -56.02 -2.48
N TRP B 78 -18.30 -56.59 -2.05
CA TRP B 78 -17.02 -56.38 -2.72
C TRP B 78 -17.03 -57.11 -4.05
N ASN B 79 -16.96 -56.35 -5.14
CA ASN B 79 -16.82 -56.94 -6.47
C ASN B 79 -15.42 -57.54 -6.58
N SER B 80 -15.34 -58.77 -7.09
CA SER B 80 -14.07 -59.50 -7.08
C SER B 80 -13.09 -58.94 -8.09
N SER B 81 -13.56 -58.17 -9.08
CA SER B 81 -12.68 -57.61 -10.09
C SER B 81 -11.80 -56.49 -9.55
N TRP B 82 -12.12 -55.95 -8.36
CA TRP B 82 -11.35 -54.87 -7.79
C TRP B 82 -9.94 -55.29 -7.35
N SER B 83 -9.80 -56.47 -6.76
CA SER B 83 -8.50 -56.88 -6.24
C SER B 83 -8.10 -58.27 -6.73
N ASN B 84 -9.08 -59.18 -6.85
CA ASN B 84 -8.88 -60.60 -7.21
C ASN B 84 -7.87 -61.28 -6.29
N ARG B 85 -8.00 -61.03 -4.99
CA ARG B 85 -7.03 -61.49 -4.00
C ARG B 85 -7.75 -61.88 -2.72
N ASN B 86 -7.24 -62.91 -2.05
CA ASN B 86 -7.85 -63.35 -0.80
C ASN B 86 -7.37 -62.50 0.38
N LEU B 87 -7.89 -62.83 1.57
CA LEU B 87 -7.70 -61.97 2.74
C LEU B 87 -6.29 -62.07 3.29
N SER B 88 -5.71 -63.27 3.30
CA SER B 88 -4.43 -63.47 3.95
C SER B 88 -3.26 -62.91 3.15
N GLU B 89 -3.38 -62.87 1.83
CA GLU B 89 -2.35 -62.28 0.99
C GLU B 89 -2.52 -60.77 0.84
N ILE B 90 -3.56 -60.20 1.46
CA ILE B 90 -3.76 -58.75 1.48
C ILE B 90 -3.32 -58.22 2.84
N TRP B 91 -3.75 -58.89 3.92
CA TRP B 91 -3.62 -58.28 5.24
C TRP B 91 -2.29 -58.59 5.92
N ASP B 92 -1.63 -59.69 5.56
CA ASP B 92 -0.47 -60.14 6.32
C ASP B 92 0.86 -59.68 5.74
N ASN B 93 0.91 -59.22 4.50
CA ASN B 93 2.19 -58.87 3.90
C ASN B 93 2.19 -57.49 3.24
N MET B 94 1.05 -57.08 2.70
CA MET B 94 0.96 -55.85 1.93
C MET B 94 0.94 -54.64 2.88
N THR B 95 1.28 -53.47 2.34
CA THR B 95 1.23 -52.20 3.04
C THR B 95 0.07 -51.39 2.48
N TRP B 96 -0.51 -50.51 3.32
CA TRP B 96 -1.52 -49.55 2.85
C TRP B 96 -0.99 -48.67 1.74
N LEU B 97 0.29 -48.28 1.84
CA LEU B 97 0.92 -47.39 0.88
C LEU B 97 0.98 -48.01 -0.52
N GLN B 98 1.09 -49.33 -0.61
CA GLN B 98 1.05 -50.02 -1.89
C GLN B 98 -0.29 -50.67 -2.19
N TRP B 99 -1.17 -50.78 -1.20
CA TRP B 99 -2.54 -51.20 -1.47
C TRP B 99 -3.31 -50.08 -2.15
N ASP B 100 -2.98 -48.82 -1.81
CA ASP B 100 -3.67 -47.69 -2.43
C ASP B 100 -3.35 -47.57 -3.91
N LYS B 101 -2.16 -48.02 -4.32
CA LYS B 101 -1.80 -48.02 -5.74
C LYS B 101 -2.67 -48.97 -6.55
N GLU B 102 -3.19 -50.02 -5.91
CA GLU B 102 -4.08 -50.95 -6.59
C GLU B 102 -5.55 -50.56 -6.45
N ILE B 103 -5.91 -49.85 -5.38
CA ILE B 103 -7.33 -49.62 -5.17
C ILE B 103 -7.76 -48.22 -5.65
N SER B 104 -6.82 -47.29 -5.84
CA SER B 104 -7.16 -45.88 -6.04
C SER B 104 -7.76 -45.62 -7.41
N ASN B 105 -7.55 -46.55 -8.36
CA ASN B 105 -8.26 -46.45 -9.63
C ASN B 105 -9.75 -46.74 -9.46
N TYR B 106 -10.09 -47.54 -8.46
CA TYR B 106 -11.47 -47.99 -8.26
C TYR B 106 -12.15 -47.35 -7.07
N THR B 107 -11.46 -46.51 -6.29
CA THR B 107 -12.07 -45.89 -5.11
C THR B 107 -13.24 -44.98 -5.48
N GLN B 108 -13.21 -44.35 -6.65
CA GLN B 108 -14.30 -43.45 -7.04
C GLN B 108 -15.57 -44.23 -7.36
N ILE B 109 -15.44 -45.35 -8.07
CA ILE B 109 -16.61 -46.18 -8.35
C ILE B 109 -16.98 -47.08 -7.18
N ILE B 110 -16.07 -47.25 -6.21
CA ILE B 110 -16.47 -47.81 -4.92
C ILE B 110 -17.34 -46.82 -4.19
N TYR B 111 -16.95 -45.54 -4.20
CA TYR B 111 -17.84 -44.47 -3.75
C TYR B 111 -19.06 -44.36 -4.67
N GLY B 112 -18.91 -44.77 -5.93
CA GLY B 112 -20.02 -44.95 -6.85
C GLY B 112 -20.83 -46.22 -6.63
N LEU B 113 -20.35 -47.12 -5.76
CA LEU B 113 -21.17 -48.21 -5.24
C LEU B 113 -21.43 -48.09 -3.75
N LEU B 114 -20.78 -47.15 -3.07
CA LEU B 114 -21.26 -46.52 -1.85
C LEU B 114 -22.11 -45.29 -2.15
N GLU B 115 -22.81 -45.29 -3.29
CA GLU B 115 -23.38 -44.07 -3.84
C GLU B 115 -24.83 -43.85 -3.42
N GLU B 116 -25.67 -44.87 -3.50
CA GLU B 116 -27.10 -44.68 -3.77
C GLU B 116 -28.04 -44.60 -2.55
N SER B 117 -27.83 -45.36 -1.47
CA SER B 117 -28.99 -45.54 -0.60
C SER B 117 -28.78 -45.63 0.92
N GLN B 118 -28.02 -44.75 1.58
CA GLN B 118 -27.96 -44.81 3.05
C GLN B 118 -29.22 -44.25 3.70
N ASN B 119 -29.83 -43.26 3.04
CA ASN B 119 -30.96 -42.55 3.64
C ASN B 119 -32.18 -43.44 3.75
N GLN B 120 -32.32 -44.41 2.85
CA GLN B 120 -33.47 -45.30 2.93
C GLN B 120 -33.30 -46.36 4.03
N GLN B 121 -32.07 -46.69 4.43
CA GLN B 121 -31.93 -47.52 5.62
C GLN B 121 -32.02 -46.72 6.92
N GLU B 122 -31.71 -45.43 6.89
CA GLU B 122 -32.13 -44.58 8.01
C GLU B 122 -33.65 -44.52 8.09
N LYS B 123 -34.32 -44.47 6.94
CA LYS B 123 -35.78 -44.57 6.89
C LYS B 123 -36.26 -45.95 7.33
N ASN B 124 -35.47 -47.00 7.08
CA ASN B 124 -35.83 -48.33 7.56
C ASN B 124 -35.75 -48.43 9.08
N GLU B 125 -34.76 -47.78 9.68
CA GLU B 125 -34.71 -47.68 11.14
C GLU B 125 -35.89 -46.87 11.68
N GLN B 126 -36.27 -45.80 10.97
CA GLN B 126 -37.44 -45.02 11.39
C GLN B 126 -38.73 -45.82 11.23
N ASP B 127 -38.79 -46.71 10.24
CA ASP B 127 -39.95 -47.58 10.07
C ASP B 127 -39.98 -48.67 11.14
N LEU B 128 -38.81 -49.14 11.55
CA LEU B 128 -38.74 -50.12 12.63
C LEU B 128 -39.13 -49.49 13.97
N LEU B 129 -38.89 -48.20 14.15
CA LEU B 129 -39.29 -47.51 15.38
C LEU B 129 -40.78 -47.14 15.35
N ALA B 130 -41.22 -46.51 14.26
CA ALA B 130 -42.57 -45.95 14.22
C ALA B 130 -43.62 -47.03 13.96
N LEU B 131 -43.53 -47.71 12.82
CA LEU B 131 -44.50 -48.74 12.43
C LEU B 131 -44.41 -49.96 13.32
N ASP B 132 -43.20 -50.36 13.71
CA ASP B 132 -43.02 -51.49 14.61
C ASP B 132 -42.63 -51.01 16.01
N GLN C 1 74.85 -1.68 6.51
CA GLN C 1 74.79 -1.56 5.05
C GLN C 1 73.81 -0.47 4.63
N VAL C 2 72.56 -0.60 5.04
CA VAL C 2 71.53 0.34 4.61
C VAL C 2 71.65 1.60 5.45
N GLN C 3 71.85 2.75 4.80
CA GLN C 3 71.99 3.99 5.54
C GLN C 3 71.24 5.12 4.83
N LEU C 4 70.85 6.09 5.63
CA LEU C 4 70.10 7.26 5.19
C LEU C 4 70.96 8.49 5.45
N VAL C 5 71.26 9.24 4.39
CA VAL C 5 72.17 10.38 4.47
C VAL C 5 71.36 11.65 4.20
N GLN C 6 71.38 12.57 5.15
CA GLN C 6 70.63 13.81 5.00
C GLN C 6 71.54 14.94 4.54
N SER C 7 70.96 16.14 4.44
CA SER C 7 71.69 17.32 3.97
C SER C 7 72.46 17.97 5.10
N GLY C 8 72.98 19.17 4.85
CA GLY C 8 73.68 19.92 5.88
C GLY C 8 72.72 20.74 6.73
N ALA C 9 73.29 21.39 7.74
CA ALA C 9 72.51 22.24 8.62
C ALA C 9 72.13 23.54 7.91
N GLU C 10 71.00 24.10 8.31
CA GLU C 10 70.48 25.31 7.69
C GLU C 10 70.08 26.30 8.76
N MET C 11 70.26 27.59 8.44
CA MET C 11 69.75 28.67 9.28
C MET C 11 68.98 29.65 8.39
N LYS C 12 67.79 30.03 8.84
CA LYS C 12 66.94 30.93 8.07
C LYS C 12 66.28 31.92 9.02
N ASN C 13 65.67 32.95 8.42
CA ASN C 13 64.85 33.94 9.11
C ASN C 13 63.44 33.39 9.31
N PRO C 14 62.71 33.87 10.32
CA PRO C 14 61.31 33.46 10.48
C PRO C 14 60.42 33.92 9.34
N GLY C 15 59.40 33.12 9.04
CA GLY C 15 58.52 33.37 7.93
C GLY C 15 58.93 32.70 6.63
N ALA C 16 60.06 32.02 6.60
CA ALA C 16 60.54 31.37 5.37
C ALA C 16 60.14 29.90 5.36
N SER C 17 60.65 29.16 4.37
CA SER C 17 60.36 27.74 4.22
C SER C 17 61.66 26.99 3.94
N VAL C 18 61.80 25.82 4.55
CA VAL C 18 63.03 25.04 4.46
C VAL C 18 62.71 23.70 3.79
N LYS C 19 63.71 23.16 3.09
CA LYS C 19 63.60 21.84 2.46
C LYS C 19 64.73 20.94 2.98
N VAL C 20 64.35 19.93 3.76
CA VAL C 20 65.30 18.94 4.24
C VAL C 20 65.31 17.76 3.29
N SER C 21 66.51 17.31 2.92
CA SER C 21 66.70 16.23 1.96
C SER C 21 67.17 14.98 2.68
N CYS C 22 66.89 13.82 2.07
CA CYS C 22 67.20 12.53 2.68
C CYS C 22 67.39 11.50 1.59
N ALA C 23 68.63 11.09 1.35
CA ALA C 23 68.95 10.11 0.30
C ALA C 23 69.15 8.74 0.93
N ALA C 24 68.52 7.73 0.33
CA ALA C 24 68.59 6.36 0.84
C ALA C 24 69.66 5.56 0.11
N SER C 25 70.19 4.56 0.80
CA SER C 25 71.04 3.59 0.11
C SER C 25 70.83 2.21 0.71
N GLY C 26 70.97 1.19 -0.14
CA GLY C 26 70.92 -0.18 0.31
C GLY C 26 69.58 -0.87 0.19
N TYR C 27 68.49 -0.15 -0.10
CA TYR C 27 67.20 -0.81 -0.27
C TYR C 27 66.39 -0.22 -1.43
N THR C 28 67.00 0.58 -2.29
CA THR C 28 66.45 1.11 -3.55
C THR C 28 65.22 2.00 -3.34
N PHE C 29 65.01 2.48 -2.10
CA PHE C 29 64.13 3.58 -1.70
C PHE C 29 62.64 3.24 -1.79
N THR C 30 62.28 2.12 -2.43
CA THR C 30 60.91 1.67 -2.41
C THR C 30 60.77 0.60 -1.34
N ASP C 31 59.61 -0.07 -1.29
CA ASP C 31 59.33 -1.24 -0.46
C ASP C 31 59.34 -0.95 1.04
N PHE C 32 59.49 0.32 1.44
CA PHE C 32 59.45 0.74 2.83
C PHE C 32 58.89 2.15 2.92
N TYR C 33 57.94 2.35 3.84
CA TYR C 33 57.51 3.70 4.19
C TYR C 33 58.66 4.46 4.85
N ILE C 34 58.65 5.78 4.72
CA ILE C 34 59.60 6.58 5.49
C ILE C 34 58.82 7.56 6.36
N HIS C 35 59.43 7.99 7.45
CA HIS C 35 58.81 8.84 8.45
C HIS C 35 59.74 9.99 8.77
N TRP C 36 59.16 11.19 8.86
CA TRP C 36 59.87 12.42 9.21
C TRP C 36 59.50 12.78 10.64
N VAL C 37 60.51 12.87 11.52
CA VAL C 37 60.31 13.21 12.92
C VAL C 37 61.22 14.38 13.29
N ARG C 38 60.90 15.00 14.43
CA ARG C 38 61.53 16.24 14.86
C ARG C 38 61.93 16.12 16.32
N GLN C 39 63.04 16.77 16.68
CA GLN C 39 63.47 16.83 18.08
C GLN C 39 63.98 18.24 18.35
N ALA C 40 63.24 18.98 19.16
CA ALA C 40 63.70 20.28 19.62
C ALA C 40 64.89 20.09 20.56
N PRO C 41 65.84 21.04 20.61
CA PRO C 41 67.10 20.80 21.33
C PRO C 41 66.92 20.65 22.84
N GLY C 42 67.15 19.44 23.33
CA GLY C 42 66.94 19.10 24.72
C GLY C 42 65.56 18.57 25.07
N GLN C 43 64.62 18.57 24.13
CA GLN C 43 63.27 18.05 24.37
C GLN C 43 63.10 16.69 23.70
N GLY C 44 61.88 16.17 23.80
CA GLY C 44 61.60 14.85 23.28
C GLY C 44 61.31 14.85 21.79
N LEU C 45 61.09 13.65 21.27
CA LEU C 45 60.80 13.49 19.85
C LEU C 45 59.38 13.92 19.51
N GLN C 46 59.22 14.46 18.30
CA GLN C 46 57.91 14.79 17.77
C GLN C 46 57.82 14.28 16.33
N TRP C 47 56.80 13.47 16.07
CA TRP C 47 56.57 12.88 14.76
C TRP C 47 55.86 13.90 13.88
N MET C 48 56.35 14.09 12.66
CA MET C 48 55.66 15.02 11.80
C MET C 48 54.86 14.32 10.70
N GLY C 49 55.44 13.37 10.00
CA GLY C 49 54.68 12.75 8.91
C GLY C 49 55.28 11.46 8.42
N TRP C 50 54.57 10.83 7.48
CA TRP C 50 55.10 9.72 6.70
C TRP C 50 54.91 9.99 5.21
N MET C 51 55.74 9.32 4.42
CA MET C 51 55.59 9.23 2.98
C MET C 51 55.65 7.77 2.57
N ASN C 52 54.72 7.39 1.67
CA ASN C 52 54.72 6.16 0.90
C ASN C 52 55.47 6.43 -0.40
N PRO C 53 56.75 6.07 -0.49
CA PRO C 53 57.55 6.53 -1.64
C PRO C 53 57.26 5.79 -2.94
N LYS C 54 56.54 4.66 -2.88
CA LYS C 54 56.20 3.95 -4.11
C LYS C 54 55.14 4.70 -4.91
N THR C 55 54.10 5.19 -4.24
CA THR C 55 52.97 5.82 -4.91
C THR C 55 52.79 7.28 -4.52
N GLY C 56 53.64 7.83 -3.66
CA GLY C 56 53.62 9.25 -3.37
C GLY C 56 52.60 9.70 -2.35
N ARG C 57 51.86 8.78 -1.72
CA ARG C 57 50.90 9.18 -0.71
C ARG C 57 51.62 9.59 0.57
N THR C 58 51.28 10.79 1.05
CA THR C 58 51.90 11.35 2.24
C THR C 58 50.83 11.71 3.25
N ASN C 59 51.18 11.60 4.53
CA ASN C 59 50.27 11.99 5.60
C ASN C 59 51.07 12.63 6.72
N THR C 60 50.38 13.37 7.57
CA THR C 60 51.03 14.14 8.62
C THR C 60 50.07 14.38 9.77
N ALA C 61 50.62 14.86 10.88
CA ALA C 61 49.84 15.04 12.10
C ALA C 61 48.88 16.21 11.97
N GLN C 62 47.97 16.33 12.95
CA GLN C 62 46.93 17.36 12.87
C GLN C 62 47.49 18.74 13.19
N ASN C 63 48.67 18.81 13.83
CA ASN C 63 49.28 20.11 14.09
C ASN C 63 50.03 20.64 12.89
N PHE C 64 50.61 19.75 12.08
CA PHE C 64 51.53 20.14 11.02
C PHE C 64 50.89 20.17 9.63
N GLN C 65 49.57 20.01 9.54
CA GLN C 65 48.94 19.62 8.28
C GLN C 65 48.98 20.72 7.22
N GLY C 66 48.99 21.99 7.63
CA GLY C 66 49.05 23.06 6.65
C GLY C 66 50.44 23.50 6.27
N ARG C 67 51.47 22.96 6.94
CA ARG C 67 52.80 23.54 6.84
C ARG C 67 53.85 22.62 6.24
N VAL C 68 53.59 21.31 6.10
CA VAL C 68 54.61 20.36 5.68
C VAL C 68 54.23 19.79 4.31
N THR C 69 55.25 19.52 3.49
CA THR C 69 55.08 18.97 2.15
C THR C 69 56.17 17.95 1.88
N MET C 70 55.78 16.71 1.57
CA MET C 70 56.73 15.64 1.35
C MET C 70 56.66 15.17 -0.11
N THR C 71 57.81 15.17 -0.78
CA THR C 71 57.91 14.69 -2.15
C THR C 71 59.15 13.82 -2.28
N ARG C 72 59.35 13.26 -3.46
CA ARG C 72 60.44 12.30 -3.65
C ARG C 72 60.86 12.23 -5.10
N ASP C 73 62.07 11.69 -5.30
CA ASP C 73 62.61 11.32 -6.59
C ASP C 73 63.07 9.87 -6.48
N THR C 74 62.37 8.97 -7.17
CA THR C 74 62.66 7.54 -7.07
C THR C 74 63.79 7.10 -7.99
N SER C 75 64.18 7.94 -8.96
CA SER C 75 65.28 7.57 -9.85
C SER C 75 66.61 7.62 -9.12
N ILE C 76 66.82 8.63 -8.29
CA ILE C 76 68.02 8.68 -7.45
C ILE C 76 67.74 8.20 -6.03
N GLY C 77 66.48 8.06 -5.65
CA GLY C 77 66.13 7.61 -4.32
C GLY C 77 66.37 8.65 -3.25
N THR C 78 65.70 9.80 -3.36
CA THR C 78 65.92 10.89 -2.42
C THR C 78 64.60 11.58 -2.13
N ALA C 79 64.31 11.79 -0.84
CA ALA C 79 63.08 12.42 -0.39
C ALA C 79 63.34 13.85 0.06
N TYR C 80 62.34 14.71 -0.17
CA TYR C 80 62.40 16.11 0.17
C TYR C 80 61.21 16.47 1.06
N MET C 81 61.44 17.34 2.03
CA MET C 81 60.42 17.75 2.98
C MET C 81 60.51 19.25 3.20
N GLU C 82 59.45 19.97 2.84
CA GLU C 82 59.37 21.41 3.01
C GLU C 82 58.52 21.74 4.23
N LEU C 83 59.05 22.61 5.08
CA LEU C 83 58.29 23.21 6.19
C LEU C 83 58.14 24.70 5.92
N ARG C 84 56.91 25.19 6.02
CA ARG C 84 56.56 26.55 5.65
C ARG C 84 56.17 27.36 6.88
N SER C 85 56.35 28.68 6.77
CA SER C 85 56.09 29.67 7.83
C SER C 85 56.84 29.33 9.11
N LEU C 86 58.16 29.40 9.04
CA LEU C 86 59.02 29.03 10.15
C LEU C 86 58.89 30.03 11.29
N THR C 87 58.84 29.50 12.53
CA THR C 87 58.80 30.32 13.73
C THR C 87 59.98 29.95 14.61
N SER C 88 60.07 30.63 15.77
CA SER C 88 61.17 30.37 16.69
C SER C 88 61.02 29.04 17.41
N ASP C 89 59.83 28.45 17.36
CA ASP C 89 59.62 27.10 17.90
C ASP C 89 60.25 26.05 16.99
N ASP C 90 60.36 26.33 15.70
CA ASP C 90 60.70 25.32 14.70
C ASP C 90 62.19 25.03 14.59
N THR C 91 63.05 25.70 15.35
CA THR C 91 64.46 25.36 15.34
C THR C 91 64.70 24.06 16.10
N ALA C 92 65.22 23.05 15.38
CA ALA C 92 65.25 21.69 15.90
C ALA C 92 66.18 20.84 15.03
N VAL C 93 66.45 19.63 15.50
CA VAL C 93 67.11 18.62 14.69
C VAL C 93 66.05 17.73 14.05
N TYR C 94 66.16 17.54 12.75
CA TYR C 94 65.15 16.86 11.96
C TYR C 94 65.71 15.51 11.50
N TYR C 95 64.94 14.44 11.71
CA TYR C 95 65.38 13.09 11.41
C TYR C 95 64.49 12.43 10.37
N CYS C 96 65.14 11.70 9.47
CA CYS C 96 64.52 10.90 8.43
C CYS C 96 64.73 9.43 8.76
N ALA C 97 63.65 8.66 8.85
CA ALA C 97 63.76 7.27 9.28
C ALA C 97 62.94 6.38 8.36
N THR C 98 63.28 5.10 8.34
CA THR C 98 62.48 4.13 7.62
C THR C 98 61.26 3.72 8.43
N GLY C 99 60.42 2.88 7.85
CA GLY C 99 59.19 2.49 8.51
C GLY C 99 58.76 1.06 8.23
N GLY C 100 57.46 0.86 8.01
CA GLY C 100 56.93 -0.46 7.73
C GLY C 100 57.20 -0.93 6.32
N TRP C 101 56.65 -2.08 5.94
CA TRP C 101 56.89 -2.68 4.64
C TRP C 101 55.68 -2.47 3.75
N ILE C 102 55.86 -1.86 2.59
CA ILE C 102 54.77 -1.59 1.65
C ILE C 102 54.34 -2.91 1.04
N SER C 103 53.06 -3.26 1.17
CA SER C 103 52.62 -4.63 0.94
C SER C 103 51.39 -4.76 0.04
N LEU C 104 50.64 -3.68 -0.19
CA LEU C 104 49.50 -3.57 -1.10
C LEU C 104 48.27 -4.37 -0.62
N TYR C 105 48.38 -5.07 0.50
CA TYR C 105 47.26 -5.85 1.02
C TYR C 105 46.84 -5.45 2.44
N TYR C 106 47.74 -4.88 3.24
CA TYR C 106 47.38 -4.39 4.56
C TYR C 106 48.09 -3.08 4.81
N ASP C 107 47.46 -2.23 5.62
CA ASP C 107 47.95 -0.87 5.86
C ASP C 107 49.10 -0.94 6.85
N SER C 108 50.32 -0.82 6.34
CA SER C 108 51.53 -0.81 7.15
C SER C 108 52.06 0.59 7.41
N SER C 109 51.20 1.61 7.31
CA SER C 109 51.67 2.99 7.36
C SER C 109 51.95 3.43 8.79
N TYR C 110 51.04 3.14 9.71
CA TYR C 110 51.13 3.60 11.09
C TYR C 110 51.93 2.67 11.99
N TYR C 111 52.84 1.88 11.44
CA TYR C 111 53.66 1.01 12.26
C TYR C 111 54.92 1.77 12.65
N PRO C 112 55.15 2.07 13.95
CA PRO C 112 56.33 2.84 14.36
C PRO C 112 57.62 2.02 14.45
N ASN C 113 57.94 1.30 13.37
CA ASN C 113 59.11 0.45 13.32
C ASN C 113 60.24 1.19 12.58
N PHE C 114 60.85 2.14 13.28
CA PHE C 114 61.89 2.98 12.69
C PHE C 114 63.22 2.22 12.79
N ASP C 115 63.50 1.45 11.73
CA ASP C 115 64.69 0.59 11.75
C ASP C 115 65.97 1.39 11.64
N HIS C 116 66.05 2.28 10.65
CA HIS C 116 67.30 2.95 10.30
C HIS C 116 67.06 4.46 10.25
N TRP C 117 68.02 5.22 10.77
CA TRP C 117 67.85 6.65 10.99
C TRP C 117 68.95 7.43 10.28
N GLY C 118 68.61 8.66 9.87
CA GLY C 118 69.59 9.55 9.31
C GLY C 118 70.40 10.24 10.39
N GLN C 119 71.35 11.07 9.95
CA GLN C 119 72.20 11.77 10.89
C GLN C 119 71.55 13.03 11.45
N GLY C 120 70.43 13.48 10.88
CA GLY C 120 69.72 14.63 11.40
C GLY C 120 70.27 15.96 10.93
N THR C 121 69.38 16.90 10.61
CA THR C 121 69.79 18.22 10.15
C THR C 121 69.33 19.26 11.16
N LEU C 122 70.21 20.18 11.52
CA LEU C 122 69.83 21.25 12.44
C LEU C 122 69.26 22.42 11.63
N VAL C 123 67.99 22.73 11.88
CA VAL C 123 67.32 23.88 11.26
C VAL C 123 67.18 24.95 12.33
N THR C 124 67.79 26.11 12.08
CA THR C 124 67.84 27.22 13.02
C THR C 124 67.00 28.36 12.49
N VAL C 125 66.14 28.91 13.35
CA VAL C 125 65.32 30.07 13.01
C VAL C 125 65.69 31.20 13.96
N SER C 126 66.12 32.33 13.39
CA SER C 126 66.54 33.47 14.19
C SER C 126 66.26 34.78 13.45
N GLN D 1 50.51 18.87 23.92
CA GLN D 1 49.08 18.86 23.61
C GLN D 1 48.58 17.43 23.35
N SER D 2 49.31 16.70 22.51
CA SER D 2 48.91 15.34 22.15
C SER D 2 49.96 14.28 22.43
N ALA D 3 51.09 14.64 23.04
CA ALA D 3 52.17 13.69 23.28
C ALA D 3 51.80 12.72 24.40
N LEU D 4 52.48 11.57 24.40
CA LEU D 4 52.27 10.57 25.44
C LEU D 4 52.93 11.01 26.75
N THR D 5 52.56 10.34 27.82
CA THR D 5 53.03 10.68 29.16
C THR D 5 53.99 9.61 29.67
N GLN D 6 55.18 10.04 30.07
CA GLN D 6 56.20 9.17 30.64
C GLN D 6 56.74 9.82 31.91
N PRO D 7 57.28 9.03 32.83
CA PRO D 7 58.02 9.62 33.96
C PRO D 7 59.29 10.31 33.49
N ALA D 8 59.69 11.33 34.24
CA ALA D 8 60.83 12.15 33.82
C ALA D 8 62.16 11.43 33.97
N SER D 9 62.38 10.76 35.09
CA SER D 9 63.67 10.13 35.34
C SER D 9 63.51 8.93 36.27
N VAL D 10 64.16 7.83 35.89
CA VAL D 10 64.26 6.64 36.72
C VAL D 10 65.74 6.32 36.91
N SER D 11 66.13 6.02 38.14
CA SER D 11 67.53 5.78 38.45
C SER D 11 67.68 4.43 39.14
N GLY D 12 68.87 3.86 39.03
CA GLY D 12 69.16 2.59 39.67
C GLY D 12 70.63 2.25 39.56
N SER D 13 71.07 1.39 40.49
CA SER D 13 72.44 0.89 40.58
C SER D 13 72.63 -0.26 39.59
N PRO D 14 73.88 -0.53 39.19
CA PRO D 14 74.14 -1.69 38.32
C PRO D 14 73.78 -3.01 38.99
N GLY D 15 73.31 -3.95 38.17
CA GLY D 15 72.82 -5.23 38.65
C GLY D 15 71.34 -5.28 38.95
N GLN D 16 70.63 -4.15 38.89
CA GLN D 16 69.21 -4.13 39.20
C GLN D 16 68.38 -4.18 37.92
N SER D 17 67.07 -3.99 38.09
CA SER D 17 66.12 -3.96 36.98
C SER D 17 65.36 -2.64 37.01
N ILE D 18 65.17 -2.04 35.84
CA ILE D 18 64.59 -0.71 35.71
C ILE D 18 63.35 -0.77 34.85
N THR D 19 62.24 -0.23 35.35
CA THR D 19 60.97 -0.20 34.64
C THR D 19 60.65 1.23 34.22
N ILE D 20 60.33 1.41 32.93
CA ILE D 20 59.99 2.71 32.35
C ILE D 20 58.56 2.62 31.84
N SER D 21 57.73 3.57 32.23
CA SER D 21 56.31 3.55 31.90
C SER D 21 56.02 4.41 30.66
N CYS D 22 54.87 4.14 30.03
CA CYS D 22 54.41 4.87 28.86
C CYS D 22 52.90 4.79 28.82
N THR D 23 52.24 5.90 29.15
CA THR D 23 50.79 5.91 29.35
C THR D 23 50.13 6.88 28.37
N GLY D 24 49.16 6.38 27.61
CA GLY D 24 48.39 7.21 26.70
C GLY D 24 46.91 7.13 26.94
N THR D 25 46.12 6.87 25.90
CA THR D 25 44.68 6.78 26.03
C THR D 25 44.18 5.51 25.35
N SER D 26 42.85 5.38 25.32
CA SER D 26 42.25 4.15 24.79
C SER D 26 42.37 4.06 23.29
N TYR D 27 42.37 5.20 22.59
CA TYR D 27 42.41 5.20 21.14
C TYR D 27 43.83 5.02 20.62
N ASP D 28 44.84 5.38 21.40
CA ASP D 28 46.21 5.35 20.89
C ASP D 28 46.95 4.07 21.26
N VAL D 29 47.14 3.84 22.55
CA VAL D 29 48.01 2.74 22.99
C VAL D 29 47.19 1.50 23.30
N GLY D 30 45.97 1.68 23.79
CA GLY D 30 45.13 0.55 24.13
C GLY D 30 44.40 -0.09 22.97
N SER D 31 44.59 0.44 21.75
CA SER D 31 43.90 -0.07 20.59
C SER D 31 44.65 -1.16 19.85
N TYR D 32 45.97 -1.04 19.70
CA TYR D 32 46.73 -1.96 18.87
C TYR D 32 47.96 -2.45 19.64
N ASP D 33 48.80 -3.21 18.93
CA ASP D 33 49.93 -3.92 19.50
C ASP D 33 51.15 -3.07 19.16
N LEU D 34 50.89 -1.91 18.58
CA LEU D 34 51.94 -1.08 17.95
C LEU D 34 52.50 -0.12 18.99
N VAL D 35 53.50 -0.59 19.73
CA VAL D 35 54.27 0.22 20.68
C VAL D 35 55.75 -0.05 20.42
N SER D 36 56.53 1.03 20.34
CA SER D 36 57.97 0.91 20.10
C SER D 36 58.72 1.80 21.07
N TRP D 37 59.98 1.43 21.29
CA TRP D 37 60.85 2.05 22.29
C TRP D 37 62.22 2.28 21.68
N TYR D 38 62.74 3.50 21.87
CA TYR D 38 64.02 3.90 21.31
C TYR D 38 64.92 4.46 22.40
N GLN D 39 66.22 4.25 22.25
CA GLN D 39 67.22 4.71 23.20
C GLN D 39 68.16 5.70 22.50
N GLN D 40 68.37 6.85 23.12
CA GLN D 40 69.20 7.91 22.56
C GLN D 40 70.31 8.27 23.52
N HIS D 41 71.55 8.27 23.03
CA HIS D 41 72.67 8.92 23.67
C HIS D 41 72.80 10.35 23.13
N PRO D 42 73.33 11.28 23.92
CA PRO D 42 73.41 12.68 23.46
C PRO D 42 74.36 12.85 22.27
N GLY D 43 73.93 13.69 21.33
CA GLY D 43 74.70 13.97 20.13
C GLY D 43 74.52 12.99 18.99
N LYS D 44 73.62 12.02 19.12
CA LYS D 44 73.40 11.03 18.07
C LYS D 44 71.92 10.77 17.89
N ALA D 45 71.59 10.05 16.82
CA ALA D 45 70.22 9.65 16.54
C ALA D 45 69.78 8.57 17.54
N PRO D 46 68.47 8.46 17.79
CA PRO D 46 67.99 7.38 18.66
C PRO D 46 68.21 6.01 18.03
N LYS D 47 68.36 5.00 18.88
CA LYS D 47 68.69 3.65 18.45
C LYS D 47 67.50 2.73 18.70
N TYR D 48 67.23 1.86 17.73
CA TYR D 48 66.06 0.99 17.69
C TYR D 48 66.20 -0.13 18.73
N MET D 49 65.33 -0.12 19.74
CA MET D 49 65.37 -1.11 20.82
C MET D 49 64.21 -2.09 20.86
N ILE D 50 62.97 -1.62 20.98
CA ILE D 50 61.83 -2.52 21.18
C ILE D 50 60.76 -2.15 20.16
N TYR D 51 60.16 -3.17 19.53
CA TYR D 51 59.04 -2.93 18.63
C TYR D 51 57.96 -3.97 18.87
N GLU D 52 56.72 -3.53 18.62
CA GLU D 52 55.50 -4.33 18.81
C GLU D 52 55.42 -4.88 20.24
N VAL D 53 55.43 -3.95 21.20
CA VAL D 53 55.35 -4.16 22.65
C VAL D 53 56.55 -4.92 23.22
N ASN D 54 56.81 -6.14 22.73
CA ASN D 54 57.82 -6.97 23.37
C ASN D 54 58.79 -7.70 22.44
N LYS D 55 58.71 -7.49 21.13
CA LYS D 55 59.64 -8.17 20.23
C LYS D 55 60.95 -7.41 20.13
N ARG D 56 61.96 -8.06 19.56
CA ARG D 56 63.31 -7.50 19.52
C ARG D 56 63.89 -7.58 18.12
N PRO D 57 64.63 -6.57 17.69
CA PRO D 57 65.36 -6.65 16.42
C PRO D 57 66.72 -7.32 16.56
N SER D 58 67.51 -7.30 15.50
CA SER D 58 68.86 -7.88 15.55
C SER D 58 69.78 -7.04 16.45
N GLY D 59 70.67 -7.73 17.15
CA GLY D 59 71.64 -7.07 18.00
C GLY D 59 71.18 -6.79 19.41
N VAL D 60 69.93 -7.08 19.75
CA VAL D 60 69.40 -6.84 21.09
C VAL D 60 69.13 -8.17 21.76
N SER D 61 69.74 -8.38 22.93
CA SER D 61 69.57 -9.58 23.72
C SER D 61 68.41 -9.39 24.70
N ASN D 62 68.30 -10.31 25.66
CA ASN D 62 67.20 -10.31 26.62
C ASN D 62 67.41 -9.33 27.79
N ARG D 63 68.36 -8.41 27.64
CA ARG D 63 68.51 -7.32 28.60
C ARG D 63 67.28 -6.42 28.62
N PHE D 64 66.66 -6.19 27.46
CA PHE D 64 65.52 -5.30 27.33
C PHE D 64 64.28 -6.11 27.00
N SER D 65 63.17 -5.79 27.65
CA SER D 65 61.90 -6.44 27.36
C SER D 65 60.78 -5.42 27.50
N GLY D 66 59.58 -5.80 27.08
CA GLY D 66 58.46 -4.90 27.14
C GLY D 66 57.18 -5.61 27.51
N SER D 67 56.19 -4.82 27.91
CA SER D 67 54.87 -5.33 28.27
C SER D 67 53.85 -4.24 28.02
N LYS D 68 52.59 -4.66 27.87
CA LYS D 68 51.48 -3.75 27.69
C LYS D 68 50.26 -4.28 28.41
N SER D 69 49.59 -3.39 29.13
CA SER D 69 48.33 -3.73 29.80
C SER D 69 47.44 -2.51 29.76
N GLY D 70 46.19 -2.71 29.33
CA GLY D 70 45.19 -1.66 29.33
C GLY D 70 45.58 -0.51 28.43
N ASN D 71 45.72 0.66 29.03
CA ASN D 71 46.12 1.85 28.31
C ASN D 71 47.60 2.17 28.49
N THR D 72 48.43 1.31 29.07
CA THR D 72 49.82 1.67 29.31
C THR D 72 50.74 0.54 28.88
N ALA D 73 51.99 0.89 28.67
CA ALA D 73 53.04 -0.05 28.32
C ALA D 73 54.27 0.25 29.16
N SER D 74 55.21 -0.68 29.17
CA SER D 74 56.39 -0.55 30.02
C SER D 74 57.57 -1.28 29.41
N LEU D 75 58.76 -0.73 29.65
CA LEU D 75 60.02 -1.35 29.28
C LEU D 75 60.71 -1.81 30.55
N THR D 76 61.41 -2.94 30.46
CA THR D 76 62.13 -3.53 31.58
C THR D 76 63.57 -3.80 31.17
N ILE D 77 64.50 -3.22 31.92
CA ILE D 77 65.92 -3.50 31.79
C ILE D 77 66.32 -4.48 32.88
N SER D 78 66.89 -5.61 32.47
CA SER D 78 67.41 -6.60 33.38
C SER D 78 68.93 -6.65 33.24
N GLY D 79 69.63 -6.67 34.37
CA GLY D 79 71.08 -6.63 34.35
C GLY D 79 71.61 -5.27 33.93
N LEU D 80 71.39 -4.26 34.77
CA LEU D 80 71.76 -2.89 34.44
C LEU D 80 73.27 -2.72 34.45
N GLN D 81 73.78 -1.94 33.50
CA GLN D 81 75.19 -1.64 33.39
C GLN D 81 75.38 -0.13 33.28
N ALA D 82 76.64 0.29 33.20
CA ALA D 82 76.95 1.71 33.19
C ALA D 82 76.67 2.34 31.84
N GLU D 83 76.55 1.53 30.78
CA GLU D 83 76.28 2.06 29.45
C GLU D 83 74.79 2.33 29.24
N ASP D 84 73.95 1.97 30.20
CA ASP D 84 72.50 2.09 30.06
C ASP D 84 71.96 3.46 30.41
N GLU D 85 72.83 4.41 30.81
CA GLU D 85 72.37 5.77 31.05
C GLU D 85 72.11 6.44 29.71
N ALA D 86 70.88 6.94 29.53
CA ALA D 86 70.40 7.39 28.21
C ALA D 86 69.07 8.11 28.37
N ASP D 87 68.52 8.53 27.23
CA ASP D 87 67.13 8.95 27.16
C ASP D 87 66.32 7.88 26.45
N TYR D 88 65.15 7.55 26.99
CA TYR D 88 64.31 6.50 26.43
C TYR D 88 62.97 7.09 26.00
N TYR D 89 62.60 6.85 24.75
CA TYR D 89 61.40 7.40 24.15
C TYR D 89 60.44 6.30 23.75
N CYS D 90 59.15 6.56 23.98
CA CYS D 90 58.07 5.64 23.66
C CYS D 90 57.23 6.23 22.53
N CYS D 91 57.10 5.48 21.45
CA CYS D 91 56.23 5.84 20.34
C CYS D 91 55.16 4.77 20.19
N SER D 92 54.00 5.17 19.67
CA SER D 92 52.92 4.21 19.49
C SER D 92 52.01 4.70 18.38
N PHE D 93 51.07 3.83 17.98
CA PHE D 93 50.03 4.21 17.04
C PHE D 93 49.17 5.32 17.62
N GLY D 94 48.98 6.38 16.84
CA GLY D 94 48.44 7.62 17.36
C GLY D 94 46.98 7.92 17.08
N GLY D 95 46.22 6.97 16.54
CA GLY D 95 44.82 7.21 16.26
C GLY D 95 44.62 8.00 14.98
N SER D 96 43.58 7.58 14.23
CA SER D 96 43.21 8.15 12.93
C SER D 96 44.36 8.11 11.94
N ALA D 97 45.08 6.99 11.96
CA ALA D 97 46.28 6.72 11.14
C ALA D 97 47.35 7.79 11.35
N THR D 98 47.87 7.83 12.58
CA THR D 98 49.06 8.58 12.93
C THR D 98 49.88 7.73 13.89
N VAL D 99 51.09 8.21 14.20
CA VAL D 99 51.85 7.70 15.34
C VAL D 99 52.23 8.90 16.20
N VAL D 100 52.47 8.65 17.48
CA VAL D 100 52.74 9.71 18.44
C VAL D 100 53.83 9.23 19.40
N CYS D 101 54.75 10.15 19.73
CA CYS D 101 55.84 9.86 20.65
C CYS D 101 55.79 10.82 21.82
N GLY D 102 56.04 10.29 23.03
CA GLY D 102 55.94 11.09 24.24
C GLY D 102 57.28 11.66 24.68
N GLY D 103 57.25 12.28 25.86
CA GLY D 103 58.47 12.86 26.40
C GLY D 103 59.41 11.77 26.90
N GLY D 104 60.71 12.09 26.89
CA GLY D 104 61.70 11.09 27.21
C GLY D 104 61.82 10.82 28.70
N THR D 105 62.40 9.66 29.00
CA THR D 105 62.71 9.26 30.38
C THR D 105 64.23 9.15 30.50
N LYS D 106 64.81 9.86 31.45
CA LYS D 106 66.25 9.84 31.63
C LYS D 106 66.65 8.74 32.60
N VAL D 107 67.42 7.78 32.11
CA VAL D 107 67.96 6.71 32.94
C VAL D 107 69.40 7.09 33.30
N THR D 108 69.65 7.26 34.60
CA THR D 108 70.97 7.52 35.15
C THR D 108 71.38 6.31 35.98
N VAL D 109 72.59 5.84 35.77
CA VAL D 109 73.09 4.63 36.42
C VAL D 109 73.91 5.06 37.64
N LEU D 110 73.51 4.58 38.81
CA LEU D 110 74.19 4.92 40.06
C LEU D 110 75.52 4.18 40.18
N LEU E 4 -13.52 -46.79 41.28
CA LEU E 4 -13.86 -45.57 40.56
C LEU E 4 -13.12 -45.54 39.24
N TRP E 5 -13.74 -44.92 38.24
CA TRP E 5 -13.21 -44.83 36.89
C TRP E 5 -13.17 -43.38 36.44
N VAL E 6 -12.24 -43.09 35.53
CA VAL E 6 -12.10 -41.75 34.97
C VAL E 6 -13.22 -41.50 33.96
N THR E 7 -13.71 -40.27 33.92
CA THR E 7 -14.88 -39.89 33.14
C THR E 7 -14.72 -38.44 32.70
N VAL E 8 -14.94 -38.18 31.41
CA VAL E 8 -14.66 -36.88 30.82
C VAL E 8 -15.97 -36.14 30.59
N TYR E 9 -15.91 -34.81 30.64
CA TYR E 9 -17.08 -33.95 30.56
C TYR E 9 -16.78 -32.80 29.61
N TYR E 10 -17.74 -32.48 28.75
CA TYR E 10 -17.59 -31.41 27.77
C TYR E 10 -18.62 -30.32 28.05
N GLY E 11 -18.16 -29.08 28.05
CA GLY E 11 -18.97 -27.96 28.48
C GLY E 11 -18.67 -27.49 29.89
N VAL E 12 -17.46 -27.73 30.38
CA VAL E 12 -17.13 -27.46 31.78
C VAL E 12 -16.67 -26.01 31.93
N PRO E 13 -17.25 -25.24 32.85
CA PRO E 13 -16.80 -23.84 33.04
C PRO E 13 -15.45 -23.73 33.76
N VAL E 14 -14.36 -23.85 33.00
CA VAL E 14 -13.00 -23.74 33.53
C VAL E 14 -12.23 -22.71 32.70
N TRP E 15 -11.53 -21.81 33.41
CA TRP E 15 -10.97 -20.60 32.84
C TRP E 15 -9.45 -20.65 32.91
N LYS E 16 -8.81 -20.05 31.91
CA LYS E 16 -7.39 -19.72 31.97
C LYS E 16 -7.17 -18.36 31.31
N GLU E 17 -6.52 -17.45 32.01
CA GLU E 17 -6.30 -16.13 31.43
C GLU E 17 -5.23 -16.20 30.33
N ALA E 18 -5.52 -15.57 29.20
CA ALA E 18 -4.69 -15.75 28.02
C ALA E 18 -4.82 -14.54 27.10
N LYS E 19 -3.90 -14.45 26.15
CA LYS E 19 -3.90 -13.36 25.18
C LYS E 19 -4.74 -13.74 23.97
N THR E 20 -5.43 -12.76 23.39
CA THR E 20 -6.25 -12.97 22.20
C THR E 20 -6.38 -11.65 21.46
N THR E 21 -7.09 -11.69 20.33
CA THR E 21 -7.35 -10.50 19.54
C THR E 21 -8.80 -10.08 19.73
N LEU E 22 -9.04 -9.12 20.61
CA LEU E 22 -10.38 -8.59 20.82
C LEU E 22 -10.75 -7.64 19.69
N PHE E 23 -12.03 -7.59 19.35
CA PHE E 23 -12.47 -6.79 18.21
C PHE E 23 -13.45 -5.72 18.66
N CYS E 24 -13.86 -4.88 17.70
CA CYS E 24 -14.56 -3.65 17.98
C CYS E 24 -16.05 -3.77 17.72
N ALA E 25 -16.84 -3.09 18.55
CA ALA E 25 -18.28 -2.98 18.38
C ALA E 25 -18.71 -1.55 18.68
N SER E 26 -19.55 -1.00 17.81
CA SER E 26 -20.02 0.37 17.97
C SER E 26 -21.54 0.38 17.86
N ASP E 27 -22.15 1.43 18.41
CA ASP E 27 -23.59 1.52 18.47
C ASP E 27 -24.18 1.82 17.10
N ALA E 28 -25.49 1.62 16.97
CA ALA E 28 -26.11 1.50 15.65
C ALA E 28 -26.24 2.85 14.95
N ARG E 29 -26.45 3.93 15.70
CA ARG E 29 -26.81 5.22 15.10
C ARG E 29 -25.65 5.83 14.32
N ALA E 30 -24.41 5.48 14.68
CA ALA E 30 -23.25 5.94 13.92
C ALA E 30 -23.22 5.35 12.52
N TYR E 31 -23.88 4.19 12.32
CA TYR E 31 -23.99 3.63 10.98
C TYR E 31 -24.99 4.40 10.11
N GLU E 32 -25.77 5.32 10.68
CA GLU E 32 -26.58 6.19 9.85
C GLU E 32 -25.77 7.29 9.19
N LYS E 33 -24.56 7.55 9.67
CA LYS E 33 -23.68 8.54 9.07
C LYS E 33 -22.96 7.95 7.87
N GLU E 34 -22.19 8.80 7.20
CA GLU E 34 -21.43 8.38 6.04
C GLU E 34 -20.19 7.60 6.46
N VAL E 35 -19.55 6.94 5.49
CA VAL E 35 -18.34 6.19 5.77
C VAL E 35 -17.17 7.14 5.99
N HIS E 36 -16.17 6.65 6.72
CA HIS E 36 -14.88 7.30 6.99
C HIS E 36 -14.98 8.60 7.77
N ASN E 37 -16.14 8.92 8.34
CA ASN E 37 -16.22 10.09 9.22
C ASN E 37 -15.50 9.83 10.54
N VAL E 38 -15.87 8.74 11.23
CA VAL E 38 -15.11 8.23 12.36
C VAL E 38 -14.75 6.80 12.00
N TRP E 39 -13.64 6.30 12.57
CA TRP E 39 -13.19 4.93 12.28
C TRP E 39 -14.14 3.87 12.84
N ALA E 40 -14.97 4.24 13.81
CA ALA E 40 -15.88 3.27 14.43
C ALA E 40 -17.00 2.85 13.49
N THR E 41 -17.57 3.81 12.77
CA THR E 41 -18.74 3.51 11.94
C THR E 41 -18.36 2.83 10.64
N HIS E 42 -17.07 2.86 10.29
CA HIS E 42 -16.64 2.35 8.99
C HIS E 42 -16.69 0.82 8.95
N ALA E 43 -16.16 0.15 9.98
CA ALA E 43 -15.97 -1.29 9.86
C ALA E 43 -16.35 -2.10 11.10
N CYS E 44 -16.55 -1.45 12.24
CA CYS E 44 -16.84 -2.18 13.48
C CYS E 44 -18.22 -2.83 13.42
N VAL E 45 -18.42 -3.84 14.25
CA VAL E 45 -19.65 -4.64 14.17
C VAL E 45 -20.76 -3.89 14.91
N PRO E 46 -22.03 -4.10 14.56
CA PRO E 46 -23.11 -3.46 15.33
C PRO E 46 -23.36 -4.17 16.64
N THR E 47 -23.21 -3.44 17.74
CA THR E 47 -23.47 -3.99 19.05
C THR E 47 -24.97 -4.04 19.33
N ASP E 48 -25.33 -4.75 20.39
CA ASP E 48 -26.71 -4.95 20.78
C ASP E 48 -26.75 -5.20 22.28
N PRO E 49 -27.82 -4.80 22.97
CA PRO E 49 -27.93 -5.12 24.40
C PRO E 49 -28.31 -6.57 24.69
N SER E 50 -28.43 -7.43 23.68
CA SER E 50 -28.76 -8.83 23.92
C SER E 50 -27.69 -9.61 24.69
N PRO E 51 -26.34 -9.46 24.44
CA PRO E 51 -25.39 -10.07 25.38
C PRO E 51 -25.34 -9.33 26.71
N GLN E 52 -26.28 -9.66 27.60
CA GLN E 52 -26.47 -8.89 28.82
C GLN E 52 -25.39 -9.23 29.85
N GLU E 53 -25.21 -8.30 30.79
CA GLU E 53 -24.36 -8.52 31.95
C GLU E 53 -25.00 -9.55 32.88
N LEU E 54 -24.26 -10.61 33.18
CA LEU E 54 -24.78 -11.77 33.89
C LEU E 54 -23.92 -12.00 35.13
N VAL E 55 -24.51 -11.81 36.31
CA VAL E 55 -23.79 -12.00 37.56
C VAL E 55 -23.62 -13.50 37.81
N LEU E 56 -22.46 -13.88 38.34
CA LEU E 56 -22.13 -15.28 38.52
C LEU E 56 -22.41 -15.72 39.96
N GLY E 57 -21.94 -16.92 40.31
CA GLY E 57 -22.17 -17.50 41.61
C GLY E 57 -21.19 -17.03 42.66
N ASN E 58 -20.55 -17.99 43.34
CA ASN E 58 -19.66 -17.69 44.44
C ASN E 58 -18.21 -17.59 43.99
N VAL E 59 -17.99 -17.13 42.76
CA VAL E 59 -16.66 -17.07 42.19
C VAL E 59 -15.88 -15.89 42.77
N THR E 60 -14.61 -16.13 43.08
CA THR E 60 -13.66 -15.10 43.48
C THR E 60 -12.50 -15.12 42.51
N GLU E 61 -12.24 -13.99 41.85
CA GLU E 61 -11.32 -13.98 40.72
C GLU E 61 -10.33 -12.84 40.85
N ASN E 62 -9.06 -13.11 40.59
CA ASN E 62 -8.03 -12.09 40.68
C ASN E 62 -8.04 -11.20 39.45
N PHE E 63 -7.92 -9.89 39.67
CA PHE E 63 -7.84 -8.90 38.61
C PHE E 63 -6.61 -8.03 38.83
N ASN E 64 -6.11 -7.43 37.74
CA ASN E 64 -4.94 -6.57 37.81
C ASN E 64 -4.94 -5.63 36.61
N MET E 65 -4.53 -4.37 36.83
CA MET E 65 -4.51 -3.39 35.74
C MET E 65 -3.14 -3.32 35.08
N TRP E 66 -2.08 -3.24 35.88
CA TRP E 66 -0.80 -2.71 35.43
C TRP E 66 -0.01 -3.67 34.54
N LYS E 67 -0.43 -4.94 34.44
CA LYS E 67 0.08 -5.84 33.41
C LYS E 67 -1.05 -6.46 32.60
N ASN E 68 -2.06 -5.68 32.25
CA ASN E 68 -3.13 -6.17 31.38
C ASN E 68 -2.66 -6.13 29.93
N ASP E 69 -3.36 -6.88 29.08
CA ASP E 69 -3.03 -6.88 27.66
C ASP E 69 -4.05 -6.10 26.85
N MET E 70 -5.23 -5.84 27.42
CA MET E 70 -6.25 -5.08 26.72
C MET E 70 -5.84 -3.64 26.48
N VAL E 71 -5.11 -3.05 27.44
CA VAL E 71 -4.72 -1.65 27.32
C VAL E 71 -3.64 -1.48 26.26
N ASP E 72 -2.67 -2.40 26.19
CA ASP E 72 -1.62 -2.33 25.17
C ASP E 72 -2.18 -2.61 23.78
N GLN E 73 -3.11 -3.56 23.68
CA GLN E 73 -3.77 -3.86 22.42
C GLN E 73 -4.63 -2.68 21.95
N MET E 74 -5.32 -2.01 22.87
CA MET E 74 -6.11 -0.83 22.51
C MET E 74 -5.20 0.32 22.09
N HIS E 75 -4.05 0.47 22.74
CA HIS E 75 -3.08 1.49 22.34
C HIS E 75 -2.56 1.23 20.94
N GLU E 76 -2.22 -0.02 20.65
CA GLU E 76 -1.76 -0.38 19.30
C GLU E 76 -2.84 -0.18 18.25
N ASP E 77 -4.09 -0.50 18.60
CA ASP E 77 -5.21 -0.31 17.68
C ASP E 77 -5.44 1.16 17.38
N ILE E 78 -5.37 2.02 18.41
CA ILE E 78 -5.62 3.43 18.20
C ILE E 78 -4.48 4.07 17.41
N ILE E 79 -3.24 3.63 17.66
CA ILE E 79 -2.08 4.08 16.87
C ILE E 79 -2.25 3.69 15.40
N SER E 80 -2.55 2.42 15.14
CA SER E 80 -2.63 1.94 13.76
C SER E 80 -3.86 2.47 13.04
N LEU E 81 -4.96 2.70 13.77
CA LEU E 81 -6.18 3.22 13.17
C LEU E 81 -6.05 4.70 12.84
N TRP E 82 -5.39 5.47 13.71
CA TRP E 82 -5.18 6.88 13.42
C TRP E 82 -4.15 7.04 12.30
N ASP E 83 -3.19 6.11 12.22
CA ASP E 83 -2.26 6.07 11.09
C ASP E 83 -3.00 5.75 9.79
N GLN E 84 -3.96 4.82 9.85
CA GLN E 84 -4.73 4.43 8.67
C GLN E 84 -5.62 5.57 8.19
N SER E 85 -6.14 6.38 9.11
CA SER E 85 -7.02 7.48 8.73
C SER E 85 -6.28 8.62 8.03
N LEU E 86 -4.95 8.69 8.13
CA LEU E 86 -4.19 9.77 7.51
C LEU E 86 -3.57 9.38 6.17
N LYS E 87 -3.79 8.16 5.68
CA LYS E 87 -3.22 7.75 4.40
C LYS E 87 -3.74 8.50 3.16
N PRO E 88 -5.05 8.68 2.93
CA PRO E 88 -5.44 9.37 1.68
C PRO E 88 -5.29 10.88 1.70
N CYS E 89 -4.97 11.48 2.85
CA CYS E 89 -4.93 12.93 2.99
C CYS E 89 -3.65 13.49 2.38
N VAL E 90 -3.67 14.81 2.15
CA VAL E 90 -2.57 15.53 1.51
C VAL E 90 -1.36 15.54 2.43
N LYS E 91 -0.17 15.36 1.86
CA LYS E 91 1.05 15.13 2.64
C LYS E 91 1.81 16.44 2.80
N LEU E 92 1.16 17.56 2.46
CA LEU E 92 1.79 18.84 2.17
C LEU E 92 2.95 18.61 1.20
N THR E 93 4.19 19.01 1.62
CA THR E 93 5.57 18.92 1.12
C THR E 93 6.03 20.20 0.38
N PRO E 94 5.22 20.87 -0.51
CA PRO E 94 5.66 22.20 -0.96
C PRO E 94 5.48 23.33 0.05
N LEU E 95 5.20 23.01 1.31
CA LEU E 95 5.17 24.00 2.36
C LEU E 95 6.46 24.08 3.18
N CYS E 96 7.52 23.38 2.79
CA CYS E 96 8.84 23.59 3.38
C CYS E 96 9.61 24.73 2.74
N VAL E 97 8.94 25.65 2.03
CA VAL E 97 9.63 26.80 1.46
C VAL E 97 9.98 27.81 2.56
N THR E 98 10.80 28.79 2.20
CA THR E 98 11.08 29.89 3.11
C THR E 98 9.83 30.73 3.31
N LEU E 99 9.48 30.95 4.56
CA LEU E 99 8.35 31.79 4.92
C LEU E 99 8.88 33.12 5.40
N ILE E 100 8.43 34.21 4.75
CA ILE E 100 8.78 35.55 5.19
C ILE E 100 7.63 36.04 6.06
N CYS E 101 7.88 36.11 7.36
CA CYS E 101 6.81 36.33 8.33
C CYS E 101 6.98 37.72 8.93
N SER E 102 6.07 38.62 8.56
CA SER E 102 6.01 39.91 9.22
C SER E 102 5.00 39.86 10.36
N ASN E 103 4.88 40.99 11.06
CA ASN E 103 3.92 41.12 12.14
C ASN E 103 2.50 41.05 11.59
N ALA E 104 1.66 40.24 12.24
CA ALA E 104 0.27 40.10 11.83
C ALA E 104 -0.56 41.18 12.53
N THR E 105 -0.40 42.41 12.04
CA THR E 105 -1.08 43.56 12.62
C THR E 105 -2.55 43.52 12.18
N VAL E 106 -3.37 42.82 12.98
CA VAL E 106 -4.79 42.69 12.69
C VAL E 106 -5.50 44.00 13.05
N LYS E 107 -5.96 44.71 12.01
CA LYS E 107 -6.59 46.04 12.04
C LYS E 107 -5.93 47.01 13.03
N ASN E 108 -4.69 47.39 12.67
CA ASN E 108 -3.97 48.57 13.16
C ASN E 108 -3.50 48.21 14.59
N GLY E 109 -3.35 46.90 14.82
CA GLY E 109 -2.80 46.40 16.06
C GLY E 109 -2.27 44.99 15.90
N THR E 110 -1.11 44.73 16.53
CA THR E 110 -0.45 43.44 16.38
C THR E 110 -1.06 42.37 17.27
N VAL E 111 -0.98 41.12 16.81
CA VAL E 111 -1.32 39.95 17.63
C VAL E 111 -0.01 39.34 18.12
N GLU E 112 -0.04 38.79 19.34
CA GLU E 112 1.20 38.31 19.93
C GLU E 112 1.46 36.84 19.63
N GLU E 113 0.44 36.11 19.19
CA GLU E 113 0.55 34.67 18.95
C GLU E 113 0.74 34.32 17.48
N MET E 114 0.26 35.12 16.55
CA MET E 114 0.25 34.76 15.14
C MET E 114 1.19 35.66 14.34
N LYS E 115 1.86 35.04 13.36
CA LYS E 115 2.71 35.74 12.41
C LYS E 115 2.03 35.71 11.05
N ASN E 116 2.22 36.77 10.26
CA ASN E 116 1.61 36.84 8.93
C ASN E 116 2.66 36.41 7.92
N CYS E 117 2.73 35.10 7.67
CA CYS E 117 3.78 34.53 6.86
C CYS E 117 3.36 34.46 5.40
N SER E 118 4.19 35.02 4.51
CA SER E 118 3.97 34.95 3.07
C SER E 118 5.02 34.04 2.45
N PHE E 119 4.62 33.29 1.44
CA PHE E 119 5.47 32.28 0.83
C PHE E 119 5.06 32.08 -0.62
N ASN E 120 6.01 31.63 -1.43
CA ASN E 120 5.78 31.38 -2.85
C ASN E 120 5.36 29.93 -3.05
N THR E 121 4.10 29.72 -3.39
CA THR E 121 3.57 28.40 -3.65
C THR E 121 3.75 28.04 -5.11
N THR E 122 4.20 26.82 -5.38
CA THR E 122 4.01 26.27 -6.70
C THR E 122 2.53 25.99 -6.91
N THR E 123 2.00 26.42 -8.06
CA THR E 123 0.59 26.17 -8.32
C THR E 123 0.44 24.79 -8.97
N GLU E 124 -0.74 24.54 -9.52
CA GLU E 124 -0.98 23.28 -10.21
C GLU E 124 -0.20 23.16 -11.51
N ILE E 125 0.27 24.28 -12.05
CA ILE E 125 1.15 24.32 -13.21
C ILE E 125 2.58 24.45 -12.68
N ARG E 126 3.36 23.38 -12.81
CA ARG E 126 4.54 23.23 -11.95
C ARG E 126 5.70 24.14 -12.36
N ASP E 127 5.63 24.77 -13.54
CA ASP E 127 6.66 25.74 -13.88
C ASP E 127 6.32 27.15 -13.39
N LYS E 128 5.10 27.36 -12.90
CA LYS E 128 4.62 28.67 -12.49
C LYS E 128 4.40 28.70 -10.98
N GLU E 129 4.63 29.86 -10.37
CA GLU E 129 4.47 30.04 -8.94
C GLU E 129 3.69 31.32 -8.65
N LYS E 130 2.98 31.32 -7.52
CA LYS E 130 2.23 32.48 -7.06
C LYS E 130 2.51 32.74 -5.60
N LYS E 131 2.47 34.00 -5.20
CA LYS E 131 2.68 34.37 -3.82
C LYS E 131 1.39 34.26 -3.02
N GLU E 132 1.46 33.59 -1.87
CA GLU E 132 0.32 33.44 -0.98
C GLU E 132 0.74 33.87 0.42
N TYR E 133 -0.26 34.01 1.30
CA TYR E 133 -0.02 34.39 2.68
C TYR E 133 -0.94 33.60 3.59
N ALA E 134 -0.54 33.47 4.84
CA ALA E 134 -1.35 32.78 5.84
C ALA E 134 -0.91 33.24 7.23
N LEU E 135 -1.82 33.13 8.19
CA LEU E 135 -1.51 33.47 9.57
C LEU E 135 -1.17 32.19 10.33
N PHE E 136 0.05 32.10 10.83
CA PHE E 136 0.54 30.91 11.51
C PHE E 136 0.74 31.18 12.99
N TYR E 137 0.39 30.20 13.82
CA TYR E 137 0.71 30.29 15.24
C TYR E 137 2.20 30.16 15.47
N LYS E 138 2.72 30.93 16.40
CA LYS E 138 4.15 30.95 16.74
C LYS E 138 4.75 29.64 17.28
N PRO E 139 4.01 28.73 17.94
CA PRO E 139 4.58 27.39 18.16
C PRO E 139 4.83 26.58 16.89
N ASP E 140 4.19 26.93 15.77
CA ASP E 140 4.41 26.22 14.52
C ASP E 140 5.57 26.78 13.71
N ILE E 141 6.18 27.88 14.16
CA ILE E 141 7.11 28.65 13.35
C ILE E 141 8.44 28.77 14.08
N VAL E 142 9.52 28.41 13.39
CA VAL E 142 10.88 28.47 13.92
C VAL E 142 11.69 29.36 12.99
N PRO E 143 12.55 30.25 13.51
CA PRO E 143 13.43 31.02 12.61
C PRO E 143 14.39 30.13 11.85
N LEU E 144 14.75 30.58 10.64
CA LEU E 144 15.31 29.68 9.64
C LEU E 144 16.75 29.29 9.98
N SER E 145 17.63 30.27 10.13
CA SER E 145 19.03 30.00 10.40
C SER E 145 19.65 31.20 11.11
N GLU E 146 20.97 31.18 11.22
CA GLU E 146 21.80 32.23 11.82
C GLU E 146 22.20 33.31 10.83
N THR E 147 21.61 33.31 9.63
CA THR E 147 21.96 34.29 8.61
C THR E 147 21.43 35.67 8.97
N ASN E 148 21.88 36.67 8.22
CA ASN E 148 21.58 38.06 8.52
C ASN E 148 20.21 38.48 7.98
N ASN E 149 19.15 37.82 8.46
CA ASN E 149 17.78 38.19 8.11
C ASN E 149 16.88 37.67 9.22
N THR E 150 16.29 38.58 9.99
CA THR E 150 15.40 38.19 11.09
C THR E 150 13.95 38.02 10.65
N SER E 151 13.63 38.31 9.38
CA SER E 151 12.28 38.24 8.89
C SER E 151 12.00 36.98 8.08
N GLU E 152 12.91 36.02 8.05
CA GLU E 152 12.74 34.79 7.29
C GLU E 152 12.63 33.62 8.24
N TYR E 153 11.55 32.85 8.12
CA TYR E 153 11.19 31.82 9.08
C TYR E 153 10.99 30.50 8.36
N ARG E 154 10.44 29.53 9.10
CA ARG E 154 10.33 28.15 8.65
C ARG E 154 9.26 27.46 9.48
N LEU E 155 8.67 26.40 8.92
CA LEU E 155 7.81 25.54 9.71
C LEU E 155 8.65 24.77 10.72
N ILE E 156 8.00 24.32 11.80
CA ILE E 156 8.72 23.58 12.84
C ILE E 156 9.09 22.18 12.34
N ASN E 157 8.41 21.70 11.30
CA ASN E 157 8.84 20.49 10.60
C ASN E 157 9.96 20.78 9.63
N CYS E 158 10.18 19.82 8.72
CA CYS E 158 11.14 19.74 7.62
C CYS E 158 12.54 19.48 8.16
N ASN E 159 12.72 19.56 9.48
CA ASN E 159 13.99 19.18 10.10
C ASN E 159 13.96 17.71 10.50
N THR E 160 12.77 17.17 10.78
CA THR E 160 12.63 15.78 11.19
C THR E 160 11.65 14.97 10.36
N SER E 161 10.55 15.54 9.87
CA SER E 161 9.54 14.78 9.14
C SER E 161 8.74 15.73 8.27
N ALA E 162 7.82 15.15 7.49
CA ALA E 162 6.90 15.91 6.66
C ALA E 162 5.48 15.59 7.11
N CYS E 163 4.72 16.62 7.46
CA CYS E 163 3.41 16.43 8.05
C CYS E 163 2.33 16.30 7.01
N THR E 164 1.41 15.37 7.25
CA THR E 164 0.20 15.23 6.46
C THR E 164 -0.91 16.06 7.11
N GLN E 165 -1.57 16.89 6.32
CA GLN E 165 -2.70 17.65 6.83
C GLN E 165 -3.86 16.71 7.11
N ALA E 166 -4.45 16.84 8.30
CA ALA E 166 -5.64 16.07 8.65
C ALA E 166 -6.80 16.49 7.75
N CYS E 167 -7.52 15.50 7.23
CA CYS E 167 -8.60 15.75 6.28
C CYS E 167 -9.75 16.47 6.97
N PRO E 168 -10.34 17.51 6.34
CA PRO E 168 -11.42 18.24 7.01
C PRO E 168 -12.73 17.49 7.07
N LYS E 169 -12.88 16.39 6.33
CA LYS E 169 -14.13 15.63 6.34
C LYS E 169 -14.15 14.52 7.38
N VAL E 170 -13.02 14.20 8.01
CA VAL E 170 -12.98 13.24 9.11
C VAL E 170 -13.02 14.03 10.41
N THR E 171 -13.53 13.40 11.47
CA THR E 171 -13.68 14.08 12.74
C THR E 171 -12.85 13.41 13.82
N PHE E 172 -12.45 14.19 14.81
CA PHE E 172 -11.76 13.68 15.99
C PHE E 172 -12.71 13.42 17.15
N GLU E 173 -13.99 13.21 16.87
CA GLU E 173 -14.96 12.99 17.94
C GLU E 173 -14.79 11.60 18.53
N PRO E 174 -14.66 11.47 19.85
CA PRO E 174 -14.49 10.15 20.49
C PRO E 174 -15.79 9.34 20.58
N ILE E 175 -16.11 8.65 19.49
CA ILE E 175 -17.22 7.68 19.50
C ILE E 175 -16.82 6.49 20.38
N PRO E 176 -17.68 6.04 21.30
CA PRO E 176 -17.29 4.96 22.21
C PRO E 176 -17.07 3.62 21.52
N ILE E 177 -16.12 2.85 22.04
CA ILE E 177 -15.68 1.59 21.45
C ILE E 177 -15.93 0.47 22.46
N HIS E 178 -16.60 -0.58 22.01
CA HIS E 178 -16.83 -1.78 22.83
C HIS E 178 -15.83 -2.84 22.39
N TYR E 179 -15.03 -3.33 23.33
CA TYR E 179 -14.06 -4.38 23.02
C TYR E 179 -14.67 -5.74 23.37
N CYS E 180 -14.73 -6.63 22.38
CA CYS E 180 -15.37 -7.93 22.52
C CYS E 180 -14.36 -9.05 22.30
N ALA E 181 -14.48 -10.10 23.10
CA ALA E 181 -13.66 -11.30 22.98
C ALA E 181 -14.23 -12.21 21.90
N PRO E 182 -13.39 -12.99 21.20
CA PRO E 182 -13.91 -13.93 20.21
C PRO E 182 -14.60 -15.12 20.85
N ALA E 183 -15.18 -15.96 20.00
CA ALA E 183 -15.88 -17.14 20.48
C ALA E 183 -14.90 -18.15 21.08
N GLY E 184 -15.27 -18.69 22.23
CA GLY E 184 -14.36 -19.48 23.04
C GLY E 184 -13.68 -18.71 24.15
N TYR E 185 -13.89 -17.39 24.22
CA TYR E 185 -13.36 -16.54 25.26
C TYR E 185 -14.50 -15.76 25.91
N ALA E 186 -14.24 -15.23 27.10
CA ALA E 186 -15.23 -14.45 27.82
C ALA E 186 -14.54 -13.28 28.50
N ILE E 187 -15.32 -12.24 28.85
CA ILE E 187 -14.77 -11.07 29.51
C ILE E 187 -15.33 -11.01 30.93
N LEU E 188 -14.45 -11.07 31.92
CA LEU E 188 -14.85 -11.00 33.31
C LEU E 188 -14.79 -9.56 33.78
N LYS E 189 -15.88 -9.09 34.38
CA LYS E 189 -16.03 -7.73 34.87
C LYS E 189 -16.13 -7.76 36.38
N CYS E 190 -15.25 -7.04 37.06
CA CYS E 190 -15.26 -6.97 38.52
C CYS E 190 -16.24 -5.88 38.96
N ASN E 191 -17.25 -6.26 39.73
CA ASN E 191 -18.32 -5.35 40.10
C ASN E 191 -18.16 -4.77 41.50
N ASP E 192 -16.99 -4.93 42.12
CA ASP E 192 -16.77 -4.34 43.44
C ASP E 192 -16.62 -2.84 43.33
N GLU E 193 -17.38 -2.10 44.15
CA GLU E 193 -17.32 -0.65 44.12
C GLU E 193 -16.09 -0.10 44.83
N THR E 194 -15.56 -0.82 45.81
CA THR E 194 -14.35 -0.42 46.52
C THR E 194 -13.09 -1.00 45.90
N PHE E 195 -13.12 -1.34 44.61
CA PHE E 195 -12.03 -2.08 44.00
C PHE E 195 -10.86 -1.16 43.70
N ASN E 196 -9.68 -1.51 44.23
CA ASN E 196 -8.49 -0.70 44.00
C ASN E 196 -7.96 -0.88 42.58
N GLY E 197 -8.12 -2.07 42.00
CA GLY E 197 -7.59 -2.39 40.69
C GLY E 197 -6.61 -3.54 40.68
N THR E 198 -6.13 -3.97 41.84
CA THR E 198 -5.20 -5.08 41.94
C THR E 198 -5.63 -5.99 43.09
N GLY E 199 -5.79 -7.27 42.80
CA GLY E 199 -6.12 -8.23 43.83
C GLY E 199 -7.38 -9.01 43.56
N PRO E 200 -7.92 -9.66 44.58
CA PRO E 200 -9.13 -10.47 44.37
C PRO E 200 -10.40 -9.63 44.30
N CYS E 201 -11.31 -10.05 43.45
CA CYS E 201 -12.65 -9.48 43.35
C CYS E 201 -13.66 -10.58 43.66
N SER E 202 -14.58 -10.28 44.58
CA SER E 202 -15.54 -11.27 45.06
C SER E 202 -16.92 -11.11 44.42
N ASN E 203 -17.06 -10.23 43.44
CA ASN E 203 -18.33 -10.06 42.73
C ASN E 203 -17.99 -9.89 41.25
N VAL E 204 -17.92 -11.02 40.53
CA VAL E 204 -17.44 -11.06 39.16
C VAL E 204 -18.58 -11.48 38.25
N SER E 205 -18.68 -10.83 37.09
CA SER E 205 -19.70 -11.15 36.10
C SER E 205 -19.02 -11.49 34.77
N THR E 206 -19.77 -12.10 33.86
CA THR E 206 -19.27 -12.41 32.53
C THR E 206 -20.05 -11.63 31.48
N VAL E 207 -19.31 -11.01 30.56
CA VAL E 207 -19.85 -10.17 29.50
C VAL E 207 -19.16 -10.59 28.21
N GLN E 208 -19.82 -10.34 27.07
CA GLN E 208 -19.20 -10.51 25.77
C GLN E 208 -18.50 -9.24 25.29
N CYS E 209 -19.16 -8.09 25.38
CA CYS E 209 -18.61 -6.82 24.88
C CYS E 209 -18.57 -5.79 26.00
N THR E 210 -17.41 -5.14 26.15
CA THR E 210 -17.19 -4.19 27.23
C THR E 210 -18.04 -2.93 27.04
N HIS E 211 -18.12 -2.13 28.10
CA HIS E 211 -18.85 -0.87 28.05
C HIS E 211 -18.10 0.11 27.16
N GLY E 212 -18.83 1.10 26.64
CA GLY E 212 -18.29 2.04 25.67
C GLY E 212 -17.17 2.91 26.19
N ILE E 213 -15.95 2.63 25.75
CA ILE E 213 -14.78 3.38 26.18
C ILE E 213 -14.60 4.58 25.26
N ARG E 214 -14.56 5.77 25.84
CA ARG E 214 -14.27 6.97 25.07
C ARG E 214 -12.77 7.05 24.82
N PRO E 215 -12.30 7.07 23.56
CA PRO E 215 -10.87 7.23 23.28
C PRO E 215 -10.39 8.67 23.40
N VAL E 216 -10.49 9.23 24.62
CA VAL E 216 -10.16 10.63 24.84
C VAL E 216 -8.65 10.76 25.04
N VAL E 217 -8.03 11.64 24.25
CA VAL E 217 -6.60 11.90 24.30
C VAL E 217 -6.40 13.18 25.11
N SER E 218 -5.80 13.05 26.28
CA SER E 218 -5.64 14.18 27.20
C SER E 218 -4.54 13.92 28.22
N THR E 219 -3.78 14.95 28.57
CA THR E 219 -2.76 14.83 29.60
C THR E 219 -3.14 15.66 30.82
N GLN E 220 -2.67 15.20 31.99
CA GLN E 220 -2.76 15.84 33.31
C GLN E 220 -4.16 15.88 33.91
N LEU E 221 -5.17 15.49 33.13
CA LEU E 221 -6.55 15.36 33.57
C LEU E 221 -7.22 14.31 32.69
N LEU E 222 -8.31 13.74 33.19
CA LEU E 222 -9.07 12.75 32.44
C LEU E 222 -10.47 13.31 32.18
N LEU E 223 -10.86 13.34 30.90
CA LEU E 223 -12.05 14.03 30.45
C LEU E 223 -13.08 13.03 29.95
N ASN E 224 -14.34 13.24 30.35
CA ASN E 224 -15.52 12.49 29.89
C ASN E 224 -15.41 11.00 30.17
N GLY E 225 -14.74 10.60 31.26
CA GLY E 225 -14.60 9.21 31.61
C GLY E 225 -15.73 8.72 32.48
N SER E 226 -15.62 7.45 32.87
CA SER E 226 -16.59 6.86 33.78
C SER E 226 -16.32 7.31 35.22
N LEU E 227 -17.35 7.24 36.04
CA LEU E 227 -17.30 7.73 37.41
C LEU E 227 -17.38 6.56 38.39
N ALA E 228 -16.64 6.66 39.48
CA ALA E 228 -16.69 5.64 40.52
C ALA E 228 -18.04 5.69 41.24
N GLU E 229 -18.45 4.53 41.77
CA GLU E 229 -19.82 4.38 42.24
C GLU E 229 -20.08 5.07 43.57
N LYS E 230 -19.17 4.98 44.53
CA LYS E 230 -19.46 5.52 45.86
C LYS E 230 -18.35 6.37 46.47
N GLU E 231 -17.10 6.24 46.06
CA GLU E 231 -16.04 7.04 46.67
C GLU E 231 -14.91 7.25 45.66
N ILE E 232 -14.07 8.24 45.96
CA ILE E 232 -12.92 8.51 45.11
C ILE E 232 -11.87 7.43 45.29
N VAL E 233 -11.47 6.79 44.20
CA VAL E 233 -10.59 5.63 44.25
C VAL E 233 -9.21 6.03 43.73
N ILE E 234 -8.18 5.75 44.51
CA ILE E 234 -6.82 6.13 44.17
C ILE E 234 -6.05 4.88 43.82
N ARG E 235 -5.53 4.83 42.58
CA ARG E 235 -4.90 3.65 42.04
C ARG E 235 -3.44 3.93 41.72
N SER E 236 -2.57 3.02 42.14
CA SER E 236 -1.18 3.04 41.75
C SER E 236 -0.67 1.61 41.75
N GLU E 237 0.40 1.37 40.99
CA GLU E 237 1.04 0.06 41.01
C GLU E 237 1.68 -0.21 42.36
N ASN E 238 2.41 0.77 42.88
CA ASN E 238 2.89 0.76 44.26
C ASN E 238 3.10 2.21 44.66
N LEU E 239 2.44 2.64 45.75
CA LEU E 239 2.51 4.04 46.13
C LEU E 239 3.85 4.43 46.73
N THR E 240 4.67 3.46 47.12
CA THR E 240 6.00 3.75 47.65
C THR E 240 6.92 4.32 46.58
N ASN E 241 6.86 3.82 45.36
CA ASN E 241 7.72 4.29 44.27
C ASN E 241 7.23 5.64 43.77
N ASN E 242 8.16 6.57 43.58
CA ASN E 242 7.80 7.91 43.13
C ASN E 242 7.48 7.96 41.64
N ALA E 243 8.05 7.05 40.86
CA ALA E 243 7.97 7.10 39.40
C ALA E 243 6.71 6.46 38.84
N LYS E 244 5.71 6.17 39.66
CA LYS E 244 4.44 5.60 39.21
C LYS E 244 3.38 6.70 39.16
N ILE E 245 2.65 6.76 38.06
CA ILE E 245 1.62 7.79 37.89
C ILE E 245 0.41 7.39 38.73
N ILE E 246 0.05 8.23 39.69
CA ILE E 246 -1.05 7.97 40.60
C ILE E 246 -2.36 8.39 39.93
N ILE E 247 -3.21 7.42 39.59
CA ILE E 247 -4.46 7.72 38.91
C ILE E 247 -5.56 7.91 39.94
N VAL E 248 -6.07 9.12 40.04
CA VAL E 248 -7.17 9.43 40.95
C VAL E 248 -8.47 9.37 40.16
N HIS E 249 -9.44 8.61 40.64
CA HIS E 249 -10.71 8.41 39.97
C HIS E 249 -11.80 9.06 40.83
N LEU E 250 -12.43 10.09 40.28
CA LEU E 250 -13.37 10.93 41.02
C LEU E 250 -14.77 10.34 41.01
N HIS E 251 -15.45 10.44 42.16
CA HIS E 251 -16.84 10.01 42.25
C HIS E 251 -17.77 11.01 41.55
N THR E 252 -17.49 12.30 41.67
CA THR E 252 -18.27 13.34 41.03
C THR E 252 -17.41 14.16 40.09
N PRO E 253 -17.88 14.44 38.88
CA PRO E 253 -17.06 15.18 37.92
C PRO E 253 -17.05 16.67 38.21
N VAL E 254 -16.07 17.36 37.63
CA VAL E 254 -15.97 18.80 37.71
C VAL E 254 -16.07 19.36 36.30
N GLU E 255 -17.06 20.22 36.05
CA GLU E 255 -17.31 20.68 34.69
C GLU E 255 -16.32 21.78 34.31
N ILE E 256 -15.62 21.57 33.20
CA ILE E 256 -14.67 22.53 32.65
C ILE E 256 -15.18 22.99 31.29
N VAL E 257 -15.17 24.31 31.07
CA VAL E 257 -15.64 24.88 29.81
C VAL E 257 -14.50 25.66 29.14
N CYS E 258 -14.21 25.33 27.89
CA CYS E 258 -13.07 25.89 27.19
C CYS E 258 -13.51 26.55 25.90
N THR E 259 -12.78 27.60 25.51
CA THR E 259 -13.23 28.41 24.40
C THR E 259 -12.06 29.11 23.72
N ARG E 260 -12.22 29.32 22.42
CA ARG E 260 -11.40 30.23 21.62
C ARG E 260 -12.32 31.33 21.10
N PRO E 261 -12.15 32.58 21.56
CA PRO E 261 -13.13 33.62 21.25
C PRO E 261 -12.91 34.35 19.94
N ASN E 262 -11.67 34.46 19.46
CA ASN E 262 -11.40 35.28 18.29
C ASN E 262 -11.90 34.60 17.03
N ASN E 263 -12.51 35.39 16.15
CA ASN E 263 -13.32 34.88 15.04
C ASN E 263 -12.43 34.65 13.82
N ASN E 264 -11.79 33.48 13.80
CA ASN E 264 -10.93 33.11 12.69
C ASN E 264 -11.74 32.78 11.45
N THR E 265 -11.05 32.68 10.32
CA THR E 265 -11.64 32.23 9.07
C THR E 265 -10.72 31.22 8.41
N ARG E 266 -11.24 30.51 7.42
CA ARG E 266 -10.51 29.47 6.73
C ARG E 266 -10.24 29.89 5.29
N LYS E 267 -9.00 29.77 4.86
CA LYS E 267 -8.57 30.17 3.53
C LYS E 267 -7.89 28.99 2.85
N SER E 268 -8.29 28.70 1.62
CA SER E 268 -7.80 27.54 0.89
C SER E 268 -6.74 27.98 -0.11
N VAL E 269 -5.60 27.29 -0.10
CA VAL E 269 -4.51 27.53 -1.03
C VAL E 269 -4.32 26.25 -1.85
N ARG E 270 -4.47 26.36 -3.17
CA ARG E 270 -4.35 25.17 -4.01
C ARG E 270 -2.88 24.86 -4.25
N ILE E 271 -2.40 23.78 -3.64
CA ILE E 271 -1.03 23.33 -3.77
C ILE E 271 -1.03 22.11 -4.67
N GLY E 272 -0.44 22.24 -5.85
CA GLY E 272 -0.35 21.12 -6.77
C GLY E 272 -1.68 20.77 -7.40
N PRO E 273 -1.75 19.61 -8.06
CA PRO E 273 -2.95 19.24 -8.83
C PRO E 273 -4.07 18.71 -7.94
N GLY E 274 -5.09 19.53 -7.75
CA GLY E 274 -6.34 19.06 -7.19
C GLY E 274 -6.37 18.79 -5.70
N GLN E 275 -5.38 19.28 -4.95
CA GLN E 275 -5.38 19.14 -3.51
C GLN E 275 -5.07 20.49 -2.88
N THR E 276 -5.68 20.76 -1.72
CA THR E 276 -5.68 22.08 -1.13
C THR E 276 -5.06 22.04 0.27
N PHE E 277 -4.60 23.21 0.71
CA PHE E 277 -4.04 23.42 2.03
C PHE E 277 -4.86 24.50 2.71
N TYR E 278 -5.46 24.17 3.85
CA TYR E 278 -6.37 25.07 4.55
C TYR E 278 -5.61 25.77 5.66
N ALA E 279 -5.66 27.10 5.67
CA ALA E 279 -4.90 27.88 6.64
C ALA E 279 -5.79 28.99 7.19
N THR E 280 -5.25 29.74 8.15
CA THR E 280 -5.99 30.82 8.76
C THR E 280 -5.83 32.09 7.93
N GLY E 281 -6.94 32.74 7.63
CA GLY E 281 -6.93 34.04 6.99
C GLY E 281 -6.96 35.16 8.01
N ASP E 282 -7.84 36.12 7.78
CA ASP E 282 -8.00 37.24 8.71
C ASP E 282 -8.68 36.78 9.99
N ILE E 283 -8.54 37.58 11.04
CA ILE E 283 -9.32 37.41 12.26
C ILE E 283 -10.39 38.49 12.25
N ILE E 284 -11.64 38.07 12.04
CA ILE E 284 -12.72 39.01 11.77
C ILE E 284 -13.35 39.49 13.07
N GLY E 285 -12.77 40.52 13.68
CA GLY E 285 -13.28 41.03 14.93
C GLY E 285 -12.21 41.67 15.80
N ASP E 286 -12.10 41.21 17.05
CA ASP E 286 -11.12 41.71 17.99
C ASP E 286 -10.40 40.53 18.60
N ILE E 287 -9.24 40.80 19.19
CA ILE E 287 -8.34 39.74 19.64
C ILE E 287 -8.59 39.48 21.11
N LYS E 288 -8.90 38.23 21.44
CA LYS E 288 -9.22 37.87 22.82
C LYS E 288 -8.46 36.59 23.18
N GLN E 289 -8.51 36.24 24.46
CA GLN E 289 -7.69 35.15 24.99
C GLN E 289 -8.47 33.84 25.00
N ALA E 290 -7.86 32.80 24.42
CA ALA E 290 -8.43 31.46 24.51
C ALA E 290 -8.20 30.90 25.91
N HIS E 291 -9.24 30.33 26.51
CA HIS E 291 -9.14 30.02 27.94
C HIS E 291 -10.09 28.90 28.32
N CYS E 292 -9.81 28.32 29.48
CA CYS E 292 -10.68 27.33 30.12
C CYS E 292 -11.11 27.84 31.48
N ASN E 293 -12.28 27.41 31.91
CA ASN E 293 -12.88 27.83 33.16
C ASN E 293 -13.31 26.61 33.96
N ILE E 294 -12.90 26.59 35.24
CA ILE E 294 -13.28 25.58 36.20
C ILE E 294 -13.89 26.31 37.39
N SER E 295 -14.95 25.76 37.98
CA SER E 295 -15.52 26.37 39.18
C SER E 295 -14.55 26.22 40.35
N GLU E 296 -14.35 27.31 41.08
CA GLU E 296 -13.32 27.33 42.13
C GLU E 296 -13.74 26.56 43.37
N GLU E 297 -14.99 26.70 43.80
CA GLU E 297 -15.45 26.04 45.02
C GLU E 297 -15.47 24.52 44.86
N LYS E 298 -15.96 24.04 43.71
CA LYS E 298 -16.01 22.61 43.45
C LYS E 298 -14.62 22.02 43.26
N TRP E 299 -13.70 22.78 42.66
CA TRP E 299 -12.33 22.29 42.51
C TRP E 299 -11.61 22.25 43.85
N ASN E 300 -11.85 23.23 44.72
CA ASN E 300 -11.26 23.22 46.05
C ASN E 300 -11.80 22.06 46.88
N ASP E 301 -13.12 21.80 46.77
CA ASP E 301 -13.74 20.66 47.45
C ASP E 301 -13.18 19.34 46.93
N THR E 302 -12.99 19.24 45.61
CA THR E 302 -12.43 18.03 45.01
C THR E 302 -10.99 17.81 45.45
N LEU E 303 -10.20 18.89 45.54
CA LEU E 303 -8.84 18.74 46.03
C LEU E 303 -8.76 18.39 47.52
N GLN E 304 -9.72 18.87 48.33
CA GLN E 304 -9.75 18.45 49.74
C GLN E 304 -10.14 16.98 49.86
N LYS E 305 -11.05 16.50 49.01
CA LYS E 305 -11.43 15.09 49.04
C LYS E 305 -10.30 14.19 48.55
N VAL E 306 -9.59 14.62 47.50
CA VAL E 306 -8.39 13.90 47.08
C VAL E 306 -7.33 13.94 48.17
N GLY E 307 -7.32 15.02 48.96
CA GLY E 307 -6.50 15.06 50.16
C GLY E 307 -6.85 13.99 51.19
N ILE E 308 -8.14 13.77 51.45
CA ILE E 308 -8.46 12.81 52.52
C ILE E 308 -8.24 11.36 52.07
N GLU E 309 -8.59 11.01 50.82
CA GLU E 309 -8.21 9.65 50.40
C GLU E 309 -6.75 9.54 49.94
N LEU E 310 -5.99 10.64 49.92
CA LEU E 310 -4.54 10.48 49.91
C LEU E 310 -4.00 10.31 51.33
N GLN E 311 -4.69 10.89 52.30
CA GLN E 311 -4.26 10.79 53.69
C GLN E 311 -4.59 9.43 54.28
N LYS E 312 -5.47 8.67 53.62
CA LYS E 312 -5.67 7.27 53.98
C LYS E 312 -4.38 6.46 53.85
N HIS E 313 -3.56 6.74 52.84
CA HIS E 313 -2.29 6.06 52.66
C HIS E 313 -1.11 6.77 53.30
N PHE E 314 -1.23 8.06 53.61
CA PHE E 314 -0.22 8.81 54.35
C PHE E 314 -0.88 9.39 55.58
N PRO E 315 -0.82 8.67 56.71
CA PRO E 315 -1.74 8.98 57.82
C PRO E 315 -1.36 10.22 58.63
N ASN E 316 -0.07 10.49 58.83
CA ASN E 316 0.33 11.59 59.69
C ASN E 316 0.65 12.86 58.92
N LYS E 317 0.75 12.79 57.60
CA LYS E 317 1.25 13.89 56.80
C LYS E 317 0.12 14.71 56.19
N THR E 318 0.41 15.98 55.94
CA THR E 318 -0.46 16.83 55.14
C THR E 318 -0.27 16.50 53.65
N ILE E 319 -1.04 17.18 52.81
CA ILE E 319 -1.04 16.92 51.37
C ILE E 319 -0.86 18.24 50.64
N LYS E 320 0.20 18.35 49.85
CA LYS E 320 0.50 19.56 49.09
C LYS E 320 0.36 19.27 47.60
N TYR E 321 -0.19 20.23 46.86
CA TYR E 321 -0.18 20.17 45.41
C TYR E 321 0.72 21.28 44.87
N ASN E 322 1.61 20.91 43.95
CA ASN E 322 2.50 21.87 43.33
C ASN E 322 2.25 21.87 41.82
N GLN E 323 2.80 22.87 41.15
CA GLN E 323 2.67 22.95 39.70
C GLN E 323 3.54 21.91 39.02
N SER E 324 3.37 21.78 37.71
CA SER E 324 4.05 20.75 36.93
C SER E 324 5.55 21.00 36.83
N ALA E 325 6.30 19.97 36.45
CA ALA E 325 7.77 20.01 36.52
C ALA E 325 8.40 20.92 35.49
N GLY E 326 7.68 21.29 34.44
CA GLY E 326 8.23 22.15 33.41
C GLY E 326 8.92 21.37 32.30
N GLY E 327 9.24 22.09 31.24
CA GLY E 327 9.86 21.51 30.06
C GLY E 327 9.21 22.05 28.82
N ASP E 328 9.05 21.18 27.82
CA ASP E 328 8.34 21.55 26.61
C ASP E 328 6.85 21.73 26.91
N MET E 329 6.19 22.55 26.09
CA MET E 329 4.79 22.91 26.34
C MET E 329 3.86 21.71 26.11
N GLU E 330 4.26 20.77 25.26
CA GLU E 330 3.47 19.55 25.07
C GLU E 330 3.51 18.61 26.27
N ILE E 331 4.41 18.84 27.22
CA ILE E 331 4.55 17.96 28.39
C ILE E 331 3.95 18.59 29.63
N THR E 332 4.21 19.88 29.87
CA THR E 332 3.87 20.53 31.12
C THR E 332 2.50 21.22 31.08
N THR E 333 1.72 21.02 30.03
CA THR E 333 0.42 21.68 29.90
C THR E 333 -0.67 20.64 29.66
N HIS E 334 -1.87 20.97 30.11
CA HIS E 334 -3.07 20.16 29.86
C HIS E 334 -3.38 20.23 28.37
N SER E 335 -3.05 19.17 27.64
CA SER E 335 -3.19 19.14 26.19
C SER E 335 -4.42 18.33 25.82
N PHE E 336 -5.31 18.92 25.04
CA PHE E 336 -6.52 18.23 24.62
C PHE E 336 -7.03 18.82 23.31
N ASN E 337 -8.19 18.33 22.88
CA ASN E 337 -8.78 18.67 21.60
C ASN E 337 -10.18 19.22 21.83
N CYS E 338 -10.33 20.54 21.68
CA CYS E 338 -11.62 21.20 21.91
C CYS E 338 -12.38 21.33 20.60
N GLY E 339 -12.85 20.17 20.10
CA GLY E 339 -13.65 20.13 18.90
C GLY E 339 -12.94 20.50 17.62
N GLY E 340 -11.67 20.11 17.48
CA GLY E 340 -10.94 20.37 16.26
C GLY E 340 -9.62 21.07 16.45
N GLU E 341 -9.54 21.94 17.45
CA GLU E 341 -8.34 22.74 17.71
C GLU E 341 -7.65 22.23 18.97
N PHE E 342 -6.32 22.11 18.90
CA PHE E 342 -5.54 21.47 19.96
C PHE E 342 -5.09 22.51 20.97
N PHE E 343 -5.68 22.44 22.16
CA PHE E 343 -5.42 23.37 23.26
C PHE E 343 -4.35 22.81 24.18
N TYR E 344 -3.52 23.71 24.72
CA TYR E 344 -2.41 23.38 25.62
C TYR E 344 -2.47 24.37 26.78
N CYS E 345 -3.23 24.02 27.81
CA CYS E 345 -3.58 24.98 28.86
C CYS E 345 -2.64 24.91 30.06
N ASN E 346 -2.40 26.07 30.66
CA ASN E 346 -1.49 26.21 31.80
C ASN E 346 -2.23 25.89 33.09
N THR E 347 -1.71 24.93 33.86
CA THR E 347 -2.40 24.38 35.02
C THR E 347 -1.84 24.85 36.36
N SER E 348 -1.01 25.91 36.39
CA SER E 348 -0.42 26.34 37.64
C SER E 348 -1.43 27.02 38.57
N ASN E 349 -2.60 27.41 38.08
CA ASN E 349 -3.64 27.95 38.93
C ASN E 349 -4.44 26.87 39.64
N LEU E 350 -4.56 25.68 39.04
CA LEU E 350 -5.34 24.60 39.65
C LEU E 350 -4.58 23.96 40.80
N PHE E 351 -3.36 23.51 40.55
CA PHE E 351 -2.59 22.73 41.51
C PHE E 351 -1.67 23.66 42.30
N ASN E 352 -2.31 24.42 43.18
CA ASN E 352 -1.63 25.34 44.08
C ASN E 352 -2.45 25.40 45.36
N GLY E 353 -2.07 24.58 46.33
CA GLY E 353 -2.79 24.52 47.58
C GLY E 353 -2.30 23.38 48.44
N THR E 354 -2.89 23.29 49.63
CA THR E 354 -2.53 22.24 50.57
C THR E 354 -3.72 21.92 51.46
N TYR E 355 -3.69 20.72 52.02
CA TYR E 355 -4.72 20.21 52.92
C TYR E 355 -4.03 19.65 54.16
N ASN E 356 -4.45 20.13 55.34
CA ASN E 356 -3.76 19.83 56.59
C ASN E 356 -4.40 18.66 57.33
N GLY E 357 -5.68 18.40 57.11
CA GLY E 357 -6.36 17.35 57.83
C GLY E 357 -7.79 17.68 58.20
N THR E 358 -8.13 18.96 58.24
CA THR E 358 -9.48 19.38 58.58
C THR E 358 -10.23 19.82 57.33
N TYR E 359 -11.42 19.27 57.15
CA TYR E 359 -12.24 19.59 55.98
C TYR E 359 -12.92 20.94 56.17
N ILE E 360 -12.89 21.73 55.11
CA ILE E 360 -13.53 23.04 55.08
C ILE E 360 -14.69 22.97 54.11
N SER E 361 -15.90 23.29 54.59
CA SER E 361 -17.08 23.25 53.75
C SER E 361 -17.09 24.40 52.76
N THR E 362 -17.80 24.21 51.65
CA THR E 362 -17.87 25.23 50.60
C THR E 362 -18.83 26.37 50.95
N ASN E 363 -19.57 26.26 52.04
CA ASN E 363 -20.47 27.33 52.45
C ASN E 363 -19.68 28.53 52.99
N SER E 364 -20.40 29.65 53.14
CA SER E 364 -19.83 30.96 53.48
C SER E 364 -18.72 31.38 52.51
N SER E 365 -18.96 31.13 51.22
CA SER E 365 -18.00 31.51 50.20
C SER E 365 -18.03 33.01 49.95
N ALA E 366 -16.93 33.52 49.39
CA ALA E 366 -16.90 34.92 48.96
C ALA E 366 -17.87 35.17 47.81
N ASN E 367 -17.92 34.25 46.85
CA ASN E 367 -18.90 34.29 45.77
C ASN E 367 -19.10 32.89 45.26
N SER E 368 -20.36 32.51 45.02
CA SER E 368 -20.64 31.15 44.56
C SER E 368 -20.33 30.97 43.08
N THR E 369 -20.09 32.06 42.35
CA THR E 369 -19.78 31.99 40.92
C THR E 369 -18.32 32.29 40.62
N SER E 370 -17.42 32.15 41.60
CA SER E 370 -16.00 32.36 41.36
C SER E 370 -15.43 31.22 40.52
N THR E 371 -14.58 31.59 39.55
CA THR E 371 -14.05 30.62 38.59
C THR E 371 -12.54 30.79 38.47
N ILE E 372 -11.85 29.66 38.39
CA ILE E 372 -10.43 29.62 38.04
C ILE E 372 -10.32 29.56 36.52
N THR E 373 -9.55 30.49 35.96
CA THR E 373 -9.38 30.61 34.52
C THR E 373 -7.96 30.25 34.12
N LEU E 374 -7.83 29.26 33.24
CA LEU E 374 -6.55 28.84 32.69
C LEU E 374 -6.39 29.42 31.29
N GLN E 375 -5.18 29.90 31.00
CA GLN E 375 -4.89 30.51 29.71
C GLN E 375 -4.17 29.50 28.82
N CYS E 376 -4.72 29.27 27.63
CA CYS E 376 -4.30 28.17 26.78
C CYS E 376 -3.66 28.68 25.49
N ARG E 377 -2.64 27.97 25.02
CA ARG E 377 -2.12 28.16 23.68
C ARG E 377 -2.75 27.13 22.74
N ILE E 378 -2.72 27.41 21.45
CA ILE E 378 -3.33 26.54 20.45
C ILE E 378 -2.27 26.17 19.42
N LYS E 379 -2.21 24.90 19.06
CA LYS E 379 -1.26 24.44 18.06
C LYS E 379 -1.99 23.94 16.81
N GLN E 380 -1.21 23.76 15.75
CA GLN E 380 -1.67 23.09 14.54
C GLN E 380 -0.77 21.95 14.08
N ILE E 381 0.54 22.09 14.22
CA ILE E 381 1.48 21.02 13.85
C ILE E 381 1.61 20.11 15.08
N ILE E 382 0.96 18.95 15.03
CA ILE E 382 0.83 18.09 16.20
C ILE E 382 1.80 16.94 16.08
N ASN E 383 2.90 17.00 16.84
CA ASN E 383 3.78 15.85 17.01
C ASN E 383 3.14 14.87 18.00
N MET E 384 2.30 14.02 17.43
CA MET E 384 1.24 13.36 18.20
C MET E 384 1.73 12.07 18.89
N TRP E 385 2.53 11.27 18.21
CA TRP E 385 2.93 9.95 18.74
C TRP E 385 4.18 9.52 18.01
N GLN E 386 4.50 8.23 18.13
CA GLN E 386 5.65 7.63 17.48
C GLN E 386 5.25 6.33 16.77
N GLY E 387 5.89 6.09 15.64
CA GLY E 387 5.58 4.93 14.79
C GLY E 387 4.20 4.99 14.18
N VAL E 388 3.72 6.19 13.87
CA VAL E 388 2.31 6.39 13.53
C VAL E 388 2.25 7.27 12.27
N GLY E 389 3.42 7.63 11.73
CA GLY E 389 3.42 8.78 10.85
C GLY E 389 3.36 10.01 11.73
N ARG E 390 4.49 10.28 12.39
CA ARG E 390 4.57 10.92 13.69
C ARG E 390 4.09 12.37 13.76
N CYS E 391 3.60 12.98 12.67
CA CYS E 391 3.04 14.31 12.85
C CYS E 391 1.83 14.49 11.95
N MET E 392 1.10 15.58 12.20
CA MET E 392 -0.14 15.89 11.51
C MET E 392 -0.43 17.37 11.65
N TYR E 393 -0.80 18.01 10.55
CA TYR E 393 -1.24 19.41 10.55
C TYR E 393 -2.75 19.42 10.71
N ALA E 394 -3.23 20.03 11.80
CA ALA E 394 -4.66 20.13 12.04
C ALA E 394 -5.18 21.39 11.37
N PRO E 395 -6.09 21.28 10.39
CA PRO E 395 -6.54 22.48 9.68
C PRO E 395 -7.41 23.34 10.57
N PRO E 396 -7.42 24.65 10.36
CA PRO E 396 -8.22 25.53 11.21
C PRO E 396 -9.70 25.40 10.92
N ILE E 397 -10.50 25.76 11.92
CA ILE E 397 -11.95 25.74 11.81
C ILE E 397 -12.47 27.16 12.01
N ALA E 398 -13.46 27.56 11.22
CA ALA E 398 -13.93 28.93 11.20
C ALA E 398 -14.81 29.21 12.41
N GLY E 399 -14.88 30.49 12.77
CA GLY E 399 -15.72 30.92 13.87
C GLY E 399 -15.06 30.75 15.22
N ASN E 400 -15.67 31.33 16.26
CA ASN E 400 -15.29 30.98 17.63
C ASN E 400 -15.61 29.50 17.93
N ILE E 401 -14.94 28.94 18.93
CA ILE E 401 -15.30 27.58 19.34
C ILE E 401 -15.44 27.51 20.85
N THR E 402 -16.33 26.62 21.29
CA THR E 402 -16.50 26.26 22.69
C THR E 402 -16.64 24.75 22.80
N CYS E 403 -16.19 24.22 23.94
CA CYS E 403 -16.46 22.85 24.32
C CYS E 403 -16.67 22.81 25.83
N ARG E 404 -17.44 21.84 26.28
CA ARG E 404 -17.84 21.79 27.69
C ARG E 404 -17.85 20.34 28.12
N SER E 405 -16.97 19.99 29.05
CA SER E 405 -16.72 18.59 29.36
C SER E 405 -16.62 18.40 30.86
N ASN E 406 -16.49 17.14 31.26
CA ASN E 406 -16.43 16.76 32.67
C ASN E 406 -15.06 16.18 32.99
N ILE E 407 -14.45 16.67 34.06
CA ILE E 407 -13.25 16.05 34.60
C ILE E 407 -13.67 14.92 35.54
N THR E 408 -13.24 13.70 35.22
CA THR E 408 -13.55 12.54 36.04
C THR E 408 -12.33 11.88 36.64
N GLY E 409 -11.12 12.34 36.32
CA GLY E 409 -9.93 11.72 36.84
C GLY E 409 -8.77 12.70 36.85
N LEU E 410 -7.71 12.29 37.54
CA LEU E 410 -6.48 13.06 37.64
C LEU E 410 -5.30 12.12 37.52
N LEU E 411 -4.17 12.63 37.00
CA LEU E 411 -2.95 11.85 36.87
C LEU E 411 -1.85 12.55 37.64
N LEU E 412 -1.75 12.25 38.93
CA LEU E 412 -0.78 12.89 39.79
C LEU E 412 0.53 12.12 39.81
N THR E 413 1.54 12.72 40.45
CA THR E 413 2.86 12.13 40.61
C THR E 413 3.54 12.79 41.80
N ARG E 414 3.96 11.97 42.75
CA ARG E 414 4.59 12.45 43.98
C ARG E 414 6.03 12.85 43.67
N ASP E 415 6.49 13.91 44.33
CA ASP E 415 7.87 14.37 44.18
C ASP E 415 8.83 13.42 44.89
N GLY E 416 10.12 13.67 44.71
CA GLY E 416 11.13 12.83 45.32
C GLY E 416 11.19 13.03 46.83
N GLY E 417 11.52 11.94 47.52
CA GLY E 417 11.55 11.95 48.98
C GLY E 417 12.77 12.63 49.55
N THR E 418 12.57 13.74 50.25
CA THR E 418 13.67 14.48 50.85
C THR E 418 13.17 15.24 52.06
N ASN E 419 14.12 15.65 52.91
CA ASN E 419 13.95 16.57 54.03
C ASN E 419 13.06 16.04 55.15
N SER E 420 12.72 14.74 55.13
CA SER E 420 11.70 14.12 55.99
C SER E 420 10.40 14.93 55.95
N ASN E 421 9.87 15.10 54.74
CA ASN E 421 8.92 16.16 54.46
C ASN E 421 7.54 15.85 55.04
N GLU E 422 6.93 16.87 55.62
CA GLU E 422 5.60 16.80 56.23
C GLU E 422 4.48 16.83 55.18
N THR E 423 4.79 17.28 53.95
CA THR E 423 3.73 17.50 52.96
C THR E 423 3.68 16.49 51.83
N GLU E 424 4.82 15.98 51.33
CA GLU E 424 4.92 15.00 50.25
C GLU E 424 4.17 15.43 48.99
N THR E 425 4.64 16.50 48.34
CA THR E 425 3.84 17.22 47.36
C THR E 425 3.62 16.42 46.08
N PHE E 426 2.54 16.76 45.38
CA PHE E 426 2.13 16.09 44.15
C PHE E 426 2.06 17.08 43.00
N ARG E 427 2.42 16.62 41.80
CA ARG E 427 2.42 17.39 40.57
C ARG E 427 1.63 16.65 39.50
N PRO E 428 1.05 17.35 38.53
CA PRO E 428 0.41 16.65 37.41
C PRO E 428 1.44 16.01 36.49
N ALA E 429 1.00 15.00 35.74
CA ALA E 429 1.89 14.28 34.85
C ALA E 429 1.12 13.75 33.66
N GLY E 430 1.87 13.45 32.60
CA GLY E 430 1.31 12.88 31.39
C GLY E 430 2.40 12.68 30.34
N GLY E 431 2.09 11.95 29.27
CA GLY E 431 3.06 11.71 28.23
C GLY E 431 3.02 10.31 27.67
N ASP E 432 2.55 9.36 28.48
CA ASP E 432 2.27 8.00 28.01
C ASP E 432 0.76 7.84 28.01
N MET E 433 0.21 7.51 26.85
CA MET E 433 -1.23 7.66 26.65
C MET E 433 -2.01 6.46 27.17
N ARG E 434 -1.31 5.34 27.46
CA ARG E 434 -1.94 4.13 27.95
C ARG E 434 -2.65 4.36 29.27
N ASP E 435 -2.10 5.24 30.11
CA ASP E 435 -2.72 5.57 31.40
C ASP E 435 -4.06 6.28 31.25
N ASN E 436 -4.35 6.85 30.08
CA ASN E 436 -5.69 7.40 29.85
C ASN E 436 -6.71 6.28 29.63
N TRP E 437 -6.26 5.17 29.04
CA TRP E 437 -7.17 4.06 28.76
C TRP E 437 -7.05 2.94 29.79
N ARG E 438 -5.98 2.96 30.60
CA ARG E 438 -5.86 2.02 31.70
C ARG E 438 -6.84 2.38 32.81
N SER E 439 -7.17 3.65 32.96
CA SER E 439 -8.15 4.11 33.94
C SER E 439 -9.58 3.76 33.55
N GLU E 440 -9.82 3.31 32.33
CA GLU E 440 -11.15 2.87 31.90
C GLU E 440 -11.28 1.35 31.82
N LEU E 441 -10.23 0.64 31.43
CA LEU E 441 -10.21 -0.81 31.44
C LEU E 441 -9.72 -1.39 32.76
N TYR E 442 -10.31 -0.96 33.88
CA TYR E 442 -9.87 -1.44 35.19
C TYR E 442 -10.75 -2.57 35.69
N LYS E 443 -11.96 -2.68 35.16
CA LYS E 443 -12.89 -3.71 35.59
C LYS E 443 -12.76 -5.01 34.81
N TYR E 444 -12.13 -4.98 33.64
CA TYR E 444 -12.27 -6.07 32.67
C TYR E 444 -11.02 -6.93 32.59
N LYS E 445 -11.24 -8.21 32.30
CA LYS E 445 -10.18 -9.16 31.98
C LYS E 445 -10.73 -10.14 30.95
N VAL E 446 -9.84 -10.79 30.20
CA VAL E 446 -10.23 -11.74 29.17
C VAL E 446 -9.74 -13.13 29.58
N VAL E 447 -10.62 -14.12 29.48
CA VAL E 447 -10.30 -15.49 29.86
C VAL E 447 -10.66 -16.46 28.73
N LYS E 448 -9.81 -17.47 28.57
CA LYS E 448 -10.03 -18.58 27.64
C LYS E 448 -10.80 -19.68 28.34
N ILE E 449 -11.87 -20.15 27.69
CA ILE E 449 -12.66 -21.27 28.20
C ILE E 449 -11.97 -22.56 27.83
N GLU E 450 -11.78 -23.45 28.83
CA GLU E 450 -11.25 -24.79 28.61
C GLU E 450 -12.35 -25.77 29.02
N PRO E 451 -13.22 -26.15 28.07
CA PRO E 451 -14.45 -26.86 28.43
C PRO E 451 -14.32 -28.37 28.55
N LEU E 452 -13.11 -28.93 28.55
CA LEU E 452 -12.91 -30.37 28.60
C LEU E 452 -12.33 -30.73 29.96
N GLY E 453 -13.09 -31.50 30.74
CA GLY E 453 -12.73 -31.78 32.12
C GLY E 453 -12.73 -33.25 32.44
N VAL E 454 -12.04 -33.60 33.52
CA VAL E 454 -11.81 -34.97 33.94
C VAL E 454 -12.25 -35.12 35.40
N ALA E 455 -13.09 -36.12 35.66
CA ALA E 455 -13.58 -36.37 37.01
C ALA E 455 -13.74 -37.87 37.20
N PRO E 456 -13.58 -38.37 38.42
CA PRO E 456 -13.85 -39.79 38.68
C PRO E 456 -15.28 -40.02 39.14
N THR E 457 -15.84 -41.14 38.68
CA THR E 457 -17.16 -41.57 39.12
C THR E 457 -17.27 -43.08 38.99
N ARG E 458 -18.41 -43.61 39.42
CA ARG E 458 -18.61 -45.05 39.42
C ARG E 458 -19.05 -45.60 38.08
N CYS E 459 -19.20 -44.75 37.06
CA CYS E 459 -19.63 -45.22 35.75
C CYS E 459 -18.51 -46.01 35.07
N LYS E 460 -18.87 -47.16 34.52
CA LYS E 460 -17.97 -47.96 33.71
C LYS E 460 -18.62 -48.19 32.36
N ARG E 461 -17.83 -48.14 31.29
CA ARG E 461 -18.38 -48.25 29.95
C ARG E 461 -18.85 -49.67 29.68
N ALA F 1 -33.39 -41.92 23.71
CA ALA F 1 -32.90 -40.63 24.14
C ALA F 1 -33.96 -39.56 23.84
N VAL F 2 -33.63 -38.31 24.14
CA VAL F 2 -34.53 -37.19 23.84
C VAL F 2 -33.74 -36.11 23.10
N GLY F 3 -34.35 -35.56 22.06
CA GLY F 3 -33.76 -34.53 21.22
C GLY F 3 -34.04 -33.13 21.71
N ILE F 4 -33.32 -32.68 22.73
CA ILE F 4 -33.65 -31.45 23.43
C ILE F 4 -32.31 -30.88 23.91
N GLY F 5 -32.29 -29.70 24.53
CA GLY F 5 -31.04 -28.98 24.75
C GLY F 5 -30.52 -28.68 26.14
N ALA F 6 -30.76 -27.45 26.58
CA ALA F 6 -29.87 -26.69 27.48
C ALA F 6 -30.68 -26.11 28.64
N VAL F 7 -30.12 -25.10 29.32
CA VAL F 7 -30.81 -24.43 30.40
C VAL F 7 -30.68 -22.93 30.17
N PHE F 8 -31.51 -22.15 30.87
CA PHE F 8 -31.59 -20.70 30.67
C PHE F 8 -30.58 -19.90 31.48
N LEU F 9 -29.65 -20.55 32.18
CA LEU F 9 -28.77 -19.85 33.12
C LEU F 9 -27.70 -19.00 32.45
N GLY F 10 -27.52 -19.09 31.13
CA GLY F 10 -26.52 -18.30 30.47
C GLY F 10 -25.15 -18.95 30.46
N PHE F 11 -24.18 -18.27 29.84
CA PHE F 11 -22.93 -18.90 29.40
C PHE F 11 -22.09 -19.47 30.53
N LEU F 12 -21.95 -18.74 31.64
CA LEU F 12 -21.11 -19.22 32.73
C LEU F 12 -21.83 -19.17 34.07
N GLY F 13 -23.16 -19.29 34.07
CA GLY F 13 -23.93 -19.16 35.29
C GLY F 13 -23.76 -20.29 36.29
N ALA F 14 -23.29 -21.45 35.82
CA ALA F 14 -23.05 -22.57 36.72
C ALA F 14 -21.69 -22.54 37.37
N ALA F 15 -20.85 -21.55 37.05
CA ALA F 15 -19.56 -21.42 37.71
C ALA F 15 -19.75 -20.95 39.14
N GLY F 16 -19.04 -21.60 40.07
CA GLY F 16 -19.23 -21.38 41.48
C GLY F 16 -20.19 -22.33 42.16
N SER F 17 -20.89 -23.18 41.40
CA SER F 17 -21.79 -24.16 41.97
C SER F 17 -21.04 -25.46 42.24
N THR F 18 -21.78 -26.52 42.53
CA THR F 18 -21.15 -27.81 42.79
C THR F 18 -20.78 -28.51 41.48
N MET F 19 -20.06 -29.63 41.61
CA MET F 19 -19.78 -30.45 40.44
C MET F 19 -21.05 -31.14 39.93
N GLY F 20 -21.99 -31.42 40.84
CA GLY F 20 -23.27 -31.96 40.41
C GLY F 20 -24.10 -30.93 39.66
N ALA F 21 -24.09 -29.68 40.15
CA ALA F 21 -24.87 -28.63 39.50
C ALA F 21 -24.21 -28.16 38.20
N ALA F 22 -22.90 -28.27 38.10
CA ALA F 22 -22.20 -27.98 36.85
C ALA F 22 -22.04 -29.21 35.98
N SER F 23 -22.50 -30.38 36.44
CA SER F 23 -22.77 -31.50 35.55
C SER F 23 -24.08 -31.30 34.82
N MET F 24 -24.93 -30.41 35.33
CA MET F 24 -25.96 -29.77 34.54
C MET F 24 -25.31 -28.62 33.76
N THR F 25 -26.11 -27.95 32.92
CA THR F 25 -25.78 -26.69 32.24
C THR F 25 -24.67 -26.85 31.18
N LEU F 26 -24.15 -28.08 31.02
CA LEU F 26 -23.00 -28.40 30.15
C LEU F 26 -23.29 -28.11 28.68
N THR F 27 -24.56 -28.15 28.31
CA THR F 27 -24.97 -27.85 26.94
C THR F 27 -24.76 -26.37 26.61
N VAL F 28 -24.90 -25.49 27.60
CA VAL F 28 -24.86 -24.04 27.37
C VAL F 28 -23.44 -23.59 27.03
N GLN F 29 -22.44 -24.09 27.76
CA GLN F 29 -21.06 -23.76 27.47
C GLN F 29 -20.62 -24.33 26.13
N ALA F 30 -21.20 -25.47 25.74
CA ALA F 30 -20.88 -26.10 24.47
C ALA F 30 -21.52 -25.37 23.29
N ARG F 31 -22.69 -24.76 23.48
CA ARG F 31 -23.39 -24.10 22.38
C ARG F 31 -22.77 -22.76 22.01
N ASN F 32 -22.14 -22.06 22.94
CA ASN F 32 -21.62 -20.73 22.70
C ASN F 32 -20.16 -20.70 22.29
N LEU F 33 -19.69 -21.72 21.58
CA LEU F 33 -18.30 -21.77 21.13
C LEU F 33 -18.12 -21.38 19.67
N LEU F 34 -19.18 -20.90 19.00
CA LEU F 34 -19.09 -20.49 17.60
C LEU F 34 -19.95 -19.26 17.35
N SER F 35 -19.39 -18.30 16.62
CA SER F 35 -20.09 -17.10 16.19
C SER F 35 -19.35 -16.49 15.01
N GLY F 36 -19.97 -15.51 14.36
CA GLY F 36 -19.35 -14.89 13.20
C GLY F 36 -19.84 -13.51 12.80
N THR F 37 -18.91 -12.58 12.61
CA THR F 37 -19.16 -11.23 12.12
C THR F 37 -17.84 -10.72 11.51
N VAL F 38 -17.76 -9.43 11.18
CA VAL F 38 -16.63 -8.89 10.41
C VAL F 38 -16.13 -7.56 11.00
N TRP F 39 -14.84 -7.51 11.35
CA TRP F 39 -14.07 -6.27 11.50
C TRP F 39 -12.69 -6.42 10.85
N GLY F 40 -12.64 -6.94 9.63
CA GLY F 40 -11.38 -6.94 8.90
C GLY F 40 -10.35 -7.95 9.38
N ILE F 41 -9.09 -7.62 9.07
CA ILE F 41 -7.97 -8.56 9.25
C ILE F 41 -7.68 -8.82 10.72
N LYS F 42 -7.97 -7.86 11.60
CA LYS F 42 -7.82 -8.15 13.03
C LYS F 42 -8.92 -9.08 13.52
N GLN F 43 -10.10 -9.05 12.91
CA GLN F 43 -11.19 -9.89 13.34
C GLN F 43 -11.30 -11.21 12.58
N LEU F 44 -10.75 -11.30 11.36
CA LEU F 44 -10.81 -12.54 10.59
C LEU F 44 -10.09 -13.69 11.29
N GLN F 45 -8.92 -13.41 11.88
CA GLN F 45 -8.27 -14.40 12.74
C GLN F 45 -9.15 -14.73 13.95
N ALA F 46 -9.84 -13.73 14.50
CA ALA F 46 -10.80 -13.95 15.57
C ALA F 46 -12.00 -14.77 15.13
N ARG F 47 -12.21 -14.93 13.82
CA ARG F 47 -13.12 -15.97 13.35
C ARG F 47 -12.49 -17.34 13.49
N VAL F 48 -11.32 -17.54 12.85
CA VAL F 48 -10.79 -18.90 12.71
C VAL F 48 -10.22 -19.41 14.02
N LEU F 49 -9.86 -18.49 14.94
CA LEU F 49 -9.40 -18.88 16.27
C LEU F 49 -10.51 -19.54 17.07
N ALA F 50 -11.77 -19.31 16.70
CA ALA F 50 -12.84 -20.15 17.22
C ALA F 50 -12.72 -21.56 16.67
N VAL F 51 -12.71 -21.71 15.35
CA VAL F 51 -12.87 -23.01 14.69
C VAL F 51 -11.65 -23.90 14.97
N GLU F 52 -10.45 -23.31 14.86
CA GLU F 52 -9.19 -24.00 15.17
C GLU F 52 -9.17 -24.53 16.60
N ARG F 53 -9.89 -23.87 17.51
CA ARG F 53 -9.98 -24.42 18.85
C ARG F 53 -11.07 -25.47 18.95
N TYR F 54 -12.22 -25.21 18.31
CA TYR F 54 -13.43 -25.99 18.60
C TYR F 54 -13.32 -27.42 18.08
N LEU F 55 -12.80 -27.57 16.86
CA LEU F 55 -12.54 -28.88 16.29
C LEU F 55 -11.50 -29.67 17.08
N ARG F 56 -10.60 -28.97 17.79
CA ARG F 56 -9.66 -29.66 18.69
C ARG F 56 -10.41 -30.39 19.79
N ASP F 57 -11.45 -29.76 20.34
CA ASP F 57 -12.27 -30.44 21.34
C ASP F 57 -13.16 -31.49 20.68
N GLN F 58 -13.34 -31.41 19.36
CA GLN F 58 -14.03 -32.49 18.66
C GLN F 58 -13.06 -33.56 18.22
N GLN F 59 -11.76 -33.33 18.37
CA GLN F 59 -10.80 -34.39 18.08
C GLN F 59 -10.77 -35.41 19.22
N LEU F 60 -10.48 -34.93 20.43
CA LEU F 60 -10.20 -35.81 21.57
C LEU F 60 -11.42 -36.62 21.96
N LEU F 61 -12.60 -35.98 22.00
CA LEU F 61 -13.83 -36.70 22.28
C LEU F 61 -14.24 -37.59 21.12
N GLY F 62 -13.74 -37.32 19.91
CA GLY F 62 -13.94 -38.24 18.81
C GLY F 62 -13.06 -39.47 18.93
N ILE F 63 -11.98 -39.36 19.71
CA ILE F 63 -11.04 -40.46 19.86
C ILE F 63 -11.45 -41.35 21.02
N TRP F 64 -11.88 -40.74 22.12
CA TRP F 64 -12.17 -41.44 23.37
C TRP F 64 -13.49 -42.21 23.34
N GLY F 65 -14.18 -42.26 22.21
CA GLY F 65 -15.45 -42.93 22.10
C GLY F 65 -16.64 -42.10 22.52
N CYS F 66 -16.43 -40.82 22.82
CA CYS F 66 -17.51 -39.98 23.32
C CYS F 66 -18.35 -39.41 22.18
N SER F 67 -17.68 -38.80 21.20
CA SER F 67 -18.27 -38.39 19.90
C SER F 67 -19.44 -37.42 20.06
N GLY F 68 -19.26 -36.44 20.92
CA GLY F 68 -20.29 -35.44 21.10
C GLY F 68 -20.02 -34.53 22.27
N LYS F 69 -21.09 -33.91 22.75
CA LYS F 69 -21.06 -32.92 23.82
C LYS F 69 -21.92 -33.43 24.96
N LEU F 70 -21.35 -34.27 25.81
CA LEU F 70 -22.14 -35.10 26.72
C LEU F 70 -21.26 -35.64 27.84
N ILE F 71 -21.89 -36.38 28.76
CA ILE F 71 -21.17 -37.16 29.76
C ILE F 71 -20.67 -38.45 29.12
N CYS F 72 -19.38 -38.73 29.27
CA CYS F 72 -18.73 -39.86 28.66
C CYS F 72 -17.88 -40.58 29.69
N CYS F 73 -18.35 -41.74 30.15
CA CYS F 73 -17.65 -42.51 31.16
C CYS F 73 -16.91 -43.67 30.51
N THR F 74 -15.75 -43.98 31.08
CA THR F 74 -14.79 -44.92 30.49
C THR F 74 -14.69 -46.17 31.37
N ASN F 75 -13.80 -47.07 30.99
CA ASN F 75 -13.43 -48.22 31.79
C ASN F 75 -11.93 -48.24 32.06
N VAL F 76 -11.33 -47.07 32.12
CA VAL F 76 -9.91 -46.89 32.46
C VAL F 76 -9.83 -46.70 33.97
N PRO F 77 -8.98 -47.45 34.68
CA PRO F 77 -8.97 -47.36 36.15
C PRO F 77 -8.39 -46.04 36.64
N TRP F 78 -9.07 -45.46 37.62
CA TRP F 78 -8.64 -44.21 38.25
C TRP F 78 -7.52 -44.51 39.24
N ASN F 79 -6.34 -43.97 39.00
CA ASN F 79 -5.25 -44.07 39.96
C ASN F 79 -5.58 -43.20 41.17
N SER F 80 -5.42 -43.77 42.37
CA SER F 80 -5.89 -43.08 43.58
C SER F 80 -4.97 -41.93 43.97
N SER F 81 -3.75 -41.90 43.44
CA SER F 81 -2.79 -40.85 43.78
C SER F 81 -3.14 -39.50 43.17
N TRP F 82 -4.06 -39.47 42.20
CA TRP F 82 -4.43 -38.22 41.54
C TRP F 82 -5.21 -37.28 42.45
N SER F 83 -6.14 -37.79 43.24
CA SER F 83 -6.98 -36.92 44.05
C SER F 83 -6.97 -37.33 45.52
N ASN F 84 -6.91 -38.65 45.78
CA ASN F 84 -6.96 -39.23 47.13
C ASN F 84 -8.22 -38.80 47.90
N ARG F 85 -9.34 -38.76 47.19
CA ARG F 85 -10.59 -38.23 47.72
C ARG F 85 -11.74 -39.12 47.27
N ASN F 86 -12.74 -39.27 48.13
CA ASN F 86 -13.91 -40.06 47.76
C ASN F 86 -14.89 -39.23 46.91
N LEU F 87 -15.98 -39.88 46.50
CA LEU F 87 -16.87 -39.29 45.50
C LEU F 87 -17.72 -38.17 46.12
N SER F 88 -18.15 -38.34 47.37
CA SER F 88 -19.09 -37.40 47.96
C SER F 88 -18.43 -36.08 48.34
N GLU F 89 -17.14 -36.11 48.68
CA GLU F 89 -16.43 -34.88 48.99
C GLU F 89 -15.86 -34.20 47.75
N ILE F 90 -16.09 -34.77 46.57
CA ILE F 90 -15.74 -34.13 45.31
C ILE F 90 -16.99 -33.54 44.70
N TRP F 91 -18.07 -34.35 44.62
CA TRP F 91 -19.18 -34.00 43.75
C TRP F 91 -20.19 -33.06 44.41
N ASP F 92 -20.27 -33.03 45.73
CA ASP F 92 -21.34 -32.30 46.39
C ASP F 92 -20.92 -30.94 46.93
N ASN F 93 -19.64 -30.62 46.97
CA ASN F 93 -19.22 -29.34 47.52
C ASN F 93 -18.23 -28.58 46.63
N MET F 94 -17.38 -29.31 45.91
CA MET F 94 -16.32 -28.68 45.13
C MET F 94 -16.89 -28.12 43.83
N THR F 95 -16.19 -27.13 43.27
CA THR F 95 -16.51 -26.54 41.98
C THR F 95 -15.56 -27.10 40.93
N TRP F 96 -16.03 -27.18 39.68
CA TRP F 96 -15.16 -27.56 38.56
C TRP F 96 -13.99 -26.60 38.40
N LEU F 97 -14.23 -25.31 38.65
CA LEU F 97 -13.20 -24.28 38.53
C LEU F 97 -12.05 -24.49 39.51
N GLN F 98 -12.35 -25.01 40.70
CA GLN F 98 -11.31 -25.34 41.66
C GLN F 98 -10.92 -26.82 41.65
N TRP F 99 -11.72 -27.67 41.03
CA TRP F 99 -11.27 -29.04 40.77
C TRP F 99 -10.18 -29.06 39.72
N ASP F 100 -10.25 -28.14 38.75
CA ASP F 100 -9.24 -28.08 37.71
C ASP F 100 -7.88 -27.65 38.26
N LYS F 101 -7.87 -26.84 39.31
CA LYS F 101 -6.62 -26.42 39.94
C LYS F 101 -5.89 -27.60 40.58
N GLU F 102 -6.63 -28.62 41.02
CA GLU F 102 -6.01 -29.81 41.58
C GLU F 102 -5.70 -30.85 40.50
N ILE F 103 -6.50 -30.90 39.42
CA ILE F 103 -6.34 -32.03 38.53
C ILE F 103 -5.43 -31.66 37.33
N SER F 104 -5.24 -30.37 37.05
CA SER F 104 -4.58 -29.94 35.82
C SER F 104 -3.08 -30.18 35.86
N ASN F 105 -2.52 -30.43 37.04
CA ASN F 105 -1.14 -30.90 37.12
C ASN F 105 -1.01 -32.30 36.54
N TYR F 106 -2.08 -33.10 36.61
CA TYR F 106 -2.03 -34.50 36.21
C TYR F 106 -2.81 -34.79 34.94
N THR F 107 -3.55 -33.80 34.39
CA THR F 107 -4.41 -34.05 33.23
C THR F 107 -3.63 -34.50 31.99
N GLN F 108 -2.35 -34.16 31.89
CA GLN F 108 -1.57 -34.61 30.75
C GLN F 108 -1.37 -36.13 30.79
N ILE F 109 -0.97 -36.66 31.95
CA ILE F 109 -0.76 -38.11 32.05
C ILE F 109 -2.05 -38.87 32.29
N ILE F 110 -3.14 -38.21 32.72
CA ILE F 110 -4.45 -38.84 32.69
C ILE F 110 -4.92 -38.97 31.24
N TYR F 111 -4.78 -37.90 30.46
CA TYR F 111 -4.86 -38.02 29.00
C TYR F 111 -3.80 -38.99 28.49
N GLY F 112 -2.61 -38.99 29.09
CA GLY F 112 -1.55 -39.94 28.83
C GLY F 112 -1.86 -41.39 29.20
N LEU F 113 -2.67 -41.63 30.24
CA LEU F 113 -3.21 -42.95 30.48
C LEU F 113 -4.50 -43.23 29.73
N LEU F 114 -5.09 -42.22 29.10
CA LEU F 114 -6.03 -42.43 28.02
C LEU F 114 -5.29 -42.45 26.68
N GLU F 115 -4.25 -43.26 26.57
CA GLU F 115 -3.48 -43.41 25.34
C GLU F 115 -3.26 -44.89 25.04
N GLU F 116 -2.46 -45.11 23.98
CA GLU F 116 -2.13 -46.34 23.24
C GLU F 116 -3.20 -46.69 22.21
N SER F 117 -4.31 -47.32 22.60
CA SER F 117 -5.19 -47.83 21.56
C SER F 117 -6.66 -47.99 21.93
N GLN F 118 -7.49 -47.01 21.55
CA GLN F 118 -8.92 -47.28 21.46
C GLN F 118 -9.19 -48.16 20.24
N ASN F 119 -8.28 -48.08 19.27
CA ASN F 119 -8.30 -48.82 18.02
C ASN F 119 -8.41 -50.33 18.24
N GLN F 120 -7.81 -50.86 19.30
CA GLN F 120 -7.88 -52.30 19.53
C GLN F 120 -9.30 -52.73 19.95
N GLN F 121 -10.03 -51.88 20.68
CA GLN F 121 -11.44 -52.19 20.86
C GLN F 121 -12.33 -51.57 19.80
N GLU F 122 -11.74 -51.05 18.72
CA GLU F 122 -12.47 -51.03 17.46
C GLU F 122 -12.13 -52.27 16.65
N LYS F 123 -11.15 -53.04 17.10
CA LYS F 123 -10.82 -54.29 16.44
C LYS F 123 -11.58 -55.44 17.10
N ASN F 124 -11.65 -55.44 18.43
CA ASN F 124 -12.35 -56.48 19.18
C ASN F 124 -13.84 -56.50 18.85
N GLU F 125 -14.45 -55.32 18.71
CA GLU F 125 -15.82 -55.22 18.20
C GLU F 125 -15.92 -55.82 16.80
N GLN F 126 -14.93 -55.54 15.94
CA GLN F 126 -14.86 -56.20 14.64
C GLN F 126 -14.64 -57.70 14.79
N ASP F 127 -13.90 -58.10 15.84
CA ASP F 127 -13.73 -59.52 16.12
C ASP F 127 -15.02 -60.13 16.65
N LEU F 128 -15.93 -59.29 17.18
CA LEU F 128 -17.25 -59.79 17.52
C LEU F 128 -18.12 -59.94 16.27
N LEU F 129 -17.79 -59.24 15.18
CA LEU F 129 -18.63 -59.24 13.98
C LEU F 129 -18.07 -60.20 12.93
N ALA F 130 -16.77 -60.06 12.61
CA ALA F 130 -16.17 -60.87 11.57
C ALA F 130 -15.98 -62.32 12.02
N LEU F 131 -15.45 -62.51 13.23
CA LEU F 131 -15.16 -63.86 13.73
C LEU F 131 -16.38 -64.47 14.40
N ASP F 132 -17.08 -63.71 15.23
CA ASP F 132 -18.27 -64.20 15.92
C ASP F 132 -19.52 -63.70 15.22
N GLN G 1 -21.74 62.34 35.91
CA GLN G 1 -20.30 62.43 36.13
C GLN G 1 -19.52 62.14 34.86
N VAL G 2 -19.82 60.99 34.23
CA VAL G 2 -19.12 60.61 33.01
C VAL G 2 -19.67 61.43 31.85
N GLN G 3 -18.78 62.16 31.18
CA GLN G 3 -19.19 63.03 30.08
C GLN G 3 -18.04 63.14 29.08
N LEU G 4 -18.40 63.23 27.80
CA LEU G 4 -17.44 63.26 26.72
C LEU G 4 -17.44 64.65 26.09
N VAL G 5 -16.25 65.23 25.92
CA VAL G 5 -16.09 66.57 25.37
C VAL G 5 -15.39 66.43 24.02
N GLN G 6 -16.02 66.94 22.97
CA GLN G 6 -15.42 66.95 21.65
C GLN G 6 -14.87 68.34 21.33
N SER G 7 -14.39 68.49 20.09
CA SER G 7 -13.79 69.75 19.65
C SER G 7 -14.87 70.72 19.16
N GLY G 8 -14.45 71.81 18.52
CA GLY G 8 -15.38 72.74 17.94
C GLY G 8 -15.79 72.35 16.53
N ALA G 9 -16.70 73.15 15.97
CA ALA G 9 -17.16 72.92 14.61
C ALA G 9 -16.08 73.31 13.61
N GLU G 10 -16.08 72.62 12.47
CA GLU G 10 -15.09 72.85 11.44
C GLU G 10 -15.76 73.00 10.09
N MET G 11 -15.15 73.81 9.23
CA MET G 11 -15.56 73.93 7.84
C MET G 11 -14.32 73.86 6.95
N LYS G 12 -14.40 73.02 5.91
CA LYS G 12 -13.27 72.81 5.00
C LYS G 12 -13.78 72.74 3.57
N ASN G 13 -12.84 72.78 2.64
CA ASN G 13 -13.07 72.58 1.22
C ASN G 13 -13.12 71.09 0.91
N PRO G 14 -13.80 70.68 -0.17
CA PRO G 14 -13.78 69.27 -0.57
C PRO G 14 -12.39 68.82 -1.00
N GLY G 15 -12.12 67.54 -0.76
CA GLY G 15 -10.82 66.96 -1.01
C GLY G 15 -9.85 67.02 0.15
N ALA G 16 -10.23 67.62 1.26
CA ALA G 16 -9.35 67.76 2.42
C ALA G 16 -9.62 66.62 3.41
N SER G 17 -8.99 66.70 4.58
CA SER G 17 -9.14 65.70 5.64
C SER G 17 -9.33 66.41 6.97
N VAL G 18 -10.25 65.89 7.78
CA VAL G 18 -10.62 66.53 9.04
C VAL G 18 -10.26 65.58 10.18
N LYS G 19 -9.95 66.16 11.34
CA LYS G 19 -9.66 65.39 12.56
C LYS G 19 -10.61 65.84 13.67
N VAL G 20 -11.53 64.96 14.05
CA VAL G 20 -12.42 65.20 15.17
C VAL G 20 -11.82 64.63 16.45
N SER G 21 -11.86 65.42 17.52
CA SER G 21 -11.30 65.03 18.80
C SER G 21 -12.42 64.69 19.77
N CYS G 22 -12.06 63.94 20.82
CA CYS G 22 -13.03 63.48 21.81
C CYS G 22 -12.30 63.28 23.13
N ALA G 23 -12.58 64.13 24.11
CA ALA G 23 -11.91 64.07 25.41
C ALA G 23 -12.77 63.31 26.40
N ALA G 24 -12.17 62.36 27.11
CA ALA G 24 -12.88 61.53 28.05
C ALA G 24 -12.68 62.01 29.48
N SER G 25 -13.62 61.63 30.35
CA SER G 25 -13.55 61.98 31.76
C SER G 25 -14.33 60.96 32.56
N GLY G 26 -13.95 60.81 33.83
CA GLY G 26 -14.66 59.92 34.72
C GLY G 26 -14.16 58.49 34.76
N TYR G 27 -14.08 57.84 33.60
CA TYR G 27 -13.75 56.43 33.51
C TYR G 27 -12.32 56.18 33.04
N THR G 28 -11.48 57.21 33.00
CA THR G 28 -10.02 57.15 32.72
C THR G 28 -9.70 56.53 31.35
N PHE G 29 -10.65 56.59 30.41
CA PHE G 29 -10.48 56.39 28.96
C PHE G 29 -10.19 54.95 28.55
N THR G 30 -9.92 54.07 29.51
CA THR G 30 -9.62 52.68 29.20
C THR G 30 -10.89 51.94 29.61
N ASP G 31 -10.94 50.62 29.46
CA ASP G 31 -11.95 49.71 30.02
C ASP G 31 -13.32 49.88 29.35
N PHE G 32 -13.40 50.70 28.30
CA PHE G 32 -14.61 50.85 27.50
C PHE G 32 -14.23 51.12 26.05
N TYR G 33 -14.90 50.44 25.12
CA TYR G 33 -14.75 50.73 23.70
C TYR G 33 -15.30 52.11 23.37
N ILE G 34 -14.81 52.70 22.29
CA ILE G 34 -15.30 54.01 21.85
C ILE G 34 -15.77 53.92 20.41
N HIS G 35 -17.03 54.28 20.17
CA HIS G 35 -17.65 54.19 18.87
C HIS G 35 -17.88 55.59 18.30
N TRP G 36 -17.51 55.76 17.04
CA TRP G 36 -17.69 57.00 16.29
C TRP G 36 -18.86 56.82 15.34
N VAL G 37 -19.86 57.70 15.45
CA VAL G 37 -21.06 57.66 14.60
C VAL G 37 -21.28 59.02 13.96
N ARG G 38 -22.11 59.03 12.93
CA ARG G 38 -22.33 60.19 12.07
C ARG G 38 -23.82 60.40 11.89
N GLN G 39 -24.23 61.67 11.76
CA GLN G 39 -25.63 62.00 11.47
C GLN G 39 -25.65 63.17 10.49
N ALA G 40 -26.12 62.90 9.27
CA ALA G 40 -26.34 63.96 8.31
C ALA G 40 -27.49 64.86 8.78
N PRO G 41 -27.49 66.15 8.41
CA PRO G 41 -28.56 67.04 8.87
C PRO G 41 -29.92 66.65 8.29
N GLY G 42 -30.85 66.33 9.19
CA GLY G 42 -32.16 65.86 8.81
C GLY G 42 -32.25 64.38 8.50
N GLN G 43 -31.18 63.62 8.67
CA GLN G 43 -31.17 62.20 8.35
C GLN G 43 -30.93 61.37 9.60
N GLY G 44 -30.90 60.05 9.41
CA GLY G 44 -30.69 59.14 10.50
C GLY G 44 -29.22 58.96 10.84
N LEU G 45 -28.99 58.16 11.88
CA LEU G 45 -27.63 57.90 12.34
C LEU G 45 -26.91 56.93 11.40
N GLN G 46 -25.61 57.16 11.25
CA GLN G 46 -24.74 56.25 10.52
C GLN G 46 -23.51 55.95 11.37
N TRP G 47 -23.24 54.67 11.59
CA TRP G 47 -22.13 54.22 12.41
C TRP G 47 -20.87 54.21 11.56
N MET G 48 -19.80 54.81 12.07
CA MET G 48 -18.58 54.82 11.28
C MET G 48 -17.55 53.80 11.76
N GLY G 49 -17.24 53.76 13.06
CA GLY G 49 -16.22 52.82 13.50
C GLY G 49 -16.17 52.66 15.00
N TRP G 50 -15.32 51.74 15.45
CA TRP G 50 -14.96 51.62 16.85
C TRP G 50 -13.45 51.63 17.03
N MET G 51 -13.05 51.95 18.25
CA MET G 51 -11.67 51.89 18.71
C MET G 51 -11.63 51.18 20.06
N ASN G 52 -10.68 50.26 20.19
CA ASN G 52 -10.27 49.64 21.45
C ASN G 52 -9.15 50.49 22.02
N PRO G 53 -9.43 51.37 22.99
CA PRO G 53 -8.40 52.33 23.42
C PRO G 53 -7.30 51.73 24.27
N LYS G 54 -7.49 50.51 24.78
CA LYS G 54 -6.43 49.87 25.55
C LYS G 54 -5.28 49.42 24.66
N THR G 55 -5.60 48.78 23.53
CA THR G 55 -4.58 48.19 22.67
C THR G 55 -4.54 48.79 21.27
N GLY G 56 -5.39 49.77 20.96
CA GLY G 56 -5.30 50.48 19.70
C GLY G 56 -5.95 49.81 18.52
N ARG G 57 -6.62 48.68 18.70
CA ARG G 57 -7.29 48.02 17.60
C ARG G 57 -8.55 48.79 17.20
N THR G 58 -8.64 49.14 15.92
CA THR G 58 -9.75 49.93 15.41
C THR G 58 -10.40 49.19 14.26
N ASN G 59 -11.71 49.36 14.11
CA ASN G 59 -12.43 48.77 13.00
C ASN G 59 -13.49 49.75 12.52
N THR G 60 -13.99 49.52 11.31
CA THR G 60 -14.93 50.45 10.69
C THR G 60 -15.78 49.71 9.67
N ALA G 61 -16.81 50.40 9.18
CA ALA G 61 -17.77 49.79 8.27
C ALA G 61 -17.15 49.59 6.89
N GLN G 62 -17.86 48.83 6.06
CA GLN G 62 -17.32 48.46 4.74
C GLN G 62 -17.33 49.66 3.78
N ASN G 63 -18.18 50.65 4.03
CA ASN G 63 -18.19 51.84 3.18
C ASN G 63 -17.05 52.79 3.51
N PHE G 64 -16.56 52.76 4.75
CA PHE G 64 -15.66 53.78 5.26
C PHE G 64 -14.21 53.33 5.39
N GLN G 65 -13.86 52.12 4.92
CA GLN G 65 -12.60 51.48 5.31
C GLN G 65 -11.38 52.16 4.73
N GLY G 66 -11.53 52.92 3.64
CA GLY G 66 -10.38 53.58 3.06
C GLY G 66 -10.16 55.01 3.54
N ARG G 67 -11.13 55.56 4.28
CA ARG G 67 -11.12 57.01 4.51
C ARG G 67 -11.02 57.41 5.97
N VAL G 68 -11.17 56.50 6.93
CA VAL G 68 -11.24 56.86 8.34
C VAL G 68 -10.01 56.29 9.05
N THR G 69 -9.49 57.03 10.02
CA THR G 69 -8.35 56.63 10.82
C THR G 69 -8.58 57.03 12.27
N MET G 70 -8.54 56.06 13.18
CA MET G 70 -8.80 56.31 14.60
C MET G 70 -7.53 56.07 15.41
N THR G 71 -7.14 57.07 16.18
CA THR G 71 -5.98 56.98 17.06
C THR G 71 -6.35 57.55 18.42
N ARG G 72 -5.43 57.45 19.37
CA ARG G 72 -5.73 57.88 20.73
C ARG G 72 -4.46 58.25 21.47
N ASP G 73 -4.63 59.05 22.52
CA ASP G 73 -3.60 59.36 23.50
C ASP G 73 -4.17 58.99 24.86
N THR G 74 -3.60 57.96 25.49
CA THR G 74 -4.12 57.45 26.75
C THR G 74 -3.61 58.22 27.96
N SER G 75 -2.55 59.01 27.81
CA SER G 75 -2.02 59.78 28.93
C SER G 75 -2.96 60.92 29.33
N ILE G 76 -3.55 61.60 28.35
CA ILE G 76 -4.56 62.62 28.64
C ILE G 76 -5.97 62.09 28.46
N GLY G 77 -6.14 60.94 27.83
CA GLY G 77 -7.46 60.36 27.62
C GLY G 77 -8.24 61.03 26.52
N THR G 78 -7.71 61.00 25.29
CA THR G 78 -8.35 61.70 24.18
C THR G 78 -8.28 60.82 22.94
N ALA G 79 -9.34 60.84 22.14
CA ALA G 79 -9.42 60.09 20.89
C ALA G 79 -9.46 61.04 19.71
N TYR G 80 -8.82 60.63 18.62
CA TYR G 80 -8.76 61.39 17.38
C TYR G 80 -9.26 60.53 16.23
N MET G 81 -10.00 61.16 15.31
CA MET G 81 -10.55 60.46 14.15
C MET G 81 -10.40 61.34 12.92
N GLU G 82 -9.64 60.86 11.94
CA GLU G 82 -9.43 61.57 10.68
C GLU G 82 -10.31 60.96 9.60
N LEU G 83 -11.04 61.83 8.89
CA LEU G 83 -11.75 61.46 7.68
C LEU G 83 -11.06 62.12 6.48
N ARG G 84 -10.80 61.32 5.46
CA ARG G 84 -10.03 61.75 4.29
C ARG G 84 -10.94 61.78 3.07
N SER G 85 -10.55 62.62 2.10
CA SER G 85 -11.26 62.84 0.83
C SER G 85 -12.69 63.29 1.07
N LEU G 86 -12.83 64.48 1.65
CA LEU G 86 -14.13 65.02 2.00
C LEU G 86 -14.93 65.39 0.76
N THR G 87 -16.22 65.03 0.77
CA THR G 87 -17.15 65.37 -0.30
C THR G 87 -18.32 66.14 0.29
N SER G 88 -19.25 66.53 -0.59
CA SER G 88 -20.42 67.28 -0.13
C SER G 88 -21.41 66.41 0.63
N ASP G 89 -21.25 65.09 0.55
CA ASP G 89 -22.05 64.18 1.36
C ASP G 89 -21.60 64.22 2.82
N ASP G 90 -20.32 64.48 3.06
CA ASP G 90 -19.72 64.28 4.37
C ASP G 90 -20.01 65.40 5.38
N THR G 91 -20.70 66.46 4.98
CA THR G 91 -21.08 67.49 5.95
C THR G 91 -22.17 66.98 6.88
N ALA G 92 -21.87 66.91 8.17
CA ALA G 92 -22.70 66.19 9.13
C ALA G 92 -22.30 66.56 10.54
N VAL G 93 -23.10 66.10 11.50
CA VAL G 93 -22.76 66.19 12.92
C VAL G 93 -22.15 64.84 13.34
N TYR G 94 -21.01 64.91 14.01
CA TYR G 94 -20.21 63.73 14.32
C TYR G 94 -20.23 63.52 15.83
N TYR G 95 -20.52 62.29 16.25
CA TYR G 95 -20.68 61.97 17.66
C TYR G 95 -19.69 60.89 18.09
N CYS G 96 -19.16 61.08 19.30
CA CYS G 96 -18.27 60.15 19.98
C CYS G 96 -19.00 59.56 21.16
N ALA G 97 -19.04 58.23 21.26
CA ALA G 97 -19.82 57.56 22.30
C ALA G 97 -19.02 56.42 22.89
N THR G 98 -19.38 56.04 24.12
CA THR G 98 -18.79 54.86 24.72
C THR G 98 -19.43 53.59 24.16
N GLY G 99 -18.87 52.45 24.53
CA GLY G 99 -19.34 51.17 24.01
C GLY G 99 -19.39 50.11 25.09
N GLY G 100 -18.95 48.91 24.72
CA GLY G 100 -18.94 47.78 25.62
C GLY G 100 -17.80 47.82 26.62
N TRP G 101 -17.60 46.72 27.34
CA TRP G 101 -16.59 46.65 28.39
C TRP G 101 -15.44 45.77 27.93
N ILE G 102 -14.23 46.32 27.92
CA ILE G 102 -13.04 45.59 27.48
C ILE G 102 -12.70 44.55 28.56
N SER G 103 -12.68 43.27 28.18
CA SER G 103 -12.71 42.20 29.16
C SER G 103 -11.67 41.11 28.95
N LEU G 104 -11.01 41.06 27.78
CA LEU G 104 -9.90 40.18 27.43
C LEU G 104 -10.31 38.69 27.31
N TYR G 105 -11.58 38.37 27.57
CA TYR G 105 -12.04 36.99 27.48
C TYR G 105 -13.18 36.79 26.49
N TYR G 106 -13.99 37.82 26.22
CA TYR G 106 -15.04 37.72 25.23
C TYR G 106 -15.10 39.00 24.43
N ASP G 107 -15.51 38.90 23.17
CA ASP G 107 -15.50 40.02 22.24
C ASP G 107 -16.70 40.91 22.53
N SER G 108 -16.43 42.04 23.17
CA SER G 108 -17.44 43.05 23.49
C SER G 108 -17.42 44.22 22.51
N SER G 109 -16.88 44.02 21.31
CA SER G 109 -16.68 45.14 20.39
C SER G 109 -17.98 45.54 19.71
N TYR G 110 -18.73 44.58 19.22
CA TYR G 110 -19.94 44.84 18.44
C TYR G 110 -21.19 44.99 19.29
N TYR G 111 -21.04 45.39 20.55
CA TYR G 111 -22.21 45.61 21.39
C TYR G 111 -22.64 47.06 21.25
N PRO G 112 -23.83 47.35 20.71
CA PRO G 112 -24.28 48.74 20.52
C PRO G 112 -24.84 49.37 21.80
N ASN G 113 -24.07 49.32 22.89
CA ASN G 113 -24.48 49.88 24.17
C ASN G 113 -23.80 51.23 24.38
N PHE G 114 -24.36 52.25 23.73
CA PHE G 114 -23.78 53.59 23.74
C PHE G 114 -24.28 54.32 24.98
N ASP G 115 -23.46 54.31 26.03
CA ASP G 115 -23.88 54.84 27.32
C ASP G 115 -23.88 56.37 27.33
N HIS G 116 -22.72 56.98 27.14
CA HIS G 116 -22.58 58.43 27.20
C HIS G 116 -22.15 58.95 25.84
N TRP G 117 -22.64 60.15 25.50
CA TRP G 117 -22.45 60.72 24.18
C TRP G 117 -21.80 62.09 24.29
N GLY G 118 -21.01 62.44 23.27
CA GLY G 118 -20.46 63.77 23.18
C GLY G 118 -21.47 64.77 22.67
N GLN G 119 -21.07 66.04 22.64
CA GLN G 119 -21.97 67.09 22.17
C GLN G 119 -22.02 67.19 20.65
N GLY G 120 -21.15 66.49 19.94
CA GLY G 120 -21.19 66.48 18.48
C GLY G 120 -20.51 67.65 17.84
N THR G 121 -19.78 67.41 16.75
CA THR G 121 -19.09 68.46 16.01
C THR G 121 -19.68 68.56 14.62
N LEU G 122 -19.96 69.79 14.18
CA LEU G 122 -20.47 69.99 12.84
C LEU G 122 -19.30 70.15 11.87
N VAL G 123 -19.19 69.22 10.92
CA VAL G 123 -18.18 69.27 9.87
C VAL G 123 -18.88 69.70 8.59
N THR G 124 -18.48 70.84 8.04
CA THR G 124 -19.09 71.43 6.86
C THR G 124 -18.13 71.33 5.69
N VAL G 125 -18.63 70.87 4.56
CA VAL G 125 -17.86 70.80 3.33
C VAL G 125 -18.55 71.69 2.29
N SER G 126 -17.81 72.65 1.75
CA SER G 126 -18.35 73.58 0.77
C SER G 126 -17.28 74.07 -0.18
N GLN H 1 -28.14 51.55 1.48
CA GLN H 1 -27.47 50.38 0.95
C GLN H 1 -27.47 49.23 1.96
N SER H 2 -27.13 49.54 3.22
CA SER H 2 -27.04 48.54 4.26
C SER H 2 -27.74 48.93 5.54
N ALA H 3 -28.45 50.06 5.59
CA ALA H 3 -29.09 50.50 6.81
C ALA H 3 -30.33 49.67 7.11
N LEU H 4 -30.74 49.69 8.37
CA LEU H 4 -31.94 48.99 8.79
C LEU H 4 -33.20 49.74 8.33
N THR H 5 -34.33 49.04 8.37
CA THR H 5 -35.59 49.57 7.89
C THR H 5 -36.55 49.81 9.06
N GLN H 6 -37.11 51.01 9.11
CA GLN H 6 -38.08 51.42 10.11
C GLN H 6 -39.20 52.18 9.43
N PRO H 7 -40.40 52.18 10.01
CA PRO H 7 -41.46 53.07 9.50
C PRO H 7 -41.10 54.53 9.71
N ALA H 8 -41.64 55.38 8.83
CA ALA H 8 -41.28 56.80 8.83
C ALA H 8 -41.87 57.53 10.02
N SER H 9 -43.15 57.30 10.34
CA SER H 9 -43.80 58.04 11.41
C SER H 9 -44.93 57.23 12.00
N VAL H 10 -44.98 57.20 13.34
CA VAL H 10 -46.07 56.62 14.10
C VAL H 10 -46.62 57.70 15.02
N SER H 11 -47.94 57.81 15.08
CA SER H 11 -48.59 58.87 15.86
C SER H 11 -49.61 58.25 16.81
N GLY H 12 -49.88 58.98 17.88
CA GLY H 12 -50.86 58.51 18.86
C GLY H 12 -51.13 59.60 19.89
N SER H 13 -52.33 59.50 20.49
CA SER H 13 -52.82 60.38 21.53
C SER H 13 -52.21 60.00 22.87
N PRO H 14 -52.18 60.92 23.84
CA PRO H 14 -51.72 60.57 25.19
C PRO H 14 -52.60 59.53 25.85
N GLY H 15 -51.98 58.66 26.65
CA GLY H 15 -52.65 57.55 27.29
C GLY H 15 -52.65 56.26 26.50
N GLN H 16 -52.16 56.27 25.26
CA GLN H 16 -52.15 55.06 24.44
C GLN H 16 -50.77 54.40 24.48
N SER H 17 -50.59 53.39 23.64
CA SER H 17 -49.34 52.67 23.50
C SER H 17 -48.89 52.72 22.05
N ILE H 18 -47.59 52.92 21.85
CA ILE H 18 -47.01 53.14 20.53
C ILE H 18 -45.97 52.08 20.26
N THR H 19 -46.07 51.41 19.10
CA THR H 19 -45.15 50.35 18.71
C THR H 19 -44.34 50.80 17.50
N ILE H 20 -43.02 50.68 17.58
CA ILE H 20 -42.11 50.99 16.49
C ILE H 20 -41.39 49.71 16.10
N SER H 21 -41.36 49.42 14.80
CA SER H 21 -40.74 48.21 14.28
C SER H 21 -39.34 48.50 13.76
N CYS H 22 -38.47 47.49 13.82
CA CYS H 22 -37.10 47.57 13.34
C CYS H 22 -36.77 46.26 12.64
N THR H 23 -36.66 46.30 11.32
CA THR H 23 -36.54 45.09 10.53
C THR H 23 -35.24 45.10 9.73
N GLY H 24 -34.44 44.05 9.89
CA GLY H 24 -33.22 43.89 9.14
C GLY H 24 -33.19 42.57 8.39
N THR H 25 -32.10 41.81 8.55
CA THR H 25 -31.98 40.51 7.91
C THR H 25 -31.61 39.47 8.94
N SER H 26 -31.40 38.23 8.47
CA SER H 26 -31.12 37.14 9.39
C SER H 26 -29.72 37.21 9.96
N TYR H 27 -28.77 37.75 9.20
CA TYR H 27 -27.39 37.85 9.70
C TYR H 27 -27.22 38.99 10.69
N ASP H 28 -28.03 40.04 10.61
CA ASP H 28 -27.82 41.20 11.45
C ASP H 28 -28.63 41.14 12.74
N VAL H 29 -29.95 41.16 12.63
CA VAL H 29 -30.80 41.29 13.80
C VAL H 29 -31.23 39.92 14.32
N GLY H 30 -31.43 38.96 13.41
CA GLY H 30 -31.86 37.64 13.82
C GLY H 30 -30.76 36.74 14.34
N SER H 31 -29.52 37.21 14.34
CA SER H 31 -28.40 36.40 14.79
C SER H 31 -28.14 36.51 16.28
N TYR H 32 -28.23 37.70 16.86
CA TYR H 32 -27.83 37.91 18.24
C TYR H 32 -28.92 38.70 18.97
N ASP H 33 -28.62 39.01 20.24
CA ASP H 33 -29.57 39.59 21.18
C ASP H 33 -29.33 41.11 21.10
N LEU H 34 -28.28 41.49 20.39
CA LEU H 34 -27.73 42.85 20.43
C LEU H 34 -28.59 43.78 19.57
N VAL H 35 -29.62 44.36 20.21
CA VAL H 35 -30.48 45.37 19.62
C VAL H 35 -30.61 46.50 20.63
N SER H 36 -30.46 47.74 20.18
CA SER H 36 -30.58 48.89 21.05
C SER H 36 -31.43 49.97 20.39
N TRP H 37 -32.04 50.78 21.25
CA TRP H 37 -33.01 51.79 20.88
C TRP H 37 -32.64 53.12 21.55
N TYR H 38 -32.56 54.18 20.74
CA TYR H 38 -32.17 55.50 21.21
C TYR H 38 -33.24 56.52 20.84
N GLN H 39 -33.39 57.53 21.71
CA GLN H 39 -34.37 58.60 21.51
C GLN H 39 -33.63 59.92 21.38
N GLN H 40 -33.97 60.70 20.35
CA GLN H 40 -33.32 61.97 20.08
C GLN H 40 -34.37 63.08 20.01
N HIS H 41 -34.14 64.15 20.77
CA HIS H 41 -34.82 65.42 20.58
C HIS H 41 -34.00 66.29 19.65
N PRO H 42 -34.63 67.21 18.92
CA PRO H 42 -33.87 68.08 17.99
C PRO H 42 -32.92 69.02 18.73
N GLY H 43 -31.71 69.13 18.18
CA GLY H 43 -30.69 70.00 18.76
C GLY H 43 -29.82 69.38 19.82
N LYS H 44 -29.86 68.06 20.00
CA LYS H 44 -29.06 67.40 21.03
C LYS H 44 -28.71 65.98 20.58
N ALA H 45 -27.83 65.35 21.37
CA ALA H 45 -27.41 63.99 21.10
C ALA H 45 -28.54 63.01 21.41
N PRO H 46 -28.54 61.83 20.78
CA PRO H 46 -29.52 60.80 21.13
C PRO H 46 -29.34 60.30 22.56
N LYS H 47 -30.44 59.88 23.17
CA LYS H 47 -30.47 59.47 24.56
C LYS H 47 -30.66 57.97 24.66
N TYR H 48 -29.90 57.34 25.56
CA TYR H 48 -29.85 55.89 25.72
C TYR H 48 -31.13 55.39 26.38
N MET H 49 -31.90 54.56 25.66
CA MET H 49 -33.20 54.11 26.13
C MET H 49 -33.31 52.60 26.34
N ILE H 50 -33.00 51.78 25.35
CA ILE H 50 -33.17 50.32 25.48
C ILE H 50 -31.92 49.63 24.93
N TYR H 51 -31.42 48.63 25.65
CA TYR H 51 -30.32 47.83 25.14
C TYR H 51 -30.63 46.35 25.34
N GLU H 52 -30.09 45.54 24.42
CA GLU H 52 -30.24 44.08 24.39
C GLU H 52 -31.71 43.68 24.39
N VAL H 53 -32.41 44.08 23.32
CA VAL H 53 -33.83 43.84 23.04
C VAL H 53 -34.76 44.48 24.08
N ASN H 54 -34.64 44.08 25.36
CA ASN H 54 -35.65 44.50 26.32
C ASN H 54 -35.12 45.00 27.66
N LYS H 55 -33.80 45.03 27.88
CA LYS H 55 -33.29 45.50 29.16
C LYS H 55 -33.29 47.03 29.21
N ARG H 56 -33.13 47.56 30.42
CA ARG H 56 -33.24 49.01 30.62
C ARG H 56 -32.06 49.53 31.44
N PRO H 57 -31.54 50.71 31.12
CA PRO H 57 -30.51 51.34 31.95
C PRO H 57 -31.13 52.12 33.09
N SER H 58 -30.27 52.86 33.80
CA SER H 58 -30.72 53.70 34.90
C SER H 58 -31.54 54.88 34.38
N GLY H 59 -32.57 55.25 35.14
CA GLY H 59 -33.40 56.39 34.81
C GLY H 59 -34.58 56.10 33.91
N VAL H 60 -34.71 54.87 33.41
CA VAL H 60 -35.81 54.49 32.53
C VAL H 60 -36.71 53.51 33.26
N SER H 61 -37.98 53.85 33.39
CA SER H 61 -38.97 53.01 34.03
C SER H 61 -39.63 52.09 32.99
N ASN H 62 -40.74 51.48 33.39
CA ASN H 62 -41.43 50.51 32.54
C ASN H 62 -42.33 51.17 31.48
N ARG H 63 -42.14 52.47 31.24
CA ARG H 63 -42.78 53.13 30.11
C ARG H 63 -42.32 52.55 28.78
N PHE H 64 -41.04 52.22 28.66
CA PHE H 64 -40.45 51.72 27.44
C PHE H 64 -40.11 50.24 27.60
N SER H 65 -40.39 49.46 26.57
CA SER H 65 -40.05 48.04 26.58
C SER H 65 -39.72 47.61 25.15
N GLY H 66 -39.22 46.39 25.01
CA GLY H 66 -38.82 45.90 23.71
C GLY H 66 -39.09 44.42 23.54
N SER H 67 -39.06 43.99 22.28
CA SER H 67 -39.28 42.59 21.95
C SER H 67 -38.54 42.29 20.66
N LYS H 68 -38.30 41.01 20.40
CA LYS H 68 -37.64 40.57 19.18
C LYS H 68 -38.17 39.20 18.78
N SER H 69 -38.43 39.04 17.49
CA SER H 69 -38.91 37.76 16.97
C SER H 69 -38.42 37.61 15.53
N GLY H 70 -37.49 36.68 15.32
CA GLY H 70 -36.97 36.46 13.98
C GLY H 70 -36.05 37.58 13.56
N ASN H 71 -36.30 38.12 12.36
CA ASN H 71 -35.43 39.14 11.79
C ASN H 71 -35.89 40.55 12.13
N THR H 72 -36.77 40.69 13.13
CA THR H 72 -37.29 42.01 13.46
C THR H 72 -37.39 42.16 14.98
N ALA H 73 -37.38 43.42 15.41
CA ALA H 73 -37.53 43.80 16.80
C ALA H 73 -38.53 44.95 16.89
N SER H 74 -38.90 45.31 18.11
CA SER H 74 -39.94 46.31 18.30
C SER H 74 -39.78 46.99 19.64
N LEU H 75 -40.02 48.31 19.62
CA LEU H 75 -40.09 49.16 20.81
C LEU H 75 -41.54 49.45 21.12
N THR H 76 -41.89 49.42 22.41
CA THR H 76 -43.24 49.72 22.87
C THR H 76 -43.20 50.80 23.94
N ILE H 77 -44.02 51.84 23.75
CA ILE H 77 -44.22 52.89 24.73
C ILE H 77 -45.61 52.72 25.33
N SER H 78 -45.67 52.58 26.65
CA SER H 78 -46.91 52.45 27.39
C SER H 78 -47.12 53.69 28.24
N GLY H 79 -48.34 54.22 28.22
CA GLY H 79 -48.63 55.46 28.91
C GLY H 79 -47.99 56.65 28.22
N LEU H 80 -48.46 56.96 27.02
CA LEU H 80 -47.86 58.01 26.22
C LEU H 80 -48.14 59.39 26.79
N GLN H 81 -47.13 60.25 26.74
CA GLN H 81 -47.24 61.63 27.21
C GLN H 81 -46.82 62.58 26.11
N ALA H 82 -46.83 63.88 26.43
CA ALA H 82 -46.43 64.88 25.46
C ALA H 82 -44.92 64.96 25.31
N GLU H 83 -44.18 64.42 26.27
CA GLU H 83 -42.72 64.45 26.21
C GLU H 83 -42.16 63.39 25.28
N ASP H 84 -42.98 62.44 24.83
CA ASP H 84 -42.48 61.31 24.06
C ASP H 84 -42.41 61.57 22.57
N GLU H 85 -42.73 62.78 22.12
CA GLU H 85 -42.54 63.11 20.71
C GLU H 85 -41.05 63.34 20.45
N ALA H 86 -40.50 62.61 19.49
CA ALA H 86 -39.05 62.53 19.29
C ALA H 86 -38.75 61.78 18.01
N ASP H 87 -37.46 61.59 17.75
CA ASP H 87 -37.01 60.62 16.76
C ASP H 87 -36.47 59.39 17.48
N TYR H 88 -36.75 58.21 16.94
CA TYR H 88 -36.33 56.97 17.56
C TYR H 88 -35.49 56.16 16.58
N TYR H 89 -34.30 55.75 17.01
CA TYR H 89 -33.35 55.06 16.17
C TYR H 89 -33.06 53.67 16.70
N CYS H 90 -32.99 52.71 15.79
CA CYS H 90 -32.70 51.32 16.10
C CYS H 90 -31.31 50.96 15.58
N CYS H 91 -30.44 50.52 16.48
CA CYS H 91 -29.12 50.03 16.13
C CYS H 91 -29.00 48.58 16.54
N SER H 92 -28.20 47.82 15.80
CA SER H 92 -28.04 46.41 16.10
C SER H 92 -26.69 45.92 15.60
N PHE H 93 -26.34 44.71 16.00
CA PHE H 93 -25.16 44.04 15.46
C PHE H 93 -25.33 43.83 13.96
N GLY H 94 -24.32 44.25 13.19
CA GLY H 94 -24.46 44.33 11.75
C GLY H 94 -23.73 43.28 10.94
N GLY H 95 -23.27 42.19 11.55
CA GLY H 95 -22.63 41.14 10.80
C GLY H 95 -21.17 41.44 10.50
N SER H 96 -20.32 40.40 10.62
CA SER H 96 -18.88 40.47 10.36
C SER H 96 -18.21 41.55 11.22
N ALA H 97 -18.59 41.58 12.50
CA ALA H 97 -18.10 42.51 13.53
C ALA H 97 -18.34 43.96 13.11
N THR H 98 -19.62 44.30 13.08
CA THR H 98 -20.10 45.62 12.69
C THR H 98 -21.40 45.88 13.46
N VAL H 99 -21.71 47.14 13.73
CA VAL H 99 -23.06 47.51 14.14
C VAL H 99 -23.61 48.48 13.10
N VAL H 100 -24.93 48.46 12.95
CA VAL H 100 -25.61 49.21 11.90
C VAL H 100 -26.87 49.84 12.49
N CYS H 101 -27.15 51.08 12.07
CA CYS H 101 -28.32 51.82 12.52
C CYS H 101 -29.15 52.24 11.31
N GLY H 102 -30.48 52.24 11.48
CA GLY H 102 -31.38 52.56 10.39
C GLY H 102 -31.95 53.97 10.48
N GLY H 103 -32.71 54.33 9.45
CA GLY H 103 -33.38 55.62 9.44
C GLY H 103 -34.52 55.66 10.44
N GLY H 104 -34.52 56.68 11.28
CA GLY H 104 -35.35 56.68 12.46
C GLY H 104 -36.82 56.92 12.19
N THR H 105 -37.61 56.81 13.26
CA THR H 105 -39.05 56.93 13.22
C THR H 105 -39.46 58.17 14.03
N LYS H 106 -40.27 59.03 13.43
CA LYS H 106 -40.74 60.22 14.11
C LYS H 106 -42.04 59.93 14.87
N VAL H 107 -41.99 60.06 16.19
CA VAL H 107 -43.17 59.92 17.03
C VAL H 107 -43.69 61.31 17.34
N THR H 108 -44.93 61.57 16.93
CA THR H 108 -45.64 62.81 17.21
C THR H 108 -46.82 62.49 18.11
N VAL H 109 -46.98 63.27 19.18
CA VAL H 109 -48.05 63.07 20.15
C VAL H 109 -49.24 63.90 19.70
N LEU H 110 -50.44 63.31 19.78
CA LEU H 110 -51.66 64.01 19.40
C LEU H 110 -52.29 64.73 20.59
N LEU I 4 -48.30 -37.82 17.94
CA LEU I 4 -47.28 -37.39 16.99
C LEU I 4 -46.17 -36.66 17.73
N TRP I 5 -44.95 -36.81 17.23
CA TRP I 5 -43.77 -36.26 17.88
C TRP I 5 -42.93 -35.47 16.88
N VAL I 6 -42.18 -34.51 17.41
CA VAL I 6 -41.32 -33.65 16.59
C VAL I 6 -40.10 -34.44 16.15
N THR I 7 -39.59 -34.13 14.95
CA THR I 7 -38.52 -34.88 14.32
C THR I 7 -37.76 -33.96 13.36
N VAL I 8 -36.44 -33.91 13.51
CA VAL I 8 -35.60 -33.00 12.74
C VAL I 8 -34.98 -33.77 11.57
N TYR I 9 -34.67 -33.03 10.51
CA TYR I 9 -34.10 -33.59 9.29
C TYR I 9 -32.97 -32.69 8.82
N TYR I 10 -31.87 -33.31 8.38
CA TYR I 10 -30.70 -32.58 7.89
C TYR I 10 -30.51 -32.88 6.42
N GLY I 11 -30.30 -31.83 5.63
CA GLY I 11 -30.26 -31.95 4.19
C GLY I 11 -31.53 -31.52 3.50
N VAL I 12 -32.28 -30.60 4.09
CA VAL I 12 -33.61 -30.25 3.58
C VAL I 12 -33.47 -29.11 2.58
N PRO I 13 -34.02 -29.23 1.36
CA PRO I 13 -33.94 -28.13 0.39
C PRO I 13 -34.84 -26.94 0.71
N VAL I 14 -34.36 -26.04 1.58
CA VAL I 14 -35.11 -24.85 1.98
C VAL I 14 -34.22 -23.62 1.81
N TRP I 15 -34.79 -22.58 1.21
CA TRP I 15 -34.06 -21.43 0.70
C TRP I 15 -34.45 -20.17 1.47
N LYS I 16 -33.49 -19.26 1.61
CA LYS I 16 -33.76 -17.89 2.03
C LYS I 16 -32.90 -16.93 1.23
N GLU I 17 -33.50 -15.84 0.76
CA GLU I 17 -32.73 -14.87 -0.02
C GLU I 17 -31.80 -14.08 0.90
N ALA I 18 -30.52 -14.01 0.51
CA ALA I 18 -29.51 -13.46 1.40
C ALA I 18 -28.36 -12.85 0.61
N LYS I 19 -27.60 -12.00 1.29
CA LYS I 19 -26.42 -11.37 0.71
C LYS I 19 -25.18 -12.20 1.01
N THR I 20 -24.26 -12.28 0.04
CA THR I 20 -23.02 -13.02 0.22
C THR I 20 -21.96 -12.43 -0.69
N THR I 21 -20.76 -13.01 -0.63
CA THR I 21 -19.65 -12.58 -1.47
C THR I 21 -19.45 -13.59 -2.59
N LEU I 22 -19.99 -13.26 -3.77
CA LEU I 22 -19.84 -14.13 -4.93
C LEU I 22 -18.48 -13.89 -5.58
N PHE I 23 -17.83 -14.96 -6.01
CA PHE I 23 -16.46 -14.86 -6.49
C PHE I 23 -16.40 -15.15 -7.99
N CYS I 24 -15.20 -15.02 -8.54
CA CYS I 24 -15.00 -14.96 -9.98
C CYS I 24 -14.44 -16.28 -10.54
N ALA I 25 -14.94 -16.66 -11.71
CA ALA I 25 -14.44 -17.81 -12.45
C ALA I 25 -14.26 -17.41 -13.92
N SER I 26 -13.13 -17.82 -14.49
CA SER I 26 -12.82 -17.51 -15.88
C SER I 26 -12.40 -18.78 -16.60
N ASP I 27 -12.54 -18.76 -17.92
CA ASP I 27 -12.28 -19.94 -18.73
C ASP I 27 -10.78 -20.22 -18.82
N ALA I 28 -10.45 -21.44 -19.25
CA ALA I 28 -9.11 -21.97 -19.02
C ALA I 28 -8.07 -21.36 -19.95
N ARG I 29 -8.47 -21.01 -21.18
CA ARG I 29 -7.49 -20.62 -22.20
C ARG I 29 -6.83 -19.29 -21.89
N ALA I 30 -7.50 -18.43 -21.11
CA ALA I 30 -6.89 -17.16 -20.69
C ALA I 30 -5.73 -17.40 -19.73
N TYR I 31 -5.70 -18.55 -19.06
CA TYR I 31 -4.56 -18.90 -18.23
C TYR I 31 -3.34 -19.30 -19.03
N GLU I 32 -3.48 -19.50 -20.35
CA GLU I 32 -2.30 -19.70 -21.18
C GLU I 32 -1.56 -18.40 -21.47
N LYS I 33 -2.20 -17.25 -21.24
CA LYS I 33 -1.56 -15.97 -21.43
C LYS I 33 -0.71 -15.61 -20.22
N GLU I 34 -0.03 -14.47 -20.32
CA GLU I 34 0.82 -14.00 -19.23
C GLU I 34 -0.03 -13.38 -18.13
N VAL I 35 0.61 -13.15 -16.97
CA VAL I 35 -0.09 -12.53 -15.86
C VAL I 35 -0.30 -11.04 -16.14
N HIS I 36 -1.33 -10.48 -15.49
CA HIS I 36 -1.69 -9.06 -15.51
C HIS I 36 -2.04 -8.51 -16.88
N ASN I 37 -2.33 -9.37 -17.85
CA ASN I 37 -2.86 -8.87 -19.12
C ASN I 37 -4.31 -8.43 -18.97
N VAL I 38 -5.17 -9.33 -18.50
CA VAL I 38 -6.52 -8.98 -18.08
C VAL I 38 -6.61 -9.43 -16.62
N TRP I 39 -7.49 -8.79 -15.84
CA TRP I 39 -7.64 -9.11 -14.43
C TRP I 39 -8.24 -10.49 -14.20
N ALA I 40 -8.91 -11.05 -15.22
CA ALA I 40 -9.58 -12.34 -15.06
C ALA I 40 -8.57 -13.48 -14.98
N THR I 41 -7.53 -13.43 -15.81
CA THR I 41 -6.59 -14.55 -15.87
C THR I 41 -5.60 -14.53 -14.71
N HIS I 42 -5.52 -13.40 -13.99
CA HIS I 42 -4.52 -13.26 -12.95
C HIS I 42 -4.87 -14.09 -11.72
N ALA I 43 -6.12 -14.03 -11.26
CA ALA I 43 -6.42 -14.63 -9.96
C ALA I 43 -7.73 -15.42 -9.89
N CYS I 44 -8.61 -15.27 -10.89
CA CYS I 44 -9.91 -15.95 -10.84
C CYS I 44 -9.74 -17.46 -10.97
N VAL I 45 -10.76 -18.19 -10.55
CA VAL I 45 -10.61 -19.65 -10.46
C VAL I 45 -10.88 -20.25 -11.83
N PRO I 46 -10.32 -21.42 -12.16
CA PRO I 46 -10.65 -22.05 -13.45
C PRO I 46 -12.03 -22.68 -13.42
N THR I 47 -12.90 -22.22 -14.30
CA THR I 47 -14.24 -22.78 -14.40
C THR I 47 -14.21 -24.09 -15.19
N ASP I 48 -15.31 -24.81 -15.12
CA ASP I 48 -15.45 -26.10 -15.79
C ASP I 48 -16.92 -26.33 -16.09
N PRO I 49 -17.24 -27.04 -17.17
CA PRO I 49 -18.66 -27.36 -17.43
C PRO I 49 -19.23 -28.47 -16.55
N SER I 50 -18.47 -29.00 -15.59
CA SER I 50 -19.00 -30.02 -14.69
C SER I 50 -20.15 -29.56 -13.81
N PRO I 51 -20.16 -28.34 -13.18
CA PRO I 51 -21.41 -27.88 -12.54
C PRO I 51 -22.46 -27.51 -13.58
N GLN I 52 -23.16 -28.51 -14.11
CA GLN I 52 -24.11 -28.27 -15.19
C GLN I 52 -25.39 -27.62 -14.68
N GLU I 53 -26.15 -27.06 -15.61
CA GLU I 53 -27.46 -26.53 -15.30
C GLU I 53 -28.43 -27.67 -15.02
N LEU I 54 -29.11 -27.60 -13.89
CA LEU I 54 -30.02 -28.65 -13.44
C LEU I 54 -31.42 -28.07 -13.27
N VAL I 55 -32.35 -28.51 -14.12
CA VAL I 55 -33.73 -28.05 -14.04
C VAL I 55 -34.38 -28.69 -12.81
N LEU I 56 -35.21 -27.91 -12.12
CA LEU I 56 -35.83 -28.36 -10.88
C LEU I 56 -37.23 -28.89 -11.13
N GLY I 57 -37.96 -29.14 -10.04
CA GLY I 57 -39.30 -29.70 -10.12
C GLY I 57 -40.37 -28.66 -10.37
N ASN I 58 -41.39 -28.65 -9.52
CA ASN I 58 -42.55 -27.79 -9.70
C ASN I 58 -42.39 -26.47 -8.94
N VAL I 59 -41.15 -26.00 -8.79
CA VAL I 59 -40.88 -24.80 -8.00
C VAL I 59 -41.25 -23.56 -8.80
N THR I 60 -41.89 -22.60 -8.12
CA THR I 60 -42.15 -21.28 -8.64
C THR I 60 -41.48 -20.27 -7.71
N GLU I 61 -40.62 -19.41 -8.27
CA GLU I 61 -39.75 -18.59 -7.44
C GLU I 61 -39.78 -17.15 -7.92
N ASN I 62 -39.86 -16.21 -6.99
CA ASN I 62 -39.89 -14.80 -7.33
C ASN I 62 -38.50 -14.28 -7.66
N PHE I 63 -38.40 -13.50 -8.74
CA PHE I 63 -37.17 -12.87 -9.17
C PHE I 63 -37.39 -11.38 -9.34
N ASN I 64 -36.32 -10.60 -9.24
CA ASN I 64 -36.40 -9.15 -9.38
C ASN I 64 -35.02 -8.60 -9.74
N MET I 65 -34.99 -7.62 -10.65
CA MET I 65 -33.71 -7.05 -11.08
C MET I 65 -33.35 -5.83 -10.26
N TRP I 66 -34.31 -4.91 -10.08
CA TRP I 66 -34.03 -3.52 -9.72
C TRP I 66 -33.60 -3.34 -8.28
N LYS I 67 -33.71 -4.36 -7.42
CA LYS I 67 -33.06 -4.35 -6.11
C LYS I 67 -32.21 -5.60 -5.90
N ASN I 68 -31.53 -6.07 -6.93
CA ASN I 68 -30.59 -7.17 -6.77
C ASN I 68 -29.32 -6.69 -6.11
N ASP I 69 -28.58 -7.61 -5.48
CA ASP I 69 -27.31 -7.27 -4.87
C ASP I 69 -26.14 -7.70 -5.74
N MET I 70 -26.39 -8.59 -6.71
CA MET I 70 -25.33 -9.05 -7.60
C MET I 70 -24.80 -7.92 -8.48
N VAL I 71 -25.68 -7.03 -8.92
CA VAL I 71 -25.25 -5.97 -9.84
C VAL I 71 -24.45 -4.90 -9.11
N ASP I 72 -24.82 -4.58 -7.87
CA ASP I 72 -24.08 -3.60 -7.08
C ASP I 72 -22.72 -4.14 -6.66
N GLN I 73 -22.67 -5.43 -6.29
CA GLN I 73 -21.41 -6.08 -5.96
C GLN I 73 -20.49 -6.18 -7.18
N MET I 74 -21.06 -6.46 -8.35
CA MET I 74 -20.26 -6.51 -9.57
C MET I 74 -19.74 -5.12 -9.95
N HIS I 75 -20.56 -4.09 -9.73
CA HIS I 75 -20.11 -2.72 -9.96
C HIS I 75 -18.97 -2.34 -9.03
N GLU I 76 -19.08 -2.69 -7.75
CA GLU I 76 -18.00 -2.43 -6.80
C GLU I 76 -16.74 -3.21 -7.14
N ASP I 77 -16.90 -4.46 -7.59
CA ASP I 77 -15.75 -5.28 -7.98
C ASP I 77 -15.04 -4.71 -9.20
N ILE I 78 -15.80 -4.27 -10.20
CA ILE I 78 -15.19 -3.73 -11.40
C ILE I 78 -14.51 -2.39 -11.11
N ILE I 79 -15.11 -1.58 -10.22
CA ILE I 79 -14.47 -0.34 -9.75
C ILE I 79 -13.16 -0.62 -9.05
N SER I 80 -13.17 -1.56 -8.08
CA SER I 80 -11.97 -1.82 -7.29
C SER I 80 -10.89 -2.53 -8.10
N LEU I 81 -11.28 -3.42 -9.02
CA LEU I 81 -10.32 -4.11 -9.87
C LEU I 81 -9.70 -3.18 -10.89
N TRP I 82 -10.49 -2.25 -11.42
CA TRP I 82 -9.98 -1.27 -12.36
C TRP I 82 -9.06 -0.27 -11.67
N ASP I 83 -9.37 0.05 -10.41
CA ASP I 83 -8.48 0.86 -9.58
C ASP I 83 -7.17 0.12 -9.29
N GLN I 84 -7.27 -1.19 -9.02
CA GLN I 84 -6.10 -2.01 -8.71
C GLN I 84 -5.17 -2.13 -9.92
N SER I 85 -5.74 -2.19 -11.13
CA SER I 85 -4.91 -2.33 -12.32
C SER I 85 -4.10 -1.09 -12.65
N LEU I 86 -4.44 0.07 -12.09
CA LEU I 86 -3.73 1.32 -12.39
C LEU I 86 -2.68 1.69 -11.34
N LYS I 87 -2.51 0.88 -10.30
CA LYS I 87 -1.52 1.20 -9.27
C LYS I 87 -0.05 1.17 -9.73
N PRO I 88 0.48 0.16 -10.45
CA PRO I 88 1.91 0.23 -10.79
C PRO I 88 2.25 1.16 -11.94
N CYS I 89 1.26 1.70 -12.64
CA CYS I 89 1.50 2.50 -13.83
C CYS I 89 1.97 3.91 -13.47
N VAL I 90 2.53 4.60 -14.45
CA VAL I 90 3.08 5.94 -14.29
C VAL I 90 1.94 6.93 -14.03
N LYS I 91 2.17 7.88 -13.12
CA LYS I 91 1.13 8.75 -12.59
C LYS I 91 1.18 10.08 -13.36
N LEU I 92 1.97 10.10 -14.43
CA LEU I 92 2.47 11.32 -15.09
C LEU I 92 3.03 12.23 -14.01
N THR I 93 2.48 13.48 -13.90
CA THR I 93 2.63 14.64 -13.00
C THR I 93 3.55 15.74 -13.57
N PRO I 94 4.74 15.47 -14.20
CA PRO I 94 5.42 16.57 -14.89
C PRO I 94 4.81 17.00 -16.21
N LEU I 95 3.61 16.51 -16.54
CA LEU I 95 2.89 16.98 -17.71
C LEU I 95 1.89 18.08 -17.42
N CYS I 96 1.85 18.62 -16.20
CA CYS I 96 1.05 19.80 -15.89
C CYS I 96 1.74 21.11 -16.25
N VAL I 97 2.79 21.09 -17.07
CA VAL I 97 3.45 22.33 -17.47
C VAL I 97 2.58 23.08 -18.49
N THR I 98 2.99 24.32 -18.75
CA THR I 98 2.36 25.08 -19.82
C THR I 98 2.69 24.47 -21.17
N LEU I 99 1.66 24.17 -21.94
CA LEU I 99 1.80 23.63 -23.28
C LEU I 99 1.58 24.76 -24.27
N ILE I 100 2.57 25.03 -25.10
CA ILE I 100 2.45 26.01 -26.17
C ILE I 100 1.96 25.26 -27.40
N CYS I 101 0.71 25.46 -27.77
CA CYS I 101 0.06 24.64 -28.77
C CYS I 101 -0.21 25.46 -30.02
N SER I 102 0.55 25.17 -31.07
CA SER I 102 0.28 25.76 -32.36
C SER I 102 -0.60 24.83 -33.19
N ASN I 103 -0.95 25.31 -34.39
CA ASN I 103 -1.73 24.53 -35.33
C ASN I 103 -0.95 23.31 -35.80
N ALA I 104 -1.60 22.15 -35.75
CA ALA I 104 -0.99 20.89 -36.17
C ALA I 104 -1.18 20.73 -37.69
N THR I 105 -0.41 21.52 -38.43
CA THR I 105 -0.51 21.53 -39.89
C THR I 105 0.16 20.28 -40.43
N VAL I 106 -0.62 19.20 -40.52
CA VAL I 106 -0.12 17.92 -41.01
C VAL I 106 0.04 18.01 -42.53
N LYS I 107 1.31 17.98 -42.99
CA LYS I 107 1.79 18.10 -44.38
C LYS I 107 1.02 19.11 -45.22
N ASN I 108 1.17 20.40 -44.85
CA ASN I 108 0.82 21.60 -45.62
C ASN I 108 -0.72 21.58 -45.59
N GLY I 109 -1.25 21.45 -44.37
CA GLY I 109 -2.70 21.48 -44.18
C GLY I 109 -3.04 21.21 -42.74
N THR I 110 -3.97 21.99 -42.20
CA THR I 110 -4.30 21.91 -40.78
C THR I 110 -5.30 20.78 -40.50
N VAL I 111 -5.19 20.19 -39.31
CA VAL I 111 -6.20 19.26 -38.80
C VAL I 111 -7.07 20.06 -37.84
N GLU I 112 -8.34 19.69 -37.74
CA GLU I 112 -9.26 20.48 -36.93
C GLU I 112 -9.40 19.93 -35.53
N GLU I 113 -8.97 18.68 -35.30
CA GLU I 113 -9.12 18.04 -34.00
C GLU I 113 -7.85 18.05 -33.16
N MET I 114 -6.68 18.11 -33.77
CA MET I 114 -5.43 17.88 -33.05
C MET I 114 -4.57 19.14 -33.04
N LYS I 115 -3.81 19.31 -31.97
CA LYS I 115 -2.96 20.47 -31.77
C LYS I 115 -1.51 20.03 -31.60
N ASN I 116 -0.57 20.79 -32.20
CA ASN I 116 0.85 20.61 -31.94
C ASN I 116 1.26 21.31 -30.64
N CYS I 117 1.14 20.57 -29.53
CA CYS I 117 1.51 21.14 -28.24
C CYS I 117 2.97 20.79 -27.92
N SER I 118 3.79 21.81 -27.74
CA SER I 118 5.18 21.66 -27.36
C SER I 118 5.35 22.11 -25.92
N PHE I 119 6.22 21.40 -25.18
CA PHE I 119 6.37 21.62 -23.76
C PHE I 119 7.77 21.23 -23.32
N ASN I 120 8.23 21.83 -22.23
CA ASN I 120 9.55 21.57 -21.68
C ASN I 120 9.45 20.47 -20.64
N THR I 121 9.98 19.29 -20.98
CA THR I 121 9.99 18.15 -20.08
C THR I 121 11.25 18.19 -19.23
N THR I 122 11.09 17.91 -17.95
CA THR I 122 12.24 17.50 -17.16
C THR I 122 12.67 16.10 -17.61
N THR I 123 13.96 15.92 -17.82
CA THR I 123 14.45 14.62 -18.22
C THR I 123 14.73 13.79 -16.96
N GLU I 124 15.43 12.67 -17.15
CA GLU I 124 15.80 11.83 -16.02
C GLU I 124 16.84 12.50 -15.12
N ILE I 125 17.54 13.50 -15.62
CA ILE I 125 18.45 14.34 -14.84
C ILE I 125 17.68 15.57 -14.43
N ARG I 126 17.38 15.68 -13.13
CA ARG I 126 16.30 16.57 -12.69
C ARG I 126 16.68 18.04 -12.74
N ASP I 127 17.96 18.36 -12.91
CA ASP I 127 18.32 19.76 -13.10
C ASP I 127 18.32 20.19 -14.56
N LYS I 128 18.16 19.25 -15.49
CA LYS I 128 18.22 19.52 -16.92
C LYS I 128 16.84 19.29 -17.53
N GLU I 129 16.51 20.08 -18.56
CA GLU I 129 15.24 19.99 -19.25
C GLU I 129 15.45 19.99 -20.75
N LYS I 130 14.52 19.36 -21.46
CA LYS I 130 14.54 19.31 -22.92
C LYS I 130 13.17 19.63 -23.48
N LYS I 131 13.13 20.25 -24.65
CA LYS I 131 11.86 20.57 -25.29
C LYS I 131 11.36 19.40 -26.09
N GLU I 132 10.10 19.04 -25.89
CA GLU I 132 9.44 17.97 -26.62
C GLU I 132 8.16 18.50 -27.22
N TYR I 133 7.57 17.70 -28.11
CA TYR I 133 6.31 18.07 -28.75
C TYR I 133 5.43 16.83 -28.83
N ALA I 134 4.13 17.05 -28.91
CA ALA I 134 3.18 15.96 -29.10
C ALA I 134 1.91 16.52 -29.72
N LEU I 135 1.18 15.64 -30.39
CA LEU I 135 -0.10 16.04 -30.98
C LEU I 135 -1.23 15.59 -30.06
N PHE I 136 -1.99 16.55 -29.53
CA PHE I 136 -3.03 16.27 -28.56
C PHE I 136 -4.41 16.52 -29.16
N TYR I 137 -5.37 15.67 -28.81
CA TYR I 137 -6.75 15.91 -29.18
C TYR I 137 -7.30 17.11 -28.41
N LYS I 138 -8.09 17.93 -29.09
CA LYS I 138 -8.69 19.13 -28.51
C LYS I 138 -9.66 18.94 -27.33
N PRO I 139 -10.39 17.83 -27.17
CA PRO I 139 -11.07 17.62 -25.88
C PRO I 139 -10.15 17.47 -24.68
N ASP I 140 -8.87 17.16 -24.89
CA ASP I 140 -7.92 17.01 -23.79
C ASP I 140 -7.24 18.32 -23.41
N ILE I 141 -7.48 19.39 -24.16
CA ILE I 141 -6.68 20.61 -24.09
C ILE I 141 -7.61 21.79 -23.80
N VAL I 142 -7.28 22.54 -22.74
CA VAL I 142 -8.04 23.71 -22.31
C VAL I 142 -7.09 24.90 -22.32
N PRO I 143 -7.51 26.08 -22.78
CA PRO I 143 -6.65 27.27 -22.68
C PRO I 143 -6.37 27.64 -21.24
N LEU I 144 -5.19 28.23 -21.01
CA LEU I 144 -4.60 28.28 -19.68
C LEU I 144 -5.32 29.26 -18.77
N SER I 145 -5.41 30.52 -19.17
CA SER I 145 -6.02 31.54 -18.34
C SER I 145 -6.51 32.67 -19.22
N GLU I 146 -6.86 33.79 -18.59
CA GLU I 146 -7.32 34.99 -19.27
C GLU I 146 -6.20 35.94 -19.64
N THR I 147 -4.95 35.51 -19.53
CA THR I 147 -3.81 36.37 -19.82
C THR I 147 -3.68 36.62 -21.33
N ASN I 148 -2.81 37.57 -21.66
CA ASN I 148 -2.67 38.04 -23.04
C ASN I 148 -1.79 37.12 -23.87
N ASN I 149 -2.20 35.86 -24.02
CA ASN I 149 -1.51 34.91 -24.87
C ASN I 149 -2.50 33.82 -25.25
N THR I 150 -2.88 33.77 -26.52
CA THR I 150 -3.83 32.77 -26.99
C THR I 150 -3.16 31.46 -27.41
N SER I 151 -1.84 31.40 -27.38
CA SER I 151 -1.10 30.22 -27.84
C SER I 151 -0.57 29.36 -26.69
N GLU I 152 -0.99 29.61 -25.46
CA GLU I 152 -0.54 28.86 -24.30
C GLU I 152 -1.71 28.10 -23.71
N TYR I 153 -1.56 26.78 -23.58
CA TYR I 153 -2.67 25.91 -23.23
C TYR I 153 -2.28 25.04 -22.04
N ARG I 154 -3.13 24.05 -21.77
CA ARG I 154 -3.05 23.25 -20.55
C ARG I 154 -3.79 21.95 -20.79
N LEU I 155 -3.43 20.91 -20.03
CA LEU I 155 -4.23 19.70 -20.01
C LEU I 155 -5.57 19.97 -19.32
N ILE I 156 -6.57 19.12 -19.62
CA ILE I 156 -7.87 19.30 -19.00
C ILE I 156 -7.83 18.89 -17.54
N ASN I 157 -6.83 18.10 -17.15
CA ASN I 157 -6.53 17.86 -15.74
C ASN I 157 -5.78 19.02 -15.12
N CYS I 158 -5.21 18.73 -13.93
CA CYS I 158 -4.39 19.57 -13.06
C CYS I 158 -5.27 20.59 -12.32
N ASN I 159 -6.53 20.72 -12.73
CA ASN I 159 -7.46 21.57 -12.01
C ASN I 159 -8.21 20.78 -10.95
N THR I 160 -8.39 19.47 -11.18
CA THR I 160 -9.10 18.62 -10.24
C THR I 160 -8.33 17.38 -9.80
N SER I 161 -7.50 16.77 -10.63
CA SER I 161 -6.79 15.55 -10.28
C SER I 161 -5.58 15.39 -11.18
N ALA I 162 -4.80 14.34 -10.92
CA ALA I 162 -3.64 14.01 -11.73
C ALA I 162 -3.85 12.62 -12.32
N CYS I 163 -3.89 12.55 -13.65
CA CYS I 163 -4.20 11.30 -14.33
C CYS I 163 -2.98 10.39 -14.41
N THR I 164 -3.19 9.12 -14.13
CA THR I 164 -2.20 8.09 -14.36
C THR I 164 -2.41 7.49 -15.75
N GLN I 165 -1.30 7.27 -16.46
CA GLN I 165 -1.38 6.70 -17.79
C GLN I 165 -1.70 5.22 -17.70
N ALA I 166 -2.65 4.75 -18.51
CA ALA I 166 -2.93 3.32 -18.59
C ALA I 166 -1.74 2.61 -19.21
N CYS I 167 -1.34 1.50 -18.58
CA CYS I 167 -0.17 0.76 -19.01
C CYS I 167 -0.39 0.13 -20.38
N PRO I 168 0.57 0.21 -21.30
CA PRO I 168 0.36 -0.36 -22.64
C PRO I 168 0.36 -1.88 -22.68
N LYS I 169 0.85 -2.54 -21.64
CA LYS I 169 0.89 -4.00 -21.63
C LYS I 169 -0.38 -4.64 -21.09
N VAL I 170 -1.26 -3.88 -20.43
CA VAL I 170 -2.56 -4.39 -20.01
C VAL I 170 -3.56 -4.07 -21.11
N THR I 171 -4.59 -4.90 -21.23
CA THR I 171 -5.58 -4.73 -22.28
C THR I 171 -6.94 -4.41 -21.70
N PHE I 172 -7.76 -3.74 -22.52
CA PHE I 172 -9.12 -3.40 -22.17
C PHE I 172 -10.14 -4.41 -22.70
N GLU I 173 -9.70 -5.61 -23.03
CA GLU I 173 -10.58 -6.58 -23.67
C GLU I 173 -11.54 -7.17 -22.64
N PRO I 174 -12.84 -7.20 -22.91
CA PRO I 174 -13.81 -7.77 -21.96
C PRO I 174 -13.87 -9.30 -21.97
N ILE I 175 -12.94 -9.90 -21.22
CA ILE I 175 -12.97 -11.34 -20.98
C ILE I 175 -14.19 -11.67 -20.11
N PRO I 176 -14.99 -12.68 -20.45
CA PRO I 176 -16.21 -12.95 -19.68
C PRO I 176 -15.94 -13.45 -18.26
N ILE I 177 -16.83 -13.06 -17.35
CA ILE I 177 -16.69 -13.32 -15.92
C ILE I 177 -17.88 -14.16 -15.46
N HIS I 178 -17.59 -15.26 -14.77
CA HIS I 178 -18.62 -16.11 -14.18
C HIS I 178 -18.69 -15.81 -12.69
N TYR I 179 -19.86 -15.41 -12.21
CA TYR I 179 -20.04 -15.14 -10.78
C TYR I 179 -20.59 -16.38 -10.10
N CYS I 180 -19.88 -16.86 -9.09
CA CYS I 180 -20.22 -18.09 -8.39
C CYS I 180 -20.53 -17.81 -6.93
N ALA I 181 -21.50 -18.53 -6.40
CA ALA I 181 -21.86 -18.47 -5.00
C ALA I 181 -20.94 -19.37 -4.18
N PRO I 182 -20.66 -19.04 -2.91
CA PRO I 182 -19.83 -19.93 -2.09
C PRO I 182 -20.58 -21.19 -1.68
N ALA I 183 -19.86 -22.10 -1.04
CA ALA I 183 -20.44 -23.35 -0.59
C ALA I 183 -21.45 -23.10 0.53
N GLY I 184 -22.62 -23.71 0.41
CA GLY I 184 -23.75 -23.39 1.25
C GLY I 184 -24.76 -22.46 0.62
N TYR I 185 -24.48 -21.95 -0.57
CA TYR I 185 -25.38 -21.09 -1.33
C TYR I 185 -25.57 -21.68 -2.72
N ALA I 186 -26.61 -21.20 -3.41
CA ALA I 186 -26.90 -21.66 -4.77
C ALA I 186 -27.36 -20.47 -5.61
N ILE I 187 -27.28 -20.60 -6.93
CA ILE I 187 -27.73 -19.54 -7.84
C ILE I 187 -28.93 -20.06 -8.61
N LEU I 188 -30.06 -19.40 -8.46
CA LEU I 188 -31.27 -19.76 -9.19
C LEU I 188 -31.33 -18.96 -10.49
N LYS I 189 -31.58 -19.65 -11.59
CA LYS I 189 -31.66 -19.07 -12.92
C LYS I 189 -33.08 -19.24 -13.42
N CYS I 190 -33.73 -18.13 -13.77
CA CYS I 190 -35.08 -18.17 -14.31
C CYS I 190 -35.02 -18.42 -15.81
N ASN I 191 -35.64 -19.51 -16.24
CA ASN I 191 -35.55 -19.97 -17.62
C ASN I 191 -36.75 -19.57 -18.47
N ASP I 192 -37.62 -18.71 -17.97
CA ASP I 192 -38.76 -18.25 -18.76
C ASP I 192 -38.30 -17.32 -19.86
N GLU I 193 -38.72 -17.62 -21.10
CA GLU I 193 -38.33 -16.80 -22.24
C GLU I 193 -39.10 -15.49 -22.32
N THR I 194 -40.33 -15.46 -21.80
CA THR I 194 -41.14 -14.25 -21.77
C THR I 194 -40.97 -13.47 -20.48
N PHE I 195 -39.85 -13.62 -19.80
CA PHE I 195 -39.67 -13.05 -18.47
C PHE I 195 -39.39 -11.55 -18.56
N ASN I 196 -40.22 -10.76 -17.87
CA ASN I 196 -40.04 -9.31 -17.87
C ASN I 196 -38.85 -8.89 -17.01
N GLY I 197 -38.59 -9.62 -15.93
CA GLY I 197 -37.54 -9.28 -14.99
C GLY I 197 -38.02 -9.07 -13.57
N THR I 198 -39.33 -8.92 -13.35
CA THR I 198 -39.89 -8.73 -12.03
C THR I 198 -41.11 -9.63 -11.89
N GLY I 199 -41.13 -10.46 -10.85
CA GLY I 199 -42.28 -11.27 -10.56
C GLY I 199 -41.96 -12.76 -10.46
N PRO I 200 -42.98 -13.60 -10.53
CA PRO I 200 -42.76 -15.04 -10.39
C PRO I 200 -42.21 -15.66 -11.66
N CYS I 201 -41.34 -16.65 -11.49
CA CYS I 201 -40.82 -17.46 -12.58
C CYS I 201 -41.19 -18.91 -12.30
N SER I 202 -41.82 -19.56 -13.26
CA SER I 202 -42.33 -20.91 -13.10
C SER I 202 -41.41 -21.98 -13.69
N ASN I 203 -40.24 -21.59 -14.18
CA ASN I 203 -39.27 -22.55 -14.72
C ASN I 203 -37.90 -22.12 -14.22
N VAL I 204 -37.51 -22.63 -13.06
CA VAL I 204 -36.31 -22.21 -12.35
C VAL I 204 -35.33 -23.36 -12.27
N SER I 205 -34.06 -23.08 -12.48
CA SER I 205 -33.00 -24.06 -12.35
C SER I 205 -31.98 -23.60 -11.32
N THR I 206 -31.13 -24.52 -10.88
CA THR I 206 -30.05 -24.18 -9.95
C THR I 206 -28.70 -24.42 -10.60
N VAL I 207 -27.80 -23.45 -10.40
CA VAL I 207 -26.49 -23.39 -11.06
C VAL I 207 -25.50 -22.93 -9.98
N GLN I 208 -24.24 -23.37 -10.12
CA GLN I 208 -23.17 -22.87 -9.25
C GLN I 208 -22.53 -21.59 -9.78
N CYS I 209 -22.18 -21.54 -11.06
CA CYS I 209 -21.49 -20.39 -11.64
C CYS I 209 -22.26 -19.85 -12.83
N THR I 210 -22.49 -18.53 -12.84
CA THR I 210 -23.29 -17.89 -13.86
C THR I 210 -22.61 -17.93 -15.23
N HIS I 211 -23.39 -17.60 -16.26
CA HIS I 211 -22.88 -17.56 -17.61
C HIS I 211 -21.91 -16.38 -17.76
N GLY I 212 -21.06 -16.46 -18.79
CA GLY I 212 -20.02 -15.45 -18.98
C GLY I 212 -20.54 -14.06 -19.27
N ILE I 213 -20.43 -13.17 -18.29
CA ILE I 213 -20.88 -11.80 -18.44
C ILE I 213 -19.74 -10.97 -19.05
N ARG I 214 -20.01 -10.33 -20.16
CA ARG I 214 -19.05 -9.41 -20.77
C ARG I 214 -19.09 -8.09 -20.01
N PRO I 215 -17.98 -7.65 -19.41
CA PRO I 215 -17.94 -6.34 -18.73
C PRO I 215 -17.79 -5.17 -19.72
N VAL I 216 -18.78 -5.00 -20.59
CA VAL I 216 -18.70 -4.01 -21.65
C VAL I 216 -19.14 -2.65 -21.10
N VAL I 217 -18.30 -1.65 -21.28
CA VAL I 217 -18.55 -0.28 -20.82
C VAL I 217 -19.04 0.52 -22.02
N SER I 218 -20.32 0.93 -21.97
CA SER I 218 -20.94 1.63 -23.09
C SER I 218 -22.19 2.39 -22.66
N THR I 219 -22.41 3.57 -23.23
CA THR I 219 -23.63 4.32 -22.97
C THR I 219 -24.49 4.37 -24.23
N GLN I 220 -25.81 4.47 -24.01
CA GLN I 220 -26.87 4.71 -24.99
C GLN I 220 -27.14 3.51 -25.92
N LEU I 221 -26.29 2.48 -25.85
CA LEU I 221 -26.46 1.23 -26.56
C LEU I 221 -25.77 0.14 -25.76
N LEU I 222 -26.16 -1.11 -25.98
CA LEU I 222 -25.56 -2.25 -25.31
C LEU I 222 -24.88 -3.13 -26.35
N LEU I 223 -23.60 -3.39 -26.14
CA LEU I 223 -22.75 -4.04 -27.13
C LEU I 223 -22.32 -5.42 -26.63
N ASN I 224 -22.37 -6.39 -27.55
CA ASN I 224 -21.90 -7.77 -27.35
C ASN I 224 -22.59 -8.47 -26.18
N GLY I 225 -23.85 -8.14 -25.92
CA GLY I 225 -24.58 -8.76 -24.83
C GLY I 225 -25.29 -10.03 -25.25
N SER I 226 -26.05 -10.58 -24.31
CA SER I 226 -26.85 -11.75 -24.60
C SER I 226 -28.14 -11.35 -25.32
N LEU I 227 -28.70 -12.30 -26.05
CA LEU I 227 -29.88 -12.07 -26.87
C LEU I 227 -31.08 -12.80 -26.27
N ALA I 228 -32.24 -12.16 -26.36
CA ALA I 228 -33.48 -12.79 -25.90
C ALA I 228 -33.86 -13.94 -26.82
N GLU I 229 -34.58 -14.92 -26.25
CA GLU I 229 -34.79 -16.19 -26.94
C GLU I 229 -35.81 -16.08 -28.07
N LYS I 230 -36.94 -15.39 -27.85
CA LYS I 230 -38.00 -15.39 -28.87
C LYS I 230 -38.57 -14.04 -29.22
N GLU I 231 -38.47 -13.02 -28.37
CA GLU I 231 -39.06 -11.73 -28.69
C GLU I 231 -38.29 -10.63 -27.99
N ILE I 232 -38.48 -9.39 -28.46
CA ILE I 232 -37.83 -8.24 -27.84
C ILE I 232 -38.52 -7.95 -26.51
N VAL I 233 -37.72 -7.89 -25.44
CA VAL I 233 -38.24 -7.75 -24.08
C VAL I 233 -37.93 -6.36 -23.58
N ILE I 234 -38.95 -5.65 -23.09
CA ILE I 234 -38.80 -4.29 -22.64
C ILE I 234 -38.93 -4.27 -21.13
N ARG I 235 -37.88 -3.84 -20.44
CA ARG I 235 -37.80 -3.91 -18.99
C ARG I 235 -37.74 -2.51 -18.40
N SER I 236 -38.54 -2.27 -17.38
CA SER I 236 -38.43 -1.07 -16.56
C SER I 236 -38.89 -1.43 -15.17
N GLU I 237 -38.41 -0.65 -14.19
CA GLU I 237 -38.92 -0.80 -12.82
C GLU I 237 -40.39 -0.43 -12.76
N ASN I 238 -40.74 0.71 -13.38
CA ASN I 238 -42.12 1.08 -13.67
C ASN I 238 -42.15 2.01 -14.89
N LEU I 239 -43.06 1.72 -15.82
CA LEU I 239 -43.10 2.50 -17.06
C LEU I 239 -43.84 3.82 -16.89
N THR I 240 -44.59 3.98 -15.81
CA THR I 240 -45.31 5.23 -15.58
C THR I 240 -44.36 6.39 -15.26
N ASN I 241 -43.34 6.15 -14.46
CA ASN I 241 -42.39 7.19 -14.06
C ASN I 241 -41.47 7.53 -15.22
N ASN I 242 -41.18 8.83 -15.38
CA ASN I 242 -40.36 9.27 -16.49
C ASN I 242 -38.88 8.98 -16.27
N ALA I 243 -38.44 8.96 -15.01
CA ALA I 243 -37.01 8.96 -14.69
C ALA I 243 -36.41 7.56 -14.58
N LYS I 244 -37.04 6.54 -15.15
CA LYS I 244 -36.50 5.18 -15.15
C LYS I 244 -35.95 4.86 -16.53
N ILE I 245 -34.73 4.32 -16.57
CA ILE I 245 -34.09 4.00 -17.83
C ILE I 245 -34.69 2.71 -18.38
N ILE I 246 -35.42 2.83 -19.49
CA ILE I 246 -36.10 1.72 -20.13
C ILE I 246 -35.10 0.86 -20.88
N ILE I 247 -34.87 -0.36 -20.40
CA ILE I 247 -33.89 -1.24 -21.05
C ILE I 247 -34.60 -2.11 -22.07
N VAL I 248 -34.29 -1.91 -23.35
CA VAL I 248 -34.85 -2.72 -24.42
C VAL I 248 -33.85 -3.82 -24.76
N HIS I 249 -34.31 -5.06 -24.78
CA HIS I 249 -33.48 -6.22 -25.04
C HIS I 249 -33.90 -6.81 -26.37
N LEU I 250 -32.97 -6.84 -27.32
CA LEU I 250 -33.25 -7.22 -28.70
C LEU I 250 -33.10 -8.71 -28.90
N HIS I 251 -34.03 -9.27 -29.69
CA HIS I 251 -33.94 -10.68 -30.06
C HIS I 251 -32.85 -10.92 -31.09
N THR I 252 -32.69 -9.99 -32.03
CA THR I 252 -31.66 -10.09 -33.05
C THR I 252 -30.72 -8.90 -32.98
N PRO I 253 -29.41 -9.12 -33.05
CA PRO I 253 -28.46 -8.02 -32.94
C PRO I 253 -28.37 -7.24 -34.24
N VAL I 254 -27.86 -6.02 -34.13
CA VAL I 254 -27.60 -5.16 -35.28
C VAL I 254 -26.10 -4.87 -35.31
N GLU I 255 -25.45 -5.24 -36.41
CA GLU I 255 -23.99 -5.15 -36.46
C GLU I 255 -23.55 -3.72 -36.73
N ILE I 256 -22.68 -3.19 -35.88
CA ILE I 256 -22.12 -1.86 -36.01
C ILE I 256 -20.61 -1.99 -36.18
N VAL I 257 -20.06 -1.29 -37.17
CA VAL I 257 -18.63 -1.34 -37.45
C VAL I 257 -18.03 0.06 -37.32
N CYS I 258 -17.01 0.19 -36.49
CA CYS I 258 -16.45 1.49 -36.16
C CYS I 258 -14.96 1.52 -36.50
N THR I 259 -14.47 2.70 -36.86
CA THR I 259 -13.13 2.80 -37.38
C THR I 259 -12.54 4.19 -37.15
N ARG I 260 -11.22 4.22 -36.97
CA ARG I 260 -10.39 5.41 -37.07
C ARG I 260 -9.43 5.21 -38.23
N PRO I 261 -9.56 6.00 -39.31
CA PRO I 261 -8.81 5.70 -40.54
C PRO I 261 -7.43 6.32 -40.60
N ASN I 262 -7.16 7.42 -39.90
CA ASN I 262 -5.92 8.13 -40.10
C ASN I 262 -4.78 7.43 -39.36
N ASN I 263 -3.65 7.31 -40.05
CA ASN I 263 -2.48 6.56 -39.58
C ASN I 263 -1.74 7.35 -38.50
N ASN I 264 -2.16 7.17 -37.26
CA ASN I 264 -1.40 7.72 -36.16
C ASN I 264 -0.15 6.90 -35.91
N THR I 265 0.77 7.46 -35.11
CA THR I 265 1.95 6.75 -34.67
C THR I 265 2.18 7.03 -33.19
N ARG I 266 3.03 6.21 -32.58
CA ARG I 266 3.30 6.32 -31.15
C ARG I 266 4.72 6.85 -30.94
N LYS I 267 4.84 7.85 -30.08
CA LYS I 267 6.11 8.50 -29.78
C LYS I 267 6.31 8.50 -28.28
N SER I 268 7.49 8.06 -27.84
CA SER I 268 7.78 7.89 -26.43
C SER I 268 8.63 9.05 -25.92
N VAL I 269 8.21 9.65 -24.83
CA VAL I 269 8.93 10.75 -24.18
C VAL I 269 9.33 10.27 -22.79
N ARG I 270 10.63 10.23 -22.52
CA ARG I 270 11.11 9.74 -21.24
C ARG I 270 10.96 10.82 -20.19
N ILE I 271 10.01 10.64 -19.27
CA ILE I 271 9.73 11.58 -18.19
C ILE I 271 10.28 10.97 -16.91
N GLY I 272 11.31 11.58 -16.35
CA GLY I 272 11.87 11.10 -15.11
C GLY I 272 12.66 9.80 -15.27
N PRO I 273 13.01 9.17 -14.14
CA PRO I 273 13.88 7.98 -14.19
C PRO I 273 13.14 6.72 -14.59
N GLY I 274 13.37 6.26 -15.82
CA GLY I 274 12.96 4.94 -16.23
C GLY I 274 11.49 4.73 -16.49
N GLN I 275 10.71 5.79 -16.67
CA GLN I 275 9.31 5.66 -17.03
C GLN I 275 9.00 6.62 -18.16
N THR I 276 8.07 6.22 -19.03
CA THR I 276 7.84 6.90 -20.29
C THR I 276 6.40 7.39 -20.39
N PHE I 277 6.19 8.33 -21.31
CA PHE I 277 4.88 8.87 -21.63
C PHE I 277 4.68 8.71 -23.14
N TYR I 278 3.63 7.98 -23.52
CA TYR I 278 3.39 7.65 -24.92
C TYR I 278 2.35 8.62 -25.49
N ALA I 279 2.69 9.27 -26.59
CA ALA I 279 1.82 10.28 -27.18
C ALA I 279 1.79 10.08 -28.69
N THR I 280 1.02 10.92 -29.36
CA THR I 280 0.88 10.82 -30.80
C THR I 280 1.95 11.66 -31.48
N GLY I 281 2.64 11.06 -32.44
CA GLY I 281 3.58 11.79 -33.29
C GLY I 281 2.89 12.33 -34.52
N ASP I 282 3.51 12.08 -35.68
CA ASP I 282 2.95 12.51 -36.95
C ASP I 282 1.74 11.63 -37.31
N ILE I 283 0.92 12.14 -38.21
CA ILE I 283 -0.12 11.34 -38.84
C ILE I 283 0.38 11.01 -40.24
N ILE I 284 0.70 9.73 -40.46
CA ILE I 284 1.43 9.34 -41.66
C ILE I 284 0.48 9.01 -42.80
N GLY I 285 0.05 10.04 -43.52
CA GLY I 285 -0.88 9.83 -44.61
C GLY I 285 -1.78 11.03 -44.86
N ASP I 286 -3.09 10.80 -44.89
CA ASP I 286 -4.06 11.86 -45.09
C ASP I 286 -5.08 11.80 -43.97
N ILE I 287 -5.84 12.88 -43.83
CA ILE I 287 -6.71 13.08 -42.67
C ILE I 287 -8.12 12.67 -43.04
N LYS I 288 -8.67 11.72 -42.29
CA LYS I 288 -10.00 11.20 -42.58
C LYS I 288 -10.82 11.18 -41.30
N GLN I 289 -12.12 10.91 -41.45
CA GLN I 289 -13.06 11.01 -40.35
C GLN I 289 -13.25 9.66 -39.66
N ALA I 290 -13.11 9.65 -38.33
CA ALA I 290 -13.42 8.46 -37.56
C ALA I 290 -14.92 8.30 -37.46
N HIS I 291 -15.43 7.10 -37.72
CA HIS I 291 -16.87 6.97 -37.90
C HIS I 291 -17.33 5.55 -37.58
N CYS I 292 -18.64 5.43 -37.34
CA CYS I 292 -19.31 4.15 -37.17
C CYS I 292 -20.38 4.00 -38.23
N ASN I 293 -20.63 2.75 -38.62
CA ASN I 293 -21.59 2.41 -39.65
C ASN I 293 -22.57 1.37 -39.12
N ILE I 294 -23.86 1.67 -39.29
CA ILE I 294 -24.96 0.78 -38.97
C ILE I 294 -25.79 0.60 -40.24
N SER I 295 -26.28 -0.62 -40.49
CA SER I 295 -27.15 -0.82 -41.64
C SER I 295 -28.49 -0.11 -41.44
N GLU I 296 -28.95 0.58 -42.47
CA GLU I 296 -30.13 1.43 -42.33
C GLU I 296 -31.43 0.64 -42.27
N GLU I 297 -31.58 -0.38 -43.12
CA GLU I 297 -32.82 -1.14 -43.17
C GLU I 297 -33.01 -1.96 -41.89
N LYS I 298 -31.93 -2.57 -41.40
CA LYS I 298 -32.02 -3.36 -40.17
C LYS I 298 -32.28 -2.48 -38.97
N TRP I 299 -31.71 -1.27 -38.93
CA TRP I 299 -31.97 -0.36 -37.83
C TRP I 299 -33.40 0.17 -37.88
N ASN I 300 -33.92 0.43 -39.09
CA ASN I 300 -35.31 0.88 -39.21
C ASN I 300 -36.28 -0.22 -38.81
N ASP I 301 -35.97 -1.47 -39.19
CA ASP I 301 -36.78 -2.62 -38.80
C ASP I 301 -36.75 -2.84 -37.29
N THR I 302 -35.56 -2.67 -36.69
CA THR I 302 -35.41 -2.80 -35.24
C THR I 302 -36.17 -1.70 -34.51
N LEU I 303 -36.15 -0.48 -35.02
CA LEU I 303 -36.94 0.59 -34.42
C LEU I 303 -38.44 0.40 -34.59
N GLN I 304 -38.89 -0.20 -35.70
CA GLN I 304 -40.32 -0.52 -35.83
C GLN I 304 -40.73 -1.62 -34.86
N LYS I 305 -39.87 -2.60 -34.64
CA LYS I 305 -40.18 -3.67 -33.69
C LYS I 305 -40.17 -3.17 -32.25
N VAL I 306 -39.22 -2.28 -31.92
CA VAL I 306 -39.26 -1.62 -30.61
C VAL I 306 -40.50 -0.75 -30.50
N GLY I 307 -40.98 -0.23 -31.64
CA GLY I 307 -42.27 0.45 -31.66
C GLY I 307 -43.44 -0.45 -31.29
N ILE I 308 -43.48 -1.68 -31.82
CA ILE I 308 -44.66 -2.50 -31.54
C ILE I 308 -44.64 -3.07 -30.11
N GLU I 309 -43.48 -3.51 -29.60
CA GLU I 309 -43.50 -3.89 -28.19
C GLU I 309 -43.37 -2.70 -27.23
N LEU I 310 -43.25 -1.47 -27.73
CA LEU I 310 -43.58 -0.32 -26.89
C LEU I 310 -45.08 -0.03 -26.94
N GLN I 311 -45.71 -0.30 -28.09
CA GLN I 311 -47.13 -0.05 -28.25
C GLN I 311 -47.97 -1.07 -27.48
N LYS I 312 -47.36 -2.19 -27.09
CA LYS I 312 -48.03 -3.12 -26.17
C LYS I 312 -48.38 -2.45 -24.84
N HIS I 313 -47.53 -1.55 -24.34
CA HIS I 313 -47.81 -0.81 -23.12
C HIS I 313 -48.50 0.52 -23.36
N PHE I 314 -48.50 1.02 -24.59
CA PHE I 314 -49.18 2.27 -24.95
C PHE I 314 -50.07 1.99 -26.14
N PRO I 315 -51.32 1.60 -25.89
CA PRO I 315 -52.12 0.97 -26.95
C PRO I 315 -52.66 1.93 -28.00
N ASN I 316 -52.94 3.18 -27.64
CA ASN I 316 -53.52 4.11 -28.59
C ASN I 316 -52.50 5.06 -29.21
N LYS I 317 -51.31 5.15 -28.64
CA LYS I 317 -50.35 6.17 -29.03
C LYS I 317 -49.34 5.65 -30.05
N THR I 318 -48.85 6.56 -30.88
CA THR I 318 -47.71 6.31 -31.73
C THR I 318 -46.42 6.38 -30.91
N ILE I 319 -45.29 6.09 -31.55
CA ILE I 319 -44.00 6.03 -30.86
C ILE I 319 -43.00 6.87 -31.64
N LYS I 320 -42.48 7.93 -31.01
CA LYS I 320 -41.51 8.81 -31.64
C LYS I 320 -40.17 8.69 -30.93
N TYR I 321 -39.09 8.67 -31.70
CA TYR I 321 -37.74 8.71 -31.15
C TYR I 321 -37.14 10.08 -31.42
N ASN I 322 -36.49 10.65 -30.40
CA ASN I 322 -35.84 11.94 -30.53
C ASN I 322 -34.37 11.78 -30.17
N GLN I 323 -33.58 12.80 -30.49
CA GLN I 323 -32.17 12.79 -30.15
C GLN I 323 -31.97 13.02 -28.65
N SER I 324 -30.73 12.86 -28.21
CA SER I 324 -30.40 12.93 -26.79
C SER I 324 -30.56 14.34 -26.24
N ALA I 325 -30.62 14.47 -24.91
CA ALA I 325 -30.98 15.72 -24.25
C ALA I 325 -29.89 16.78 -24.34
N GLY I 326 -28.66 16.41 -24.65
CA GLY I 326 -27.58 17.37 -24.76
C GLY I 326 -26.87 17.59 -23.43
N GLY I 327 -25.74 18.27 -23.50
CA GLY I 327 -24.90 18.55 -22.36
C GLY I 327 -23.45 18.32 -22.72
N ASP I 328 -22.71 17.76 -21.77
CA ASP I 328 -21.32 17.40 -22.03
C ASP I 328 -21.26 16.23 -23.00
N MET I 329 -20.12 16.11 -23.70
CA MET I 329 -19.98 15.11 -24.74
C MET I 329 -19.91 13.71 -24.16
N GLU I 330 -19.43 13.57 -22.91
CA GLU I 330 -19.39 12.28 -22.26
C GLU I 330 -20.78 11.76 -21.86
N ILE I 331 -21.81 12.60 -21.93
CA ILE I 331 -23.16 12.22 -21.54
C ILE I 331 -24.05 11.98 -22.75
N THR I 332 -23.99 12.88 -23.75
CA THR I 332 -24.92 12.87 -24.86
C THR I 332 -24.43 12.06 -26.06
N THR I 333 -23.32 11.34 -25.93
CA THR I 333 -22.76 10.59 -27.04
C THR I 333 -22.58 9.13 -26.65
N HIS I 334 -22.67 8.26 -27.66
CA HIS I 334 -22.41 6.83 -27.50
C HIS I 334 -20.92 6.66 -27.23
N SER I 335 -20.56 6.41 -25.98
CA SER I 335 -19.17 6.34 -25.55
C SER I 335 -18.77 4.89 -25.37
N PHE I 336 -17.70 4.48 -26.04
CA PHE I 336 -17.24 3.10 -25.92
C PHE I 336 -15.75 3.02 -26.24
N ASN I 337 -15.25 1.80 -26.26
CA ASN I 337 -13.82 1.51 -26.41
C ASN I 337 -13.62 0.62 -27.63
N CYS I 338 -13.14 1.20 -28.73
CA CYS I 338 -12.94 0.47 -29.97
C CYS I 338 -11.51 -0.08 -30.03
N GLY I 339 -11.24 -1.05 -29.17
CA GLY I 339 -9.95 -1.72 -29.14
C GLY I 339 -8.79 -0.86 -28.68
N GLY I 340 -9.01 -0.02 -27.68
CA GLY I 340 -7.92 0.77 -27.13
C GLY I 340 -8.18 2.27 -27.12
N GLU I 341 -8.94 2.76 -28.09
CA GLU I 341 -9.22 4.18 -28.23
C GLU I 341 -10.67 4.45 -27.88
N PHE I 342 -10.91 5.54 -27.15
CA PHE I 342 -12.23 5.83 -26.59
C PHE I 342 -13.01 6.72 -27.55
N PHE I 343 -14.03 6.12 -28.16
CA PHE I 343 -14.89 6.78 -29.14
C PHE I 343 -16.12 7.38 -28.45
N TYR I 344 -16.56 8.53 -28.96
CA TYR I 344 -17.72 9.26 -28.44
C TYR I 344 -18.56 9.68 -29.64
N CYS I 345 -19.48 8.83 -30.06
CA CYS I 345 -20.16 8.98 -31.34
C CYS I 345 -21.49 9.71 -31.20
N ASN I 346 -21.81 10.53 -32.21
CA ASN I 346 -23.03 11.31 -32.24
C ASN I 346 -24.17 10.45 -32.78
N THR I 347 -25.25 10.35 -32.00
CA THR I 347 -26.34 9.42 -32.29
C THR I 347 -27.60 10.09 -32.83
N SER I 348 -27.53 11.34 -33.28
CA SER I 348 -28.73 12.01 -33.77
C SER I 348 -29.21 11.48 -35.11
N ASN I 349 -28.39 10.72 -35.83
CA ASN I 349 -28.84 10.09 -37.07
C ASN I 349 -29.63 8.81 -36.81
N LEU I 350 -29.39 8.14 -35.68
CA LEU I 350 -30.09 6.90 -35.38
C LEU I 350 -31.49 7.16 -34.87
N PHE I 351 -31.61 7.96 -33.81
CA PHE I 351 -32.87 8.15 -33.12
C PHE I 351 -33.57 9.39 -33.67
N ASN I 352 -34.08 9.22 -34.89
CA ASN I 352 -34.84 10.26 -35.59
C ASN I 352 -35.86 9.53 -36.47
N GLY I 353 -37.07 9.37 -35.94
CA GLY I 353 -38.12 8.68 -36.65
C GLY I 353 -39.33 8.48 -35.78
N THR I 354 -40.36 7.90 -36.39
CA THR I 354 -41.60 7.64 -35.68
C THR I 354 -42.29 6.42 -36.29
N TYR I 355 -43.15 5.81 -35.49
CA TYR I 355 -43.90 4.62 -35.87
C TYR I 355 -45.34 4.83 -35.46
N ASN I 356 -46.26 4.68 -36.42
CA ASN I 356 -47.67 5.03 -36.24
C ASN I 356 -48.52 3.83 -35.84
N GLY I 357 -48.10 2.62 -36.21
CA GLY I 357 -48.88 1.44 -35.93
C GLY I 357 -48.85 0.40 -37.03
N THR I 358 -48.53 0.83 -38.24
CA THR I 358 -48.47 -0.09 -39.38
C THR I 358 -47.02 -0.47 -39.68
N TYR I 359 -46.75 -1.77 -39.70
CA TYR I 359 -45.41 -2.25 -39.98
C TYR I 359 -45.10 -2.13 -41.47
N ILE I 360 -43.90 -1.64 -41.77
CA ILE I 360 -43.42 -1.50 -43.14
C ILE I 360 -42.27 -2.48 -43.33
N SER I 361 -42.40 -3.36 -44.32
CA SER I 361 -41.37 -4.35 -44.58
C SER I 361 -40.13 -3.72 -45.18
N THR I 362 -39.00 -4.40 -45.04
CA THR I 362 -37.73 -3.91 -45.55
C THR I 362 -37.58 -4.12 -47.05
N ASN I 363 -38.50 -4.83 -47.69
CA ASN I 363 -38.43 -5.04 -49.13
C ASN I 363 -38.80 -3.76 -49.88
N SER I 364 -38.54 -3.78 -51.20
CA SER I 364 -38.67 -2.63 -52.11
C SER I 364 -37.85 -1.44 -51.62
N SER I 365 -36.63 -1.72 -51.14
CA SER I 365 -35.76 -0.67 -50.63
C SER I 365 -35.12 0.08 -51.79
N ALA I 366 -34.59 1.27 -51.48
CA ALA I 366 -33.89 2.06 -52.50
C ALA I 366 -32.56 1.42 -52.86
N ASN I 367 -31.78 1.02 -51.87
CA ASN I 367 -30.53 0.30 -52.10
C ASN I 367 -30.24 -0.52 -50.86
N SER I 368 -30.00 -1.82 -51.05
CA SER I 368 -29.88 -2.75 -49.91
C SER I 368 -28.60 -2.56 -49.12
N THR I 369 -27.63 -1.79 -49.63
CA THR I 369 -26.39 -1.53 -48.92
C THR I 369 -26.34 -0.13 -48.33
N SER I 370 -27.50 0.52 -48.10
CA SER I 370 -27.51 1.84 -47.50
C SER I 370 -27.14 1.75 -46.02
N THR I 371 -26.32 2.70 -45.57
CA THR I 371 -25.79 2.69 -44.22
C THR I 371 -25.94 4.07 -43.57
N ILE I 372 -26.28 4.05 -42.28
CA ILE I 372 -26.25 5.25 -41.45
C ILE I 372 -24.85 5.38 -40.85
N THR I 373 -24.24 6.54 -41.04
CA THR I 373 -22.87 6.80 -40.60
C THR I 373 -22.88 7.84 -39.48
N LEU I 374 -22.33 7.48 -38.34
CA LEU I 374 -22.18 8.36 -37.19
C LEU I 374 -20.75 8.86 -37.12
N GLN I 375 -20.58 10.14 -36.80
CA GLN I 375 -19.28 10.78 -36.74
C GLN I 375 -18.85 10.88 -35.28
N CYS I 376 -17.67 10.35 -34.97
CA CYS I 376 -17.23 10.15 -33.60
C CYS I 376 -16.02 11.01 -33.30
N ARG I 377 -15.95 11.52 -32.07
CA ARG I 377 -14.74 12.12 -31.53
C ARG I 377 -13.99 11.08 -30.70
N ILE I 378 -12.70 11.31 -30.51
CA ILE I 378 -11.85 10.37 -29.78
C ILE I 378 -11.17 11.11 -28.63
N LYS I 379 -11.18 10.48 -27.46
CA LYS I 379 -10.54 11.09 -26.30
C LYS I 379 -9.34 10.26 -25.84
N GLN I 380 -8.54 10.86 -24.96
CA GLN I 380 -7.48 10.16 -24.27
C GLN I 380 -7.51 10.34 -22.75
N ILE I 381 -7.86 11.53 -22.25
CA ILE I 381 -8.00 11.76 -20.82
C ILE I 381 -9.42 11.36 -20.44
N ILE I 382 -9.55 10.22 -19.76
CA ILE I 382 -10.86 9.61 -19.52
C ILE I 382 -11.24 9.85 -18.06
N ASN I 383 -12.14 10.81 -17.83
CA ASN I 383 -12.79 10.95 -16.54
C ASN I 383 -13.86 9.86 -16.39
N MET I 384 -13.38 8.74 -15.84
CA MET I 384 -14.01 7.45 -16.08
C MET I 384 -15.07 7.09 -15.03
N TRP I 385 -14.81 7.36 -13.76
CA TRP I 385 -15.70 6.96 -12.67
C TRP I 385 -15.40 7.83 -11.46
N GLN I 386 -15.92 7.41 -10.31
CA GLN I 386 -15.71 8.10 -9.05
C GLN I 386 -15.30 7.11 -7.96
N GLY I 387 -14.44 7.56 -7.06
CA GLY I 387 -13.88 6.71 -6.03
C GLY I 387 -13.00 5.60 -6.57
N VAL I 388 -12.31 5.85 -7.67
CA VAL I 388 -11.63 4.81 -8.45
C VAL I 388 -10.22 5.27 -8.78
N GLY I 389 -9.83 6.45 -8.31
CA GLY I 389 -8.69 7.09 -8.93
C GLY I 389 -9.16 7.70 -10.23
N ARG I 390 -9.98 8.75 -10.12
CA ARG I 390 -11.07 9.07 -11.02
C ARG I 390 -10.69 9.43 -12.45
N CYS I 391 -9.42 9.37 -12.84
CA CYS I 391 -9.13 9.63 -14.25
C CYS I 391 -7.96 8.78 -14.71
N MET I 392 -7.80 8.71 -16.04
CA MET I 392 -6.81 7.87 -16.67
C MET I 392 -6.50 8.41 -18.06
N TYR I 393 -5.21 8.46 -18.41
CA TYR I 393 -4.77 8.80 -19.76
C TYR I 393 -4.61 7.51 -20.53
N ALA I 394 -5.33 7.38 -21.64
CA ALA I 394 -5.24 6.19 -22.49
C ALA I 394 -4.19 6.43 -23.55
N PRO I 395 -3.11 5.65 -23.61
CA PRO I 395 -2.05 5.91 -24.58
C PRO I 395 -2.52 5.59 -25.98
N PRO I 396 -1.96 6.26 -26.99
CA PRO I 396 -2.39 6.01 -28.37
C PRO I 396 -1.84 4.70 -28.90
N ILE I 397 -2.50 4.18 -29.92
CA ILE I 397 -2.11 2.95 -30.58
C ILE I 397 -1.84 3.25 -32.05
N ALA I 398 -0.80 2.63 -32.60
CA ALA I 398 -0.33 2.99 -33.93
C ALA I 398 -1.20 2.37 -35.01
N GLY I 399 -1.20 3.03 -36.17
CA GLY I 399 -1.96 2.55 -37.31
C GLY I 399 -3.43 2.89 -37.24
N ASN I 400 -4.16 2.62 -38.32
CA ASN I 400 -5.62 2.69 -38.27
C ASN I 400 -6.20 1.62 -37.33
N ILE I 401 -7.43 1.83 -36.87
CA ILE I 401 -8.09 0.80 -36.08
C ILE I 401 -9.52 0.60 -36.57
N THR I 402 -9.98 -0.65 -36.43
CA THR I 402 -11.36 -1.02 -36.67
C THR I 402 -11.83 -1.93 -35.55
N CYS I 403 -13.13 -1.89 -35.28
CA CYS I 403 -13.79 -2.87 -34.42
C CYS I 403 -15.17 -3.12 -34.98
N ARG I 404 -15.71 -4.30 -34.70
CA ARG I 404 -16.96 -4.74 -35.32
C ARG I 404 -17.75 -5.52 -34.29
N SER I 405 -18.90 -5.00 -33.88
CA SER I 405 -19.60 -5.54 -32.74
C SER I 405 -21.08 -5.60 -33.02
N ASN I 406 -21.83 -6.16 -32.07
CA ASN I 406 -23.26 -6.38 -32.20
C ASN I 406 -24.00 -5.53 -31.17
N ILE I 407 -25.01 -4.79 -31.62
CA ILE I 407 -25.93 -4.12 -30.71
C ILE I 407 -27.01 -5.10 -30.31
N THR I 408 -27.11 -5.38 -29.00
CA THR I 408 -28.11 -6.29 -28.48
C THR I 408 -29.11 -5.63 -27.54
N GLY I 409 -28.92 -4.36 -27.21
CA GLY I 409 -29.82 -3.70 -26.29
C GLY I 409 -29.79 -2.20 -26.51
N LEU I 410 -30.78 -1.54 -25.91
CA LEU I 410 -30.92 -0.09 -25.97
C LEU I 410 -31.28 0.42 -24.58
N LEU I 411 -30.86 1.65 -24.28
CA LEU I 411 -31.19 2.28 -23.01
C LEU I 411 -31.97 3.56 -23.29
N LEU I 412 -33.28 3.41 -23.44
CA LEU I 412 -34.12 4.55 -23.76
C LEU I 412 -34.60 5.26 -22.49
N THR I 413 -35.24 6.40 -22.68
CA THR I 413 -35.78 7.21 -21.61
C THR I 413 -36.85 8.13 -22.19
N ARG I 414 -38.05 8.04 -21.63
CA ARG I 414 -39.21 8.78 -22.13
C ARG I 414 -39.07 10.24 -21.73
N ASP I 415 -39.80 11.10 -22.42
CA ASP I 415 -39.78 12.52 -22.09
C ASP I 415 -40.83 12.84 -21.03
N GLY I 416 -40.87 14.10 -20.62
CA GLY I 416 -41.86 14.53 -19.65
C GLY I 416 -43.25 14.57 -20.24
N GLY I 417 -44.23 14.27 -19.40
CA GLY I 417 -45.61 14.23 -19.85
C GLY I 417 -46.23 15.59 -20.01
N THR I 418 -46.56 15.96 -21.25
CA THR I 418 -47.15 17.26 -21.52
C THR I 418 -47.99 17.18 -22.79
N ASN I 419 -48.87 18.18 -22.95
CA ASN I 419 -49.66 18.47 -24.14
C ASN I 419 -50.68 17.39 -24.49
N SER I 420 -50.92 16.43 -23.60
CA SER I 420 -51.68 15.20 -23.88
C SER I 420 -51.16 14.52 -25.14
N ASN I 421 -49.87 14.20 -25.13
CA ASN I 421 -49.14 13.96 -26.38
C ASN I 421 -49.47 12.60 -26.98
N GLU I 422 -49.61 12.58 -28.31
CA GLU I 422 -49.92 11.40 -29.08
C GLU I 422 -48.70 10.50 -29.29
N THR I 423 -47.50 11.02 -29.07
CA THR I 423 -46.29 10.29 -29.44
C THR I 423 -45.47 9.76 -28.26
N GLU I 424 -45.37 10.48 -27.13
CA GLU I 424 -44.61 10.10 -25.94
C GLU I 424 -43.16 9.78 -26.24
N THR I 425 -42.36 10.81 -26.56
CA THR I 425 -41.08 10.61 -27.24
C THR I 425 -40.05 9.92 -26.35
N PHE I 426 -39.10 9.24 -26.99
CA PHE I 426 -38.02 8.53 -26.31
C PHE I 426 -36.67 9.04 -26.79
N ARG I 427 -35.72 9.17 -25.86
CA ARG I 427 -34.36 9.63 -26.08
C ARG I 427 -33.38 8.61 -25.51
N PRO I 428 -32.16 8.52 -26.04
CA PRO I 428 -31.15 7.66 -25.41
C PRO I 428 -30.68 8.25 -24.09
N ALA I 429 -30.14 7.37 -23.25
CA ALA I 429 -29.66 7.79 -21.94
C ALA I 429 -28.52 6.89 -21.50
N GLY I 430 -27.75 7.41 -20.53
CA GLY I 430 -26.65 6.69 -19.94
C GLY I 430 -25.92 7.54 -18.94
N GLY I 431 -25.04 6.93 -18.14
CA GLY I 431 -24.31 7.68 -17.14
C GLY I 431 -24.14 6.93 -15.84
N ASP I 432 -25.06 6.01 -15.55
CA ASP I 432 -24.93 5.07 -14.45
C ASP I 432 -24.67 3.70 -15.06
N MET I 433 -23.55 3.09 -14.70
CA MET I 433 -23.02 1.98 -15.47
C MET I 433 -23.63 0.65 -15.03
N ARG I 434 -24.30 0.63 -13.88
CA ARG I 434 -24.95 -0.57 -13.36
C ARG I 434 -25.99 -1.12 -14.32
N ASP I 435 -26.68 -0.22 -15.04
CA ASP I 435 -27.68 -0.62 -16.02
C ASP I 435 -27.09 -1.38 -17.20
N ASN I 436 -25.79 -1.27 -17.43
CA ASN I 436 -25.16 -2.10 -18.45
C ASN I 436 -25.04 -3.55 -17.98
N TRP I 437 -24.84 -3.75 -16.68
CA TRP I 437 -24.68 -5.10 -16.14
C TRP I 437 -25.97 -5.61 -15.48
N ARG I 438 -26.92 -4.72 -15.21
CA ARG I 438 -28.23 -5.15 -14.74
C ARG I 438 -29.01 -5.83 -15.85
N SER I 439 -28.78 -5.41 -17.10
CA SER I 439 -29.43 -6.01 -18.26
C SER I 439 -28.88 -7.40 -18.59
N GLU I 440 -27.78 -7.81 -17.98
CA GLU I 440 -27.21 -9.14 -18.19
C GLU I 440 -27.42 -10.08 -17.01
N LEU I 441 -27.40 -9.55 -15.79
CA LEU I 441 -27.76 -10.32 -14.60
C LEU I 441 -29.26 -10.27 -14.30
N TYR I 442 -30.09 -10.59 -15.29
CA TYR I 442 -31.54 -10.51 -15.09
C TYR I 442 -32.14 -11.88 -14.79
N LYS I 443 -31.44 -12.95 -15.13
CA LYS I 443 -31.95 -14.30 -14.89
C LYS I 443 -31.54 -14.84 -13.53
N TYR I 444 -30.56 -14.27 -12.87
CA TYR I 444 -29.89 -14.92 -11.75
C TYR I 444 -30.29 -14.33 -10.41
N LYS I 445 -30.24 -15.17 -9.39
CA LYS I 445 -30.44 -14.77 -8.00
C LYS I 445 -29.60 -15.69 -7.13
N VAL I 446 -29.24 -15.22 -5.93
CA VAL I 446 -28.45 -16.01 -4.99
C VAL I 446 -29.34 -16.37 -3.80
N VAL I 447 -29.30 -17.63 -3.38
CA VAL I 447 -30.12 -18.11 -2.29
C VAL I 447 -29.25 -18.86 -1.28
N LYS I 448 -29.66 -18.77 -0.02
CA LYS I 448 -28.98 -19.35 1.12
C LYS I 448 -29.68 -20.65 1.50
N ILE I 449 -28.93 -21.74 1.56
CA ILE I 449 -29.51 -23.04 1.88
C ILE I 449 -29.64 -23.16 3.39
N GLU I 450 -30.84 -23.51 3.85
CA GLU I 450 -31.11 -23.78 5.26
C GLU I 450 -31.52 -25.25 5.38
N PRO I 451 -30.55 -26.14 5.58
CA PRO I 451 -30.82 -27.58 5.45
C PRO I 451 -31.34 -28.26 6.71
N LEU I 452 -31.72 -27.52 7.74
CA LEU I 452 -32.18 -28.11 8.99
C LEU I 452 -33.67 -27.85 9.14
N GLY I 453 -34.47 -28.92 9.14
CA GLY I 453 -35.91 -28.79 9.11
C GLY I 453 -36.58 -29.58 10.21
N VAL I 454 -37.83 -29.22 10.48
CA VAL I 454 -38.63 -29.76 11.57
C VAL I 454 -39.96 -30.27 11.02
N ALA I 455 -40.30 -31.52 11.34
CA ALA I 455 -41.54 -32.12 10.86
C ALA I 455 -42.10 -33.05 11.92
N PRO I 456 -43.41 -33.24 11.98
CA PRO I 456 -43.96 -34.22 12.90
C PRO I 456 -44.16 -35.58 12.24
N THR I 457 -43.98 -36.62 13.05
CA THR I 457 -44.20 -37.98 12.57
C THR I 457 -44.55 -38.86 13.75
N ARG I 458 -44.88 -40.12 13.43
CA ARG I 458 -45.26 -41.06 14.47
C ARG I 458 -44.07 -41.70 15.17
N CYS I 459 -42.83 -41.36 14.80
CA CYS I 459 -41.69 -41.94 15.49
C CYS I 459 -41.61 -41.40 16.91
N LYS I 460 -41.31 -42.28 17.85
CA LYS I 460 -40.90 -41.91 19.19
C LYS I 460 -39.58 -42.59 19.44
N ARG I 461 -38.60 -41.86 19.97
CA ARG I 461 -37.27 -42.41 20.09
C ARG I 461 -37.21 -43.41 21.23
N ALA J 1 -28.58 -49.90 9.66
CA ALA J 1 -28.11 -48.99 8.62
C ALA J 1 -27.38 -49.76 7.53
N VAL J 2 -26.96 -49.05 6.49
CA VAL J 2 -26.25 -49.65 5.36
C VAL J 2 -25.04 -48.75 5.10
N GLY J 3 -24.01 -49.28 4.45
CA GLY J 3 -22.83 -48.47 4.17
C GLY J 3 -22.81 -47.80 2.81
N ILE J 4 -23.83 -47.01 2.46
CA ILE J 4 -23.98 -46.43 1.12
C ILE J 4 -24.11 -44.92 1.35
N GLY J 5 -24.48 -44.14 0.32
CA GLY J 5 -24.41 -42.68 0.39
C GLY J 5 -25.56 -41.83 -0.14
N ALA J 6 -25.23 -40.97 -1.11
CA ALA J 6 -26.07 -39.90 -1.69
C ALA J 6 -27.13 -40.41 -2.66
N VAL J 7 -27.64 -39.55 -3.55
CA VAL J 7 -28.31 -40.02 -4.76
C VAL J 7 -27.69 -39.29 -5.94
N PHE J 8 -28.15 -39.62 -7.15
CA PHE J 8 -27.63 -39.03 -8.38
C PHE J 8 -28.39 -37.78 -8.81
N LEU J 9 -29.40 -37.35 -8.05
CA LEU J 9 -30.34 -36.33 -8.51
C LEU J 9 -29.75 -34.92 -8.53
N GLY J 10 -28.56 -34.71 -7.96
CA GLY J 10 -27.98 -33.38 -7.94
C GLY J 10 -28.41 -32.58 -6.73
N PHE J 11 -27.91 -31.35 -6.64
CA PHE J 11 -27.93 -30.58 -5.39
C PHE J 11 -29.33 -30.25 -4.89
N LEU J 12 -30.22 -29.81 -5.78
CA LEU J 12 -31.56 -29.40 -5.34
C LEU J 12 -32.66 -30.03 -6.18
N GLY J 13 -32.42 -31.22 -6.73
CA GLY J 13 -33.37 -31.86 -7.61
C GLY J 13 -34.65 -32.33 -6.94
N ALA J 14 -34.61 -32.52 -5.61
CA ALA J 14 -35.80 -32.94 -4.88
C ALA J 14 -36.69 -31.79 -4.48
N ALA J 15 -36.29 -30.54 -4.77
CA ALA J 15 -37.13 -29.40 -4.45
C ALA J 15 -38.34 -29.36 -5.37
N GLY J 16 -39.51 -29.13 -4.80
CA GLY J 16 -40.75 -29.22 -5.54
C GLY J 16 -41.46 -30.55 -5.44
N SER J 17 -40.82 -31.58 -4.87
CA SER J 17 -41.43 -32.87 -4.68
C SER J 17 -42.16 -32.92 -3.33
N THR J 18 -42.56 -34.11 -2.92
CA THR J 18 -43.25 -34.26 -1.65
C THR J 18 -42.25 -34.29 -0.49
N MET J 19 -42.79 -34.30 0.73
CA MET J 19 -41.94 -34.50 1.91
C MET J 19 -41.44 -35.93 1.97
N GLY J 20 -42.18 -36.89 1.42
CA GLY J 20 -41.69 -38.25 1.33
C GLY J 20 -40.53 -38.38 0.35
N ALA J 21 -40.63 -37.71 -0.80
CA ALA J 21 -39.56 -37.78 -1.80
C ALA J 21 -38.36 -36.94 -1.40
N ALA J 22 -38.57 -35.86 -0.64
CA ALA J 22 -37.46 -35.08 -0.12
C ALA J 22 -36.99 -35.58 1.24
N SER J 23 -37.66 -36.59 1.81
CA SER J 23 -37.07 -37.35 2.90
C SER J 23 -36.04 -38.34 2.38
N MET J 24 -36.10 -38.64 1.09
CA MET J 24 -34.95 -39.16 0.36
C MET J 24 -34.05 -37.98 0.00
N THR J 25 -32.93 -38.26 -0.70
CA THR J 25 -32.08 -37.27 -1.38
C THR J 25 -31.37 -36.34 -0.38
N LEU J 26 -31.60 -36.53 0.93
CA LEU J 26 -31.14 -35.66 2.02
C LEU J 26 -29.63 -35.61 2.12
N THR J 27 -28.97 -36.65 1.61
CA THR J 27 -27.52 -36.76 1.70
C THR J 27 -26.83 -35.79 0.75
N VAL J 28 -27.46 -35.50 -0.39
CA VAL J 28 -26.83 -34.65 -1.41
C VAL J 28 -26.76 -33.19 -0.95
N GLN J 29 -27.82 -32.70 -0.32
CA GLN J 29 -27.81 -31.34 0.21
C GLN J 29 -26.83 -31.20 1.36
N ALA J 30 -26.55 -32.30 2.06
CA ALA J 30 -25.57 -32.29 3.14
C ALA J 30 -24.15 -32.51 2.62
N ARG J 31 -23.99 -33.00 1.39
CA ARG J 31 -22.65 -33.30 0.89
C ARG J 31 -22.03 -32.11 0.17
N ASN J 32 -22.84 -31.23 -0.41
CA ASN J 32 -22.34 -30.09 -1.17
C ASN J 32 -22.20 -28.83 -0.32
N LEU J 33 -21.93 -28.95 0.97
CA LEU J 33 -21.77 -27.80 1.84
C LEU J 33 -20.32 -27.40 2.06
N LEU J 34 -19.36 -28.03 1.39
CA LEU J 34 -17.96 -27.71 1.55
C LEU J 34 -17.24 -27.77 0.21
N SER J 35 -16.41 -26.76 -0.05
CA SER J 35 -15.56 -26.71 -1.24
C SER J 35 -14.44 -25.71 -0.96
N GLY J 36 -13.45 -25.67 -1.87
CA GLY J 36 -12.34 -24.77 -1.68
C GLY J 36 -11.48 -24.46 -2.90
N THR J 37 -11.23 -23.18 -3.14
CA THR J 37 -10.36 -22.67 -4.20
C THR J 37 -9.95 -21.25 -3.78
N VAL J 38 -9.33 -20.47 -4.69
CA VAL J 38 -8.70 -19.21 -4.33
C VAL J 38 -9.02 -18.10 -5.35
N TRP J 39 -9.62 -17.00 -4.88
CA TRP J 39 -9.60 -15.69 -5.55
C TRP J 39 -9.32 -14.58 -4.53
N GLY J 40 -8.28 -14.76 -3.71
CA GLY J 40 -7.84 -13.68 -2.83
C GLY J 40 -8.77 -13.36 -1.66
N ILE J 41 -8.63 -12.12 -1.18
CA ILE J 41 -9.26 -11.68 0.07
C ILE J 41 -10.78 -11.61 -0.05
N LYS J 42 -11.31 -11.38 -1.25
CA LYS J 42 -12.75 -11.49 -1.43
C LYS J 42 -13.24 -12.93 -1.34
N GLN J 43 -12.47 -13.89 -1.84
CA GLN J 43 -12.88 -15.27 -1.84
C GLN J 43 -12.48 -16.03 -0.58
N LEU J 44 -11.48 -15.54 0.17
CA LEU J 44 -11.07 -16.18 1.43
C LEU J 44 -12.21 -16.18 2.43
N GLN J 45 -13.00 -15.09 2.46
CA GLN J 45 -14.23 -15.06 3.24
C GLN J 45 -15.17 -16.15 2.81
N ALA J 46 -15.31 -16.34 1.49
CA ALA J 46 -16.12 -17.42 0.93
C ALA J 46 -15.57 -18.80 1.26
N ARG J 47 -14.32 -18.90 1.73
CA ARG J 47 -13.86 -20.16 2.31
C ARG J 47 -14.44 -20.32 3.71
N VAL J 48 -14.22 -19.33 4.59
CA VAL J 48 -14.52 -19.52 6.00
C VAL J 48 -16.02 -19.45 6.26
N LEU J 49 -16.76 -18.76 5.39
CA LEU J 49 -18.21 -18.75 5.48
C LEU J 49 -18.79 -20.10 5.12
N ALA J 50 -18.03 -20.94 4.41
CA ALA J 50 -18.44 -22.32 4.20
C ALA J 50 -18.35 -23.12 5.49
N VAL J 51 -17.40 -22.79 6.37
CA VAL J 51 -17.17 -23.61 7.56
C VAL J 51 -18.01 -23.12 8.73
N GLU J 52 -18.05 -21.80 8.94
CA GLU J 52 -18.77 -21.20 10.07
C GLU J 52 -20.27 -21.50 10.00
N ARG J 53 -20.80 -21.64 8.78
CA ARG J 53 -22.19 -22.05 8.63
C ARG J 53 -22.37 -23.55 8.72
N TYR J 54 -21.34 -24.34 8.39
CA TYR J 54 -21.51 -25.79 8.42
C TYR J 54 -21.52 -26.32 9.84
N LEU J 55 -20.53 -25.90 10.64
CA LEU J 55 -20.36 -26.44 11.98
C LEU J 55 -21.48 -26.05 12.92
N ARG J 56 -22.16 -24.93 12.65
CA ARG J 56 -23.36 -24.57 13.39
C ARG J 56 -24.45 -25.64 13.23
N ASP J 57 -24.61 -26.15 12.01
CA ASP J 57 -25.53 -27.26 11.82
C ASP J 57 -24.98 -28.55 12.42
N GLN J 58 -23.67 -28.63 12.65
CA GLN J 58 -23.13 -29.74 13.40
C GLN J 58 -23.19 -29.48 14.90
N GLN J 59 -23.51 -28.25 15.30
CA GLN J 59 -23.72 -27.99 16.72
C GLN J 59 -25.06 -28.55 17.18
N LEU J 60 -26.15 -28.08 16.56
CA LEU J 60 -27.51 -28.35 17.04
C LEU J 60 -27.85 -29.83 16.98
N LEU J 61 -27.48 -30.51 15.89
CA LEU J 61 -27.70 -31.94 15.80
C LEU J 61 -26.80 -32.70 16.75
N GLY J 62 -25.66 -32.11 17.14
CA GLY J 62 -24.88 -32.68 18.22
C GLY J 62 -25.50 -32.41 19.59
N ILE J 63 -26.24 -31.30 19.71
CA ILE J 63 -26.93 -30.98 20.95
C ILE J 63 -28.09 -31.95 21.17
N TRP J 64 -28.83 -32.22 20.10
CA TRP J 64 -30.06 -33.00 20.19
C TRP J 64 -29.81 -34.50 20.17
N GLY J 65 -28.56 -34.94 20.14
CA GLY J 65 -28.24 -36.35 20.12
C GLY J 65 -28.31 -37.00 18.76
N CYS J 66 -28.59 -36.22 17.71
CA CYS J 66 -28.67 -36.78 16.37
C CYS J 66 -27.30 -37.16 15.85
N SER J 67 -26.33 -36.25 15.98
CA SER J 67 -24.89 -36.50 15.79
C SER J 67 -24.57 -37.00 14.38
N GLY J 68 -25.16 -36.37 13.38
CA GLY J 68 -24.90 -36.77 12.02
C GLY J 68 -25.80 -36.08 11.02
N LYS J 69 -25.83 -36.65 9.82
CA LYS J 69 -26.58 -36.12 8.69
C LYS J 69 -27.61 -37.17 8.27
N LEU J 70 -28.76 -37.17 8.95
CA LEU J 70 -29.64 -38.33 8.95
C LEU J 70 -31.03 -37.94 9.43
N ILE J 71 -31.94 -38.91 9.38
CA ILE J 71 -33.25 -38.77 9.99
C ILE J 71 -33.12 -38.99 11.49
N CYS J 72 -33.56 -38.01 12.28
CA CYS J 72 -33.43 -38.05 13.73
C CYS J 72 -34.77 -37.73 14.37
N CYS J 73 -35.42 -38.75 14.95
CA CYS J 73 -36.74 -38.62 15.55
C CYS J 73 -36.63 -38.65 17.06
N THR J 74 -37.37 -37.75 17.71
CA THR J 74 -37.27 -37.49 19.13
C THR J 74 -38.48 -38.06 19.86
N ASN J 75 -38.61 -37.67 21.12
CA ASN J 75 -39.82 -37.90 21.91
C ASN J 75 -40.22 -36.65 22.69
N VAL J 76 -40.07 -35.48 22.08
CA VAL J 76 -40.66 -34.24 22.56
C VAL J 76 -42.05 -34.13 21.95
N PRO J 77 -43.10 -33.92 22.75
CA PRO J 77 -44.47 -33.95 22.20
C PRO J 77 -44.77 -32.76 21.28
N TRP J 78 -45.41 -33.07 20.16
CA TRP J 78 -45.78 -32.06 19.16
C TRP J 78 -47.03 -31.34 19.62
N ASN J 79 -46.93 -30.04 19.88
CA ASN J 79 -48.10 -29.24 20.16
C ASN J 79 -48.93 -29.09 18.89
N SER J 80 -50.24 -29.29 19.01
CA SER J 80 -51.09 -29.36 17.83
C SER J 80 -51.33 -27.98 17.20
N SER J 81 -51.04 -26.90 17.95
CA SER J 81 -51.28 -25.56 17.43
C SER J 81 -50.25 -25.15 16.38
N TRP J 82 -49.15 -25.89 16.25
CA TRP J 82 -48.11 -25.55 15.28
C TRP J 82 -48.55 -25.78 13.84
N SER J 83 -49.28 -26.85 13.56
CA SER J 83 -49.66 -27.14 12.18
C SER J 83 -51.16 -27.36 12.03
N ASN J 84 -51.79 -28.00 13.04
CA ASN J 84 -53.20 -28.41 13.02
C ASN J 84 -53.54 -29.25 11.80
N ARG J 85 -52.63 -30.17 11.45
CA ARG J 85 -52.74 -30.98 10.26
C ARG J 85 -52.33 -32.41 10.58
N ASN J 86 -52.97 -33.37 9.93
CA ASN J 86 -52.60 -34.76 10.15
C ASN J 86 -51.40 -35.16 9.29
N LEU J 87 -51.03 -36.44 9.40
CA LEU J 87 -49.76 -36.92 8.88
C LEU J 87 -49.80 -37.01 7.34
N SER J 88 -50.92 -37.51 6.80
CA SER J 88 -51.00 -37.82 5.38
C SER J 88 -51.17 -36.56 4.53
N GLU J 89 -51.77 -35.51 5.08
CA GLU J 89 -51.89 -34.26 4.34
C GLU J 89 -50.66 -33.38 4.48
N ILE J 90 -49.62 -33.87 5.15
CA ILE J 90 -48.34 -33.19 5.22
C ILE J 90 -47.35 -33.93 4.34
N TRP J 91 -47.26 -35.24 4.52
CA TRP J 91 -46.12 -35.98 3.95
C TRP J 91 -46.33 -36.39 2.49
N ASP J 92 -47.56 -36.38 1.99
CA ASP J 92 -47.81 -36.90 0.66
C ASP J 92 -48.04 -35.83 -0.41
N ASN J 93 -48.26 -34.57 -0.01
CA ASN J 93 -48.54 -33.54 -1.01
C ASN J 93 -47.70 -32.28 -0.82
N MET J 94 -47.36 -31.95 0.42
CA MET J 94 -46.67 -30.71 0.72
C MET J 94 -45.18 -30.85 0.38
N THR J 95 -44.57 -29.72 0.04
CA THR J 95 -43.13 -29.61 -0.19
C THR J 95 -42.47 -29.08 1.08
N TRP J 96 -41.20 -29.45 1.32
CA TRP J 96 -40.42 -28.88 2.41
C TRP J 96 -40.28 -27.37 2.28
N LEU J 97 -40.15 -26.89 1.03
CA LEU J 97 -39.97 -25.47 0.75
C LEU J 97 -41.18 -24.65 1.16
N GLN J 98 -42.38 -25.22 1.08
CA GLN J 98 -43.58 -24.54 1.56
C GLN J 98 -44.00 -24.98 2.95
N TRP J 99 -43.46 -26.08 3.47
CA TRP J 99 -43.67 -26.43 4.87
C TRP J 99 -42.87 -25.51 5.77
N ASP J 100 -41.71 -25.05 5.29
CA ASP J 100 -40.89 -24.15 6.09
C ASP J 100 -41.56 -22.78 6.29
N LYS J 101 -42.39 -22.36 5.33
CA LYS J 101 -43.14 -21.12 5.48
C LYS J 101 -44.16 -21.20 6.61
N GLU J 102 -44.64 -22.41 6.90
CA GLU J 102 -45.59 -22.59 8.00
C GLU J 102 -44.89 -22.90 9.33
N ILE J 103 -43.68 -23.46 9.27
CA ILE J 103 -43.08 -23.91 10.53
C ILE J 103 -42.01 -22.91 11.01
N SER J 104 -41.60 -21.96 10.17
CA SER J 104 -40.45 -21.11 10.48
C SER J 104 -40.77 -20.07 11.54
N ASN J 105 -42.04 -19.69 11.67
CA ASN J 105 -42.43 -18.74 12.71
C ASN J 105 -42.34 -19.38 14.09
N TYR J 106 -42.63 -20.67 14.19
CA TYR J 106 -42.59 -21.38 15.46
C TYR J 106 -41.31 -22.17 15.66
N THR J 107 -40.39 -22.15 14.69
CA THR J 107 -39.16 -22.95 14.80
C THR J 107 -38.28 -22.49 15.96
N GLN J 108 -38.27 -21.19 16.26
CA GLN J 108 -37.47 -20.69 17.37
C GLN J 108 -38.01 -21.19 18.71
N ILE J 109 -39.32 -21.18 18.89
CA ILE J 109 -39.85 -21.68 20.17
C ILE J 109 -39.91 -23.21 20.18
N ILE J 110 -39.87 -23.86 19.01
CA ILE J 110 -39.71 -25.31 18.97
C ILE J 110 -38.31 -25.69 19.44
N TYR J 111 -37.29 -24.99 18.92
CA TYR J 111 -35.94 -25.11 19.46
C TYR J 111 -35.86 -24.71 20.92
N GLY J 112 -36.72 -23.79 21.37
CA GLY J 112 -36.80 -23.48 22.80
C GLY J 112 -37.34 -24.66 23.61
N LEU J 113 -38.33 -25.37 23.06
CA LEU J 113 -38.77 -26.63 23.64
C LEU J 113 -37.80 -27.76 23.33
N LEU J 114 -36.84 -27.54 22.44
CA LEU J 114 -35.66 -28.36 22.29
C LEU J 114 -34.47 -27.84 23.11
N GLU J 115 -34.72 -27.08 24.18
CA GLU J 115 -33.71 -26.58 25.12
C GLU J 115 -34.01 -26.83 26.59
N GLU J 116 -34.35 -28.07 27.00
CA GLU J 116 -34.51 -28.31 28.43
C GLU J 116 -33.59 -29.40 28.98
N SER J 117 -33.60 -30.60 28.41
CA SER J 117 -33.31 -31.77 29.25
C SER J 117 -32.44 -32.89 28.66
N GLN J 118 -31.47 -32.57 27.79
CA GLN J 118 -30.59 -33.63 27.27
C GLN J 118 -29.56 -34.02 28.32
N ASN J 119 -29.07 -33.03 29.07
CA ASN J 119 -28.01 -33.24 30.03
C ASN J 119 -28.48 -34.12 31.19
N GLN J 120 -29.76 -33.99 31.55
CA GLN J 120 -30.28 -34.84 32.62
C GLN J 120 -30.47 -36.29 32.18
N GLN J 121 -30.80 -36.56 30.89
CA GLN J 121 -30.84 -37.97 30.52
C GLN J 121 -29.45 -38.54 30.33
N GLU J 122 -28.43 -37.72 30.00
CA GLU J 122 -27.09 -38.27 30.00
C GLU J 122 -26.66 -38.62 31.43
N LYS J 123 -27.09 -37.82 32.39
CA LYS J 123 -26.96 -38.20 33.79
C LYS J 123 -27.79 -39.43 34.13
N ASN J 124 -28.96 -39.60 33.50
CA ASN J 124 -29.81 -40.77 33.74
C ASN J 124 -29.18 -42.05 33.18
N GLU J 125 -28.52 -41.94 32.03
CA GLU J 125 -27.81 -43.09 31.47
C GLU J 125 -26.57 -43.42 32.29
N GLN J 126 -25.93 -42.39 32.86
CA GLN J 126 -24.85 -42.62 33.83
C GLN J 126 -25.39 -43.29 35.08
N ASP J 127 -26.62 -42.96 35.49
CA ASP J 127 -27.25 -43.65 36.61
C ASP J 127 -27.59 -45.10 36.26
N LEU J 128 -28.03 -45.34 35.03
CA LEU J 128 -28.34 -46.69 34.58
C LEU J 128 -27.10 -47.56 34.49
N LEU J 129 -25.96 -46.98 34.13
CA LEU J 129 -24.70 -47.73 34.07
C LEU J 129 -24.11 -47.93 35.47
N ALA J 130 -24.03 -46.84 36.25
CA ALA J 130 -23.30 -46.89 37.51
C ALA J 130 -24.15 -47.46 38.64
N LEU J 131 -25.27 -46.81 38.95
CA LEU J 131 -26.15 -47.24 40.05
C LEU J 131 -26.83 -48.57 39.74
N ASP J 132 -27.21 -48.77 38.49
CA ASP J 132 -27.80 -50.04 38.07
C ASP J 132 -26.77 -50.77 37.21
N GLN K 1 -13.46 13.21 -73.03
CA GLN K 1 -14.02 14.44 -72.48
C GLN K 1 -13.13 15.04 -71.41
N VAL K 2 -12.89 14.28 -70.33
CA VAL K 2 -12.13 14.82 -69.22
C VAL K 2 -10.65 14.75 -69.55
N GLN K 3 -9.98 15.90 -69.50
CA GLN K 3 -8.59 15.95 -69.94
C GLN K 3 -7.83 17.03 -69.18
N LEU K 4 -6.51 16.87 -69.18
CA LEU K 4 -5.59 17.69 -68.40
C LEU K 4 -4.64 18.39 -69.37
N VAL K 5 -4.48 19.71 -69.22
CA VAL K 5 -3.63 20.50 -70.10
C VAL K 5 -2.49 21.08 -69.26
N GLN K 6 -1.26 20.74 -69.63
CA GLN K 6 -0.10 21.28 -68.92
C GLN K 6 0.46 22.49 -69.68
N SER K 7 1.54 23.05 -69.13
CA SER K 7 2.16 24.24 -69.70
C SER K 7 3.09 23.89 -70.85
N GLY K 8 3.86 24.87 -71.31
CA GLY K 8 4.86 24.62 -72.34
C GLY K 8 6.15 24.11 -71.75
N ALA K 9 7.08 23.78 -72.64
CA ALA K 9 8.39 23.31 -72.22
C ALA K 9 9.22 24.47 -71.68
N GLU K 10 10.11 24.15 -70.74
CA GLU K 10 10.92 25.16 -70.08
C GLU K 10 12.39 24.71 -70.09
N MET K 11 13.27 25.71 -70.18
CA MET K 11 14.70 25.49 -70.01
C MET K 11 15.24 26.51 -69.02
N LYS K 12 16.05 26.03 -68.07
CA LYS K 12 16.59 26.88 -67.02
C LYS K 12 18.03 26.49 -66.75
N ASN K 13 18.74 27.37 -66.05
CA ASN K 13 20.08 27.12 -65.55
C ASN K 13 20.02 26.31 -64.26
N PRO K 14 21.09 25.55 -63.93
CA PRO K 14 21.11 24.84 -62.66
C PRO K 14 21.15 25.78 -61.46
N GLY K 15 20.54 25.33 -60.37
CA GLY K 15 20.36 26.14 -59.18
C GLY K 15 19.10 26.96 -59.15
N ALA K 16 18.30 26.95 -60.22
CA ALA K 16 17.07 27.72 -60.28
C ALA K 16 15.89 26.87 -59.83
N SER K 17 14.67 27.38 -60.04
CA SER K 17 13.45 26.69 -59.66
C SER K 17 12.46 26.77 -60.82
N VAL K 18 11.58 25.77 -60.90
CA VAL K 18 10.63 25.69 -62.00
C VAL K 18 9.22 25.49 -61.45
N LYS K 19 8.24 26.09 -62.13
CA LYS K 19 6.83 25.94 -61.82
C LYS K 19 6.16 25.27 -63.02
N VAL K 20 5.62 24.07 -62.79
CA VAL K 20 4.86 23.38 -63.82
C VAL K 20 3.37 23.48 -63.50
N SER K 21 2.58 23.84 -64.50
CA SER K 21 1.15 24.07 -64.34
C SER K 21 0.37 22.90 -64.94
N CYS K 22 -0.85 22.73 -64.43
CA CYS K 22 -1.69 21.59 -64.83
C CYS K 22 -3.15 21.99 -64.64
N ALA K 23 -3.82 22.35 -65.73
CA ALA K 23 -5.21 22.80 -65.67
C ALA K 23 -6.12 21.62 -66.01
N ALA K 24 -7.20 21.47 -65.24
CA ALA K 24 -8.11 20.35 -65.42
C ALA K 24 -9.32 20.77 -66.24
N SER K 25 -9.97 19.78 -66.85
CA SER K 25 -11.25 20.05 -67.49
C SER K 25 -12.13 18.81 -67.38
N GLY K 26 -13.41 19.05 -67.11
CA GLY K 26 -14.40 17.98 -67.17
C GLY K 26 -14.81 17.36 -65.85
N TYR K 27 -13.91 17.30 -64.87
CA TYR K 27 -14.20 16.66 -63.60
C TYR K 27 -14.21 17.62 -62.43
N THR K 28 -14.20 18.93 -62.69
CA THR K 28 -14.33 20.06 -61.75
C THR K 28 -13.19 20.16 -60.74
N PHE K 29 -12.11 19.38 -60.89
CA PHE K 29 -10.81 19.48 -60.22
C PHE K 29 -10.86 19.09 -58.74
N THR K 30 -12.05 18.93 -58.19
CA THR K 30 -12.22 18.47 -56.82
C THR K 30 -12.57 16.99 -56.97
N ASP K 31 -12.68 16.24 -55.86
CA ASP K 31 -13.25 14.89 -55.76
C ASP K 31 -12.32 13.84 -56.36
N PHE K 32 -11.11 14.25 -56.75
CA PHE K 32 -10.04 13.34 -57.16
C PHE K 32 -8.70 13.88 -56.70
N TYR K 33 -7.88 13.01 -56.09
CA TYR K 33 -6.48 13.32 -55.84
C TYR K 33 -5.76 13.47 -57.17
N ILE K 34 -4.68 14.26 -57.20
CA ILE K 34 -3.83 14.25 -58.39
C ILE K 34 -2.39 13.98 -57.99
N HIS K 35 -1.64 13.39 -58.91
CA HIS K 35 -0.30 12.90 -58.67
C HIS K 35 0.65 13.48 -59.72
N TRP K 36 1.82 13.90 -59.25
CA TRP K 36 2.89 14.42 -60.08
C TRP K 36 3.97 13.36 -60.20
N VAL K 37 4.28 12.95 -61.44
CA VAL K 37 5.28 11.94 -61.72
C VAL K 37 6.28 12.48 -62.73
N ARG K 38 7.43 11.80 -62.82
CA ARG K 38 8.58 12.25 -63.60
C ARG K 38 9.08 11.11 -64.47
N GLN K 39 9.60 11.44 -65.65
CA GLN K 39 10.24 10.46 -66.52
C GLN K 39 11.48 11.10 -67.15
N ALA K 40 12.65 10.62 -66.76
CA ALA K 40 13.89 11.04 -67.40
C ALA K 40 13.90 10.52 -68.84
N PRO K 41 14.57 11.22 -69.76
CA PRO K 41 14.60 10.78 -71.17
C PRO K 41 15.32 9.45 -71.34
N GLY K 42 14.58 8.44 -71.79
CA GLY K 42 15.08 7.10 -71.93
C GLY K 42 15.00 6.24 -70.68
N GLN K 43 14.43 6.74 -69.60
CA GLN K 43 14.36 6.02 -68.34
C GLN K 43 12.91 5.73 -67.96
N GLY K 44 12.75 5.07 -66.81
CA GLY K 44 11.44 4.71 -66.33
C GLY K 44 10.77 5.84 -65.58
N LEU K 45 9.54 5.58 -65.15
CA LEU K 45 8.76 6.58 -64.43
C LEU K 45 9.26 6.70 -62.98
N GLN K 46 9.20 7.93 -62.48
CA GLN K 46 9.49 8.21 -61.07
C GLN K 46 8.36 9.07 -60.50
N TRP K 47 7.79 8.61 -59.39
CA TRP K 47 6.69 9.30 -58.73
C TRP K 47 7.24 10.39 -57.83
N MET K 48 6.67 11.58 -57.91
CA MET K 48 7.15 12.68 -57.10
C MET K 48 6.22 13.01 -55.94
N GLY K 49 4.93 13.21 -56.20
CA GLY K 49 4.06 13.59 -55.10
C GLY K 49 2.59 13.46 -55.44
N TRP K 50 1.75 13.69 -54.43
CA TRP K 50 0.32 13.87 -54.63
C TRP K 50 -0.14 15.15 -53.95
N MET K 51 -1.26 15.68 -54.43
CA MET K 51 -1.99 16.71 -53.73
C MET K 51 -3.46 16.33 -53.70
N ASN K 52 -4.08 16.52 -52.52
CA ASN K 52 -5.50 16.50 -52.23
C ASN K 52 -6.02 17.90 -52.52
N PRO K 53 -6.64 18.13 -53.68
CA PRO K 53 -6.97 19.52 -54.07
C PRO K 53 -8.17 20.10 -53.33
N LYS K 54 -8.94 19.29 -52.61
CA LYS K 54 -10.07 19.83 -51.87
C LYS K 54 -9.60 20.59 -50.64
N THR K 55 -8.65 20.03 -49.89
CA THR K 55 -8.20 20.62 -48.64
C THR K 55 -6.73 21.03 -48.66
N GLY K 56 -6.03 20.84 -49.78
CA GLY K 56 -4.68 21.34 -49.91
C GLY K 56 -3.59 20.50 -49.29
N ARG K 57 -3.92 19.33 -48.73
CA ARG K 57 -2.90 18.46 -48.16
C ARG K 57 -2.07 17.83 -49.28
N THR K 58 -0.75 17.94 -49.14
CA THR K 58 0.19 17.47 -50.14
C THR K 58 1.17 16.52 -49.50
N ASN K 59 1.67 15.57 -50.27
CA ASN K 59 2.70 14.66 -49.78
C ASN K 59 3.61 14.28 -50.94
N THR K 60 4.80 13.79 -50.60
CA THR K 60 5.83 13.52 -51.58
C THR K 60 6.80 12.47 -51.06
N ALA K 61 7.65 11.98 -51.96
CA ALA K 61 8.56 10.90 -51.63
C ALA K 61 9.69 11.40 -50.71
N GLN K 62 10.44 10.45 -50.15
CA GLN K 62 11.48 10.81 -49.19
C GLN K 62 12.68 11.45 -49.87
N ASN K 63 12.88 11.20 -51.17
CA ASN K 63 13.99 11.82 -51.88
C ASN K 63 13.67 13.27 -52.23
N PHE K 64 12.41 13.58 -52.49
CA PHE K 64 12.01 14.87 -53.02
C PHE K 64 11.45 15.82 -51.97
N GLN K 65 11.52 15.47 -50.69
CA GLN K 65 10.70 16.15 -49.68
C GLN K 65 11.21 17.54 -49.32
N GLY K 66 12.42 17.91 -49.75
CA GLY K 66 12.89 19.25 -49.48
C GLY K 66 12.79 20.19 -50.66
N ARG K 67 12.45 19.67 -51.84
CA ARG K 67 12.60 20.45 -53.06
C ARG K 67 11.30 20.70 -53.82
N VAL K 68 10.19 20.06 -53.45
CA VAL K 68 8.96 20.13 -54.23
C VAL K 68 7.90 20.85 -53.41
N THR K 69 7.02 21.59 -54.11
CA THR K 69 5.94 22.34 -53.49
C THR K 69 4.71 22.29 -54.40
N MET K 70 3.58 21.85 -53.86
CA MET K 70 2.36 21.70 -54.65
C MET K 70 1.27 22.62 -54.10
N THR K 71 0.70 23.43 -54.99
CA THR K 71 -0.30 24.43 -54.61
C THR K 71 -1.38 24.37 -55.70
N ARG K 72 -2.58 24.88 -55.41
CA ARG K 72 -3.66 24.80 -56.38
C ARG K 72 -4.53 26.05 -56.31
N ASP K 73 -5.24 26.30 -57.41
CA ASP K 73 -6.30 27.30 -57.51
C ASP K 73 -7.56 26.56 -57.91
N THR K 74 -8.53 26.49 -56.99
CA THR K 74 -9.75 25.72 -57.23
C THR K 74 -10.81 26.51 -57.98
N SER K 75 -10.66 27.83 -58.08
CA SER K 75 -11.63 28.64 -58.81
C SER K 75 -11.53 28.40 -60.31
N ILE K 76 -10.30 28.27 -60.83
CA ILE K 76 -10.10 27.95 -62.24
C ILE K 76 -9.75 26.48 -62.45
N GLY K 77 -9.45 25.75 -61.39
CA GLY K 77 -9.13 24.34 -61.50
C GLY K 77 -7.76 24.08 -62.07
N THR K 78 -6.72 24.59 -61.41
CA THR K 78 -5.36 24.47 -61.92
C THR K 78 -4.43 24.15 -60.76
N ALA K 79 -3.41 23.34 -61.01
CA ALA K 79 -2.41 22.99 -60.02
C ALA K 79 -1.04 23.49 -60.45
N TYR K 80 -0.23 23.88 -59.46
CA TYR K 80 1.12 24.39 -59.67
C TYR K 80 2.08 23.54 -58.85
N MET K 81 3.24 23.25 -59.43
CA MET K 81 4.27 22.46 -58.75
C MET K 81 5.61 23.12 -58.96
N GLU K 82 6.27 23.48 -57.86
CA GLU K 82 7.60 24.08 -57.89
C GLU K 82 8.65 23.04 -57.51
N LEU K 83 9.67 22.94 -58.34
CA LEU K 83 10.87 22.17 -58.02
C LEU K 83 12.03 23.14 -57.81
N ARG K 84 12.74 22.95 -56.70
CA ARG K 84 13.80 23.86 -56.26
C ARG K 84 15.16 23.16 -56.37
N SER K 85 16.20 23.97 -56.54
CA SER K 85 17.60 23.54 -56.66
C SER K 85 17.78 22.55 -57.81
N LEU K 86 17.56 23.05 -59.03
CA LEU K 86 17.63 22.22 -60.23
C LEU K 86 19.06 21.77 -60.50
N THR K 87 19.22 20.49 -60.84
CA THR K 87 20.50 19.92 -61.22
C THR K 87 20.38 19.32 -62.62
N SER K 88 21.50 18.76 -63.11
CA SER K 88 21.51 18.17 -64.44
C SER K 88 20.77 16.83 -64.46
N ASP K 89 20.50 16.25 -63.29
CA ASP K 89 19.66 15.07 -63.21
C ASP K 89 18.20 15.41 -63.49
N ASP K 90 17.76 16.62 -63.15
CA ASP K 90 16.35 16.98 -63.12
C ASP K 90 15.75 17.28 -64.49
N THR K 91 16.54 17.26 -65.57
CA THR K 91 15.96 17.46 -66.90
C THR K 91 15.17 16.21 -67.31
N ALA K 92 13.87 16.39 -67.54
CA ALA K 92 12.96 15.25 -67.69
C ALA K 92 11.63 15.74 -68.26
N VAL K 93 10.77 14.78 -68.58
CA VAL K 93 9.38 15.08 -68.93
C VAL K 93 8.52 14.84 -67.69
N TYR K 94 7.69 15.83 -67.37
CA TYR K 94 6.92 15.85 -66.14
C TYR K 94 5.45 15.65 -66.48
N TYR K 95 4.80 14.73 -65.76
CA TYR K 95 3.41 14.39 -66.03
C TYR K 95 2.53 14.64 -64.81
N CYS K 96 1.33 15.13 -65.09
CA CYS K 96 0.28 15.41 -64.13
C CYS K 96 -0.88 14.46 -64.40
N ALA K 97 -1.25 13.66 -63.40
CA ALA K 97 -2.27 12.63 -63.61
C ALA K 97 -3.28 12.66 -62.47
N THR K 98 -4.48 12.14 -62.73
CA THR K 98 -5.47 12.01 -61.68
C THR K 98 -5.13 10.81 -60.79
N GLY K 99 -5.91 10.65 -59.72
CA GLY K 99 -5.66 9.61 -58.75
C GLY K 99 -6.95 8.99 -58.26
N GLY K 100 -6.98 8.71 -56.95
CA GLY K 100 -8.13 8.09 -56.32
C GLY K 100 -9.28 9.05 -56.09
N TRP K 101 -10.31 8.59 -55.38
CA TRP K 101 -11.52 9.37 -55.16
C TRP K 101 -11.53 9.88 -53.73
N ILE K 102 -11.64 11.20 -53.57
CA ILE K 102 -11.65 11.82 -52.25
C ILE K 102 -13.00 11.51 -51.59
N SER K 103 -12.96 10.89 -50.42
CA SER K 103 -14.15 10.26 -49.86
C SER K 103 -14.44 10.60 -48.40
N LEU K 104 -13.49 11.18 -47.67
CA LEU K 104 -13.59 11.67 -46.29
C LEU K 104 -13.77 10.55 -45.26
N TYR K 105 -13.84 9.28 -45.70
CA TYR K 105 -14.01 8.17 -44.79
C TYR K 105 -12.91 7.13 -44.86
N TYR K 106 -12.25 6.98 -46.01
CA TYR K 106 -11.12 6.08 -46.13
C TYR K 106 -10.01 6.77 -46.92
N ASP K 107 -8.77 6.40 -46.62
CA ASP K 107 -7.60 7.05 -47.21
C ASP K 107 -7.40 6.50 -48.62
N SER K 108 -7.79 7.30 -49.61
CA SER K 108 -7.62 6.95 -51.02
C SER K 108 -6.42 7.63 -51.65
N SER K 109 -5.43 8.02 -50.86
CA SER K 109 -4.33 8.83 -51.37
C SER K 109 -3.31 7.99 -52.13
N TYR K 110 -2.91 6.86 -51.55
CA TYR K 110 -1.85 6.04 -52.12
C TYR K 110 -2.35 5.03 -53.16
N TYR K 111 -3.51 5.26 -53.74
CA TYR K 111 -4.02 4.35 -54.77
C TYR K 111 -3.42 4.73 -56.10
N PRO K 112 -2.67 3.83 -56.77
CA PRO K 112 -2.06 4.14 -58.07
C PRO K 112 -3.02 4.04 -59.26
N ASN K 113 -4.19 4.66 -59.14
CA ASN K 113 -5.21 4.61 -60.18
C ASN K 113 -5.14 5.88 -61.01
N PHE K 114 -4.11 5.95 -61.85
CA PHE K 114 -3.87 7.13 -62.69
C PHE K 114 -4.75 7.00 -63.92
N ASP K 115 -5.91 7.65 -63.86
CA ASP K 115 -6.90 7.51 -64.92
C ASP K 115 -6.49 8.27 -66.18
N HIS K 116 -6.38 9.59 -66.08
CA HIS K 116 -6.13 10.46 -67.21
C HIS K 116 -4.85 11.23 -66.99
N TRP K 117 -4.10 11.47 -68.07
CA TRP K 117 -2.75 12.00 -67.99
C TRP K 117 -2.64 13.28 -68.81
N GLY K 118 -1.76 14.17 -68.38
CA GLY K 118 -1.46 15.35 -69.16
C GLY K 118 -0.50 15.04 -70.29
N GLN K 119 -0.22 16.07 -71.10
CA GLN K 119 0.67 15.89 -72.24
C GLN K 119 2.14 15.94 -71.86
N GLY K 120 2.47 16.35 -70.64
CA GLY K 120 3.85 16.35 -70.18
C GLY K 120 4.63 17.58 -70.59
N THR K 121 5.46 18.10 -69.68
CA THR K 121 6.29 19.27 -69.94
C THR K 121 7.75 18.86 -69.88
N LEU K 122 8.52 19.29 -70.88
CA LEU K 122 9.95 19.01 -70.86
C LEU K 122 10.67 20.13 -70.11
N VAL K 123 11.31 19.78 -69.00
CA VAL K 123 12.12 20.70 -68.21
C VAL K 123 13.58 20.37 -68.47
N THR K 124 14.30 21.34 -69.01
CA THR K 124 15.70 21.17 -69.41
C THR K 124 16.58 22.00 -68.49
N VAL K 125 17.64 21.37 -67.98
CA VAL K 125 18.62 22.05 -67.14
C VAL K 125 19.97 21.98 -67.84
N SER K 126 20.56 23.15 -68.07
CA SER K 126 21.85 23.22 -68.77
C SER K 126 22.63 24.45 -68.34
N GLN L 1 17.46 3.34 -56.13
CA GLN L 1 17.56 3.28 -54.68
C GLN L 1 16.33 2.62 -54.07
N SER L 2 15.14 3.05 -54.52
CA SER L 2 13.89 2.55 -53.99
C SER L 2 12.91 2.08 -55.05
N ALA L 3 13.30 2.08 -56.32
CA ALA L 3 12.39 1.69 -57.39
C ALA L 3 12.17 0.17 -57.40
N LEU L 4 11.05 -0.23 -58.01
CA LEU L 4 10.75 -1.65 -58.14
C LEU L 4 11.62 -2.29 -59.22
N THR L 5 11.64 -3.62 -59.21
CA THR L 5 12.50 -4.39 -60.11
C THR L 5 11.65 -5.12 -61.15
N GLN L 6 12.06 -4.98 -62.41
CA GLN L 6 11.42 -5.64 -63.54
C GLN L 6 12.49 -6.20 -64.46
N PRO L 7 12.17 -7.24 -65.24
CA PRO L 7 13.06 -7.64 -66.33
C PRO L 7 13.14 -6.56 -67.41
N ALA L 8 14.29 -6.50 -68.08
CA ALA L 8 14.53 -5.43 -69.04
C ALA L 8 13.71 -5.58 -70.31
N SER L 9 13.64 -6.80 -70.86
CA SER L 9 12.95 -6.99 -72.13
C SER L 9 12.40 -8.41 -72.21
N VAL L 10 11.14 -8.49 -72.66
CA VAL L 10 10.48 -9.76 -72.95
C VAL L 10 9.99 -9.71 -74.39
N SER L 11 10.27 -10.78 -75.15
CA SER L 11 9.95 -10.80 -76.57
C SER L 11 9.10 -12.03 -76.88
N GLY L 12 8.31 -11.93 -77.94
CA GLY L 12 7.48 -13.04 -78.36
C GLY L 12 6.85 -12.75 -79.70
N SER L 13 6.49 -13.84 -80.39
CA SER L 13 5.84 -13.85 -81.69
C SER L 13 4.34 -13.59 -81.52
N PRO L 14 3.66 -13.10 -82.56
CA PRO L 14 2.20 -12.94 -82.49
C PRO L 14 1.48 -14.26 -82.31
N GLY L 15 0.37 -14.22 -81.57
CA GLY L 15 -0.38 -15.40 -81.22
C GLY L 15 0.02 -16.05 -79.92
N GLN L 16 1.09 -15.59 -79.27
CA GLN L 16 1.55 -16.19 -78.03
C GLN L 16 1.05 -15.38 -76.83
N SER L 17 1.55 -15.75 -75.66
CA SER L 17 1.25 -15.07 -74.40
C SER L 17 2.56 -14.62 -73.76
N ILE L 18 2.53 -13.40 -73.19
CA ILE L 18 3.73 -12.78 -72.65
C ILE L 18 3.48 -12.39 -71.20
N THR L 19 4.39 -12.81 -70.31
CA THR L 19 4.28 -12.50 -68.90
C THR L 19 5.39 -11.52 -68.51
N ILE L 20 5.01 -10.51 -67.71
CA ILE L 20 5.94 -9.50 -67.21
C ILE L 20 5.87 -9.54 -65.69
N SER L 21 7.03 -9.57 -65.04
CA SER L 21 7.12 -9.67 -63.60
C SER L 21 7.42 -8.30 -62.97
N CYS L 22 6.91 -8.11 -61.76
CA CYS L 22 7.10 -6.89 -60.98
C CYS L 22 7.36 -7.29 -59.54
N THR L 23 8.61 -7.14 -59.10
CA THR L 23 9.02 -7.64 -57.81
C THR L 23 9.54 -6.50 -56.95
N GLY L 24 8.98 -6.39 -55.73
CA GLY L 24 9.44 -5.41 -54.77
C GLY L 24 9.80 -6.04 -53.44
N THR L 25 9.22 -5.53 -52.35
CA THR L 25 9.47 -6.10 -51.04
C THR L 25 8.14 -6.37 -50.36
N SER L 26 8.21 -6.87 -49.12
CA SER L 26 7.00 -7.26 -48.41
C SER L 26 6.19 -6.06 -47.94
N TYR L 27 6.86 -4.96 -47.62
CA TYR L 27 6.16 -3.76 -47.19
C TYR L 27 5.46 -3.04 -48.33
N ASP L 28 5.97 -3.18 -49.56
CA ASP L 28 5.42 -2.40 -50.66
C ASP L 28 4.35 -3.17 -51.42
N VAL L 29 4.74 -4.26 -52.07
CA VAL L 29 3.82 -4.95 -52.98
C VAL L 29 3.08 -6.07 -52.25
N GLY L 30 3.72 -6.68 -51.26
CA GLY L 30 3.09 -7.77 -50.53
C GLY L 30 2.13 -7.33 -49.44
N SER L 31 1.96 -6.02 -49.24
CA SER L 31 1.11 -5.51 -48.17
C SER L 31 -0.32 -5.29 -48.60
N TYR L 32 -0.56 -4.76 -49.80
CA TYR L 32 -1.90 -4.37 -50.22
C TYR L 32 -2.18 -4.91 -51.61
N ASP L 33 -3.34 -4.53 -52.14
CA ASP L 33 -3.89 -5.08 -53.37
C ASP L 33 -3.54 -4.06 -54.46
N LEU L 34 -2.87 -2.99 -54.05
CA LEU L 34 -2.68 -1.80 -54.88
C LEU L 34 -1.47 -2.00 -55.78
N VAL L 35 -1.71 -2.61 -56.95
CA VAL L 35 -0.73 -2.76 -58.02
C VAL L 35 -1.37 -2.30 -59.31
N SER L 36 -0.66 -1.48 -60.07
CA SER L 36 -1.17 -0.99 -61.34
C SER L 36 -0.10 -1.09 -62.41
N TRP L 37 -0.55 -1.17 -63.66
CA TRP L 37 0.28 -1.46 -64.82
C TRP L 37 -0.08 -0.49 -65.93
N TYR L 38 0.95 0.14 -66.50
CA TYR L 38 0.78 1.16 -67.53
C TYR L 38 1.58 0.81 -68.78
N GLN L 39 1.07 1.19 -69.94
CA GLN L 39 1.69 0.93 -71.23
C GLN L 39 2.03 2.27 -71.89
N GLN L 40 3.25 2.37 -72.40
CA GLN L 40 3.72 3.61 -73.03
C GLN L 40 4.26 3.32 -74.43
N HIS L 41 3.72 4.02 -75.42
CA HIS L 41 4.33 4.18 -76.73
C HIS L 41 5.23 5.41 -76.70
N PRO L 42 6.32 5.41 -77.50
CA PRO L 42 7.30 6.51 -77.42
C PRO L 42 6.71 7.85 -77.87
N GLY L 43 7.11 8.91 -77.16
CA GLY L 43 6.66 10.26 -77.44
C GLY L 43 5.28 10.58 -76.92
N LYS L 44 4.67 9.71 -76.13
CA LYS L 44 3.30 9.88 -75.64
C LYS L 44 3.21 9.35 -74.21
N ALA L 45 2.18 9.81 -73.50
CA ALA L 45 2.03 9.53 -72.08
C ALA L 45 1.72 8.04 -71.84
N PRO L 46 2.04 7.52 -70.66
CA PRO L 46 1.63 6.14 -70.32
C PRO L 46 0.12 5.99 -70.28
N LYS L 47 -0.34 4.81 -70.69
CA LYS L 47 -1.76 4.52 -70.85
C LYS L 47 -2.23 3.62 -69.72
N TYR L 48 -3.41 3.93 -69.18
CA TYR L 48 -4.00 3.21 -68.06
C TYR L 48 -4.47 1.83 -68.50
N MET L 49 -3.81 0.79 -68.02
CA MET L 49 -4.10 -0.57 -68.51
C MET L 49 -4.63 -1.52 -67.45
N ILE L 50 -3.92 -1.73 -66.34
CA ILE L 50 -4.36 -2.66 -65.31
C ILE L 50 -4.32 -1.94 -63.97
N TYR L 51 -5.35 -2.12 -63.15
CA TYR L 51 -5.35 -1.55 -61.81
C TYR L 51 -5.87 -2.56 -60.81
N GLU L 52 -5.35 -2.45 -59.58
CA GLU L 52 -5.66 -3.34 -58.45
C GLU L 52 -5.45 -4.80 -58.81
N VAL L 53 -4.19 -5.12 -59.15
CA VAL L 53 -3.69 -6.44 -59.54
C VAL L 53 -4.32 -6.98 -60.82
N ASN L 54 -5.65 -7.13 -60.86
CA ASN L 54 -6.27 -7.84 -61.97
C ASN L 54 -7.52 -7.19 -62.55
N LYS L 55 -7.95 -6.03 -62.07
CA LYS L 55 -9.15 -5.41 -62.62
C LYS L 55 -8.81 -4.60 -63.86
N ARG L 56 -9.84 -4.21 -64.60
CA ARG L 56 -9.66 -3.55 -65.88
C ARG L 56 -10.54 -2.31 -65.99
N PRO L 57 -10.04 -1.23 -66.58
CA PRO L 57 -10.87 -0.06 -66.85
C PRO L 57 -11.62 -0.21 -68.17
N SER L 58 -12.27 0.88 -68.59
CA SER L 58 -12.99 0.89 -69.85
C SER L 58 -12.03 0.83 -71.03
N GLY L 59 -12.45 0.14 -72.09
CA GLY L 59 -11.68 0.04 -73.31
C GLY L 59 -10.67 -1.09 -73.35
N VAL L 60 -10.49 -1.83 -72.25
CA VAL L 60 -9.52 -2.92 -72.19
C VAL L 60 -10.28 -4.24 -72.07
N SER L 61 -10.05 -5.14 -73.02
CA SER L 61 -10.67 -6.46 -73.03
C SER L 61 -9.81 -7.45 -72.27
N ASN L 62 -10.12 -8.74 -72.44
CA ASN L 62 -9.43 -9.81 -71.72
C ASN L 62 -8.09 -10.21 -72.34
N ARG L 63 -7.56 -9.36 -73.22
CA ARG L 63 -6.20 -9.52 -73.72
C ARG L 63 -5.17 -9.39 -72.61
N PHE L 64 -5.41 -8.49 -71.67
CA PHE L 64 -4.48 -8.18 -70.59
C PHE L 64 -5.06 -8.61 -69.26
N SER L 65 -4.25 -9.28 -68.45
CA SER L 65 -4.68 -9.72 -67.12
C SER L 65 -3.50 -9.60 -66.16
N GLY L 66 -3.79 -9.80 -64.87
CA GLY L 66 -2.75 -9.67 -63.86
C GLY L 66 -2.95 -10.65 -62.73
N SER L 67 -1.89 -10.80 -61.94
CA SER L 67 -1.89 -11.70 -60.80
C SER L 67 -0.87 -11.19 -59.79
N LYS L 68 -1.01 -11.66 -58.55
CA LYS L 68 -0.09 -11.28 -57.47
C LYS L 68 0.04 -12.44 -56.50
N SER L 69 1.28 -12.70 -56.08
CA SER L 69 1.54 -13.76 -55.11
C SER L 69 2.76 -13.38 -54.29
N GLY L 70 2.55 -13.10 -53.00
CA GLY L 70 3.65 -12.71 -52.15
C GLY L 70 4.13 -11.31 -52.45
N ASN L 71 5.45 -11.18 -52.61
CA ASN L 71 6.06 -9.88 -52.82
C ASN L 71 6.22 -9.55 -54.29
N THR L 72 5.47 -10.21 -55.16
CA THR L 72 5.61 -9.98 -56.60
C THR L 72 4.25 -10.07 -57.28
N ALA L 73 4.17 -9.43 -58.44
CA ALA L 73 2.96 -9.41 -59.27
C ALA L 73 3.39 -9.64 -60.72
N SER L 74 2.39 -9.83 -61.59
CA SER L 74 2.68 -10.17 -62.98
C SER L 74 1.54 -9.73 -63.88
N LEU L 75 1.91 -9.26 -65.06
CA LEU L 75 0.99 -8.96 -66.15
C LEU L 75 1.08 -10.09 -67.17
N THR L 76 -0.03 -10.35 -67.86
CA THR L 76 -0.10 -11.39 -68.87
C THR L 76 -0.87 -10.86 -70.09
N ILE L 77 -0.21 -10.87 -71.24
CA ILE L 77 -0.85 -10.58 -72.52
C ILE L 77 -1.20 -11.90 -73.19
N SER L 78 -2.47 -12.05 -73.54
CA SER L 78 -2.95 -13.23 -74.28
C SER L 78 -3.40 -12.78 -75.66
N GLY L 79 -3.01 -13.55 -76.68
CA GLY L 79 -3.28 -13.16 -78.05
C GLY L 79 -2.44 -11.97 -78.48
N LEU L 80 -1.13 -12.18 -78.58
CA LEU L 80 -0.20 -11.09 -78.86
C LEU L 80 -0.34 -10.62 -80.30
N GLN L 81 -0.24 -9.30 -80.50
CA GLN L 81 -0.33 -8.70 -81.82
C GLN L 81 0.87 -7.78 -82.02
N ALA L 82 0.87 -7.11 -83.17
CA ALA L 82 1.98 -6.21 -83.50
C ALA L 82 1.87 -4.88 -82.75
N GLU L 83 0.67 -4.55 -82.26
CA GLU L 83 0.48 -3.29 -81.55
C GLU L 83 0.76 -3.40 -80.06
N ASP L 84 1.20 -4.57 -79.59
CA ASP L 84 1.55 -4.72 -78.17
C ASP L 84 3.00 -4.39 -77.87
N GLU L 85 3.79 -3.99 -78.87
CA GLU L 85 5.17 -3.60 -78.61
C GLU L 85 5.17 -2.20 -77.99
N ALA L 86 5.81 -2.07 -76.82
CA ALA L 86 5.71 -0.88 -76.00
C ALA L 86 6.71 -0.97 -74.86
N ASP L 87 6.63 0.01 -73.96
CA ASP L 87 7.23 -0.10 -72.64
C ASP L 87 6.11 -0.33 -71.62
N TYR L 88 6.39 -1.14 -70.61
CA TYR L 88 5.41 -1.47 -69.59
C TYR L 88 5.98 -1.16 -68.22
N TYR L 89 5.20 -0.43 -67.42
CA TYR L 89 5.63 0.06 -66.12
C TYR L 89 4.70 -0.45 -65.03
N CYS L 90 5.29 -0.81 -63.89
CA CYS L 90 4.57 -1.29 -62.73
C CYS L 90 4.69 -0.28 -61.60
N CYS L 91 3.53 0.15 -61.08
CA CYS L 91 3.49 1.04 -59.95
C CYS L 91 2.70 0.37 -58.82
N SER L 92 3.12 0.62 -57.58
CA SER L 92 2.43 0.01 -56.45
C SER L 92 2.63 0.88 -55.22
N PHE L 93 1.78 0.64 -54.23
CA PHE L 93 1.88 1.32 -52.93
C PHE L 93 3.23 1.06 -52.30
N GLY L 94 3.93 2.14 -51.93
CA GLY L 94 5.33 2.06 -51.56
C GLY L 94 5.64 2.20 -50.09
N GLY L 95 4.67 2.00 -49.20
CA GLY L 95 4.93 2.06 -47.78
C GLY L 95 4.99 3.49 -47.26
N SER L 96 4.41 3.66 -46.07
CA SER L 96 4.33 4.95 -45.36
C SER L 96 3.65 6.02 -46.20
N ALA L 97 2.54 5.63 -46.84
CA ALA L 97 1.72 6.48 -47.72
C ALA L 97 2.54 7.05 -48.88
N THR L 98 2.95 6.13 -49.76
CA THR L 98 3.77 6.43 -50.92
C THR L 98 3.38 5.44 -52.02
N VAL L 99 3.46 5.87 -53.27
CA VAL L 99 3.37 4.97 -54.42
C VAL L 99 4.66 5.10 -55.23
N VAL L 100 5.26 3.95 -55.54
CA VAL L 100 6.56 3.87 -56.19
C VAL L 100 6.42 3.07 -57.48
N CYS L 101 7.12 3.51 -58.52
CA CYS L 101 7.12 2.86 -59.82
C CYS L 101 8.52 2.38 -60.16
N GLY L 102 8.60 1.24 -60.84
CA GLY L 102 9.88 0.64 -61.16
C GLY L 102 10.33 0.92 -62.60
N GLY L 103 11.49 0.36 -62.94
CA GLY L 103 11.99 0.52 -64.29
C GLY L 103 11.19 -0.30 -65.29
N GLY L 104 11.11 0.20 -66.51
CA GLY L 104 10.20 -0.37 -67.49
C GLY L 104 10.70 -1.66 -68.10
N THR L 105 9.77 -2.37 -68.74
CA THR L 105 10.04 -3.59 -69.47
C THR L 105 9.65 -3.37 -70.92
N LYS L 106 10.60 -3.59 -71.84
CA LYS L 106 10.32 -3.39 -73.26
C LYS L 106 9.78 -4.66 -73.87
N VAL L 107 8.55 -4.59 -74.39
CA VAL L 107 7.94 -5.69 -75.12
C VAL L 107 8.10 -5.40 -76.61
N THR L 108 8.85 -6.26 -77.29
CA THR L 108 9.03 -6.20 -78.74
C THR L 108 8.40 -7.45 -79.35
N VAL L 109 7.67 -7.25 -80.44
CA VAL L 109 6.92 -8.32 -81.10
C VAL L 109 7.77 -8.88 -82.23
N LEU L 110 7.83 -10.20 -82.32
CA LEU L 110 8.62 -10.87 -83.36
C LEU L 110 7.79 -11.06 -84.62
C1 NAG M . 50.54 17.38 -2.07
C2 NAG M . 51.36 17.89 -0.87
C3 NAG M . 51.07 19.39 -0.62
C4 NAG M . 51.13 20.25 -1.89
C5 NAG M . 50.41 19.57 -3.06
C6 NAG M . 50.77 20.10 -4.44
C7 NAG M . 49.96 17.00 1.03
C8 NAG M . 50.02 16.18 2.28
N2 NAG M . 51.13 17.12 0.35
O3 NAG M . 51.94 19.91 0.39
O4 NAG M . 50.48 21.47 -1.53
O5 NAG M . 50.80 18.19 -3.15
O6 NAG M . 52.16 19.95 -4.70
O7 NAG M . 48.90 17.51 0.65
C1 NAG M . 50.95 22.72 -2.16
C2 NAG M . 50.76 23.96 -1.28
C3 NAG M . 51.26 25.21 -2.03
C4 NAG M . 52.64 25.00 -2.66
C5 NAG M . 52.77 23.64 -3.36
C6 NAG M . 54.18 23.29 -3.77
C7 NAG M . 48.83 23.49 0.16
C8 NAG M . 47.37 23.77 0.40
N2 NAG M . 49.38 24.12 -0.89
O3 NAG M . 51.29 26.31 -1.14
O4 NAG M . 52.80 26.00 -3.65
O5 NAG M . 52.33 22.58 -2.50
O6 NAG M . 54.38 21.88 -3.86
O7 NAG M . 49.47 22.73 0.87
C1 BMA M . 53.92 26.89 -3.41
C2 BMA M . 54.09 27.76 -4.68
C3 BMA M . 55.21 28.79 -4.47
C4 BMA M . 55.09 29.55 -3.13
C5 BMA M . 54.90 28.53 -1.97
C6 BMA M . 54.67 29.21 -0.63
O2 BMA M . 52.91 28.49 -4.95
O3 BMA M . 55.27 29.72 -5.55
O4 BMA M . 56.25 30.32 -2.90
O5 BMA M . 53.75 27.70 -2.25
O6 BMA M . 54.02 30.45 -0.85
C1 NAG N . 39.97 4.22 11.08
C2 NAG N . 41.07 4.53 12.09
C3 NAG N . 40.46 4.88 13.45
C4 NAG N . 39.36 5.92 13.35
C5 NAG N . 38.36 5.54 12.25
C6 NAG N . 37.34 6.62 11.94
C7 NAG N . 43.27 3.45 11.94
C8 NAG N . 44.03 2.18 12.13
N2 NAG N . 41.96 3.39 12.22
O3 NAG N . 41.48 5.35 14.32
O4 NAG N . 38.68 5.96 14.60
O5 NAG N . 39.06 5.31 11.02
O6 NAG N . 36.45 6.22 10.90
O7 NAG N . 43.80 4.47 11.54
C1 NAG N . 38.68 7.26 15.24
C2 NAG N . 37.52 7.25 16.22
C3 NAG N . 37.39 8.62 16.88
C4 NAG N . 38.71 9.03 17.52
C5 NAG N . 39.88 8.90 16.53
C6 NAG N . 41.23 9.10 17.18
C7 NAG N . 35.74 5.65 15.70
C8 NAG N . 34.45 5.42 14.96
N2 NAG N . 36.27 6.87 15.57
O3 NAG N . 36.35 8.56 17.85
O4 NAG N . 38.63 10.40 17.92
O5 NAG N . 39.90 7.59 15.93
O6 NAG N . 41.54 10.48 17.33
O7 NAG N . 36.27 4.77 16.38
C1 BMA N . 38.51 10.52 19.36
C2 BMA N . 39.19 11.83 19.76
C3 BMA N . 39.01 12.09 21.27
C4 BMA N . 37.52 11.93 21.70
C5 BMA N . 36.90 10.62 21.14
C6 BMA N . 35.40 10.51 21.34
O2 BMA N . 38.60 12.93 19.09
O3 BMA N . 39.53 13.39 21.66
O4 BMA N . 37.42 11.95 23.11
O5 BMA N . 37.14 10.53 19.73
O6 BMA N . 35.12 10.73 22.71
C1 MAN N . 40.95 13.37 21.92
C2 MAN N . 41.28 14.47 22.95
C3 MAN N . 41.00 15.86 22.27
C4 MAN N . 41.79 16.01 20.95
C5 MAN N . 41.43 14.82 20.03
C6 MAN N . 42.19 14.80 18.72
O2 MAN N . 42.70 14.43 23.25
O3 MAN N . 41.20 17.00 23.11
O4 MAN N . 41.45 17.22 20.31
O5 MAN N . 41.71 13.59 20.74
O6 MAN N . 41.48 13.95 17.83
C1 MAN N . 42.97 14.75 24.65
C2 MAN N . 44.37 15.46 24.70
C3 MAN N . 45.51 14.42 24.70
C4 MAN N . 45.30 13.41 25.82
C5 MAN N . 44.00 12.65 25.56
C6 MAN N . 43.71 11.64 26.65
O2 MAN N . 44.53 16.20 25.89
O3 MAN N . 46.78 15.04 24.81
O4 MAN N . 46.38 12.51 25.85
O5 MAN N . 42.89 13.59 25.52
O6 MAN N . 43.35 12.36 27.83
C1 NAG O . 45.93 -12.48 2.08
C2 NAG O . 46.26 -11.87 3.43
C3 NAG O . 47.39 -10.87 3.29
C4 NAG O . 48.60 -11.52 2.63
C5 NAG O . 48.19 -12.13 1.29
C6 NAG O . 49.29 -12.90 0.61
C7 NAG O . 44.46 -11.73 5.10
C8 NAG O . 43.28 -10.95 5.58
N2 NAG O . 45.09 -11.24 4.02
O3 NAG O . 47.74 -10.37 4.58
O4 NAG O . 49.63 -10.56 2.44
O5 NAG O . 47.11 -13.05 1.49
O6 NAG O . 48.90 -13.35 -0.68
O7 NAG O . 44.85 -12.74 5.67
C1 NAG O . 50.75 -10.88 3.29
C2 NAG O . 52.01 -10.31 2.65
C3 NAG O . 53.22 -10.64 3.52
C4 NAG O . 53.01 -10.14 4.95
C5 NAG O . 51.69 -10.67 5.50
C6 NAG O . 51.34 -10.09 6.86
C7 NAG O . 52.49 -10.00 0.27
C8 NAG O . 52.65 -10.68 -1.06
N2 NAG O . 52.20 -10.81 1.30
O3 NAG O . 54.37 -10.07 2.92
O4 NAG O . 54.06 -10.58 5.79
O5 NAG O . 50.60 -10.35 4.62
O6 NAG O . 52.31 -10.43 7.84
O7 NAG O . 52.60 -8.79 0.40
C1 BMA O . 55.02 -9.54 6.03
C2 BMA O . 55.64 -9.71 7.44
C3 BMA O . 56.92 -8.88 7.58
C4 BMA O . 57.86 -9.05 6.37
C5 BMA O . 57.09 -8.69 5.11
C6 BMA O . 57.91 -8.84 3.85
O2 BMA O . 56.00 -11.06 7.66
O3 BMA O . 57.59 -9.19 8.81
O4 BMA O . 59.01 -8.23 6.47
O5 BMA O . 56.00 -9.61 5.00
O6 BMA O . 58.75 -9.96 4.06
C1 MAN O . 57.85 -7.97 9.54
C2 MAN O . 58.73 -8.30 10.81
C3 MAN O . 57.86 -8.81 11.95
C4 MAN O . 56.70 -7.85 12.23
C5 MAN O . 55.83 -7.78 10.98
C6 MAN O . 54.65 -6.84 11.14
O2 MAN O . 59.37 -7.13 11.32
O3 MAN O . 58.62 -9.00 13.13
O4 MAN O . 55.93 -8.31 13.31
O5 MAN O . 56.62 -7.27 9.87
O6 MAN O . 54.82 -5.77 10.22
C1 MAN O . 60.73 -7.04 10.85
C2 MAN O . 61.52 -6.18 11.86
C3 MAN O . 60.96 -4.75 11.82
C4 MAN O . 60.99 -4.17 10.38
C5 MAN O . 60.26 -5.12 9.43
C6 MAN O . 60.40 -4.70 7.98
O2 MAN O . 62.89 -6.11 11.44
O3 MAN O . 61.60 -3.86 12.72
O4 MAN O . 60.36 -2.91 10.37
O5 MAN O . 60.80 -6.47 9.56
O6 MAN O . 59.30 -5.25 7.26
C1 MAN O . 63.83 -6.25 12.53
C2 MAN O . 65.25 -6.15 11.89
C3 MAN O . 65.54 -7.42 11.11
C4 MAN O . 65.48 -8.64 12.03
C5 MAN O . 64.08 -8.76 12.66
C6 MAN O . 64.03 -9.80 13.75
O2 MAN O . 66.27 -6.08 12.89
O3 MAN O . 66.81 -7.35 10.47
O4 MAN O . 65.74 -9.81 11.27
O5 MAN O . 63.66 -7.48 13.27
O6 MAN O . 62.71 -9.82 14.29
C1 MAN O . 59.57 -10.27 2.91
C2 MAN O . 60.10 -11.64 3.23
C3 MAN O . 60.89 -11.49 4.52
C4 MAN O . 62.11 -10.57 4.29
C5 MAN O . 61.59 -9.18 3.84
C6 MAN O . 62.69 -8.25 3.37
O2 MAN O . 61.05 -12.08 2.24
O3 MAN O . 61.21 -12.71 5.17
O4 MAN O . 62.85 -10.44 5.50
O5 MAN O . 60.63 -9.32 2.74
O6 MAN O . 63.24 -8.79 2.18
C1 MAN O . 60.41 -12.70 6.37
C2 MAN O . 61.09 -13.63 7.44
C3 MAN O . 60.80 -15.11 7.14
C4 MAN O . 59.29 -15.36 6.89
C5 MAN O . 58.84 -14.47 5.73
C6 MAN O . 57.37 -14.63 5.39
O2 MAN O . 60.57 -13.40 8.78
O3 MAN O . 61.25 -15.96 8.19
O4 MAN O . 59.08 -16.72 6.56
O5 MAN O . 59.06 -13.09 6.09
O6 MAN O . 56.62 -13.90 6.37
C1 MAN O . 60.84 -12.05 9.23
C2 MAN O . 62.38 -11.86 9.46
C3 MAN O . 62.83 -12.65 10.70
C4 MAN O . 61.96 -12.33 11.92
C5 MAN O . 60.48 -12.58 11.59
C6 MAN O . 59.54 -12.21 12.71
O2 MAN O . 62.70 -10.50 9.72
O3 MAN O . 64.21 -12.39 10.99
O4 MAN O . 62.34 -13.17 13.01
O5 MAN O . 60.11 -11.79 10.43
O6 MAN O . 60.18 -12.52 13.95
C1 MAN O . 64.53 -8.19 1.93
C2 MAN O . 64.87 -8.42 0.42
C3 MAN O . 65.29 -9.88 0.18
C4 MAN O . 66.36 -10.35 1.19
C5 MAN O . 65.82 -10.14 2.62
C6 MAN O . 66.82 -10.52 3.69
O2 MAN O . 65.97 -7.62 -0.01
O3 MAN O . 65.76 -10.07 -1.15
O4 MAN O . 66.64 -11.72 1.00
O5 MAN O . 65.52 -8.73 2.80
O6 MAN O . 66.13 -10.61 4.93
C1 MAN O . 65.56 -6.25 -0.22
C2 MAN O . 64.64 -6.17 -1.47
C3 MAN O . 65.47 -6.34 -2.77
C4 MAN O . 66.71 -5.43 -2.77
C5 MAN O . 67.54 -5.69 -1.50
C6 MAN O . 68.76 -4.81 -1.41
O2 MAN O . 64.02 -4.89 -1.58
O3 MAN O . 64.68 -6.12 -3.93
O4 MAN O . 67.51 -5.70 -3.92
O5 MAN O . 66.71 -5.42 -0.34
O6 MAN O . 69.46 -5.14 -0.21
C1 NAG P . 36.84 15.77 -2.43
C2 NAG P . 38.05 15.93 -1.50
C3 NAG P . 37.77 16.99 -0.42
C4 NAG P . 37.25 18.29 -1.03
C5 NAG P . 36.06 18.00 -1.94
C6 NAG P . 35.54 19.22 -2.68
C7 NAG P . 39.21 13.76 -1.44
C8 NAG P . 39.43 12.49 -0.65
N2 NAG P . 38.38 14.65 -0.88
O3 NAG P . 38.95 17.24 0.33
O4 NAG P . 36.87 19.17 0.02
O5 NAG P . 36.45 17.05 -2.94
O6 NAG P . 34.63 18.84 -3.70
O7 NAG P . 39.76 13.96 -2.52
C1 NAG P . 37.68 20.38 -0.02
C2 NAG P . 37.15 21.34 1.04
C3 NAG P . 37.96 22.64 0.99
C4 NAG P . 39.46 22.39 1.06
C5 NAG P . 39.89 21.26 0.09
C6 NAG P . 41.31 20.79 0.28
C7 NAG P . 34.75 20.97 1.47
C8 NAG P . 33.36 21.38 1.13
N2 NAG P . 35.74 21.61 0.83
O3 NAG P . 37.57 23.48 2.08
O4 NAG P . 40.12 23.58 0.64
O5 NAG P . 39.06 20.11 0.24
O6 NAG P . 41.57 20.53 1.65
O7 NAG P . 34.99 20.10 2.30
C1 BMA P . 40.98 24.18 1.63
C2 BMA P . 41.73 25.30 0.87
C3 BMA P . 42.61 26.09 1.84
C4 BMA P . 41.86 26.54 3.09
C5 BMA P . 41.19 25.32 3.76
C6 BMA P . 40.38 25.71 4.96
O2 BMA P . 40.82 26.22 0.31
O3 BMA P . 43.18 27.22 1.19
O4 BMA P . 42.76 27.14 4.02
O5 BMA P . 40.30 24.70 2.78
O6 BMA P . 40.99 25.14 6.13
C1 MAN P . 40.72 26.02 7.25
C2 MAN P . 41.61 25.61 8.48
C3 MAN P . 40.98 24.48 9.34
C4 MAN P . 39.43 24.61 9.50
C5 MAN P . 38.81 24.78 8.13
C6 MAN P . 37.30 24.88 8.11
O2 MAN P . 41.81 26.70 9.38
O3 MAN P . 41.62 24.40 10.62
O4 MAN P . 38.90 23.46 10.13
O5 MAN P . 39.33 26.01 7.56
O6 MAN P . 36.86 24.85 6.73
C1 MAN P . 42.16 23.07 10.80
C2 MAN P . 42.24 22.78 12.35
C3 MAN P . 43.45 23.48 12.98
C4 MAN P . 44.74 23.20 12.18
C5 MAN P . 44.54 23.67 10.72
C6 MAN P . 45.76 23.40 9.85
O2 MAN P . 42.43 21.39 12.61
O3 MAN P . 43.63 23.10 14.34
O4 MAN P . 45.83 23.92 12.76
O5 MAN P . 43.43 22.94 10.15
O6 MAN P . 45.41 23.71 8.51
C1 MAN P . 36.25 26.12 6.40
C2 MAN P . 34.71 25.87 6.16
C3 MAN P . 34.46 25.33 4.73
C4 MAN P . 35.16 26.18 3.67
C5 MAN P . 36.68 26.15 3.96
C6 MAN P . 37.48 26.94 2.94
O2 MAN P . 33.95 27.08 6.28
O3 MAN P . 33.06 25.23 4.44
O4 MAN P . 34.92 25.65 2.38
O5 MAN P . 36.90 26.74 5.27
O6 MAN P . 37.11 28.31 3.06
C1 NAG Q . 41.39 -3.75 10.78
C2 NAG Q . 40.74 -5.09 11.19
C3 NAG Q . 41.44 -5.71 12.39
C4 NAG Q . 42.95 -5.81 12.14
C5 NAG Q . 43.50 -4.44 11.80
C6 NAG Q . 44.97 -4.45 11.47
C7 NAG Q . 38.38 -5.79 11.11
C8 NAG Q . 36.97 -5.44 11.50
N2 NAG Q . 39.32 -4.91 11.47
O3 NAG Q . 40.88 -6.99 12.64
O4 NAG Q . 43.59 -6.32 13.31
O5 NAG Q . 42.82 -3.93 10.64
O6 NAG Q . 45.19 -4.22 10.08
O7 NAG Q . 38.65 -6.82 10.52
C1 NAG Q . 44.05 -7.67 13.08
C2 NAG Q . 45.04 -8.04 14.19
C3 NAG Q . 45.53 -9.49 14.02
C4 NAG Q . 44.35 -10.45 13.90
C5 NAG Q . 43.36 -9.97 12.83
C6 NAG Q . 42.10 -10.80 12.78
C7 NAG Q . 47.08 -6.81 13.37
C8 NAG Q . 48.11 -5.79 13.77
N2 NAG Q . 46.15 -7.10 14.30
O3 NAG Q . 46.36 -9.82 15.13
O4 NAG Q . 44.80 -11.73 13.50
O5 NAG Q . 42.96 -8.61 13.08
O6 NAG Q . 42.36 -12.12 12.34
O7 NAG Q . 47.10 -7.34 12.26
C1 BMA Q . 44.98 -12.75 14.53
C2 BMA Q . 43.99 -12.66 15.76
C3 BMA Q . 44.30 -13.81 16.72
C4 BMA Q . 44.28 -15.19 15.97
C5 BMA Q . 45.21 -15.14 14.74
C6 BMA Q . 45.15 -16.37 13.86
O2 BMA Q . 42.65 -12.86 15.34
O3 BMA Q . 43.41 -13.79 17.85
O4 BMA Q . 44.70 -16.25 16.83
O5 BMA Q . 44.84 -14.02 13.92
O6 BMA Q . 46.20 -16.22 12.89
C1 MAN Q . 44.11 -13.94 19.11
C2 MAN Q . 43.04 -13.86 20.26
C3 MAN Q . 42.74 -12.41 20.67
C4 MAN Q . 44.03 -11.65 20.96
C5 MAN Q . 44.87 -11.61 19.68
C6 MAN Q . 46.19 -10.88 19.86
O2 MAN Q . 43.48 -14.52 21.44
O3 MAN Q . 41.88 -12.35 21.81
O4 MAN Q . 43.75 -10.32 21.36
O5 MAN Q . 45.20 -12.99 19.26
O6 MAN Q . 47.01 -11.13 18.72
C1 NAG R . -3.84 52.26 11.48
C2 NAG R . -4.96 53.06 10.81
C3 NAG R . -4.59 53.46 9.38
C4 NAG R . -3.19 54.05 9.25
C5 NAG R . -2.17 53.20 10.01
C6 NAG R . -0.81 53.85 10.20
C7 NAG R . -6.61 51.22 10.26
C8 NAG R . -8.02 50.78 10.49
N2 NAG R . -6.26 52.38 10.85
O3 NAG R . -5.56 54.39 8.89
O4 NAG R . -2.92 54.10 7.85
O5 NAG R . -2.63 52.94 11.35
O6 NAG R . -0.90 55.09 10.89
O7 NAG R . -5.82 50.53 9.61
C1 NAG R . -2.22 55.26 7.27
C2 NAG R . -2.83 55.70 5.94
C3 NAG R . -2.00 56.85 5.36
C4 NAG R . -1.73 57.95 6.39
C5 NAG R . -1.37 57.41 7.78
C6 NAG R . -1.45 58.46 8.87
C7 NAG R . -3.98 53.83 4.84
C8 NAG R . -3.87 52.74 3.81
N2 NAG R . -2.90 54.60 5.00
O3 NAG R . -2.67 57.40 4.22
O4 NAG R . -0.59 58.69 5.92
O5 NAG R . -2.24 56.34 8.18
O6 NAG R . -1.93 57.91 10.09
O7 NAG R . -4.99 54.00 5.51
C1 NAG S . -17.40 35.78 12.41
C2 NAG S . -18.54 36.80 12.40
C3 NAG S . -19.62 36.39 11.41
C4 NAG S . -19.06 36.03 10.04
C5 NAG S . -17.88 35.06 10.20
C6 NAG S . -17.14 34.78 8.90
C7 NAG S . -19.23 38.10 14.37
C8 NAG S . -19.83 38.04 15.74
N2 NAG S . -19.10 36.94 13.74
O3 NAG S . -20.55 37.46 11.27
O4 NAG S . -20.11 35.40 9.31
O5 NAG S . -16.92 35.60 11.10
O6 NAG S . -16.09 33.84 9.10
O7 NAG S . -18.87 39.15 13.86
C1 NAG S . -20.41 36.02 8.03
C2 NAG S . -21.10 34.95 7.20
C3 NAG S . -21.37 35.48 5.79
C4 NAG S . -22.15 36.79 5.86
C5 NAG S . -21.51 37.79 6.82
C6 NAG S . -22.37 39.01 7.08
C7 NAG S . -20.65 32.63 7.84
C8 NAG S . -19.74 31.45 7.67
N2 NAG S . -20.33 33.73 7.16
O3 NAG S . -22.09 34.50 5.07
O4 NAG S . -22.16 37.38 4.56
O5 NAG S . -21.25 37.19 8.10
O6 NAG S . -21.58 40.15 7.38
O7 NAG S . -21.64 32.59 8.56
C1 BMA S . -23.45 37.27 3.94
C2 BMA S . -23.66 38.53 3.10
C3 BMA S . -24.96 38.45 2.29
C4 BMA S . -25.11 37.09 1.55
C5 BMA S . -24.79 35.89 2.49
C6 BMA S . -24.71 34.56 1.77
O2 BMA S . -22.60 38.67 2.15
O3 BMA S . -25.07 39.54 1.34
O4 BMA S . -26.42 36.95 1.03
O5 BMA S . -23.52 36.12 3.12
O6 BMA S . -26.02 34.17 1.41
C1 MAN S . -25.70 40.72 1.91
C2 MAN S . -26.35 41.54 0.77
C3 MAN S . -25.22 42.08 -0.14
C4 MAN S . -24.21 42.92 0.66
C5 MAN S . -23.64 42.03 1.78
C6 MAN S . -22.68 42.75 2.71
O2 MAN S . -27.04 42.69 1.34
O3 MAN S . -25.66 42.79 -1.30
O4 MAN S . -23.14 43.34 -0.17
O5 MAN S . -24.76 41.54 2.60
O6 MAN S . -21.90 41.76 3.38
C1 NAG T . -14.43 32.32 31.90
C2 NAG T . -15.63 32.89 31.14
C3 NAG T . -15.47 34.39 30.94
C4 NAG T . -15.25 35.09 32.27
C5 NAG T . -14.06 34.46 33.00
C6 NAG T . -13.85 35.00 34.39
C7 NAG T . -16.78 31.37 29.59
C8 NAG T . -16.79 30.76 28.23
N2 NAG T . -15.78 32.21 29.86
O3 NAG T . -16.62 34.89 30.28
O4 NAG T . -15.02 36.47 32.07
O5 NAG T . -14.27 33.05 33.14
O6 NAG T . -12.64 34.52 34.96
O7 NAG T . -17.64 31.10 30.43
C1 NAG T . -16.15 37.22 32.59
C2 NAG T . -15.68 38.63 32.93
C3 NAG T . -16.84 39.44 33.49
C4 NAG T . -18.02 39.43 32.51
C5 NAG T . -18.39 37.99 32.15
C6 NAG T . -19.45 37.92 31.06
C7 NAG T . -13.43 39.26 33.66
C8 NAG T . -12.39 39.13 34.73
N2 NAG T . -14.58 38.61 33.87
O3 NAG T . -16.38 40.77 33.75
O4 NAG T . -19.17 40.04 33.09
O5 NAG T . -17.24 37.29 31.65
O6 NAG T . -20.67 38.49 31.48
O7 NAG T . -13.23 39.92 32.64
C1 BMA T . -19.34 41.39 32.62
C2 BMA T . -20.86 41.74 32.57
C3 BMA T . -21.08 43.26 32.48
C4 BMA T . -20.20 44.02 33.50
C5 BMA T . -18.76 43.66 33.21
C6 BMA T . -17.78 44.38 34.10
O2 BMA T . -21.51 41.30 33.75
O3 BMA T . -22.47 43.60 32.63
O4 BMA T . -20.35 45.43 33.41
O5 BMA T . -18.62 42.27 33.48
O6 BMA T . -18.36 44.48 35.37
C1 MAN T . -22.86 44.48 31.56
C2 MAN T . -24.32 45.00 31.86
C3 MAN T . -25.35 43.95 31.48
C4 MAN T . -25.16 43.49 30.04
C5 MAN T . -23.77 42.85 29.92
C6 MAN T . -23.45 42.38 28.52
O2 MAN T . -24.63 46.15 31.07
O3 MAN T . -26.68 44.44 31.67
O4 MAN T . -26.13 42.53 29.69
O5 MAN T . -22.76 43.83 30.27
O6 MAN T . -22.36 43.15 28.03
C1 MAN T . -24.44 47.36 31.83
C2 MAN T . -25.35 48.45 31.22
C3 MAN T . -24.85 48.75 29.81
C4 MAN T . -23.38 49.16 29.79
C5 MAN T . -22.54 48.08 30.48
C6 MAN T . -21.09 48.47 30.67
O2 MAN T . -25.20 49.66 31.98
O3 MAN T . -25.64 49.74 29.14
O4 MAN T . -22.92 49.33 28.47
O5 MAN T . -23.08 47.78 31.81
O6 MAN T . -20.33 47.30 30.92
C1 MAN T . -26.47 50.30 32.28
C2 MAN T . -26.14 51.64 32.98
C3 MAN T . -25.66 51.37 34.40
C4 MAN T . -26.71 50.58 35.19
C5 MAN T . -26.99 49.24 34.48
C6 MAN T . -28.13 48.47 35.11
O2 MAN T . -27.30 52.46 33.12
O3 MAN T . -25.35 52.58 35.09
O4 MAN T . -26.24 50.32 36.50
O5 MAN T . -27.34 49.47 33.08
O6 MAN T . -28.60 47.51 34.17
C1 MAN T . -17.36 44.98 36.29
C2 MAN T . -17.78 44.53 37.69
C3 MAN T . -19.07 45.26 38.11
C4 MAN T . -18.90 46.79 37.96
C5 MAN T . -18.47 47.13 36.52
C6 MAN T . -18.16 48.59 36.34
O2 MAN T . -16.80 44.88 38.66
O3 MAN T . -19.45 44.91 39.43
O4 MAN T . -20.11 47.48 38.24
O5 MAN T . -17.26 46.38 36.20
O6 MAN T . -17.35 48.97 37.45
C1 MAN T . -20.83 44.51 39.45
C2 MAN T . -21.49 45.25 40.66
C3 MAN T . -21.02 44.59 41.97
C4 MAN T . -21.19 43.06 41.95
C5 MAN T . -20.45 42.48 40.72
C6 MAN T . -20.64 40.98 40.58
O2 MAN T . -22.94 45.16 40.69
O3 MAN T . -21.68 45.14 43.11
O4 MAN T . -20.66 42.49 43.13
O5 MAN T . -20.97 43.09 39.52
O6 MAN T . -21.96 40.74 40.09
C1 MAN T . -23.55 45.82 39.55
C2 MAN T . -23.21 47.37 39.54
C3 MAN T . -24.05 48.11 40.58
C4 MAN T . -25.54 47.76 40.47
C5 MAN T . -25.71 46.24 40.61
C6 MAN T . -27.15 45.79 40.52
O2 MAN T . -23.54 47.96 38.28
O3 MAN T . -23.87 49.52 40.49
O4 MAN T . -26.27 48.42 41.50
O5 MAN T . -24.95 45.59 39.55
O6 MAN T . -27.89 46.46 41.53
C1 MAN T . -17.28 50.40 37.55
C2 MAN T . -15.90 50.70 38.22
C3 MAN T . -15.95 50.47 39.75
C4 MAN T . -17.24 51.02 40.40
C5 MAN T . -18.46 50.47 39.66
C6 MAN T . -19.79 50.95 40.22
O2 MAN T . -15.43 52.07 38.03
O3 MAN T . -14.80 51.02 40.40
O4 MAN T . -17.30 50.64 41.77
O5 MAN T . -18.38 50.91 38.29
O6 MAN T . -20.81 50.12 39.70
C1 MAN T . -15.01 52.38 36.68
C2 MAN T . -14.02 51.30 36.06
C3 MAN T . -12.58 51.45 36.60
C4 MAN T . -12.12 52.92 36.55
C5 MAN T . -13.12 53.79 37.33
C6 MAN T . -12.74 55.24 37.38
O2 MAN T . -13.91 51.43 34.64
O3 MAN T . -11.66 50.63 35.89
O4 MAN T . -10.84 53.04 37.14
O5 MAN T . -14.42 53.68 36.67
O6 MAN T . -13.48 55.86 38.42
C1 NAG U . -1.07 39.68 5.94
C2 NAG U . -2.16 40.75 6.06
C3 NAG U . -2.82 41.00 4.69
C4 NAG U . -1.78 41.27 3.61
C5 NAG U . -0.75 40.13 3.60
C6 NAG U . 0.38 40.35 2.63
C7 NAG U . -3.05 40.57 8.35
C8 NAG U . -4.19 40.09 9.19
N2 NAG U . -3.17 40.35 7.03
O3 NAG U . -3.71 42.11 4.79
O4 NAG U . -2.43 41.36 2.35
O5 NAG U . -0.16 40.04 4.89
O6 NAG U . 1.44 39.44 2.87
O7 NAG U . -2.07 41.11 8.83
C1 NAG U . -2.28 42.68 1.78
C2 NAG U . -2.95 42.71 0.41
C3 NAG U . -2.78 44.09 -0.22
C4 NAG U . -3.19 45.22 0.73
C5 NAG U . -2.58 45.02 2.13
C6 NAG U . -3.15 45.96 3.17
C7 NAG U . -2.98 40.48 -0.61
C8 NAG U . -2.28 39.53 -1.54
N2 NAG U . -2.42 41.68 -0.46
O3 NAG U . -3.57 44.16 -1.41
O4 NAG U . -2.67 46.43 0.19
O5 NAG U . -2.84 43.69 2.61
O6 NAG U . -4.57 46.03 3.09
O7 NAG U . -4.00 40.15 0.00
C1 BMA U . -3.64 47.46 -0.12
C2 BMA U . -2.79 48.73 -0.36
C3 BMA U . -3.67 49.88 -0.85
C4 BMA U . -4.60 49.46 -2.01
C5 BMA U . -5.40 48.21 -1.59
C6 BMA U . -6.28 47.72 -2.70
O2 BMA U . -1.81 48.50 -1.36
O3 BMA U . -2.87 50.98 -1.28
O4 BMA U . -5.49 50.52 -2.32
O5 BMA U . -4.46 47.16 -1.25
O6 BMA U . -7.66 47.92 -2.34
C1 MAN U . -8.42 48.09 -3.56
C2 MAN U . -9.90 48.57 -3.21
C3 MAN U . -10.85 47.38 -2.90
C4 MAN U . -10.64 46.16 -3.83
C5 MAN U . -9.16 45.78 -3.80
C6 MAN U . -8.79 44.55 -4.61
O2 MAN U . -10.49 49.27 -4.30
O3 MAN U . -12.22 47.80 -2.94
O4 MAN U . -11.41 45.05 -3.40
O5 MAN U . -8.41 46.89 -4.33
O6 MAN U . -7.40 44.25 -4.35
C1 MAN U . -6.64 44.39 -5.58
C2 MAN U . -6.10 42.95 -5.95
C3 MAN U . -4.82 42.60 -5.16
C4 MAN U . -3.79 43.75 -5.24
C5 MAN U . -4.43 45.00 -4.64
C6 MAN U . -3.48 46.19 -4.62
O2 MAN U . -5.76 42.86 -7.35
O3 MAN U . -4.23 41.38 -5.59
O4 MAN U . -2.63 43.40 -4.49
O5 MAN U . -5.59 45.36 -5.44
O6 MAN U . -3.12 46.49 -5.97
C1 NAG V . -19.56 32.75 19.74
C2 NAG V . -20.16 31.47 20.36
C3 NAG V . -21.59 31.71 20.83
C4 NAG V . -21.69 32.92 21.73
C5 NAG V . -21.11 34.13 21.00
C6 NAG V . -21.11 35.40 21.83
C7 NAG V . -19.84 29.10 19.78
C8 NAG V . -19.82 28.09 18.67
N2 NAG V . -20.10 30.37 19.43
O3 NAG V . -22.05 30.54 21.50
O4 NAG V . -23.04 33.16 22.08
O5 NAG V . -19.75 33.88 20.62
O6 NAG V . -19.79 35.74 22.23
O7 NAG V . -19.64 28.79 20.95
C1 NAG V . -23.27 32.84 23.46
C2 NAG V . -24.62 33.43 23.89
C3 NAG V . -24.93 33.07 25.35
C4 NAG V . -24.81 31.56 25.57
C5 NAG V . -23.47 31.04 25.06
C6 NAG V . -23.37 29.53 25.11
C7 NAG V . -23.96 35.84 24.19
C8 NAG V . -24.28 37.23 23.75
N2 NAG V . -24.72 34.86 23.65
O3 NAG V . -26.24 33.53 25.67
O4 NAG V . -24.87 31.25 26.97
O5 NAG V . -23.27 31.42 23.69
O6 NAG V . -23.37 29.05 26.45
O7 NAG V . -23.05 35.62 24.99
C1 NAG W . 3.27 23.81 -47.90
C2 NAG W . 4.35 23.39 -48.91
C3 NAG W . 5.72 23.99 -48.59
C4 NAG W . 5.67 25.48 -48.25
C5 NAG W . 4.54 25.77 -47.24
C6 NAG W . 4.26 27.24 -47.03
C7 NAG W . 4.81 21.02 -48.17
C8 NAG W . 4.81 19.60 -48.65
N2 NAG W . 4.44 21.94 -49.08
O3 NAG W . 6.61 23.78 -49.68
O4 NAG W . 6.96 25.79 -47.70
O5 NAG W . 3.31 25.21 -47.73
O6 NAG W . 3.98 27.91 -48.25
O7 NAG W . 5.08 21.30 -47.00
C1 NAG W . 7.64 27.02 -48.13
C2 NAG W . 9.13 26.76 -48.35
C3 NAG W . 9.81 28.08 -48.70
C4 NAG W . 9.09 28.84 -49.81
C5 NAG W . 7.56 28.83 -49.67
C6 NAG W . 6.84 29.24 -50.94
C7 NAG W . 9.92 24.84 -47.05
C8 NAG W . 10.58 24.39 -45.77
N2 NAG W . 9.75 26.16 -47.18
O3 NAG W . 11.16 27.83 -49.08
O4 NAG W . 9.50 30.20 -49.73
O5 NAG W . 7.06 27.52 -49.33
O6 NAG W . 5.44 29.06 -50.82
O7 NAG W . 9.58 24.04 -47.92
C1 NAG X . 0.83 3.43 -41.49
C2 NAG X . 1.34 3.08 -42.88
C3 NAG X . 2.43 2.00 -42.79
C4 NAG X . 3.50 2.34 -41.77
C5 NAG X . 2.88 2.76 -40.44
C6 NAG X . 3.85 3.30 -39.42
C7 NAG X . 0.00 3.13 -44.93
C8 NAG X . -1.17 2.54 -45.65
N2 NAG X . 0.25 2.63 -43.72
O3 NAG X . 3.02 1.83 -44.07
O4 NAG X . 4.29 1.16 -41.58
O5 NAG X . 1.92 3.81 -40.67
O6 NAG X . 3.19 3.76 -38.25
O7 NAG X . 0.69 4.02 -45.42
C1 NAG X . 5.72 1.34 -41.81
C2 NAG X . 6.41 0.26 -41.01
C3 NAG X . 7.93 0.43 -41.11
C4 NAG X . 8.35 0.45 -42.58
C5 NAG X . 7.53 1.46 -43.38
C6 NAG X . 7.78 1.38 -44.87
C7 NAG X . 5.13 -0.59 -39.10
C8 NAG X . 4.81 -0.43 -37.64
N2 NAG X . 6.00 0.27 -39.61
O3 NAG X . 8.56 -0.64 -40.43
O4 NAG X . 9.72 0.82 -42.67
O5 NAG X . 6.12 1.25 -43.19
O6 NAG X . 8.94 2.11 -45.24
O7 NAG X . 4.61 -1.48 -39.78
C1 BMA X . 10.56 -0.30 -43.01
C2 BMA X . 11.72 0.23 -43.84
C3 BMA X . 12.71 -0.90 -44.17
C4 BMA X . 13.10 -1.73 -42.90
C5 BMA X . 11.83 -2.11 -42.08
C6 BMA X . 12.16 -2.72 -40.73
O2 BMA X . 12.46 1.20 -43.10
O3 BMA X . 13.91 -0.40 -44.82
O4 BMA X . 13.80 -2.90 -43.29
O5 BMA X . 11.04 -0.93 -41.84
O6 BMA X . 12.80 -3.95 -40.95
C1 MAN X . 13.77 -0.28 -46.26
C2 MAN X . 15.15 -0.42 -46.90
C3 MAN X . 16.01 0.82 -46.48
C4 MAN X . 15.30 2.15 -46.84
C5 MAN X . 13.92 2.15 -46.19
C6 MAN X . 13.08 3.36 -46.53
O2 MAN X . 15.02 -0.36 -48.35
O3 MAN X . 17.36 0.81 -46.95
O4 MAN X . 16.05 3.25 -46.37
O5 MAN X . 13.18 0.97 -46.63
O6 MAN X . 12.06 3.48 -45.54
C1 MAN X . 15.95 -1.26 -49.01
C2 MAN X . 16.32 -0.58 -50.39
C3 MAN X . 15.28 -0.89 -51.46
C4 MAN X . 15.02 -2.39 -51.55
C5 MAN X . 14.46 -2.88 -50.22
C6 MAN X . 14.20 -4.37 -50.22
O2 MAN X . 17.55 -1.09 -50.90
O3 MAN X . 15.66 -0.38 -52.74
O4 MAN X . 14.09 -2.66 -52.59
O5 MAN X . 15.44 -2.61 -49.17
O6 MAN X . 15.46 -5.04 -50.28
C1 NAG Y . -18.90 3.50 -43.61
C2 NAG Y . -17.78 2.83 -44.40
C3 NAG Y . -17.25 3.76 -45.47
C4 NAG Y . -18.37 4.25 -46.37
C5 NAG Y . -19.46 4.90 -45.51
C6 NAG Y . -20.68 5.32 -46.30
C7 NAG Y . -16.51 1.12 -43.19
C8 NAG Y . -15.36 0.85 -42.26
N2 NAG Y . -16.72 2.39 -43.51
O3 NAG Y . -16.26 3.08 -46.24
O4 NAG Y . -17.87 5.19 -47.31
O5 NAG Y . -19.92 3.98 -44.52
O6 NAG Y . -21.60 6.06 -45.50
O7 NAG Y . -17.21 0.21 -43.62
C1 NAG Y . -17.95 4.61 -48.64
C2 NAG Y . -18.03 5.74 -49.65
C3 NAG Y . -18.11 5.17 -51.06
C4 NAG Y . -16.94 4.21 -51.33
C5 NAG Y . -16.88 3.15 -50.22
C6 NAG Y . -15.66 2.26 -50.34
C7 NAG Y . -19.01 7.95 -49.30
C8 NAG Y . -20.28 8.72 -49.03
N2 NAG Y . -19.14 6.63 -49.39
O3 NAG Y . -18.13 6.25 -51.98
O4 NAG Y . -17.10 3.55 -52.57
O5 NAG Y . -16.83 3.76 -48.93
O6 NAG Y . -15.67 1.52 -51.55
O7 NAG Y . -17.93 8.52 -49.42
C1 BMA Y . -16.28 4.15 -53.60
C2 BMA Y . -15.85 3.08 -54.60
C3 BMA Y . -15.34 3.71 -55.92
C4 BMA Y . -16.27 4.84 -56.42
C5 BMA Y . -16.46 5.87 -55.29
C6 BMA Y . -17.41 6.96 -55.67
O2 BMA Y . -16.96 2.25 -54.96
O3 BMA Y . -15.17 2.72 -56.93
O4 BMA Y . -15.75 5.49 -57.55
O5 BMA Y . -17.06 5.17 -54.20
O6 BMA Y . -18.46 6.31 -56.38
C1 MAN Y . -13.83 2.84 -57.47
C2 MAN Y . -13.74 1.91 -58.75
C3 MAN Y . -13.53 0.44 -58.34
C4 MAN Y . -12.35 0.31 -57.37
C5 MAN Y . -12.65 1.12 -56.12
C6 MAN Y . -11.55 1.07 -55.09
O2 MAN Y . -12.61 2.24 -59.55
O3 MAN Y . -13.33 -0.38 -59.48
O4 MAN Y . -12.18 -1.05 -57.02
O5 MAN Y . -12.82 2.51 -56.49
O6 MAN Y . -11.94 1.87 -53.98
C1 MAN Y . -13.01 3.04 -60.68
C2 MAN Y . -11.94 2.90 -61.77
C3 MAN Y . -10.64 3.55 -61.23
C4 MAN Y . -10.88 5.02 -60.84
C5 MAN Y . -12.01 5.11 -59.81
C6 MAN Y . -12.42 6.52 -59.50
O2 MAN Y . -12.33 3.67 -62.92
O3 MAN Y . -9.56 3.46 -62.13
O4 MAN Y . -9.70 5.55 -60.27
O5 MAN Y . -13.19 4.41 -60.33
O6 MAN Y . -13.05 6.53 -58.22
C1 MAN Y . -12.06 3.00 -64.18
C2 MAN Y . -12.53 3.97 -65.29
C3 MAN Y . -14.04 4.02 -65.30
C4 MAN Y . -14.63 2.62 -65.55
C5 MAN Y . -14.15 1.64 -64.48
C6 MAN Y . -14.47 0.20 -64.83
O2 MAN Y . -12.16 3.50 -66.59
O3 MAN Y . -14.54 4.94 -66.27
O4 MAN Y . -16.04 2.68 -65.54
O5 MAN Y . -12.69 1.70 -64.29
O6 MAN Y . -14.01 -0.64 -63.77
C1 MAN Y . -19.47 7.21 -56.87
C2 MAN Y . -20.55 6.28 -57.42
C3 MAN Y . -19.90 5.54 -58.58
C4 MAN Y . -19.56 6.53 -59.71
C5 MAN Y . -18.50 7.50 -59.15
C6 MAN Y . -18.17 8.63 -60.09
O2 MAN Y . -21.64 7.01 -57.97
O3 MAN Y . -20.66 4.42 -59.03
O4 MAN Y . -19.03 5.86 -60.84
O5 MAN Y . -18.97 8.10 -57.87
O6 MAN Y . -19.39 9.31 -60.34
C1 MAN Y . -19.79 3.28 -58.93
C2 MAN Y . -20.27 2.19 -59.96
C3 MAN Y . -21.58 1.57 -59.47
C4 MAN Y . -21.41 1.01 -58.05
C5 MAN Y . -20.96 2.13 -57.09
C6 MAN Y . -20.64 1.62 -55.70
O2 MAN Y . -19.34 1.09 -60.06
O3 MAN Y . -22.03 0.55 -60.35
O4 MAN Y . -22.64 0.47 -57.60
O5 MAN Y . -19.76 2.76 -57.59
O6 MAN Y . -19.40 0.91 -55.77
C1 MAN Y . -18.02 1.52 -60.49
C2 MAN Y . -18.09 1.89 -62.00
C3 MAN Y . -18.32 0.64 -62.84
C4 MAN Y . -17.30 -0.49 -62.49
C5 MAN Y . -17.31 -0.75 -60.97
C6 MAN Y . -16.24 -1.73 -60.55
O2 MAN Y . -16.85 2.45 -62.46
O3 MAN Y . -18.26 0.92 -64.24
O4 MAN Y . -17.64 -1.67 -63.19
O5 MAN Y . -17.08 0.49 -60.26
O6 MAN Y . -16.15 -2.76 -61.52
C1 MAN Y . -19.20 10.17 -61.48
C2 MAN Y . -20.10 11.43 -61.25
C3 MAN Y . -21.59 11.13 -61.59
C4 MAN Y . -21.76 10.31 -62.89
C5 MAN Y . -20.88 9.06 -62.81
C6 MAN Y . -20.97 8.18 -64.05
O2 MAN Y . -19.73 12.57 -62.05
O3 MAN Y . -22.35 12.33 -61.67
O4 MAN Y . -23.11 9.93 -63.06
O5 MAN Y . -19.51 9.47 -62.68
O6 MAN Y . -20.41 6.91 -63.73
C1 MAN Y . -18.40 13.07 -61.69
C2 MAN Y . -18.38 13.57 -60.20
C3 MAN Y . -19.11 14.90 -60.05
C4 MAN Y . -18.65 15.93 -61.10
C5 MAN Y . -18.84 15.32 -62.50
C6 MAN Y . -18.42 16.25 -63.61
O2 MAN Y . -17.03 13.80 -59.76
O3 MAN Y . -18.94 15.45 -58.74
O4 MAN Y . -19.41 17.12 -60.99
O5 MAN Y . -18.05 14.12 -62.60
O6 MAN Y . -18.82 15.67 -64.85
C1 NAG Z . 4.65 19.57 -34.76
C2 NAG Z . 5.01 19.23 -36.21
C3 NAG Z . 6.50 18.87 -36.33
C4 NAG Z . 7.39 19.91 -35.68
C5 NAG Z . 6.96 20.12 -34.24
C6 NAG Z . 7.72 21.18 -33.49
C7 NAG Z . 2.97 18.31 -37.23
C8 NAG Z . 2.27 17.06 -37.67
N2 NAG Z . 4.19 18.14 -36.69
O3 NAG Z . 6.84 18.73 -37.71
O4 NAG Z . 8.75 19.48 -35.73
O5 NAG Z . 5.58 20.53 -34.23
O6 NAG Z . 7.02 21.64 -32.35
O7 NAG Z . 2.45 19.41 -37.33
C1 NAG Z . 9.57 20.40 -36.51
C2 NAG Z . 11.03 20.00 -36.36
C3 NAG Z . 11.93 20.95 -37.16
C4 NAG Z . 11.44 21.12 -38.59
C5 NAG Z . 9.93 21.39 -38.64
C6 NAG Z . 9.35 21.37 -40.04
C7 NAG Z . 11.42 18.86 -34.22
C8 NAG Z . 11.86 19.03 -32.80
N2 NAG Z . 11.43 19.97 -34.97
O3 NAG Z . 13.26 20.46 -37.16
O4 NAG Z . 12.10 22.26 -39.14
O5 NAG Z . 9.21 20.41 -37.89
O6 NAG Z . 9.76 20.22 -40.75
O7 NAG Z . 11.08 17.77 -34.67
C1 BMA Z . 12.93 22.00 -40.30
C2 BMA Z . 13.38 23.39 -40.81
C3 BMA Z . 14.36 23.25 -41.98
C4 BMA Z . 15.48 22.24 -41.68
C5 BMA Z . 14.89 20.90 -41.22
C6 BMA Z . 15.94 19.91 -40.84
O2 BMA Z . 14.06 24.10 -39.79
O3 BMA Z . 14.93 24.51 -42.32
O4 BMA Z . 16.26 22.03 -42.85
O5 BMA Z . 14.06 21.15 -40.05
O6 BMA Z . 15.95 18.84 -41.80
C1 MAN Z . 17.30 18.34 -41.93
C2 MAN Z . 17.39 17.34 -43.16
C3 MAN Z . 17.00 15.88 -42.78
C4 MAN Z . 17.52 15.44 -41.39
C5 MAN Z . 17.10 16.48 -40.35
C6 MAN Z . 17.50 16.17 -38.92
O2 MAN Z . 18.72 17.26 -43.67
O3 MAN Z . 17.43 14.97 -43.79
O4 MAN Z . 16.99 14.19 -41.03
O5 MAN Z . 17.73 17.74 -40.70
O6 MAN Z . 16.90 17.15 -38.06
C1 MAN Z . 16.30 14.24 -44.31
C2 MAN Z . 16.80 12.86 -44.85
C3 MAN Z . 17.46 13.03 -46.23
C4 MAN Z . 16.58 13.85 -47.19
C5 MAN Z . 16.30 15.22 -46.56
C6 MAN Z . 15.42 16.09 -47.43
O2 MAN Z . 15.72 11.96 -45.06
O3 MAN Z . 17.78 11.77 -46.81
O4 MAN Z . 17.24 14.02 -48.44
O5 MAN Z . 15.60 15.01 -45.31
O6 MAN Z . 15.04 17.24 -46.66
C1 MAN Z . 17.93 17.94 -37.43
C2 MAN Z . 17.91 17.63 -35.89
C3 MAN Z . 16.81 18.43 -35.17
C4 MAN Z . 16.87 19.92 -35.54
C5 MAN Z . 16.69 20.05 -37.06
C6 MAN Z . 16.72 21.49 -37.54
O2 MAN Z . 19.15 17.97 -35.25
O3 MAN Z . 16.86 18.28 -33.76
O4 MAN Z . 15.85 20.64 -34.88
O5 MAN Z . 17.78 19.34 -37.72
O6 MAN Z . 18.01 22.02 -37.28
C1 NAG AA . -6.31 -0.09 -42.48
C2 NAG AA . -7.10 -1.31 -41.94
C3 NAG AA . -7.17 -2.42 -42.99
C4 NAG AA . -7.70 -1.88 -44.31
C5 NAG AA . -6.82 -0.72 -44.77
C6 NAG AA . -7.31 -0.08 -46.05
C7 NAG AA . -7.21 -2.28 -39.69
C8 NAG AA . -6.41 -2.75 -38.51
N2 NAG AA . -6.50 -1.80 -40.72
O3 NAG AA . -8.01 -3.45 -42.49
O4 NAG AA . -7.68 -2.91 -45.29
O5 NAG AA . -6.82 0.30 -43.78
O6 NAG AA . -7.82 1.22 -45.81
O7 NAG AA . -8.43 -2.31 -39.71
C1 NAG AA . -9.03 -3.33 -45.60
C2 NAG AA . -9.01 -4.17 -46.88
C3 NAG AA . -10.41 -4.66 -47.23
C4 NAG AA . -11.07 -5.37 -46.04
C5 NAG AA . -10.98 -4.49 -44.78
C6 NAG AA . -11.46 -5.21 -43.54
C7 NAG AA . -8.75 -2.37 -48.60
C8 NAG AA . -7.87 -1.90 -49.73
N2 NAG AA . -8.36 -3.50 -48.01
O3 NAG AA . -10.32 -5.55 -48.35
O4 NAG AA . -12.44 -5.59 -46.29
O5 NAG AA . -9.62 -4.09 -44.53
O6 NAG AA . -12.82 -5.61 -43.64
O7 NAG AA . -9.74 -1.73 -48.26
C1 BMA AA . -12.87 -6.89 -46.78
C2 BMA AA . -12.04 -8.11 -46.21
C3 BMA AA . -12.63 -9.40 -46.78
C4 BMA AA . -14.17 -9.50 -46.50
C5 BMA AA . -14.87 -8.21 -47.01
C6 BMA AA . -16.34 -8.12 -46.66
O2 BMA AA . -12.16 -8.21 -44.81
O3 BMA AA . -11.92 -10.55 -46.27
O4 BMA AA . -14.74 -10.63 -47.15
O5 BMA AA . -14.24 -7.06 -46.43
O6 BMA AA . -16.85 -6.97 -47.37
C1 MAN AA . -18.29 -6.97 -47.49
C2 MAN AA . -18.74 -8.19 -48.35
C3 MAN AA . -18.28 -7.99 -49.80
C4 MAN AA . -18.73 -6.62 -50.36
C5 MAN AA . -18.28 -5.48 -49.42
C6 MAN AA . -18.82 -4.12 -49.83
O2 MAN AA . -20.16 -8.29 -48.41
O3 MAN AA . -18.68 -9.06 -50.65
O4 MAN AA . -18.17 -6.43 -51.64
O5 MAN AA . -18.73 -5.75 -48.06
O6 MAN AA . -17.98 -3.54 -50.84
C1 MAN AA . -18.79 -3.17 -51.97
C2 MAN AA . -17.83 -2.87 -53.20
C3 MAN AA . -17.25 -1.43 -53.10
C4 MAN AA . -18.35 -0.40 -52.81
C5 MAN AA . -19.01 -0.76 -51.49
C6 MAN AA . -20.08 0.23 -51.07
O2 MAN AA . -18.53 -2.99 -54.45
O3 MAN AA . -16.50 -1.05 -54.26
O4 MAN AA . -17.78 0.90 -52.71
O5 MAN AA . -19.65 -2.06 -51.64
O6 MAN AA . -20.94 0.46 -52.18
#